data_3AQ0
#
_entry.id   3AQ0
#
_cell.length_a   115.961
_cell.length_b   115.961
_cell.length_c   385.874
_cell.angle_alpha   90.00
_cell.angle_beta   90.00
_cell.angle_gamma   120.00
#
_symmetry.space_group_name_H-M   'P 61'
#
loop_
_entity.id
_entity.type
_entity.pdbx_description
1 polymer 'Geranyl diphosphate synthase'
2 non-polymer 'MAGNESIUM ION'
3 non-polymer 'FARNESYL DIPHOSPHATE'
4 non-polymer '3-methylbut-3-enylsulfanyl(phosphonooxy)phosphinic acid'
5 non-polymer PYROPHOSPHATE
6 non-polymer DI(HYDROXYETHYL)ETHER
7 water water
#
_entity_poly.entity_id   1
_entity_poly.type   'polypeptide(L)'
_entity_poly.pdbx_seq_one_letter_code
;GSLVEEELDPFSLVADELSLLSNKLREMVLAEVPKLASAAEYFFKRGVQGKQFRSTILLLMATALDVRVPEALIGESTDI
VTSELRVRQRGIAEITEMIHVASLLHDDVLDDADTRRGVGSLNVVMGNKMSVLAGDFLLSRACGALAALKNTEVVALLAT
AVEHLVTGETMEITSSTAARYSMDYYMQKTYYKTASLISNSCKAVAVLTGQTAEVAVLAFEYGRNLGLAFQLIDDILDFT
GTSASLGKGSLSDIRHGVITAPILFAMEEFPQLREVVDQVAADPRNVDIALEYLGKSKGIQRARELAMEHANLAAAAIGS
LPETDNEDVKRSRRALIDLTHRVITRNK
;
_entity_poly.pdbx_strand_id   A,B,C,D,E,F,G,H
#
loop_
_chem_comp.id
_chem_comp.type
_chem_comp.name
_chem_comp.formula
FPP non-polymer 'FARNESYL DIPHOSPHATE' 'C15 H28 O7 P2'
ISY non-polymer '3-methylbut-3-enylsulfanyl(phosphonooxy)phosphinic acid' 'C5 H12 O6 P2 S'
MG non-polymer 'MAGNESIUM ION' 'Mg 2'
PEG non-polymer DI(HYDROXYETHYL)ETHER 'C4 H10 O3'
PPV non-polymer PYROPHOSPHATE 'H4 O7 P2'
#
# COMPACT_ATOMS: atom_id res chain seq x y z
N LEU A 8 30.19 50.19 20.76
CA LEU A 8 30.23 49.41 19.48
C LEU A 8 29.76 47.96 19.62
N ASP A 9 29.44 47.55 20.85
CA ASP A 9 28.86 46.22 21.16
C ASP A 9 27.51 46.02 20.44
N PRO A 10 27.28 44.85 19.79
CA PRO A 10 26.12 44.70 18.89
C PRO A 10 24.71 44.85 19.50
N PHE A 11 24.54 44.43 20.75
CA PHE A 11 23.24 44.54 21.42
C PHE A 11 22.98 46.00 21.84
N SER A 12 24.01 46.63 22.39
CA SER A 12 23.97 48.02 22.81
C SER A 12 23.93 48.97 21.61
N LEU A 13 24.57 48.57 20.51
CA LEU A 13 24.63 49.36 19.27
C LEU A 13 23.28 49.51 18.57
N VAL A 14 22.30 48.77 19.04
CA VAL A 14 21.02 48.72 18.36
C VAL A 14 19.86 48.82 19.36
N ALA A 15 20.22 48.83 20.64
CA ALA A 15 19.28 48.82 21.77
C ALA A 15 18.12 49.80 21.69
N ASP A 16 18.37 51.02 21.25
CA ASP A 16 17.35 52.08 21.31
C ASP A 16 16.28 51.98 20.22
N GLU A 17 16.71 51.59 19.03
CA GLU A 17 15.81 51.25 17.93
C GLU A 17 14.95 50.02 18.25
N LEU A 18 15.45 49.15 19.12
CA LEU A 18 14.70 47.98 19.57
C LEU A 18 13.54 48.39 20.47
N SER A 19 13.75 49.43 21.28
CA SER A 19 12.70 49.99 22.13
C SER A 19 11.69 50.78 21.32
N LEU A 20 12.16 51.46 20.28
CA LEU A 20 11.29 52.14 19.32
C LEU A 20 10.39 51.12 18.63
N LEU A 21 11.00 50.05 18.12
CA LEU A 21 10.28 48.94 17.52
C LEU A 21 9.31 48.33 18.50
N SER A 22 9.78 48.13 19.72
CA SER A 22 8.98 47.55 20.80
C SER A 22 7.66 48.30 21.00
N ASN A 23 7.75 49.63 21.08
CA ASN A 23 6.58 50.50 21.21
C ASN A 23 5.72 50.56 19.95
N LYS A 24 6.37 50.49 18.80
CA LYS A 24 5.67 50.43 17.53
C LYS A 24 4.80 49.18 17.47
N LEU A 25 5.39 48.03 17.78
CA LEU A 25 4.66 46.77 17.89
C LEU A 25 3.36 46.94 18.68
N ARG A 26 3.40 47.73 19.76
CA ARG A 26 2.24 47.87 20.65
C ARG A 26 1.00 48.51 20.05
N GLU A 27 1.17 49.56 19.25
CA GLU A 27 0.04 50.09 18.49
C GLU A 27 -0.35 49.19 17.34
N MET A 28 0.65 48.71 16.61
CA MET A 28 0.49 47.75 15.52
C MET A 28 -0.35 46.53 15.86
N VAL A 29 -0.37 46.17 17.14
CA VAL A 29 -1.01 44.96 17.61
C VAL A 29 -2.30 45.32 18.36
N LEU A 30 -2.61 46.61 18.41
CA LEU A 30 -3.72 47.10 19.20
C LEU A 30 -5.02 46.83 18.47
N ALA A 31 -6.03 46.45 19.24
CA ALA A 31 -7.35 46.11 18.69
C ALA A 31 -8.45 46.28 19.74
N GLU A 32 -9.57 46.87 19.34
CA GLU A 32 -10.83 46.66 20.05
C GLU A 32 -11.46 45.57 19.20
N VAL A 33 -12.13 44.55 19.75
CA VAL A 33 -12.41 44.21 21.16
C VAL A 33 -11.24 44.21 22.17
N PRO A 34 -11.50 44.67 23.41
CA PRO A 34 -10.48 44.74 24.47
C PRO A 34 -9.91 43.39 24.91
N LYS A 35 -10.71 42.33 24.85
CA LYS A 35 -10.24 41.00 25.27
C LYS A 35 -9.24 40.42 24.27
N LEU A 36 -9.45 40.76 23.01
CA LEU A 36 -8.53 40.38 21.96
C LEU A 36 -7.27 41.20 22.09
N ALA A 37 -7.43 42.43 22.59
CA ALA A 37 -6.31 43.35 22.79
C ALA A 37 -5.40 42.86 23.89
N SER A 38 -5.98 42.44 25.00
CA SER A 38 -5.23 41.88 26.13
C SER A 38 -4.37 40.69 25.71
N ALA A 39 -4.97 39.80 24.93
CA ALA A 39 -4.30 38.61 24.43
C ALA A 39 -3.16 38.95 23.48
N ALA A 40 -3.44 39.82 22.51
CA ALA A 40 -2.49 40.14 21.45
C ALA A 40 -1.32 40.96 21.99
N GLU A 41 -1.60 41.84 22.93
CA GLU A 41 -0.57 42.69 23.49
C GLU A 41 0.34 41.97 24.49
N TYR A 42 -0.19 40.90 25.09
CA TYR A 42 0.42 40.16 26.20
C TYR A 42 1.94 40.00 26.17
N PHE A 43 2.51 39.65 25.02
CA PHE A 43 3.94 39.42 24.85
C PHE A 43 4.65 40.56 24.15
N PHE A 44 4.12 41.75 24.26
CA PHE A 44 4.72 42.91 23.62
C PHE A 44 5.01 44.07 24.56
N LYS A 45 4.65 43.93 25.84
CA LYS A 45 4.90 45.01 26.80
C LYS A 45 6.34 45.02 27.32
N ARG A 46 6.71 46.15 27.92
CA ARG A 46 8.02 46.34 28.53
C ARG A 46 8.28 45.19 29.50
N GLY A 47 9.41 44.50 29.31
CA GLY A 47 9.82 43.43 30.20
C GLY A 47 9.49 42.02 29.75
N VAL A 48 8.49 41.88 28.88
CA VAL A 48 8.01 40.56 28.46
C VAL A 48 8.08 40.38 26.94
N GLN A 49 8.91 41.18 26.27
CA GLN A 49 9.11 41.13 24.81
C GLN A 49 10.05 40.00 24.39
N GLY A 50 10.72 39.40 25.38
CA GLY A 50 11.80 38.47 25.12
C GLY A 50 13.12 39.19 24.83
N LYS A 51 14.19 38.42 24.67
CA LYS A 51 15.44 38.91 24.09
C LYS A 51 15.09 39.07 22.62
N GLN A 52 15.31 40.24 22.05
CA GLN A 52 14.78 40.47 20.70
C GLN A 52 15.80 40.26 19.58
N PHE A 53 16.28 39.03 19.48
CA PHE A 53 17.46 38.69 18.68
C PHE A 53 17.21 38.81 17.18
N ARG A 54 16.02 38.41 16.74
CA ARG A 54 15.68 38.52 15.34
C ARG A 54 15.70 39.98 14.90
N SER A 55 14.97 40.84 15.62
CA SER A 55 15.01 42.30 15.43
C SER A 55 16.43 42.88 15.44
N THR A 56 17.24 42.45 16.41
CA THR A 56 18.63 42.91 16.54
C THR A 56 19.41 42.63 15.26
N ILE A 57 19.34 41.39 14.78
CA ILE A 57 19.99 41.00 13.54
C ILE A 57 19.47 41.81 12.34
N LEU A 58 18.17 42.06 12.32
CA LEU A 58 17.53 42.75 11.21
C LEU A 58 17.91 44.23 11.11
N LEU A 59 17.91 44.92 12.24
CA LEU A 59 18.34 46.32 12.30
C LEU A 59 19.82 46.46 11.95
N LEU A 60 20.66 45.59 12.49
CA LEU A 60 22.09 45.58 12.16
C LEU A 60 22.36 45.27 10.68
N MET A 61 21.60 44.31 10.14
CA MET A 61 21.64 43.92 8.72
C MET A 61 21.20 45.09 7.86
N ALA A 62 20.12 45.75 8.28
CA ALA A 62 19.61 46.93 7.60
C ALA A 62 20.71 47.95 7.38
N THR A 63 21.52 48.16 8.41
CA THR A 63 22.62 49.13 8.34
C THR A 63 23.74 48.56 7.48
N ALA A 64 24.03 47.27 7.66
CA ALA A 64 25.12 46.59 6.97
C ALA A 64 25.04 46.70 5.44
N LEU A 65 23.84 46.52 4.90
CA LEU A 65 23.56 46.81 3.50
C LEU A 65 23.27 48.30 3.40
N ASP A 66 23.88 49.03 2.46
CA ASP A 66 23.63 50.48 2.40
C ASP A 66 24.10 51.29 1.18
N VAL A 67 23.88 52.60 1.27
CA VAL A 67 24.08 53.55 0.18
C VAL A 67 25.49 54.12 0.17
N SER A 83 15.93 59.21 6.74
CA SER A 83 15.58 57.85 7.15
C SER A 83 14.35 57.34 6.40
N GLU A 84 14.32 57.60 5.09
CA GLU A 84 13.16 57.25 4.26
C GLU A 84 12.91 55.75 4.12
N LEU A 85 13.97 54.96 3.89
CA LEU A 85 13.81 53.51 3.70
C LEU A 85 13.89 52.67 5.00
N ARG A 86 14.47 53.26 6.04
CA ARG A 86 14.71 52.56 7.31
C ARG A 86 13.40 52.14 7.98
N VAL A 87 12.40 53.01 7.90
CA VAL A 87 11.05 52.73 8.40
C VAL A 87 10.50 51.44 7.80
N ARG A 88 10.74 51.25 6.51
CA ARG A 88 10.27 50.07 5.81
C ARG A 88 10.99 48.85 6.34
N GLN A 89 12.30 48.98 6.51
CA GLN A 89 13.16 47.92 7.02
C GLN A 89 12.79 47.54 8.46
N ARG A 90 12.51 48.55 9.28
CA ARG A 90 11.94 48.32 10.61
C ARG A 90 10.66 47.51 10.56
N GLY A 91 9.81 47.80 9.56
CA GLY A 91 8.59 47.03 9.33
C GLY A 91 8.88 45.55 9.31
N ILE A 92 9.92 45.16 8.58
CA ILE A 92 10.33 43.75 8.47
C ILE A 92 10.62 43.12 9.84
N ALA A 93 11.27 43.89 10.71
CA ALA A 93 11.55 43.43 12.07
C ALA A 93 10.26 43.31 12.89
N GLU A 94 9.32 44.22 12.65
CA GLU A 94 8.04 44.19 13.34
C GLU A 94 7.17 43.01 12.88
N ILE A 95 7.07 42.83 11.56
CA ILE A 95 6.39 41.69 10.98
C ILE A 95 6.99 40.35 11.48
N THR A 96 8.30 40.25 11.41
CA THR A 96 9.04 39.10 11.90
C THR A 96 8.74 38.82 13.39
N GLU A 97 8.70 39.88 14.19
CA GLU A 97 8.43 39.71 15.61
C GLU A 97 6.98 39.27 15.81
N MET A 98 6.06 39.90 15.09
CA MET A 98 4.64 39.49 15.11
C MET A 98 4.44 38.04 14.68
N ILE A 99 5.02 37.65 13.55
CA ILE A 99 5.06 36.25 13.15
C ILE A 99 5.61 35.36 14.27
N HIS A 100 6.79 35.72 14.79
CA HIS A 100 7.44 34.98 15.87
C HIS A 100 6.51 34.74 17.05
N VAL A 101 5.93 35.81 17.60
CA VAL A 101 5.07 35.72 18.80
C VAL A 101 3.85 34.89 18.51
N ALA A 102 3.36 34.99 17.28
CA ALA A 102 2.25 34.16 16.84
C ALA A 102 2.56 32.67 17.02
N SER A 103 3.75 32.23 16.59
CA SER A 103 4.18 30.83 16.76
C SER A 103 4.13 30.41 18.22
N LEU A 104 4.71 31.25 19.07
CA LEU A 104 4.83 30.97 20.48
C LEU A 104 3.49 30.72 21.12
N LEU A 105 2.55 31.62 20.83
CA LEU A 105 1.18 31.50 21.34
C LEU A 105 0.60 30.15 20.96
N HIS A 106 0.73 29.80 19.68
CA HIS A 106 0.24 28.52 19.18
C HIS A 106 1.07 27.40 19.78
N ASP A 107 2.37 27.62 19.82
CA ASP A 107 3.30 26.66 20.40
C ASP A 107 2.93 26.27 21.82
N ASP A 108 2.51 27.24 22.64
CA ASP A 108 2.15 27.00 24.03
C ASP A 108 0.86 26.23 24.28
N VAL A 109 -0.06 26.28 23.32
CA VAL A 109 -1.29 25.49 23.39
C VAL A 109 -0.93 24.05 23.10
N LEU A 110 -0.09 23.86 22.08
CA LEU A 110 0.60 22.60 21.85
C LEU A 110 1.77 22.70 22.83
N ASP A 111 2.56 21.66 23.03
CA ASP A 111 3.64 21.75 24.02
C ASP A 111 3.06 22.22 25.37
N ASP A 112 1.73 22.32 25.41
CA ASP A 112 0.90 22.44 26.64
C ASP A 112 1.54 23.16 27.86
N ALA A 113 2.06 24.36 27.62
CA ALA A 113 2.90 25.05 28.61
C ALA A 113 2.08 25.66 29.75
N ASP A 114 2.77 26.05 30.82
CA ASP A 114 2.22 27.00 31.79
C ASP A 114 3.14 28.21 31.98
N THR A 115 4.36 28.13 31.43
CA THR A 115 5.34 29.21 31.53
C THR A 115 5.91 29.68 30.19
N ARG A 116 6.07 30.99 30.06
CA ARG A 116 6.77 31.60 28.95
C ARG A 116 7.35 32.91 29.41
N ARG A 117 8.58 33.18 28.98
CA ARG A 117 9.25 34.44 29.33
C ARG A 117 9.20 34.84 30.83
N GLY A 118 9.42 33.86 31.70
CA GLY A 118 9.36 34.09 33.16
C GLY A 118 7.99 34.48 33.70
N VAL A 119 6.96 34.27 32.89
CA VAL A 119 5.58 34.67 33.23
C VAL A 119 4.59 33.58 32.80
N GLY A 120 3.42 33.58 33.42
CA GLY A 120 2.34 32.70 33.01
C GLY A 120 2.12 32.73 31.52
N SER A 121 2.07 31.55 30.91
CA SER A 121 1.82 31.44 29.48
C SER A 121 0.34 31.78 29.20
N LEU A 122 0.04 32.15 27.95
CA LEU A 122 -1.29 32.63 27.64
C LEU A 122 -2.37 31.54 27.73
N ASN A 123 -1.99 30.31 27.40
CA ASN A 123 -2.92 29.18 27.48
C ASN A 123 -3.40 28.85 28.90
N VAL A 124 -2.58 29.17 29.89
CA VAL A 124 -3.02 29.14 31.28
C VAL A 124 -3.79 30.42 31.64
N VAL A 125 -3.22 31.59 31.35
CA VAL A 125 -3.81 32.88 31.78
C VAL A 125 -5.14 33.17 31.12
N MET A 126 -5.17 33.14 29.80
CA MET A 126 -6.36 33.55 29.05
C MET A 126 -7.16 32.41 28.44
N GLY A 127 -6.58 31.22 28.42
CA GLY A 127 -7.24 30.06 27.83
C GLY A 127 -6.69 29.72 26.47
N ASN A 128 -6.95 28.50 26.01
CA ASN A 128 -6.54 28.05 24.69
C ASN A 128 -7.15 28.88 23.56
N LYS A 129 -8.45 29.15 23.65
CA LYS A 129 -9.15 29.89 22.59
C LYS A 129 -8.57 31.25 22.31
N MET A 130 -8.36 32.04 23.36
CA MET A 130 -7.80 33.37 23.19
C MET A 130 -6.38 33.35 22.63
N SER A 131 -5.63 32.31 22.98
CA SER A 131 -4.24 32.17 22.53
C SER A 131 -4.18 31.96 21.03
N VAL A 132 -5.00 31.03 20.56
CA VAL A 132 -5.06 30.69 19.16
C VAL A 132 -5.65 31.87 18.32
N LEU A 133 -6.67 32.55 18.83
CA LEU A 133 -7.20 33.72 18.12
C LEU A 133 -6.19 34.87 18.06
N ALA A 134 -5.50 35.12 19.18
CA ALA A 134 -4.44 36.12 19.22
C ALA A 134 -3.37 35.87 18.14
N GLY A 135 -2.97 34.60 18.00
CA GLY A 135 -1.99 34.21 17.01
C GLY A 135 -2.44 34.45 15.58
N ASP A 136 -3.68 34.08 15.28
CA ASP A 136 -4.28 34.32 13.97
C ASP A 136 -4.33 35.81 13.71
N PHE A 137 -4.69 36.55 14.76
CA PHE A 137 -4.76 38.00 14.71
C PHE A 137 -3.41 38.58 14.35
N LEU A 138 -2.38 38.14 15.03
CA LEU A 138 -1.04 38.64 14.80
C LEU A 138 -0.55 38.28 13.41
N LEU A 139 -0.83 37.07 12.97
CA LEU A 139 -0.50 36.67 11.60
C LEU A 139 -1.17 37.62 10.57
N SER A 140 -2.47 37.89 10.74
CA SER A 140 -3.18 38.77 9.81
C SER A 140 -2.69 40.22 9.82
N ARG A 141 -2.29 40.73 10.99
CA ARG A 141 -1.67 42.05 11.07
C ARG A 141 -0.32 42.02 10.34
N ALA A 142 0.38 40.90 10.44
CA ALA A 142 1.65 40.75 9.75
C ALA A 142 1.49 40.78 8.24
N CYS A 143 0.52 40.01 7.72
CA CYS A 143 0.17 40.07 6.30
C CYS A 143 -0.30 41.47 5.90
N GLY A 144 -1.09 42.10 6.77
CA GLY A 144 -1.53 43.47 6.56
C GLY A 144 -0.37 44.41 6.32
N ALA A 145 0.61 44.37 7.21
CA ALA A 145 1.80 45.19 7.11
C ALA A 145 2.66 44.81 5.90
N LEU A 146 2.72 43.52 5.58
CA LEU A 146 3.42 43.03 4.37
C LEU A 146 2.79 43.59 3.10
N ALA A 147 1.45 43.61 3.06
CA ALA A 147 0.71 44.23 1.96
C ALA A 147 1.00 45.71 1.84
N ALA A 148 0.97 46.43 2.96
CA ALA A 148 1.21 47.87 2.99
C ALA A 148 2.58 48.28 2.42
N LEU A 149 3.58 47.40 2.51
CA LEU A 149 4.92 47.63 1.93
C LEU A 149 4.94 47.55 0.39
N LYS A 150 3.88 46.97 -0.17
CA LYS A 150 3.65 46.88 -1.62
C LYS A 150 4.79 46.28 -2.42
N ASN A 151 5.46 45.28 -1.85
CA ASN A 151 6.51 44.56 -2.57
C ASN A 151 6.15 43.08 -2.56
N THR A 152 5.91 42.54 -3.74
CA THR A 152 5.42 41.17 -3.88
C THR A 152 6.46 40.09 -3.56
N GLU A 153 7.73 40.39 -3.78
CA GLU A 153 8.76 39.42 -3.46
C GLU A 153 8.92 39.33 -1.94
N VAL A 154 8.72 40.45 -1.24
CA VAL A 154 8.79 40.46 0.22
C VAL A 154 7.61 39.71 0.85
N VAL A 155 6.43 39.83 0.24
CA VAL A 155 5.28 39.05 0.67
C VAL A 155 5.56 37.54 0.57
N ALA A 156 6.10 37.13 -0.58
CA ALA A 156 6.46 35.72 -0.81
C ALA A 156 7.57 35.24 0.14
N LEU A 157 8.49 36.12 0.47
CA LEU A 157 9.58 35.72 1.34
C LEU A 157 9.08 35.42 2.75
N LEU A 158 8.21 36.27 3.28
CA LEU A 158 7.66 36.01 4.60
C LEU A 158 6.54 34.97 4.62
N ALA A 159 5.83 34.79 3.51
CA ALA A 159 4.87 33.70 3.44
C ALA A 159 5.59 32.34 3.51
N THR A 160 6.69 32.21 2.77
CA THR A 160 7.55 31.04 2.85
C THR A 160 7.92 30.77 4.31
N ALA A 161 8.39 31.79 5.01
CA ALA A 161 8.79 31.65 6.40
C ALA A 161 7.67 31.09 7.25
N VAL A 162 6.43 31.53 7.02
CA VAL A 162 5.29 31.06 7.81
C VAL A 162 4.97 29.60 7.48
N GLU A 163 5.07 29.25 6.21
CA GLU A 163 4.88 27.89 5.77
C GLU A 163 5.95 26.98 6.40
N HIS A 164 7.14 27.54 6.58
CA HIS A 164 8.23 26.76 7.08
C HIS A 164 8.07 26.48 8.57
N LEU A 165 7.62 27.49 9.31
CA LEU A 165 7.29 27.35 10.71
C LEU A 165 6.31 26.19 10.96
N VAL A 166 5.24 26.15 10.16
CA VAL A 166 4.24 25.11 10.30
C VAL A 166 4.80 23.72 9.91
N THR A 167 5.59 23.68 8.84
CA THR A 167 6.25 22.45 8.42
C THR A 167 7.21 21.94 9.53
N GLY A 168 7.97 22.87 10.11
CA GLY A 168 8.91 22.56 11.16
C GLY A 168 8.29 22.10 12.47
N GLU A 169 7.20 22.75 12.86
CA GLU A 169 6.49 22.37 14.08
C GLU A 169 5.87 21.00 13.89
N THR A 170 5.45 20.73 12.67
CA THR A 170 4.79 19.49 12.31
C THR A 170 5.78 18.32 12.37
N MET A 171 6.98 18.51 11.83
CA MET A 171 8.07 17.53 11.93
C MET A 171 8.45 17.14 13.36
N GLU A 172 8.49 18.12 14.26
CA GLU A 172 8.84 17.88 15.66
C GLU A 172 7.80 16.99 16.34
N ILE A 173 6.58 17.03 15.82
CA ILE A 173 5.51 16.20 16.36
C ILE A 173 5.49 14.87 15.59
N THR A 174 5.24 14.99 14.29
CA THR A 174 4.65 13.94 13.47
C THR A 174 5.54 12.79 13.04
N SER A 175 6.79 13.06 12.72
CA SER A 175 7.63 12.00 12.15
C SER A 175 7.64 10.72 12.98
N SER A 176 7.81 9.59 12.29
CA SER A 176 7.97 8.28 12.91
C SER A 176 9.25 8.27 13.74
N THR A 177 9.50 7.19 14.48
CA THR A 177 10.64 7.15 15.40
C THR A 177 12.00 7.09 14.67
N ALA A 178 12.07 6.26 13.62
CA ALA A 178 13.29 6.04 12.85
C ALA A 178 13.76 7.31 12.12
N ALA A 179 12.79 8.11 11.69
CA ALA A 179 13.07 9.38 11.02
C ALA A 179 13.73 10.35 11.97
N ARG A 180 13.07 10.62 13.10
CA ARG A 180 13.51 11.64 14.04
C ARG A 180 14.96 11.48 14.47
N TYR A 181 15.42 10.23 14.56
CA TYR A 181 16.76 9.95 15.08
C TYR A 181 17.88 9.96 14.04
N SER A 182 17.84 10.93 13.14
CA SER A 182 19.00 11.18 12.30
C SER A 182 19.31 12.68 12.28
N MET A 183 20.56 13.00 12.03
CA MET A 183 21.03 14.36 11.91
C MET A 183 20.45 15.08 10.68
N ASP A 184 20.06 14.30 9.66
CA ASP A 184 19.38 14.84 8.45
C ASP A 184 18.06 15.44 8.82
N TYR A 185 17.29 14.69 9.60
CA TYR A 185 15.98 15.13 10.07
C TYR A 185 16.10 16.38 10.93
N TYR A 186 16.98 16.31 11.91
CA TYR A 186 17.24 17.42 12.79
C TYR A 186 17.60 18.68 12.03
N MET A 187 18.47 18.51 11.04
CA MET A 187 18.96 19.61 10.19
C MET A 187 17.80 20.30 9.44
N GLN A 188 16.89 19.52 8.89
CA GLN A 188 15.70 20.02 8.20
C GLN A 188 14.72 20.71 9.16
N LYS A 189 14.37 20.01 10.24
CA LYS A 189 13.43 20.55 11.20
C LYS A 189 13.95 21.87 11.75
N THR A 190 15.25 21.94 12.00
CA THR A 190 15.83 23.12 12.61
C THR A 190 15.74 24.27 11.63
N TYR A 191 16.01 23.99 10.37
CA TYR A 191 15.94 25.02 9.36
C TYR A 191 14.53 25.56 9.21
N TYR A 192 13.56 24.67 9.09
CA TYR A 192 12.20 25.10 8.94
C TYR A 192 11.70 25.81 10.18
N LYS A 193 11.98 25.25 11.35
CA LYS A 193 11.38 25.74 12.57
C LYS A 193 12.04 26.99 13.11
N THR A 194 13.32 27.16 12.79
CA THR A 194 14.11 28.21 13.42
C THR A 194 14.78 29.16 12.45
N ALA A 195 15.52 28.62 11.49
CA ALA A 195 16.40 29.46 10.69
C ALA A 195 15.72 30.11 9.49
N SER A 196 14.61 29.56 9.05
CA SER A 196 13.87 30.06 7.89
C SER A 196 13.31 31.48 8.11
N LEU A 197 12.81 31.73 9.31
CA LEU A 197 12.31 33.05 9.68
C LEU A 197 13.41 34.09 9.62
N ILE A 198 14.59 33.75 10.14
CA ILE A 198 15.73 34.63 10.14
C ILE A 198 16.30 34.85 8.73
N SER A 199 16.50 33.77 7.99
CA SER A 199 17.02 33.90 6.62
C SER A 199 16.10 34.70 5.70
N ASN A 200 14.82 34.32 5.63
CA ASN A 200 13.89 35.02 4.74
C ASN A 200 13.67 36.48 5.08
N SER A 201 13.60 36.80 6.37
CA SER A 201 13.48 38.19 6.80
C SER A 201 14.77 38.95 6.52
N CYS A 202 15.92 38.29 6.69
CA CYS A 202 17.20 38.88 6.29
C CYS A 202 17.20 39.19 4.80
N LYS A 203 16.69 38.25 4.00
CA LYS A 203 16.57 38.46 2.56
C LYS A 203 15.61 39.60 2.23
N ALA A 204 14.50 39.67 2.95
CA ALA A 204 13.48 40.70 2.75
C ALA A 204 14.07 42.10 2.96
N VAL A 205 14.76 42.30 4.07
CA VAL A 205 15.48 43.57 4.34
C VAL A 205 16.32 43.98 3.14
N ALA A 206 17.07 43.03 2.59
CA ALA A 206 17.94 43.26 1.43
C ALA A 206 17.17 43.59 0.16
N VAL A 207 16.07 42.89 -0.05
CA VAL A 207 15.21 43.08 -1.22
C VAL A 207 14.57 44.47 -1.24
N LEU A 208 14.10 44.91 -0.08
CA LEU A 208 13.50 46.23 0.12
C LEU A 208 14.42 47.37 -0.27
N THR A 209 15.74 47.13 -0.22
CA THR A 209 16.74 48.16 -0.56
C THR A 209 17.07 48.11 -2.05
N GLY A 210 16.41 47.21 -2.78
CA GLY A 210 16.66 47.02 -4.20
C GLY A 210 18.10 46.62 -4.55
N GLN A 211 18.78 45.93 -3.62
CA GLN A 211 20.13 45.41 -3.88
C GLN A 211 20.06 44.33 -4.94
N THR A 212 21.17 44.06 -5.62
CA THR A 212 21.18 43.00 -6.63
C THR A 212 20.71 41.68 -6.01
N ALA A 213 20.25 40.77 -6.86
CA ALA A 213 19.77 39.47 -6.41
C ALA A 213 20.84 38.70 -5.61
N GLU A 214 22.10 38.86 -6.01
CA GLU A 214 23.23 38.18 -5.35
C GLU A 214 23.46 38.67 -3.90
N VAL A 215 23.27 39.96 -3.67
CA VAL A 215 23.45 40.55 -2.34
C VAL A 215 22.36 40.04 -1.41
N ALA A 216 21.14 39.89 -1.94
CA ALA A 216 20.01 39.34 -1.19
C ALA A 216 20.33 37.94 -0.68
N VAL A 217 20.99 37.15 -1.53
CA VAL A 217 21.45 35.81 -1.18
C VAL A 217 22.48 35.86 -0.04
N LEU A 218 23.37 36.84 -0.07
CA LEU A 218 24.36 36.98 0.98
C LEU A 218 23.68 37.24 2.33
N ALA A 219 22.67 38.11 2.31
CA ALA A 219 21.88 38.38 3.51
C ALA A 219 21.12 37.13 3.95
N PHE A 220 20.69 36.33 2.99
CA PHE A 220 20.01 35.07 3.27
C PHE A 220 20.94 34.00 3.89
N GLU A 221 22.13 33.83 3.33
CA GLU A 221 23.09 32.87 3.86
C GLU A 221 23.49 33.24 5.29
N TYR A 222 23.64 34.53 5.55
CA TYR A 222 23.96 35.01 6.89
C TYR A 222 22.90 34.57 7.89
N GLY A 223 21.65 34.95 7.64
CA GLY A 223 20.53 34.62 8.53
C GLY A 223 20.39 33.13 8.75
N ARG A 224 20.47 32.38 7.65
CA ARG A 224 20.37 30.93 7.69
C ARG A 224 21.43 30.29 8.58
N ASN A 225 22.69 30.59 8.31
CA ASN A 225 23.78 30.00 9.05
C ASN A 225 23.86 30.42 10.52
N LEU A 226 23.60 31.68 10.80
CA LEU A 226 23.62 32.18 12.16
C LEU A 226 22.52 31.52 12.98
N GLY A 227 21.34 31.36 12.37
CA GLY A 227 20.21 30.72 12.99
C GLY A 227 20.49 29.27 13.34
N LEU A 228 21.07 28.54 12.39
CA LEU A 228 21.40 27.13 12.62
C LEU A 228 22.46 27.02 13.68
N ALA A 229 23.48 27.88 13.63
CA ALA A 229 24.53 27.90 14.66
C ALA A 229 23.97 28.22 16.05
N PHE A 230 23.03 29.16 16.12
CA PHE A 230 22.46 29.52 17.42
C PHE A 230 21.77 28.36 18.10
N GLN A 231 20.97 27.63 17.33
CA GLN A 231 20.23 26.47 17.81
C GLN A 231 21.11 25.33 18.27
N LEU A 232 22.19 25.07 17.54
CA LEU A 232 23.13 24.00 17.90
C LEU A 232 23.75 24.27 19.27
N ILE A 233 24.20 25.51 19.49
CA ILE A 233 24.79 25.90 20.77
C ILE A 233 23.76 25.84 21.90
N ASP A 234 22.52 26.23 21.60
CA ASP A 234 21.45 26.19 22.57
C ASP A 234 21.19 24.75 23.01
N ASP A 235 21.24 23.82 22.06
CA ASP A 235 21.00 22.41 22.34
C ASP A 235 22.11 21.83 23.24
N ILE A 236 23.34 22.32 23.07
CA ILE A 236 24.47 21.92 23.87
C ILE A 236 24.33 22.44 25.30
N LEU A 237 23.83 23.67 25.44
CA LEU A 237 23.76 24.33 26.75
C LEU A 237 22.71 23.72 27.66
N ASP A 238 21.75 23.04 27.04
CA ASP A 238 20.80 22.22 27.78
C ASP A 238 21.54 21.15 28.55
N PHE A 239 22.61 20.62 27.95
CA PHE A 239 23.41 19.56 28.54
C PHE A 239 24.53 20.07 29.45
N THR A 240 25.26 21.09 29.00
CA THR A 240 26.40 21.60 29.76
C THR A 240 26.02 22.64 30.81
N GLY A 241 25.13 23.57 30.44
CA GLY A 241 24.75 24.67 31.32
C GLY A 241 25.70 25.84 31.24
N THR A 242 25.48 26.83 32.11
CA THR A 242 26.35 28.02 32.27
C THR A 242 27.84 27.67 32.28
N SER A 243 28.24 26.78 33.19
CA SER A 243 29.59 26.25 33.21
C SER A 243 29.84 25.27 32.05
N ALA A 244 31.11 25.02 31.76
CA ALA A 244 31.52 24.24 30.58
C ALA A 244 31.15 22.73 30.61
N SER A 245 31.30 22.12 31.78
CA SER A 245 31.15 20.66 31.92
C SER A 245 29.71 20.12 31.97
N LEU A 246 29.62 18.78 31.90
CA LEU A 246 28.34 18.06 31.77
C LEU A 246 27.58 17.95 33.09
N GLY A 247 26.25 18.09 32.99
CA GLY A 247 25.37 17.87 34.13
C GLY A 247 24.87 19.10 34.85
N LYS A 248 25.51 20.24 34.61
CA LYS A 248 25.09 21.51 35.21
C LYS A 248 23.78 21.99 34.59
N GLY A 249 23.63 21.71 33.29
CA GLY A 249 22.46 22.14 32.51
C GLY A 249 21.14 21.55 32.96
N SER A 250 20.05 22.19 32.53
CA SER A 250 18.71 21.79 32.96
C SER A 250 18.29 20.45 32.38
N LEU A 251 18.78 20.15 31.16
CA LEU A 251 18.49 18.89 30.44
C LEU A 251 17.01 18.80 30.09
N SER A 252 16.38 19.96 29.96
CA SER A 252 14.94 20.07 29.72
C SER A 252 14.49 19.35 28.46
N ASP A 253 15.26 19.47 27.38
CA ASP A 253 14.95 18.81 26.12
C ASP A 253 14.88 17.28 26.26
N ILE A 254 15.94 16.69 26.77
CA ILE A 254 16.05 15.23 26.86
C ILE A 254 15.13 14.62 27.93
N ARG A 255 14.85 15.39 28.98
CA ARG A 255 13.86 15.01 29.99
C ARG A 255 12.47 14.78 29.39
N HIS A 256 12.13 15.62 28.42
CA HIS A 256 10.82 15.64 27.79
C HIS A 256 10.78 14.78 26.52
N GLY A 257 11.94 14.24 26.15
CA GLY A 257 12.05 13.46 24.92
C GLY A 257 12.19 14.32 23.67
N VAL A 258 12.87 15.45 23.80
CA VAL A 258 13.33 16.19 22.63
C VAL A 258 14.80 15.82 22.38
N ILE A 259 15.10 15.35 21.17
CA ILE A 259 16.38 14.74 20.88
C ILE A 259 17.24 15.64 20.00
N THR A 260 18.08 16.42 20.66
CA THR A 260 18.88 17.44 19.99
C THR A 260 20.22 16.89 19.50
N ALA A 261 20.95 17.71 18.76
CA ALA A 261 22.12 17.24 18.01
C ALA A 261 23.18 16.45 18.80
N PRO A 262 23.55 16.92 20.01
CA PRO A 262 24.51 16.12 20.78
C PRO A 262 24.10 14.65 20.86
N ILE A 263 22.90 14.37 21.37
CA ILE A 263 22.39 13.00 21.46
C ILE A 263 22.38 12.26 20.11
N LEU A 264 21.95 12.95 19.05
CA LEU A 264 21.87 12.34 17.71
C LEU A 264 23.20 11.88 17.18
N PHE A 265 24.22 12.75 17.26
CA PHE A 265 25.59 12.34 17.00
C PHE A 265 26.04 11.14 17.84
N ALA A 266 25.72 11.12 19.13
CA ALA A 266 26.08 9.98 19.99
C ALA A 266 25.52 8.66 19.45
N MET A 267 24.27 8.69 18.97
CA MET A 267 23.64 7.51 18.37
C MET A 267 24.38 6.97 17.17
N GLU A 268 25.08 7.86 16.45
CA GLU A 268 25.96 7.41 15.38
C GLU A 268 27.05 6.50 15.89
N GLU A 269 27.56 6.79 17.11
CA GLU A 269 28.57 5.94 17.76
C GLU A 269 27.98 4.75 18.50
N PHE A 270 26.82 4.95 19.13
CA PHE A 270 26.21 3.90 19.95
C PHE A 270 24.75 3.67 19.58
N PRO A 271 24.52 2.76 18.61
CA PRO A 271 23.20 2.38 18.14
C PRO A 271 22.23 2.01 19.28
N GLN A 272 22.70 1.25 20.27
CA GLN A 272 21.84 0.81 21.38
C GLN A 272 21.22 1.98 22.15
N LEU A 273 21.78 3.17 21.96
CA LEU A 273 21.27 4.38 22.61
C LEU A 273 19.87 4.73 22.14
N ARG A 274 19.50 4.26 20.96
CA ARG A 274 18.18 4.55 20.34
C ARG A 274 17.03 4.09 21.24
N GLU A 275 17.06 2.83 21.67
CA GLU A 275 16.02 2.28 22.56
C GLU A 275 16.01 2.97 23.91
N VAL A 276 17.18 3.47 24.32
CA VAL A 276 17.33 4.16 25.59
C VAL A 276 16.59 5.49 25.56
N VAL A 277 16.86 6.27 24.52
CA VAL A 277 16.27 7.60 24.31
C VAL A 277 14.79 7.49 23.93
N ASP A 278 14.43 6.41 23.25
CA ASP A 278 13.04 6.21 22.84
C ASP A 278 12.16 5.89 24.07
N GLN A 279 12.77 5.24 25.06
CA GLN A 279 12.09 4.86 26.31
C GLN A 279 12.25 5.84 27.48
N VAL A 280 12.63 7.09 27.19
CA VAL A 280 12.91 8.08 28.25
C VAL A 280 11.66 8.45 29.05
N ALA A 281 10.60 8.84 28.35
CA ALA A 281 9.31 9.19 28.98
C ALA A 281 8.84 8.14 30.00
N ALA A 282 8.85 6.87 29.58
CA ALA A 282 8.44 5.75 30.42
C ALA A 282 9.32 5.57 31.67
N ASP A 283 10.63 5.53 31.48
CA ASP A 283 11.59 5.37 32.58
C ASP A 283 12.58 6.53 32.65
N PRO A 284 12.32 7.52 33.54
CA PRO A 284 13.19 8.68 33.73
C PRO A 284 14.60 8.35 34.25
N ARG A 285 14.85 7.08 34.56
CA ARG A 285 16.21 6.60 34.85
C ARG A 285 17.01 6.45 33.54
N ASN A 286 16.31 6.35 32.41
CA ASN A 286 16.92 6.29 31.08
C ASN A 286 17.57 7.60 30.64
N VAL A 287 17.23 8.69 31.34
CA VAL A 287 17.92 9.96 31.22
C VAL A 287 19.40 9.79 31.61
N ASP A 288 19.64 9.17 32.76
CA ASP A 288 21.00 8.89 33.25
C ASP A 288 21.81 7.96 32.36
N ILE A 289 21.18 6.91 31.84
CA ILE A 289 21.86 6.00 30.91
C ILE A 289 22.29 6.74 29.64
N ALA A 290 21.41 7.61 29.12
CA ALA A 290 21.70 8.39 27.92
C ALA A 290 22.88 9.34 28.10
N LEU A 291 23.00 9.90 29.29
CA LEU A 291 24.09 10.82 29.60
C LEU A 291 25.43 10.09 29.66
N GLU A 292 25.39 8.84 30.11
CA GLU A 292 26.58 7.98 30.13
C GLU A 292 27.04 7.71 28.71
N TYR A 293 26.08 7.43 27.83
CA TYR A 293 26.35 7.24 26.40
C TYR A 293 26.86 8.50 25.71
N LEU A 294 26.22 9.63 26.02
CA LEU A 294 26.67 10.93 25.57
C LEU A 294 28.11 11.21 26.01
N GLY A 295 28.40 10.88 27.28
CA GLY A 295 29.70 11.08 27.90
C GLY A 295 30.83 10.39 27.18
N LYS A 296 30.62 9.12 26.82
CA LYS A 296 31.63 8.34 26.08
C LYS A 296 31.71 8.77 24.61
N SER A 297 30.65 9.39 24.11
CA SER A 297 30.61 9.79 22.71
C SER A 297 31.33 11.12 22.48
N LYS A 298 31.52 11.46 21.20
CA LYS A 298 31.99 12.77 20.79
C LYS A 298 30.83 13.66 20.37
N GLY A 299 29.65 13.39 20.91
CA GLY A 299 28.42 14.09 20.50
C GLY A 299 28.38 15.58 20.72
N ILE A 300 28.71 16.01 21.93
CA ILE A 300 28.78 17.43 22.27
C ILE A 300 29.77 18.10 21.32
N GLN A 301 30.91 17.45 21.12
CA GLN A 301 32.03 17.98 20.36
C GLN A 301 31.68 18.17 18.89
N ARG A 302 31.08 17.15 18.28
CA ARG A 302 30.71 17.24 16.89
C ARG A 302 29.61 18.28 16.66
N ALA A 303 28.66 18.36 17.59
CA ALA A 303 27.62 19.40 17.55
C ALA A 303 28.23 20.79 17.57
N ARG A 304 29.21 21.01 18.42
CA ARG A 304 29.92 22.27 18.47
C ARG A 304 30.65 22.52 17.16
N GLU A 305 31.35 21.51 16.70
CA GLU A 305 32.07 21.55 15.43
C GLU A 305 31.13 21.89 14.25
N LEU A 306 29.91 21.35 14.23
CA LEU A 306 28.90 21.73 13.24
C LEU A 306 28.52 23.20 13.34
N ALA A 307 28.22 23.66 14.56
CA ALA A 307 27.87 25.05 14.83
C ALA A 307 28.93 26.03 14.38
N MET A 308 30.19 25.73 14.75
CA MET A 308 31.35 26.52 14.35
C MET A 308 31.46 26.63 12.83
N GLU A 309 31.00 25.60 12.13
CA GLU A 309 31.01 25.58 10.66
C GLU A 309 29.94 26.49 10.07
N HIS A 310 28.73 26.46 10.63
CA HIS A 310 27.67 27.39 10.24
C HIS A 310 28.08 28.84 10.51
N ALA A 311 28.57 29.09 11.73
CA ALA A 311 29.03 30.43 12.17
C ALA A 311 30.05 31.01 11.20
N ASN A 312 30.90 30.14 10.65
CA ASN A 312 31.90 30.51 9.65
C ASN A 312 31.29 30.99 8.37
N LEU A 313 30.32 30.25 7.87
CA LEU A 313 29.65 30.58 6.62
C LEU A 313 28.91 31.91 6.74
N ALA A 314 28.34 32.17 7.92
CA ALA A 314 27.66 33.44 8.19
C ALA A 314 28.63 34.61 8.09
N ALA A 315 29.74 34.53 8.81
CA ALA A 315 30.80 35.53 8.70
C ALA A 315 31.31 35.69 7.27
N ALA A 316 31.51 34.56 6.58
CA ALA A 316 31.97 34.54 5.19
C ALA A 316 31.03 35.31 4.25
N ALA A 317 29.72 35.19 4.49
CA ALA A 317 28.69 35.90 3.71
C ALA A 317 28.82 37.43 3.84
N ILE A 318 28.91 37.91 5.08
CA ILE A 318 29.13 39.33 5.36
C ILE A 318 30.42 39.83 4.70
N GLY A 319 31.43 38.97 4.68
CA GLY A 319 32.71 39.29 4.04
C GLY A 319 32.63 39.48 2.54
N SER A 320 31.66 38.82 1.91
CA SER A 320 31.48 38.90 0.46
C SER A 320 30.65 40.11 0.02
N LEU A 321 30.08 40.85 0.98
CA LEU A 321 29.32 42.06 0.70
C LEU A 321 30.17 43.09 -0.04
N PRO A 322 29.54 43.96 -0.86
CA PRO A 322 30.31 44.93 -1.63
C PRO A 322 30.96 45.95 -0.71
N GLU A 323 32.17 46.39 -1.07
CA GLU A 323 32.93 47.33 -0.25
C GLU A 323 32.19 48.65 -0.10
N THR A 324 32.30 49.25 1.08
CA THR A 324 31.67 50.54 1.36
C THR A 324 32.62 51.46 2.12
N ASP A 325 32.37 52.76 2.01
CA ASP A 325 33.17 53.76 2.70
C ASP A 325 32.62 54.01 4.10
N ASN A 326 31.30 54.12 4.19
CA ASN A 326 30.62 54.50 5.44
C ASN A 326 31.14 53.79 6.68
N GLU A 327 31.42 54.59 7.70
CA GLU A 327 31.96 54.11 8.97
C GLU A 327 30.90 53.41 9.80
N ASP A 328 29.71 53.98 9.81
CA ASP A 328 28.54 53.43 10.50
C ASP A 328 28.14 52.06 9.93
N VAL A 329 28.39 51.87 8.64
CA VAL A 329 28.13 50.59 7.97
C VAL A 329 29.16 49.55 8.41
N LYS A 330 30.43 49.94 8.38
CA LYS A 330 31.51 49.07 8.82
C LYS A 330 31.27 48.58 10.25
N ARG A 331 30.96 49.53 11.14
CA ARG A 331 30.67 49.23 12.55
C ARG A 331 29.57 48.19 12.70
N SER A 332 28.61 48.23 11.78
CA SER A 332 27.46 47.33 11.80
C SER A 332 27.78 45.98 11.18
N ARG A 333 28.59 46.01 10.12
CA ARG A 333 29.10 44.77 9.51
C ARG A 333 29.98 44.01 10.49
N ARG A 334 30.83 44.74 11.20
CA ARG A 334 31.72 44.15 12.22
C ARG A 334 30.95 43.49 13.37
N ALA A 335 29.79 44.06 13.72
CA ALA A 335 28.95 43.50 14.79
C ALA A 335 28.18 42.22 14.36
N LEU A 336 27.82 42.12 13.09
CA LEU A 336 27.17 40.91 12.60
C LEU A 336 28.17 39.76 12.64
N ILE A 337 29.43 40.08 12.31
CA ILE A 337 30.53 39.14 12.46
C ILE A 337 30.75 38.85 13.95
N ASP A 338 30.78 39.89 14.78
CA ASP A 338 30.89 39.70 16.24
C ASP A 338 29.91 38.67 16.80
N LEU A 339 28.66 38.71 16.32
CA LEU A 339 27.64 37.72 16.69
C LEU A 339 28.00 36.31 16.20
N THR A 340 28.72 36.24 15.08
CA THR A 340 29.25 34.98 14.55
C THR A 340 30.13 34.27 15.58
N HIS A 341 30.99 35.03 16.25
CA HIS A 341 31.85 34.48 17.30
C HIS A 341 31.06 34.28 18.59
N ARG A 342 30.25 35.29 18.93
CA ARG A 342 29.48 35.32 20.18
C ARG A 342 28.47 34.18 20.28
N VAL A 343 27.96 33.74 19.13
CA VAL A 343 26.99 32.67 19.08
C VAL A 343 27.60 31.32 19.49
N ILE A 344 28.91 31.16 19.22
CA ILE A 344 29.67 29.97 19.60
C ILE A 344 30.14 30.14 21.04
N THR A 345 30.55 31.36 21.36
CA THR A 345 31.16 31.70 22.63
C THR A 345 30.18 31.73 23.81
N ARG A 346 28.99 32.27 23.58
CA ARG A 346 27.95 32.38 24.60
C ARG A 346 28.17 31.38 25.72
N ASN A 347 28.45 31.88 26.91
CA ASN A 347 28.52 31.01 28.08
C ASN A 347 27.12 30.51 28.47
N LYS A 348 26.09 31.15 27.92
CA LYS A 348 24.67 30.88 28.17
C LYS A 348 23.74 31.77 27.33
N ASP B 9 8.96 4.64 48.80
CA ASP B 9 8.90 5.37 47.50
C ASP B 9 8.18 4.48 46.47
N PRO B 10 6.89 4.17 46.72
CA PRO B 10 6.09 3.09 46.09
C PRO B 10 6.28 2.91 44.59
N PHE B 11 6.34 4.02 43.87
CA PHE B 11 6.46 3.98 42.41
C PHE B 11 7.82 3.42 42.00
N SER B 12 8.86 3.75 42.78
CA SER B 12 10.22 3.27 42.55
C SER B 12 10.33 1.75 42.71
N LEU B 13 9.54 1.18 43.62
CA LEU B 13 9.57 -0.24 43.96
C LEU B 13 9.09 -1.17 42.85
N VAL B 14 8.29 -0.65 41.89
CA VAL B 14 7.75 -1.48 40.81
C VAL B 14 7.98 -0.90 39.41
N ALA B 15 9.06 -0.13 39.26
CA ALA B 15 9.42 0.47 37.97
C ALA B 15 9.56 -0.59 36.87
N ASP B 16 10.30 -1.66 37.16
CA ASP B 16 10.48 -2.76 36.21
C ASP B 16 9.19 -3.15 35.51
N GLU B 17 8.16 -3.52 36.27
CA GLU B 17 6.89 -3.99 35.69
C GLU B 17 6.05 -2.88 35.06
N LEU B 18 6.15 -1.67 35.60
CA LEU B 18 5.47 -0.50 35.04
C LEU B 18 5.84 -0.29 33.58
N SER B 19 7.13 -0.39 33.30
CA SER B 19 7.68 -0.19 31.95
C SER B 19 7.28 -1.30 30.98
N LEU B 20 7.33 -2.56 31.45
CA LEU B 20 6.79 -3.67 30.65
C LEU B 20 5.34 -3.33 30.20
N LEU B 21 4.52 -2.86 31.14
CA LEU B 21 3.13 -2.52 30.87
C LEU B 21 3.02 -1.29 29.97
N SER B 22 3.66 -0.20 30.39
CA SER B 22 3.69 1.04 29.60
C SER B 22 4.11 0.78 28.16
N ASN B 23 5.12 -0.07 27.99
CA ASN B 23 5.57 -0.55 26.69
C ASN B 23 4.50 -1.33 25.95
N LYS B 24 4.00 -2.40 26.56
CA LYS B 24 2.94 -3.21 25.98
C LYS B 24 1.77 -2.31 25.53
N LEU B 25 1.33 -1.42 26.42
CA LEU B 25 0.19 -0.53 26.17
C LEU B 25 0.52 0.58 25.16
N ARG B 26 1.63 0.42 24.45
CA ARG B 26 1.82 1.15 23.21
C ARG B 26 1.47 0.22 22.04
N GLU B 27 0.32 -0.43 22.21
CA GLU B 27 -0.34 -1.24 21.20
C GLU B 27 -1.31 -0.33 20.45
N MET B 28 -1.67 0.79 21.09
CA MET B 28 -2.58 1.78 20.49
C MET B 28 -1.84 2.70 19.52
N VAL B 29 -0.59 3.02 19.84
CA VAL B 29 0.36 3.53 18.86
C VAL B 29 0.77 2.33 18.03
N LEU B 30 1.57 2.54 16.99
CA LEU B 30 2.11 1.44 16.18
C LEU B 30 0.92 0.80 15.48
N ALA B 31 0.65 -0.46 15.80
CA ALA B 31 -0.64 -1.03 15.47
C ALA B 31 -1.68 0.06 15.77
N GLU B 32 -2.49 0.41 14.77
CA GLU B 32 -3.51 1.45 14.88
C GLU B 32 -3.00 2.87 14.59
N VAL B 33 -1.78 2.99 14.06
CA VAL B 33 -1.30 4.28 13.49
C VAL B 33 -1.97 4.51 12.14
N PRO B 34 -1.93 3.51 11.24
CA PRO B 34 -2.95 3.52 10.18
C PRO B 34 -4.27 3.31 10.92
N LYS B 35 -5.38 3.13 10.23
CA LYS B 35 -6.66 3.14 10.93
C LYS B 35 -6.79 4.54 11.55
N LEU B 36 -5.97 5.44 11.03
CA LEU B 36 -6.35 6.83 10.80
C LEU B 36 -7.30 6.75 9.62
N ALA B 37 -7.18 5.65 8.86
CA ALA B 37 -7.91 5.45 7.60
C ALA B 37 -9.39 5.73 7.79
N SER B 38 -9.86 5.53 9.03
CA SER B 38 -11.15 6.06 9.50
C SER B 38 -11.28 7.53 9.12
N ALA B 39 -10.22 8.29 9.45
CA ALA B 39 -10.17 9.73 9.18
C ALA B 39 -10.42 10.02 7.70
N ALA B 40 -9.73 9.33 6.83
CA ALA B 40 -9.98 9.44 5.42
C ALA B 40 -11.35 8.89 5.06
N GLU B 41 -11.76 7.80 5.70
CA GLU B 41 -13.10 7.30 5.39
C GLU B 41 -14.12 8.30 5.85
N TYR B 42 -13.89 8.91 7.00
CA TYR B 42 -14.81 9.91 7.53
C TYR B 42 -14.88 11.18 6.76
N PHE B 43 -13.75 11.62 6.26
CA PHE B 43 -13.82 12.81 5.49
C PHE B 43 -14.64 12.59 4.26
N PHE B 44 -14.46 11.51 3.54
CA PHE B 44 -15.27 11.40 2.38
C PHE B 44 -16.70 11.35 2.78
N LYS B 45 -17.03 10.56 3.76
CA LYS B 45 -18.42 10.34 4.05
C LYS B 45 -19.18 11.58 4.52
N ARG B 46 -18.58 12.35 5.41
CA ARG B 46 -19.20 13.51 6.02
C ARG B 46 -20.68 13.69 5.76
N GLY B 47 -21.03 14.91 5.42
CA GLY B 47 -22.36 15.26 4.98
C GLY B 47 -22.14 16.54 4.22
N VAL B 48 -21.51 16.43 3.06
CA VAL B 48 -21.08 17.59 2.32
C VAL B 48 -20.09 17.06 1.30
N GLN B 49 -18.89 17.57 1.04
CA GLN B 49 -18.03 18.44 1.80
C GLN B 49 -18.50 19.82 2.11
N GLY B 50 -19.05 20.47 1.12
CA GLY B 50 -19.53 21.80 1.37
C GLY B 50 -20.49 22.00 0.27
N LYS B 51 -21.36 22.97 0.42
CA LYS B 51 -22.28 23.28 -0.63
C LYS B 51 -21.66 24.26 -1.61
N GLN B 52 -20.48 24.75 -1.27
CA GLN B 52 -19.79 25.67 -2.12
C GLN B 52 -20.54 26.96 -2.41
N PHE B 53 -21.27 27.47 -1.46
CA PHE B 53 -21.93 28.74 -1.62
C PHE B 53 -21.01 29.95 -1.80
N ARG B 54 -19.91 30.03 -1.08
CA ARG B 54 -18.95 31.14 -1.23
C ARG B 54 -18.20 31.03 -2.55
N SER B 55 -18.00 29.79 -3.01
CA SER B 55 -17.25 29.55 -4.24
C SER B 55 -18.08 29.90 -5.46
N THR B 56 -19.33 29.49 -5.41
CA THR B 56 -20.31 29.80 -6.41
C THR B 56 -20.36 31.31 -6.64
N ILE B 57 -20.63 32.08 -5.58
CA ILE B 57 -20.64 33.54 -5.66
C ILE B 57 -19.37 34.13 -6.26
N LEU B 58 -18.21 33.61 -5.85
CA LEU B 58 -16.94 34.16 -6.29
C LEU B 58 -16.62 33.86 -7.75
N LEU B 59 -16.98 32.68 -8.22
CA LEU B 59 -16.80 32.31 -9.62
C LEU B 59 -17.75 33.11 -10.52
N LEU B 60 -18.98 33.29 -10.04
CA LEU B 60 -19.96 34.12 -10.72
C LEU B 60 -19.53 35.56 -10.83
N MET B 61 -18.94 36.09 -9.75
CA MET B 61 -18.47 37.47 -9.72
C MET B 61 -17.35 37.67 -10.72
N ALA B 62 -16.45 36.71 -10.79
CA ALA B 62 -15.33 36.74 -11.75
C ALA B 62 -15.83 36.91 -13.19
N THR B 63 -16.92 36.22 -13.51
CA THR B 63 -17.53 36.29 -14.83
C THR B 63 -18.32 37.58 -14.96
N ALA B 64 -18.96 38.02 -13.87
CA ALA B 64 -19.85 39.17 -13.89
C ALA B 64 -19.13 40.51 -14.07
N LEU B 65 -17.81 40.47 -14.21
CA LEU B 65 -17.04 41.69 -14.45
C LEU B 65 -16.21 41.59 -15.72
N ASP B 66 -16.39 42.56 -16.62
CA ASP B 66 -15.61 42.69 -17.86
C ASP B 66 -14.13 42.65 -17.55
N VAL B 67 -13.35 41.90 -18.31
CA VAL B 67 -11.91 42.02 -18.14
C VAL B 67 -11.28 42.91 -19.20
N SER B 83 -7.08 30.21 -19.08
CA SER B 83 -6.36 31.47 -18.92
C SER B 83 -5.78 31.65 -17.53
N GLU B 84 -4.73 32.46 -17.42
CA GLU B 84 -4.06 32.71 -16.13
C GLU B 84 -4.94 33.53 -15.19
N LEU B 85 -5.75 34.43 -15.75
CA LEU B 85 -6.65 35.24 -14.91
C LEU B 85 -7.72 34.39 -14.24
N ARG B 86 -8.32 33.46 -15.00
CA ARG B 86 -9.37 32.61 -14.47
C ARG B 86 -8.79 31.63 -13.46
N VAL B 87 -7.52 31.29 -13.66
CA VAL B 87 -6.77 30.47 -12.72
C VAL B 87 -6.56 31.24 -11.40
N ARG B 88 -6.20 32.51 -11.49
CA ARG B 88 -5.95 33.33 -10.30
C ARG B 88 -7.24 33.69 -9.59
N GLN B 89 -8.30 33.93 -10.35
CA GLN B 89 -9.60 34.24 -9.78
C GLN B 89 -10.08 33.07 -8.93
N ARG B 90 -10.05 31.87 -9.51
CA ARG B 90 -10.31 30.62 -8.79
C ARG B 90 -9.38 30.49 -7.55
N GLY B 91 -8.14 30.98 -7.70
CA GLY B 91 -7.20 31.07 -6.61
C GLY B 91 -7.80 31.73 -5.38
N ILE B 92 -8.55 32.81 -5.58
CA ILE B 92 -9.27 33.49 -4.50
C ILE B 92 -10.42 32.67 -3.88
N ALA B 93 -11.14 31.90 -4.70
CA ALA B 93 -12.15 30.99 -4.17
C ALA B 93 -11.51 29.89 -3.31
N GLU B 94 -10.35 29.45 -3.73
CA GLU B 94 -9.58 28.43 -3.05
C GLU B 94 -9.08 28.98 -1.71
N ILE B 95 -8.39 30.11 -1.76
CA ILE B 95 -7.93 30.80 -0.57
C ILE B 95 -9.05 30.99 0.43
N THR B 96 -10.19 31.48 -0.05
CA THR B 96 -11.36 31.75 0.78
C THR B 96 -11.87 30.51 1.51
N GLU B 97 -11.87 29.36 0.85
CA GLU B 97 -12.30 28.12 1.49
C GLU B 97 -11.28 27.68 2.57
N MET B 98 -10.00 27.74 2.22
CA MET B 98 -8.96 27.50 3.17
C MET B 98 -9.12 28.36 4.42
N ILE B 99 -9.48 29.63 4.23
CA ILE B 99 -9.57 30.55 5.36
C ILE B 99 -10.81 30.25 6.18
N HIS B 100 -11.86 29.81 5.50
CA HIS B 100 -13.11 29.44 6.13
C HIS B 100 -12.99 28.21 7.05
N VAL B 101 -12.32 27.19 6.58
CA VAL B 101 -12.17 25.97 7.34
C VAL B 101 -11.22 26.16 8.53
N ALA B 102 -10.14 26.91 8.32
CA ALA B 102 -9.21 27.25 9.39
C ALA B 102 -9.94 28.00 10.50
N SER B 103 -10.86 28.88 10.13
CA SER B 103 -11.59 29.61 11.15
C SER B 103 -12.58 28.69 11.88
N LEU B 104 -13.11 27.70 11.17
CA LEU B 104 -14.05 26.75 11.76
C LEU B 104 -13.33 25.93 12.82
N LEU B 105 -12.15 25.43 12.46
CA LEU B 105 -11.33 24.61 13.30
C LEU B 105 -10.88 25.34 14.57
N HIS B 106 -10.33 26.54 14.41
CA HIS B 106 -9.86 27.31 15.56
C HIS B 106 -10.98 27.70 16.49
N ASP B 107 -12.17 27.88 15.94
CA ASP B 107 -13.34 28.18 16.75
C ASP B 107 -13.78 26.95 17.54
N ASP B 108 -13.30 25.77 17.14
CA ASP B 108 -13.63 24.55 17.89
C ASP B 108 -12.70 24.31 19.11
N VAL B 109 -11.64 25.12 19.25
CA VAL B 109 -10.65 25.01 20.32
C VAL B 109 -11.27 25.25 21.70
N LEU B 110 -11.38 24.19 22.48
CA LEU B 110 -12.24 24.19 23.65
C LEU B 110 -11.58 24.68 24.94
N ASP B 111 -12.28 25.60 25.60
CA ASP B 111 -12.01 25.93 27.01
C ASP B 111 -12.94 25.09 27.89
N ASP B 112 -14.26 25.15 27.60
CA ASP B 112 -15.29 24.36 28.30
C ASP B 112 -14.91 23.96 29.72
N VAL B 125 -9.75 13.56 27.95
CA VAL B 125 -9.11 13.73 26.64
C VAL B 125 -9.73 14.91 25.88
N MET B 126 -8.87 15.70 25.25
CA MET B 126 -9.23 16.86 24.43
C MET B 126 -8.56 16.77 23.06
N GLY B 127 -9.34 16.96 22.00
CA GLY B 127 -8.81 16.85 20.64
C GLY B 127 -8.49 18.18 19.98
N ASN B 128 -8.53 19.27 20.75
CA ASN B 128 -8.27 20.58 20.20
C ASN B 128 -6.79 20.93 19.98
N LYS B 129 -5.93 19.92 19.91
CA LYS B 129 -4.59 20.07 19.36
C LYS B 129 -4.59 19.80 17.87
N MET B 130 -5.53 18.95 17.44
CA MET B 130 -5.73 18.63 16.03
C MET B 130 -6.25 19.85 15.26
N SER B 131 -7.20 20.54 15.88
CA SER B 131 -7.82 21.70 15.30
C SER B 131 -6.83 22.83 15.14
N VAL B 132 -5.90 22.95 16.08
CA VAL B 132 -4.90 24.01 16.02
C VAL B 132 -3.90 23.73 14.90
N LEU B 133 -3.42 22.49 14.82
CA LEU B 133 -2.45 22.13 13.80
C LEU B 133 -3.04 22.22 12.39
N ALA B 134 -4.23 21.63 12.22
CA ALA B 134 -4.92 21.62 10.94
C ALA B 134 -5.28 23.03 10.49
N GLY B 135 -5.68 23.88 11.44
CA GLY B 135 -6.05 25.26 11.15
C GLY B 135 -4.85 26.04 10.64
N ASP B 136 -3.70 25.82 11.27
CA ASP B 136 -2.45 26.48 10.91
C ASP B 136 -1.90 26.02 9.57
N PHE B 137 -2.03 24.74 9.26
CA PHE B 137 -1.68 24.26 7.94
C PHE B 137 -2.52 24.99 6.85
N LEU B 138 -3.82 25.12 7.08
CA LEU B 138 -4.69 25.78 6.12
C LEU B 138 -4.37 27.26 6.00
N LEU B 139 -4.15 27.92 7.13
CA LEU B 139 -3.77 29.33 7.10
C LEU B 139 -2.41 29.58 6.43
N SER B 140 -1.44 28.71 6.71
CA SER B 140 -0.12 28.82 6.09
C SER B 140 -0.18 28.58 4.57
N ARG B 141 -0.96 27.57 4.17
CA ARG B 141 -1.27 27.33 2.76
C ARG B 141 -1.96 28.53 2.11
N ALA B 142 -2.87 29.18 2.84
CA ALA B 142 -3.55 30.39 2.39
C ALA B 142 -2.56 31.51 2.11
N CYS B 143 -1.70 31.81 3.09
CA CYS B 143 -0.56 32.72 2.91
C CYS B 143 0.27 32.37 1.69
N GLY B 144 0.63 31.09 1.56
CA GLY B 144 1.40 30.61 0.42
C GLY B 144 0.74 30.96 -0.89
N ALA B 145 -0.58 30.73 -0.96
CA ALA B 145 -1.33 30.97 -2.16
C ALA B 145 -1.65 32.47 -2.39
N LEU B 146 -1.79 33.24 -1.30
CA LEU B 146 -1.91 34.69 -1.43
C LEU B 146 -0.63 35.26 -2.03
N ALA B 147 0.52 34.85 -1.50
CA ALA B 147 1.81 35.20 -2.05
C ALA B 147 1.97 34.88 -3.53
N ALA B 148 1.35 33.78 -3.99
CA ALA B 148 1.54 33.32 -5.37
C ALA B 148 0.70 34.14 -6.36
N LEU B 149 -0.31 34.84 -5.85
CA LEU B 149 -1.12 35.77 -6.66
C LEU B 149 -0.30 36.99 -7.10
N LYS B 150 0.75 37.33 -6.37
CA LYS B 150 1.53 38.55 -6.66
C LYS B 150 0.67 39.81 -6.78
N ASN B 151 -0.19 40.03 -5.78
CA ASN B 151 -1.02 41.23 -5.69
C ASN B 151 -1.24 41.60 -4.24
N THR B 152 -0.47 42.58 -3.77
CA THR B 152 -0.42 42.91 -2.36
C THR B 152 -1.73 43.48 -1.88
N GLU B 153 -2.48 44.08 -2.79
CA GLU B 153 -3.77 44.65 -2.45
C GLU B 153 -4.76 43.58 -2.05
N VAL B 154 -4.78 42.45 -2.75
CA VAL B 154 -5.67 41.33 -2.36
C VAL B 154 -5.16 40.64 -1.09
N VAL B 155 -3.84 40.61 -0.89
CA VAL B 155 -3.25 40.16 0.38
C VAL B 155 -3.81 40.97 1.56
N ALA B 156 -3.91 42.29 1.38
CA ALA B 156 -4.47 43.19 2.40
C ALA B 156 -5.93 42.90 2.69
N LEU B 157 -6.68 42.54 1.65
CA LEU B 157 -8.11 42.25 1.76
C LEU B 157 -8.38 40.96 2.52
N LEU B 158 -7.60 39.93 2.21
CA LEU B 158 -7.77 38.67 2.93
C LEU B 158 -7.15 38.69 4.32
N ALA B 159 -6.13 39.53 4.51
CA ALA B 159 -5.57 39.76 5.84
C ALA B 159 -6.64 40.34 6.75
N THR B 160 -7.30 41.41 6.28
CA THR B 160 -8.42 42.04 6.99
C THR B 160 -9.53 41.03 7.23
N ALA B 161 -9.83 40.20 6.24
CA ALA B 161 -10.83 39.14 6.41
C ALA B 161 -10.51 38.25 7.61
N VAL B 162 -9.24 37.86 7.73
CA VAL B 162 -8.81 36.98 8.81
C VAL B 162 -8.97 37.69 10.16
N GLU B 163 -8.59 38.96 10.20
CA GLU B 163 -8.69 39.74 11.43
C GLU B 163 -10.12 39.88 11.94
N HIS B 164 -11.04 40.03 11.00
CA HIS B 164 -12.45 40.25 11.30
C HIS B 164 -13.08 38.94 11.79
N LEU B 165 -12.77 37.84 11.15
CA LEU B 165 -13.19 36.53 11.67
C LEU B 165 -12.74 36.30 13.13
N VAL B 166 -11.49 36.63 13.42
CA VAL B 166 -10.96 36.49 14.77
C VAL B 166 -11.69 37.45 15.71
N THR B 167 -11.92 38.68 15.24
CA THR B 167 -12.61 39.69 16.04
C THR B 167 -14.03 39.24 16.36
N GLY B 168 -14.73 38.75 15.36
CA GLY B 168 -16.10 38.30 15.54
C GLY B 168 -16.22 37.18 16.56
N GLU B 169 -15.28 36.26 16.54
CA GLU B 169 -15.30 35.11 17.43
C GLU B 169 -15.06 35.52 18.89
N THR B 170 -14.12 36.42 19.11
CA THR B 170 -13.90 37.00 20.43
C THR B 170 -15.18 37.64 20.97
N MET B 171 -15.82 38.45 20.13
CA MET B 171 -17.12 39.03 20.43
C MET B 171 -18.16 37.98 20.80
N GLU B 172 -18.13 36.85 20.12
CA GLU B 172 -19.15 35.83 20.32
C GLU B 172 -19.02 35.22 21.69
N ILE B 173 -17.77 35.05 22.10
CA ILE B 173 -17.44 34.32 23.30
C ILE B 173 -17.51 35.24 24.52
N THR B 174 -16.64 36.24 24.56
CA THR B 174 -16.66 37.24 25.61
C THR B 174 -17.78 38.22 25.29
N SER B 175 -18.49 38.68 26.32
CA SER B 175 -19.50 39.71 26.11
C SER B 175 -20.22 40.11 27.38
N SER B 176 -20.30 41.43 27.57
CA SER B 176 -21.20 42.02 28.53
C SER B 176 -22.56 41.37 28.32
N THR B 177 -23.20 40.96 29.40
CA THR B 177 -24.55 40.40 29.32
C THR B 177 -25.46 41.37 28.54
N ALA B 178 -25.33 42.66 28.86
CA ALA B 178 -26.02 43.74 28.13
C ALA B 178 -25.77 43.68 26.62
N ALA B 179 -24.50 43.47 26.24
CA ALA B 179 -24.12 43.41 24.82
C ALA B 179 -24.90 42.34 24.05
N ARG B 180 -24.99 41.14 24.63
CA ARG B 180 -25.71 39.99 24.06
C ARG B 180 -27.15 40.31 23.68
N TYR B 181 -27.70 41.37 24.28
CA TYR B 181 -29.08 41.72 24.01
C TYR B 181 -29.26 42.93 23.09
N SER B 182 -28.18 43.37 22.43
CA SER B 182 -28.27 44.49 21.48
C SER B 182 -28.25 44.09 20.00
N MET B 183 -29.30 44.43 19.28
CA MET B 183 -29.40 44.13 17.85
C MET B 183 -28.24 44.72 17.03
N ASP B 184 -27.81 45.92 17.38
CA ASP B 184 -26.68 46.56 16.71
C ASP B 184 -25.39 45.76 16.91
N TYR B 185 -25.16 45.34 18.15
CA TYR B 185 -23.98 44.53 18.48
C TYR B 185 -24.03 43.18 17.74
N TYR B 186 -25.21 42.58 17.68
CA TYR B 186 -25.40 41.31 17.01
C TYR B 186 -25.00 41.41 15.53
N MET B 187 -25.42 42.50 14.91
CA MET B 187 -25.15 42.78 13.50
C MET B 187 -23.68 43.11 13.18
N GLN B 188 -22.99 43.81 14.08
CA GLN B 188 -21.52 43.95 13.96
C GLN B 188 -20.83 42.59 13.98
N LYS B 189 -21.19 41.80 14.99
CA LYS B 189 -20.65 40.48 15.22
C LYS B 189 -20.95 39.59 14.04
N THR B 190 -22.19 39.66 13.57
CA THR B 190 -22.62 38.94 12.37
C THR B 190 -21.78 39.33 11.17
N TYR B 191 -21.54 40.64 11.00
CA TYR B 191 -20.67 41.11 9.92
C TYR B 191 -19.25 40.51 9.98
N TYR B 192 -18.60 40.60 11.15
CA TYR B 192 -17.26 40.01 11.32
C TYR B 192 -17.25 38.51 11.07
N LYS B 193 -18.19 37.80 11.68
CA LYS B 193 -18.22 36.34 11.62
C LYS B 193 -18.67 35.77 10.27
N THR B 194 -19.61 36.44 9.60
CA THR B 194 -20.19 35.82 8.42
C THR B 194 -20.02 36.59 7.11
N ALA B 195 -20.01 37.92 7.18
CA ALA B 195 -20.05 38.69 5.95
C ALA B 195 -18.70 39.25 5.49
N SER B 196 -17.76 39.42 6.42
CA SER B 196 -16.49 40.04 6.08
C SER B 196 -15.64 39.21 5.12
N LEU B 197 -15.65 37.91 5.31
CA LEU B 197 -14.85 37.06 4.48
C LEU B 197 -15.33 37.16 3.03
N ILE B 198 -16.64 37.08 2.86
CA ILE B 198 -17.23 37.07 1.54
C ILE B 198 -17.16 38.43 0.83
N SER B 199 -17.38 39.51 1.56
CA SER B 199 -17.26 40.87 0.99
C SER B 199 -15.83 41.17 0.50
N ASN B 200 -14.83 40.81 1.31
CA ASN B 200 -13.43 41.07 1.00
C ASN B 200 -12.91 40.20 -0.12
N SER B 201 -13.47 39.00 -0.25
CA SER B 201 -13.16 38.10 -1.34
C SER B 201 -13.76 38.59 -2.64
N CYS B 202 -15.02 39.01 -2.58
CA CYS B 202 -15.70 39.60 -3.72
C CYS B 202 -14.91 40.82 -4.22
N LYS B 203 -14.50 41.67 -3.28
CA LYS B 203 -13.62 42.79 -3.60
C LYS B 203 -12.26 42.35 -4.14
N ALA B 204 -11.70 41.26 -3.60
CA ALA B 204 -10.44 40.76 -4.12
C ALA B 204 -10.57 40.36 -5.60
N VAL B 205 -11.69 39.75 -5.95
CA VAL B 205 -11.90 39.29 -7.31
C VAL B 205 -11.98 40.52 -8.23
N ALA B 206 -12.64 41.57 -7.75
CA ALA B 206 -12.71 42.83 -8.45
C ALA B 206 -11.32 43.40 -8.67
N VAL B 207 -10.49 43.47 -7.63
CA VAL B 207 -9.15 44.04 -7.73
C VAL B 207 -8.21 43.23 -8.63
N LEU B 208 -8.27 41.91 -8.54
CA LEU B 208 -7.47 41.06 -9.42
C LEU B 208 -7.85 41.28 -10.89
N THR B 209 -9.15 41.39 -11.14
CA THR B 209 -9.68 41.59 -12.49
C THR B 209 -9.39 43.01 -13.01
N GLY B 210 -8.75 43.83 -12.17
CA GLY B 210 -8.33 45.17 -12.56
C GLY B 210 -9.44 46.19 -12.67
N GLN B 211 -10.54 45.96 -11.96
CA GLN B 211 -11.67 46.89 -11.96
C GLN B 211 -11.34 48.19 -11.22
N THR B 212 -12.19 49.20 -11.39
CA THR B 212 -12.01 50.49 -10.73
C THR B 212 -12.31 50.38 -9.25
N ALA B 213 -11.80 51.34 -8.47
CA ALA B 213 -12.10 51.41 -7.05
C ALA B 213 -13.61 51.42 -6.80
N GLU B 214 -14.35 52.11 -7.67
CA GLU B 214 -15.83 52.23 -7.58
C GLU B 214 -16.64 50.98 -7.95
N VAL B 215 -16.11 50.16 -8.85
CA VAL B 215 -16.69 48.83 -9.10
C VAL B 215 -16.33 47.90 -7.92
N ALA B 216 -15.06 47.91 -7.52
CA ALA B 216 -14.62 47.14 -6.37
C ALA B 216 -15.54 47.35 -5.17
N VAL B 217 -15.86 48.61 -4.85
CA VAL B 217 -16.77 48.87 -3.73
C VAL B 217 -18.17 48.30 -3.95
N LEU B 218 -18.59 48.18 -5.22
CA LEU B 218 -19.81 47.41 -5.56
C LEU B 218 -19.73 45.91 -5.17
N ALA B 219 -18.70 45.20 -5.66
CA ALA B 219 -18.53 43.77 -5.35
C ALA B 219 -18.45 43.51 -3.83
N PHE B 220 -17.68 44.33 -3.13
CA PHE B 220 -17.66 44.30 -1.69
C PHE B 220 -19.07 44.39 -1.09
N GLU B 221 -19.88 45.34 -1.57
CA GLU B 221 -21.22 45.56 -1.04
C GLU B 221 -22.18 44.41 -1.38
N TYR B 222 -21.99 43.77 -2.53
CA TYR B 222 -22.77 42.59 -2.87
C TYR B 222 -22.54 41.49 -1.82
N GLY B 223 -21.26 41.16 -1.58
CA GLY B 223 -20.87 40.15 -0.61
C GLY B 223 -21.28 40.50 0.81
N ARG B 224 -20.91 41.67 1.27
CA ARG B 224 -21.32 42.10 2.58
C ARG B 224 -22.83 41.91 2.79
N ASN B 225 -23.64 42.43 1.87
CA ASN B 225 -25.09 42.40 2.03
C ASN B 225 -25.72 41.02 1.85
N LEU B 226 -25.22 40.25 0.88
CA LEU B 226 -25.72 38.91 0.69
C LEU B 226 -25.40 38.08 1.94
N GLY B 227 -24.19 38.25 2.48
CA GLY B 227 -23.73 37.54 3.65
C GLY B 227 -24.59 37.78 4.86
N LEU B 228 -24.87 39.04 5.17
CA LEU B 228 -25.76 39.38 6.29
C LEU B 228 -27.11 38.71 6.11
N ALA B 229 -27.64 38.76 4.90
CA ALA B 229 -28.91 38.13 4.60
C ALA B 229 -28.84 36.62 4.84
N PHE B 230 -27.71 36.01 4.49
CA PHE B 230 -27.60 34.56 4.54
C PHE B 230 -27.66 34.10 5.99
N GLN B 231 -26.83 34.71 6.84
CA GLN B 231 -26.85 34.48 8.27
C GLN B 231 -28.22 34.69 8.94
N LEU B 232 -28.89 35.79 8.63
CA LEU B 232 -30.22 36.09 9.16
C LEU B 232 -31.23 35.01 8.79
N ILE B 233 -31.15 34.53 7.56
CA ILE B 233 -32.03 33.44 7.15
C ILE B 233 -31.67 32.16 7.90
N ASP B 234 -30.37 31.92 8.06
CA ASP B 234 -29.90 30.82 8.92
C ASP B 234 -30.48 30.85 10.34
N ASP B 235 -30.49 32.05 10.95
CA ASP B 235 -31.09 32.22 12.27
C ASP B 235 -32.56 31.86 12.31
N ILE B 236 -33.31 32.23 11.27
CA ILE B 236 -34.73 31.93 11.22
C ILE B 236 -35.00 30.43 11.03
N LEU B 237 -34.23 29.81 10.13
CA LEU B 237 -34.39 28.38 9.83
C LEU B 237 -34.23 27.50 11.06
N ASP B 238 -33.39 27.92 12.01
CA ASP B 238 -33.19 27.22 13.28
C ASP B 238 -34.50 27.09 14.07
N PHE B 239 -35.37 28.08 13.97
CA PHE B 239 -36.65 28.10 14.67
C PHE B 239 -37.80 27.53 13.85
N THR B 240 -37.72 27.72 12.53
CA THR B 240 -38.73 27.24 11.59
C THR B 240 -38.66 25.75 11.36
N GLY B 241 -37.44 25.25 11.25
CA GLY B 241 -37.22 23.92 10.74
C GLY B 241 -37.21 23.90 9.23
N THR B 242 -37.22 22.68 8.70
CA THR B 242 -36.85 22.40 7.33
C THR B 242 -37.78 21.29 6.88
N SER B 243 -37.89 21.10 5.57
CA SER B 243 -38.59 19.93 5.05
C SER B 243 -37.96 18.60 5.53
N ALA B 244 -36.62 18.51 5.45
CA ALA B 244 -35.88 17.37 6.03
C ALA B 244 -35.99 17.35 7.55
N SER B 245 -36.04 18.55 8.14
CA SER B 245 -36.32 18.70 9.57
C SER B 245 -37.72 18.15 9.78
N LEU B 246 -38.13 18.07 11.04
CA LEU B 246 -39.26 17.20 11.39
C LEU B 246 -40.58 17.29 10.57
N GLY B 247 -41.11 18.47 10.19
CA GLY B 247 -40.40 19.76 10.17
C GLY B 247 -40.64 20.73 11.30
N LYS B 248 -39.73 20.71 12.28
CA LYS B 248 -39.84 21.52 13.47
C LYS B 248 -38.46 21.99 13.88
N GLY B 249 -38.07 23.23 13.68
CA GLY B 249 -36.70 23.66 14.05
C GLY B 249 -35.83 22.87 15.03
N SER B 250 -34.54 22.83 14.73
CA SER B 250 -33.60 22.11 15.54
C SER B 250 -33.41 22.81 16.88
N LEU B 251 -33.54 24.15 16.87
CA LEU B 251 -33.44 24.99 18.08
C LEU B 251 -32.05 25.07 18.67
N SER B 252 -31.05 24.70 17.85
CA SER B 252 -29.64 24.66 18.22
C SER B 252 -29.12 25.94 18.89
N ASP B 253 -29.42 27.11 18.32
CA ASP B 253 -28.92 28.38 18.86
C ASP B 253 -29.44 28.66 20.27
N ILE B 254 -30.73 28.42 20.49
CA ILE B 254 -31.40 28.83 21.71
C ILE B 254 -31.10 27.85 22.85
N ARG B 255 -30.85 26.59 22.50
CA ARG B 255 -30.40 25.57 23.45
C ARG B 255 -29.08 25.94 24.09
N HIS B 256 -28.21 26.53 23.27
CA HIS B 256 -26.82 26.74 23.63
C HIS B 256 -26.60 28.19 24.09
N GLY B 257 -27.71 28.84 24.44
CA GLY B 257 -27.70 30.26 24.85
C GLY B 257 -27.15 31.23 23.82
N VAL B 258 -27.14 30.82 22.55
CA VAL B 258 -26.75 31.72 21.46
C VAL B 258 -28.03 32.48 21.08
N ILE B 259 -27.95 33.81 21.14
CA ILE B 259 -29.14 34.63 20.99
C ILE B 259 -29.13 35.29 19.63
N THR B 260 -30.12 34.97 18.81
CA THR B 260 -30.14 35.43 17.43
C THR B 260 -31.24 36.46 17.15
N ALA B 261 -31.24 37.01 15.93
CA ALA B 261 -32.12 38.12 15.56
C ALA B 261 -33.60 37.92 15.91
N PRO B 262 -34.22 36.78 15.49
CA PRO B 262 -35.62 36.68 15.84
C PRO B 262 -35.92 36.90 17.33
N ILE B 263 -35.16 36.26 18.23
CA ILE B 263 -35.34 36.37 19.69
C ILE B 263 -35.01 37.78 20.19
N LEU B 264 -33.92 38.36 19.67
CA LEU B 264 -33.58 39.74 19.95
C LEU B 264 -34.71 40.69 19.59
N PHE B 265 -35.29 40.51 18.41
CA PHE B 265 -36.46 41.31 18.01
C PHE B 265 -37.62 41.05 18.95
N ALA B 266 -37.93 39.79 19.22
CA ALA B 266 -39.00 39.46 20.15
C ALA B 266 -38.84 40.04 21.58
N MET B 267 -37.61 40.34 22.02
CA MET B 267 -37.37 40.97 23.33
C MET B 267 -37.75 42.45 23.38
N GLU B 268 -37.64 43.13 22.24
CA GLU B 268 -38.10 44.52 22.12
C GLU B 268 -39.60 44.58 22.42
N GLU B 269 -40.35 43.60 21.90
CA GLU B 269 -41.79 43.50 22.15
C GLU B 269 -42.12 42.97 23.55
N PHE B 270 -41.47 41.88 23.95
CA PHE B 270 -41.73 41.28 25.25
C PHE B 270 -40.49 41.31 26.13
N PRO B 271 -40.35 42.37 26.95
CA PRO B 271 -39.18 42.48 27.83
C PRO B 271 -39.10 41.30 28.81
N GLN B 272 -40.26 40.72 29.13
CA GLN B 272 -40.32 39.54 29.99
C GLN B 272 -39.50 38.36 29.50
N LEU B 273 -39.26 38.33 28.19
CA LEU B 273 -38.53 37.26 27.56
C LEU B 273 -37.06 37.19 27.93
N ARG B 274 -36.47 38.33 28.32
CA ARG B 274 -35.05 38.38 28.70
C ARG B 274 -34.82 37.35 29.79
N GLU B 275 -35.77 37.28 30.72
CA GLU B 275 -35.68 36.40 31.87
C GLU B 275 -35.80 34.92 31.51
N VAL B 276 -36.70 34.62 30.58
CA VAL B 276 -36.90 33.27 30.05
C VAL B 276 -35.65 32.69 29.37
N VAL B 277 -34.99 33.50 28.54
CA VAL B 277 -33.84 33.09 27.75
C VAL B 277 -32.63 32.85 28.64
N ASP B 278 -32.49 33.68 29.67
CA ASP B 278 -31.43 33.54 30.66
C ASP B 278 -31.50 32.19 31.34
N GLN B 279 -32.71 31.79 31.71
CA GLN B 279 -32.95 30.59 32.47
C GLN B 279 -33.09 29.37 31.58
N VAL B 280 -32.54 29.43 30.38
CA VAL B 280 -32.64 28.29 29.48
C VAL B 280 -31.76 27.09 29.90
N ALA B 281 -30.53 27.37 30.37
CA ALA B 281 -29.65 26.31 30.89
C ALA B 281 -30.18 25.78 32.21
N ALA B 282 -30.51 26.69 33.12
CA ALA B 282 -30.99 26.34 34.46
C ALA B 282 -32.23 25.45 34.37
N ASP B 283 -33.16 25.86 33.55
CA ASP B 283 -34.38 25.12 33.29
C ASP B 283 -34.61 25.02 31.79
N PRO B 284 -34.54 23.79 31.23
CA PRO B 284 -34.53 23.66 29.77
C PRO B 284 -35.91 23.81 29.14
N ARG B 285 -36.98 23.83 29.94
CA ARG B 285 -38.33 24.07 29.43
C ARG B 285 -38.57 25.54 29.05
N ASN B 286 -37.61 26.39 29.41
CA ASN B 286 -37.65 27.79 28.99
C ASN B 286 -37.43 28.00 27.50
N VAL B 287 -36.97 26.95 26.81
CA VAL B 287 -36.83 26.95 25.36
C VAL B 287 -38.24 27.03 24.74
N ASP B 288 -39.09 26.10 25.17
CA ASP B 288 -40.46 25.98 24.69
C ASP B 288 -41.28 27.26 24.96
N ILE B 289 -41.14 27.80 26.17
CA ILE B 289 -41.72 29.08 26.53
C ILE B 289 -41.20 30.25 25.69
N ALA B 290 -39.89 30.29 25.42
CA ALA B 290 -39.33 31.30 24.51
C ALA B 290 -40.01 31.20 23.15
N LEU B 291 -40.24 29.97 22.70
CA LEU B 291 -40.78 29.70 21.38
C LEU B 291 -42.17 30.30 21.27
N GLU B 292 -42.93 30.20 22.36
CA GLU B 292 -44.29 30.74 22.40
C GLU B 292 -44.31 32.26 22.33
N TYR B 293 -43.38 32.91 23.02
CA TYR B 293 -43.22 34.34 22.90
C TYR B 293 -42.92 34.76 21.46
N LEU B 294 -42.00 34.02 20.82
CA LEU B 294 -41.55 34.36 19.49
C LEU B 294 -42.73 34.29 18.51
N GLY B 295 -43.54 33.23 18.69
CA GLY B 295 -44.71 32.97 17.87
C GLY B 295 -45.83 33.99 18.00
N LYS B 296 -45.85 34.74 19.09
CA LYS B 296 -46.84 35.81 19.26
C LYS B 296 -46.21 37.16 18.93
N SER B 297 -45.02 37.15 18.37
CA SER B 297 -44.29 38.40 18.16
C SER B 297 -44.02 38.61 16.67
N LYS B 298 -43.38 39.71 16.37
CA LYS B 298 -42.98 39.96 15.01
C LYS B 298 -41.52 39.67 14.76
N GLY B 299 -40.89 38.88 15.63
CA GLY B 299 -39.47 38.56 15.56
C GLY B 299 -38.98 37.88 14.29
N ILE B 300 -39.64 36.80 13.89
CA ILE B 300 -39.24 36.09 12.69
C ILE B 300 -39.37 37.04 11.51
N GLN B 301 -40.57 37.63 11.39
CA GLN B 301 -40.91 38.60 10.35
C GLN B 301 -39.92 39.73 10.24
N ARG B 302 -39.46 40.22 11.39
CA ARG B 302 -38.59 41.39 11.39
C ARG B 302 -37.16 41.01 10.99
N ALA B 303 -36.79 39.76 11.27
CA ALA B 303 -35.48 39.27 10.88
C ALA B 303 -35.47 39.04 9.37
N ARG B 304 -36.55 38.46 8.85
CA ARG B 304 -36.66 38.20 7.42
C ARG B 304 -36.79 39.47 6.57
N GLU B 305 -37.50 40.45 7.11
CA GLU B 305 -37.63 41.74 6.42
C GLU B 305 -36.27 42.42 6.36
N LEU B 306 -35.49 42.31 7.44
CA LEU B 306 -34.13 42.80 7.45
C LEU B 306 -33.23 42.02 6.46
N ALA B 307 -33.40 40.70 6.39
CA ALA B 307 -32.68 39.92 5.38
C ALA B 307 -33.00 40.40 3.94
N MET B 308 -34.29 40.58 3.65
CA MET B 308 -34.71 41.03 2.30
C MET B 308 -34.15 42.41 1.95
N GLU B 309 -34.22 43.32 2.91
CA GLU B 309 -33.59 44.62 2.77
C GLU B 309 -32.13 44.44 2.34
N HIS B 310 -31.35 43.65 3.08
CA HIS B 310 -29.98 43.32 2.68
C HIS B 310 -29.82 42.66 1.31
N ALA B 311 -30.68 41.70 0.97
CA ALA B 311 -30.59 41.00 -0.31
C ALA B 311 -30.93 41.92 -1.49
N ASN B 312 -31.93 42.79 -1.31
CA ASN B 312 -32.26 43.83 -2.29
C ASN B 312 -31.06 44.73 -2.54
N LEU B 313 -30.35 45.08 -1.48
CA LEU B 313 -29.18 45.94 -1.62
C LEU B 313 -28.08 45.25 -2.40
N ALA B 314 -27.96 43.93 -2.20
CA ALA B 314 -27.00 43.15 -2.97
C ALA B 314 -27.35 43.20 -4.46
N ALA B 315 -28.63 42.99 -4.78
CA ALA B 315 -29.07 43.03 -6.19
C ALA B 315 -28.93 44.43 -6.82
N ALA B 316 -29.13 45.49 -6.01
CA ALA B 316 -28.82 46.85 -6.45
C ALA B 316 -27.36 46.96 -6.87
N ALA B 317 -26.44 46.47 -6.05
CA ALA B 317 -25.02 46.48 -6.38
C ALA B 317 -24.69 45.91 -7.77
N ILE B 318 -25.29 44.76 -8.10
CA ILE B 318 -25.12 44.16 -9.42
C ILE B 318 -25.76 45.06 -10.49
N GLY B 319 -26.95 45.59 -10.17
CA GLY B 319 -27.63 46.53 -11.05
C GLY B 319 -26.76 47.73 -11.40
N SER B 320 -26.04 48.25 -10.42
CA SER B 320 -25.17 49.40 -10.62
C SER B 320 -23.85 49.08 -11.34
N LEU B 321 -23.64 47.83 -11.74
CA LEU B 321 -22.38 47.47 -12.42
C LEU B 321 -22.32 48.10 -13.81
N PRO B 322 -21.12 48.44 -14.29
CA PRO B 322 -21.03 49.14 -15.57
C PRO B 322 -21.67 48.33 -16.68
N GLU B 323 -22.38 49.02 -17.58
CA GLU B 323 -23.11 48.35 -18.67
C GLU B 323 -22.17 47.52 -19.54
N THR B 324 -22.65 46.37 -19.99
CA THR B 324 -21.88 45.47 -20.83
C THR B 324 -22.68 45.07 -22.08
N ASP B 325 -22.02 44.40 -23.01
CA ASP B 325 -22.68 43.80 -24.16
C ASP B 325 -22.44 42.31 -24.19
N ASN B 326 -21.57 41.84 -23.31
CA ASN B 326 -21.21 40.43 -23.28
C ASN B 326 -22.28 39.54 -22.64
N GLU B 327 -22.65 38.49 -23.38
CA GLU B 327 -23.73 37.58 -23.03
C GLU B 327 -23.39 36.72 -21.80
N ASP B 328 -22.20 36.16 -21.75
CA ASP B 328 -21.75 35.44 -20.54
C ASP B 328 -21.79 36.32 -19.30
N VAL B 329 -21.21 37.51 -19.41
CA VAL B 329 -21.22 38.51 -18.33
C VAL B 329 -22.64 38.79 -17.82
N LYS B 330 -23.58 39.05 -18.74
CA LYS B 330 -24.97 39.35 -18.37
C LYS B 330 -25.69 38.13 -17.79
N ARG B 331 -25.28 36.94 -18.19
CA ARG B 331 -25.83 35.69 -17.65
C ARG B 331 -25.43 35.54 -16.16
N SER B 332 -24.17 35.86 -15.87
CA SER B 332 -23.65 35.82 -14.51
C SER B 332 -24.32 36.80 -13.57
N ARG B 333 -24.58 38.00 -14.08
CA ARG B 333 -25.17 39.08 -13.28
C ARG B 333 -26.61 38.72 -12.92
N ARG B 334 -27.29 38.06 -13.84
CA ARG B 334 -28.64 37.57 -13.60
C ARG B 334 -28.62 36.50 -12.54
N ALA B 335 -27.62 35.62 -12.60
CA ALA B 335 -27.41 34.59 -11.60
C ALA B 335 -27.15 35.18 -10.21
N LEU B 336 -26.23 36.12 -10.12
CA LEU B 336 -25.95 36.80 -8.88
C LEU B 336 -27.22 37.38 -8.25
N ILE B 337 -28.05 38.01 -9.08
CA ILE B 337 -29.33 38.60 -8.67
C ILE B 337 -30.32 37.52 -8.26
N ASP B 338 -30.35 36.44 -9.02
CA ASP B 338 -31.12 35.24 -8.66
C ASP B 338 -30.73 34.72 -7.25
N LEU B 339 -29.43 34.67 -6.97
CA LEU B 339 -28.95 34.22 -5.68
C LEU B 339 -29.49 35.05 -4.53
N THR B 340 -29.69 36.34 -4.78
CA THR B 340 -30.24 37.26 -3.77
C THR B 340 -31.71 36.98 -3.51
N HIS B 341 -32.36 36.17 -4.36
CA HIS B 341 -33.76 35.79 -4.15
C HIS B 341 -33.83 34.43 -3.47
N ARG B 342 -33.13 33.46 -4.03
CA ARG B 342 -32.99 32.14 -3.44
C ARG B 342 -32.47 32.10 -1.98
N VAL B 343 -31.63 33.05 -1.60
CA VAL B 343 -31.09 33.10 -0.24
C VAL B 343 -32.20 33.36 0.80
N ILE B 344 -33.26 34.02 0.37
CA ILE B 344 -34.36 34.42 1.23
C ILE B 344 -35.34 33.26 1.40
N THR B 345 -35.62 32.56 0.30
CA THR B 345 -36.66 31.54 0.21
C THR B 345 -36.15 30.14 0.54
N ARG B 346 -34.87 30.05 0.92
CA ARG B 346 -34.24 28.79 1.36
C ARG B 346 -35.10 28.01 2.34
N ASN B 347 -35.31 26.73 2.04
CA ASN B 347 -36.04 25.80 2.88
C ASN B 347 -35.05 24.77 3.40
N LYS B 348 -33.81 24.90 2.92
CA LYS B 348 -32.67 24.07 3.33
C LYS B 348 -31.50 24.98 3.68
N GLU C 6 46.76 29.60 0.37
CA GLU C 6 46.63 29.53 -1.12
C GLU C 6 47.13 28.19 -1.69
N GLU C 7 46.22 27.22 -1.75
CA GLU C 7 46.57 25.82 -2.05
C GLU C 7 46.39 25.40 -3.49
N LEU C 8 46.89 24.21 -3.78
CA LEU C 8 46.62 23.54 -5.04
C LEU C 8 45.25 22.88 -4.96
N ASP C 9 44.61 22.81 -6.13
CA ASP C 9 43.26 22.28 -6.31
C ASP C 9 43.15 20.81 -5.83
N PRO C 10 42.08 20.47 -5.07
CA PRO C 10 41.93 19.14 -4.46
C PRO C 10 42.10 18.00 -5.43
N PHE C 11 41.72 18.22 -6.69
CA PHE C 11 41.90 17.25 -7.75
C PHE C 11 43.38 17.12 -8.17
N SER C 12 44.10 18.25 -8.17
CA SER C 12 45.52 18.27 -8.53
C SER C 12 46.39 17.62 -7.46
N LEU C 13 45.99 17.80 -6.21
CA LEU C 13 46.71 17.27 -5.06
C LEU C 13 46.87 15.76 -5.18
N VAL C 14 45.93 15.13 -5.88
CA VAL C 14 45.80 13.68 -5.92
C VAL C 14 45.93 13.09 -7.35
N ALA C 15 46.15 13.96 -8.33
CA ALA C 15 46.13 13.59 -9.76
C ALA C 15 47.24 12.62 -10.19
N ASP C 16 48.46 12.89 -9.74
CA ASP C 16 49.59 12.02 -10.03
C ASP C 16 49.33 10.59 -9.55
N GLU C 17 48.82 10.48 -8.33
CA GLU C 17 48.52 9.20 -7.72
C GLU C 17 47.30 8.49 -8.34
N LEU C 18 46.35 9.27 -8.85
CA LEU C 18 45.21 8.73 -9.58
C LEU C 18 45.63 8.01 -10.86
N SER C 19 46.71 8.47 -11.46
CA SER C 19 47.24 7.92 -12.70
C SER C 19 47.84 6.53 -12.47
N LEU C 20 48.43 6.36 -11.28
CA LEU C 20 48.89 5.06 -10.81
C LEU C 20 47.73 4.10 -10.64
N LEU C 21 46.69 4.54 -9.93
CA LEU C 21 45.48 3.74 -9.72
C LEU C 21 44.87 3.20 -11.01
N SER C 22 44.88 4.04 -12.04
CA SER C 22 44.34 3.71 -13.35
C SER C 22 45.16 2.63 -14.04
N ASN C 23 46.49 2.76 -13.95
CA ASN C 23 47.42 1.75 -14.46
C ASN C 23 47.24 0.41 -13.76
N LYS C 24 47.12 0.46 -12.44
CA LYS C 24 46.92 -0.73 -11.63
C LYS C 24 45.58 -1.40 -11.99
N LEU C 25 44.55 -0.58 -12.13
CA LEU C 25 43.22 -1.06 -12.53
C LEU C 25 43.27 -1.85 -13.84
N ARG C 26 44.15 -1.45 -14.75
CA ARG C 26 44.26 -2.14 -16.03
C ARG C 26 44.87 -3.53 -15.90
N GLU C 27 45.88 -3.67 -15.03
CA GLU C 27 46.40 -4.99 -14.70
C GLU C 27 45.34 -5.90 -14.08
N MET C 28 44.55 -5.36 -13.14
CA MET C 28 43.65 -6.17 -12.29
C MET C 28 42.46 -6.77 -13.02
N VAL C 29 42.06 -6.10 -14.09
CA VAL C 29 40.84 -6.40 -14.82
C VAL C 29 41.13 -7.35 -15.98
N LEU C 30 42.41 -7.62 -16.24
CA LEU C 30 42.81 -8.48 -17.35
C LEU C 30 42.24 -9.88 -17.21
N ALA C 31 41.62 -10.36 -18.29
CA ALA C 31 40.98 -11.67 -18.33
C ALA C 31 41.72 -12.50 -19.34
N GLU C 32 41.57 -13.82 -19.27
CA GLU C 32 42.27 -14.74 -20.18
C GLU C 32 41.61 -14.85 -21.56
N VAL C 33 40.29 -14.64 -21.60
CA VAL C 33 39.55 -14.72 -22.85
C VAL C 33 39.42 -13.33 -23.45
N PRO C 34 39.89 -13.16 -24.69
CA PRO C 34 39.89 -11.88 -25.43
C PRO C 34 38.56 -11.10 -25.42
N LYS C 35 37.44 -11.80 -25.59
CA LYS C 35 36.11 -11.16 -25.56
C LYS C 35 35.80 -10.60 -24.18
N LEU C 36 36.08 -11.40 -23.13
CA LEU C 36 35.89 -10.95 -21.76
C LEU C 36 36.88 -9.85 -21.40
N ALA C 37 38.10 -9.96 -21.92
CA ALA C 37 39.14 -8.98 -21.66
C ALA C 37 38.78 -7.60 -22.23
N SER C 38 38.31 -7.59 -23.47
CA SER C 38 37.81 -6.39 -24.13
C SER C 38 36.69 -5.73 -23.34
N ALA C 39 35.75 -6.54 -22.87
CA ALA C 39 34.58 -6.02 -22.15
C ALA C 39 34.94 -5.49 -20.77
N ALA C 40 35.69 -6.28 -20.02
CA ALA C 40 36.10 -5.91 -18.67
C ALA C 40 36.98 -4.65 -18.66
N GLU C 41 37.77 -4.51 -19.72
CA GLU C 41 38.73 -3.41 -19.84
C GLU C 41 38.17 -2.21 -20.63
N TYR C 42 36.96 -2.32 -21.14
CA TYR C 42 36.39 -1.30 -22.01
C TYR C 42 36.42 0.06 -21.34
N PHE C 43 35.73 0.18 -20.21
CA PHE C 43 35.94 1.32 -19.34
C PHE C 43 37.33 1.05 -18.73
N PHE C 44 37.86 1.87 -17.84
CA PHE C 44 39.31 1.73 -17.47
C PHE C 44 40.37 2.14 -18.53
N LYS C 45 40.04 2.20 -19.83
CA LYS C 45 41.04 2.69 -20.81
C LYS C 45 41.25 4.18 -20.64
N ARG C 46 42.46 4.64 -20.93
CA ARG C 46 42.77 6.07 -20.88
C ARG C 46 41.76 6.84 -21.74
N GLY C 47 41.10 7.81 -21.14
CA GLY C 47 40.10 8.61 -21.84
C GLY C 47 38.70 8.09 -21.65
N VAL C 48 38.55 6.93 -21.02
CA VAL C 48 37.22 6.38 -20.72
C VAL C 48 37.07 5.83 -19.29
N GLN C 49 37.95 6.24 -18.39
CA GLN C 49 37.89 5.81 -17.00
C GLN C 49 36.89 6.67 -16.24
N GLY C 50 36.47 7.76 -16.84
CA GLY C 50 35.52 8.67 -16.23
C GLY C 50 36.18 9.56 -15.20
N LYS C 51 35.33 10.29 -14.47
CA LYS C 51 35.79 11.16 -13.42
C LYS C 51 36.01 10.24 -12.24
N GLN C 52 37.19 10.32 -11.66
CA GLN C 52 37.53 9.36 -10.65
C GLN C 52 37.24 9.99 -9.28
N PHE C 53 36.03 10.51 -9.14
CA PHE C 53 35.60 11.21 -7.92
C PHE C 53 35.64 10.33 -6.65
N ARG C 54 35.25 9.06 -6.78
CA ARG C 54 35.34 8.13 -5.67
C ARG C 54 36.81 7.90 -5.23
N SER C 55 37.68 7.60 -6.19
CA SER C 55 39.11 7.40 -5.91
C SER C 55 39.76 8.61 -5.30
N THR C 56 39.41 9.80 -5.79
CA THR C 56 39.93 11.08 -5.34
C THR C 56 39.58 11.31 -3.88
N ILE C 57 38.31 11.10 -3.56
CA ILE C 57 37.81 11.24 -2.20
C ILE C 57 38.55 10.27 -1.28
N LEU C 58 38.74 9.03 -1.76
CA LEU C 58 39.41 7.99 -0.99
C LEU C 58 40.88 8.29 -0.73
N LEU C 59 41.57 8.79 -1.75
CA LEU C 59 42.98 9.12 -1.63
C LEU C 59 43.23 10.27 -0.66
N LEU C 60 42.40 11.31 -0.73
CA LEU C 60 42.48 12.44 0.20
C LEU C 60 42.12 12.00 1.62
N MET C 61 41.15 11.09 1.73
CA MET C 61 40.73 10.48 2.99
C MET C 61 41.89 9.73 3.66
N ALA C 62 42.59 8.90 2.88
CA ALA C 62 43.75 8.16 3.35
C ALA C 62 44.79 9.06 4.02
N THR C 63 45.07 10.21 3.41
CA THR C 63 46.03 11.17 3.97
C THR C 63 45.44 11.96 5.14
N ALA C 64 44.13 12.16 5.13
CA ALA C 64 43.49 12.91 6.22
C ALA C 64 43.50 12.09 7.50
N LEU C 65 43.61 10.79 7.34
CA LEU C 65 43.63 9.91 8.47
C LEU C 65 45.06 9.56 8.87
N ASP C 66 46.09 10.03 8.19
CA ASP C 66 47.44 9.66 8.68
C ASP C 66 47.72 10.11 10.12
N VAL C 67 48.52 9.34 10.83
CA VAL C 67 49.12 9.77 12.10
C VAL C 67 50.60 9.43 12.06
N SER C 83 54.94 2.53 1.36
CA SER C 83 54.18 2.45 2.60
C SER C 83 53.08 1.42 2.47
N GLU C 84 53.14 0.39 3.33
CA GLU C 84 52.20 -0.71 3.22
C GLU C 84 50.75 -0.32 3.51
N LEU C 85 50.55 0.64 4.40
CA LEU C 85 49.19 1.10 4.66
C LEU C 85 48.62 1.75 3.41
N ARG C 86 49.43 2.61 2.78
CA ARG C 86 48.98 3.39 1.63
C ARG C 86 48.57 2.48 0.48
N VAL C 87 49.36 1.43 0.26
CA VAL C 87 49.06 0.42 -0.78
C VAL C 87 47.69 -0.22 -0.55
N ARG C 88 47.43 -0.61 0.69
CA ARG C 88 46.13 -1.19 1.07
C ARG C 88 44.96 -0.20 0.95
N GLN C 89 45.23 1.08 1.21
CA GLN C 89 44.21 2.11 1.08
C GLN C 89 43.90 2.35 -0.40
N ARG C 90 44.95 2.40 -1.22
CA ARG C 90 44.80 2.45 -2.68
C ARG C 90 43.99 1.29 -3.20
N GLY C 91 44.24 0.10 -2.65
CA GLY C 91 43.48 -1.11 -2.98
C GLY C 91 41.98 -0.95 -2.82
N ILE C 92 41.55 -0.28 -1.76
CA ILE C 92 40.14 0.04 -1.60
C ILE C 92 39.61 0.91 -2.76
N ALA C 93 40.38 1.94 -3.12
CA ALA C 93 40.05 2.81 -4.23
C ALA C 93 39.84 2.01 -5.50
N GLU C 94 40.71 1.03 -5.75
CA GLU C 94 40.63 0.19 -6.95
C GLU C 94 39.38 -0.69 -6.93
N ILE C 95 39.15 -1.37 -5.80
CA ILE C 95 37.96 -2.18 -5.54
C ILE C 95 36.67 -1.37 -5.76
N THR C 96 36.64 -0.16 -5.25
CA THR C 96 35.48 0.71 -5.38
C THR C 96 35.20 1.03 -6.86
N GLU C 97 36.23 1.32 -7.62
CA GLU C 97 36.08 1.57 -9.04
C GLU C 97 35.56 0.35 -9.79
N MET C 98 36.14 -0.83 -9.53
CA MET C 98 35.66 -2.03 -10.19
C MET C 98 34.18 -2.26 -9.87
N ILE C 99 33.78 -2.03 -8.62
CA ILE C 99 32.37 -2.22 -8.24
C ILE C 99 31.48 -1.22 -9.00
N HIS C 100 31.99 0.00 -9.11
CA HIS C 100 31.32 1.08 -9.78
C HIS C 100 31.10 0.79 -11.26
N VAL C 101 32.19 0.49 -11.98
CA VAL C 101 32.10 0.12 -13.39
C VAL C 101 31.17 -1.07 -13.60
N ALA C 102 31.19 -2.07 -12.73
CA ALA C 102 30.31 -3.23 -12.86
C ALA C 102 28.85 -2.83 -12.74
N SER C 103 28.56 -1.97 -11.76
CA SER C 103 27.32 -1.20 -11.70
C SER C 103 26.84 -0.68 -13.07
N LEU C 104 27.73 0.00 -13.77
CA LEU C 104 27.36 0.72 -14.97
C LEU C 104 27.05 -0.23 -16.12
N LEU C 105 27.78 -1.34 -16.15
CA LEU C 105 27.57 -2.35 -17.16
C LEU C 105 26.18 -2.93 -17.05
N HIS C 106 25.77 -3.27 -15.83
CA HIS C 106 24.43 -3.78 -15.58
C HIS C 106 23.34 -2.68 -15.76
N ASP C 107 23.61 -1.45 -15.33
CA ASP C 107 22.62 -0.40 -15.46
C ASP C 107 22.30 -0.10 -16.92
N ASP C 108 23.31 -0.14 -17.78
CA ASP C 108 23.14 0.11 -19.20
C ASP C 108 22.32 -0.94 -19.90
N VAL C 109 22.33 -2.16 -19.37
CA VAL C 109 21.47 -3.22 -19.92
C VAL C 109 20.06 -2.91 -19.41
N LEU C 110 19.91 -2.69 -18.11
CA LEU C 110 18.66 -2.10 -17.64
C LEU C 110 18.65 -0.76 -18.39
N ASP C 111 17.53 -0.08 -18.59
CA ASP C 111 17.71 1.26 -19.17
C ASP C 111 18.14 1.35 -20.64
N ASP C 112 18.25 0.23 -21.34
CA ASP C 112 18.77 0.24 -22.73
C ASP C 112 19.45 1.55 -23.10
N ALA C 113 20.77 1.61 -22.99
CA ALA C 113 21.52 2.81 -23.30
C ALA C 113 22.21 2.74 -24.68
N ASP C 114 22.79 3.86 -25.10
CA ASP C 114 23.53 3.94 -26.36
C ASP C 114 24.93 4.49 -26.15
N THR C 115 25.09 5.35 -25.15
CA THR C 115 26.39 5.93 -24.84
C THR C 115 26.64 5.94 -23.37
N ARG C 116 27.91 5.80 -23.01
CA ARG C 116 28.37 5.93 -21.64
C ARG C 116 29.69 6.64 -21.73
N ARG C 117 29.91 7.58 -20.80
CA ARG C 117 31.11 8.40 -20.84
C ARG C 117 31.23 8.96 -22.27
N GLY C 118 32.38 8.88 -22.92
CA GLY C 118 32.48 9.60 -24.21
C GLY C 118 32.17 8.78 -25.46
N VAL C 119 31.56 7.60 -25.25
CA VAL C 119 31.64 6.50 -26.20
C VAL C 119 30.37 5.63 -26.20
N GLY C 120 30.29 4.67 -27.12
CA GLY C 120 29.21 3.68 -27.13
C GLY C 120 29.14 2.83 -25.87
N SER C 121 27.92 2.62 -25.38
CA SER C 121 27.74 1.80 -24.20
C SER C 121 27.97 0.34 -24.56
N LEU C 122 28.34 -0.47 -23.57
CA LEU C 122 28.79 -1.83 -23.83
C LEU C 122 27.69 -2.75 -24.35
N ASN C 123 26.45 -2.51 -23.92
CA ASN C 123 25.29 -3.29 -24.35
C ASN C 123 25.02 -3.15 -25.85
N VAL C 124 25.37 -1.99 -26.41
CA VAL C 124 25.28 -1.81 -27.85
C VAL C 124 26.54 -2.33 -28.57
N VAL C 125 27.71 -2.04 -28.01
CA VAL C 125 28.99 -2.36 -28.67
C VAL C 125 29.28 -3.86 -28.63
N MET C 126 29.08 -4.48 -27.47
CA MET C 126 29.36 -5.91 -27.31
C MET C 126 28.15 -6.77 -27.00
N GLY C 127 27.05 -6.16 -26.57
CA GLY C 127 25.82 -6.89 -26.33
C GLY C 127 25.42 -6.92 -24.88
N ASN C 128 24.18 -7.33 -24.63
CA ASN C 128 23.67 -7.42 -23.26
C ASN C 128 24.42 -8.46 -22.40
N LYS C 129 24.61 -9.65 -22.94
CA LYS C 129 25.22 -10.72 -22.22
C LYS C 129 26.69 -10.47 -21.84
N MET C 130 27.52 -10.05 -22.80
CA MET C 130 28.89 -9.66 -22.45
C MET C 130 28.90 -8.58 -21.39
N SER C 131 27.96 -7.64 -21.46
CA SER C 131 27.87 -6.56 -20.48
C SER C 131 27.62 -7.17 -19.11
N VAL C 132 26.67 -8.09 -19.07
CA VAL C 132 26.26 -8.69 -17.81
C VAL C 132 27.38 -9.59 -17.27
N LEU C 133 28.06 -10.30 -18.18
CA LEU C 133 29.16 -11.17 -17.78
C LEU C 133 30.37 -10.36 -17.31
N ALA C 134 30.67 -9.28 -18.04
CA ALA C 134 31.76 -8.39 -17.66
C ALA C 134 31.55 -7.84 -16.27
N GLY C 135 30.31 -7.49 -15.93
CA GLY C 135 29.97 -6.93 -14.62
C GLY C 135 30.25 -7.92 -13.49
N ASP C 136 29.86 -9.17 -13.72
CA ASP C 136 30.06 -10.25 -12.75
C ASP C 136 31.55 -10.54 -12.58
N PHE C 137 32.26 -10.55 -13.69
CA PHE C 137 33.70 -10.69 -13.70
C PHE C 137 34.36 -9.60 -12.83
N LEU C 138 33.98 -8.35 -13.05
CA LEU C 138 34.53 -7.23 -12.28
C LEU C 138 34.19 -7.33 -10.82
N LEU C 139 32.99 -7.84 -10.52
CA LEU C 139 32.54 -7.99 -9.14
C LEU C 139 33.34 -9.10 -8.44
N SER C 140 33.64 -10.16 -9.18
CA SER C 140 34.42 -11.26 -8.68
C SER C 140 35.86 -10.85 -8.42
N ARG C 141 36.48 -10.12 -9.35
CA ARG C 141 37.82 -9.59 -9.12
C ARG C 141 37.84 -8.63 -7.95
N ALA C 142 36.73 -7.92 -7.71
CA ALA C 142 36.63 -7.02 -6.57
C ALA C 142 36.60 -7.78 -5.25
N CYS C 143 35.88 -8.91 -5.23
CA CYS C 143 35.85 -9.77 -4.05
C CYS C 143 37.23 -10.39 -3.78
N GLY C 144 37.87 -10.90 -4.83
CA GLY C 144 39.23 -11.42 -4.78
C GLY C 144 40.22 -10.46 -4.16
N ALA C 145 40.26 -9.24 -4.68
CA ALA C 145 41.08 -8.17 -4.12
C ALA C 145 40.79 -7.90 -2.63
N LEU C 146 39.51 -7.93 -2.26
CA LEU C 146 39.09 -7.70 -0.86
C LEU C 146 39.60 -8.81 0.08
N ALA C 147 39.54 -10.05 -0.40
CA ALA C 147 39.97 -11.19 0.37
C ALA C 147 41.48 -11.14 0.56
N ALA C 148 42.19 -10.70 -0.47
CA ALA C 148 43.64 -10.65 -0.46
C ALA C 148 44.15 -9.61 0.56
N LEU C 149 43.29 -8.65 0.91
CA LEU C 149 43.58 -7.68 1.97
C LEU C 149 43.43 -8.26 3.36
N LYS C 150 42.85 -9.46 3.46
CA LYS C 150 42.79 -10.24 4.73
C LYS C 150 42.18 -9.47 5.92
N ASN C 151 41.25 -8.58 5.62
CA ASN C 151 40.54 -7.85 6.65
C ASN C 151 39.04 -8.06 6.58
N THR C 152 38.48 -8.78 7.54
CA THR C 152 37.12 -9.25 7.49
C THR C 152 36.10 -8.11 7.63
N GLU C 153 36.45 -7.06 8.37
CA GLU C 153 35.51 -5.95 8.52
C GLU C 153 35.38 -5.22 7.19
N VAL C 154 36.52 -5.04 6.53
CA VAL C 154 36.61 -4.39 5.25
C VAL C 154 35.86 -5.17 4.18
N VAL C 155 36.03 -6.49 4.17
CA VAL C 155 35.20 -7.32 3.27
C VAL C 155 33.71 -7.01 3.48
N ALA C 156 33.26 -7.06 4.74
CA ALA C 156 31.88 -6.82 5.11
C ALA C 156 31.33 -5.44 4.70
N LEU C 157 32.15 -4.40 4.80
CA LEU C 157 31.71 -3.05 4.48
C LEU C 157 31.43 -2.88 2.96
N LEU C 158 32.31 -3.44 2.14
CA LEU C 158 32.14 -3.44 0.69
C LEU C 158 31.11 -4.43 0.16
N ALA C 159 30.96 -5.57 0.85
CA ALA C 159 29.88 -6.49 0.49
C ALA C 159 28.54 -5.82 0.79
N THR C 160 28.53 -4.91 1.77
CA THR C 160 27.33 -4.16 2.12
C THR C 160 26.95 -3.18 0.99
N ALA C 161 27.94 -2.40 0.55
CA ALA C 161 27.77 -1.51 -0.59
C ALA C 161 27.18 -2.25 -1.78
N VAL C 162 27.74 -3.41 -2.11
CA VAL C 162 27.22 -4.17 -3.23
C VAL C 162 25.73 -4.44 -3.02
N GLU C 163 25.36 -4.95 -1.84
CA GLU C 163 23.95 -5.22 -1.53
C GLU C 163 23.09 -3.94 -1.72
N HIS C 164 23.63 -2.81 -1.29
CA HIS C 164 22.96 -1.54 -1.33
C HIS C 164 22.78 -1.01 -2.77
N LEU C 165 23.79 -1.20 -3.62
CA LEU C 165 23.63 -0.87 -5.00
C LEU C 165 22.41 -1.56 -5.59
N VAL C 166 22.27 -2.86 -5.34
CA VAL C 166 21.20 -3.65 -5.94
C VAL C 166 19.87 -3.17 -5.39
N THR C 167 19.86 -2.81 -4.12
CA THR C 167 18.66 -2.35 -3.42
C THR C 167 18.22 -0.98 -3.99
N GLY C 168 19.18 -0.10 -4.26
CA GLY C 168 18.94 1.22 -4.83
C GLY C 168 18.30 1.14 -6.20
N GLU C 169 18.89 0.29 -7.04
CA GLU C 169 18.45 0.06 -8.42
C GLU C 169 17.06 -0.54 -8.43
N THR C 170 16.80 -1.44 -7.51
CA THR C 170 15.51 -2.12 -7.42
C THR C 170 14.45 -1.15 -6.90
N MET C 171 14.81 -0.25 -5.98
CA MET C 171 13.86 0.73 -5.42
C MET C 171 13.32 1.72 -6.47
N GLU C 172 14.18 2.05 -7.43
CA GLU C 172 13.85 2.98 -8.51
C GLU C 172 12.77 2.35 -9.38
N ILE C 173 12.96 1.07 -9.67
CA ILE C 173 12.07 0.25 -10.51
C ILE C 173 10.90 -0.31 -9.74
N THR C 174 10.99 -0.34 -8.41
CA THR C 174 10.10 -1.20 -7.63
C THR C 174 9.15 -0.44 -6.73
N SER C 175 9.37 0.86 -6.60
CA SER C 175 8.49 1.70 -5.81
C SER C 175 7.02 1.39 -6.08
N SER C 176 6.26 1.32 -4.98
CA SER C 176 4.81 1.33 -5.07
C SER C 176 4.50 2.71 -5.63
N THR C 177 3.46 2.81 -6.46
CA THR C 177 3.03 4.10 -6.99
C THR C 177 3.01 5.18 -5.89
N ALA C 178 2.33 4.87 -4.79
CA ALA C 178 2.16 5.80 -3.67
C ALA C 178 3.48 6.31 -3.06
N ALA C 179 4.52 5.46 -3.07
CA ALA C 179 5.81 5.78 -2.46
C ALA C 179 6.84 6.36 -3.43
N ARG C 180 6.57 6.28 -4.73
CA ARG C 180 7.45 6.92 -5.72
C ARG C 180 7.43 8.43 -5.53
N TYR C 181 6.44 8.96 -4.82
CA TYR C 181 6.37 10.39 -4.63
C TYR C 181 6.71 10.92 -3.24
N SER C 182 7.35 10.11 -2.40
CA SER C 182 7.77 10.63 -1.11
C SER C 182 9.28 10.91 -1.05
N MET C 183 9.63 12.03 -0.43
CA MET C 183 11.04 12.41 -0.28
C MET C 183 11.86 11.48 0.62
N ASP C 184 11.21 10.89 1.63
CA ASP C 184 11.91 9.92 2.49
C ASP C 184 12.35 8.69 1.70
N TYR C 185 11.49 8.25 0.80
CA TYR C 185 11.78 7.14 -0.08
C TYR C 185 12.88 7.53 -1.05
N TYR C 186 12.76 8.72 -1.63
CA TYR C 186 13.76 9.22 -2.57
C TYR C 186 15.14 9.33 -1.94
N MET C 187 15.21 9.79 -0.70
CA MET C 187 16.47 9.84 0.06
C MET C 187 17.03 8.47 0.44
N GLN C 188 16.15 7.50 0.72
CA GLN C 188 16.57 6.14 0.96
C GLN C 188 17.27 5.55 -0.28
N LYS C 189 16.61 5.66 -1.42
CA LYS C 189 17.11 5.14 -2.69
C LYS C 189 18.44 5.79 -3.06
N THR C 190 18.57 7.08 -2.78
CA THR C 190 19.77 7.80 -3.14
C THR C 190 20.93 7.28 -2.29
N TYR C 191 20.68 7.08 -1.01
CA TYR C 191 21.72 6.48 -0.18
C TYR C 191 22.16 5.12 -0.71
N TYR C 192 21.20 4.21 -0.86
CA TYR C 192 21.52 2.87 -1.34
C TYR C 192 22.23 2.89 -2.68
N LYS C 193 21.65 3.61 -3.64
CA LYS C 193 22.16 3.64 -5.01
C LYS C 193 23.46 4.41 -5.21
N THR C 194 23.69 5.46 -4.42
CA THR C 194 24.80 6.35 -4.71
C THR C 194 25.75 6.57 -3.55
N ALA C 195 25.21 6.99 -2.40
CA ALA C 195 26.04 7.37 -1.26
C ALA C 195 26.72 6.19 -0.57
N SER C 196 26.06 5.03 -0.59
CA SER C 196 26.47 3.90 0.24
C SER C 196 27.84 3.39 -0.16
N LEU C 197 28.11 3.33 -1.46
CA LEU C 197 29.40 2.88 -1.96
C LEU C 197 30.49 3.81 -1.49
N ILE C 198 30.18 5.10 -1.42
CA ILE C 198 31.15 6.12 -1.00
C ILE C 198 31.37 6.11 0.50
N SER C 199 30.28 6.06 1.26
CA SER C 199 30.34 6.03 2.71
C SER C 199 31.09 4.77 3.20
N ASN C 200 30.72 3.60 2.68
CA ASN C 200 31.38 2.36 3.07
C ASN C 200 32.85 2.21 2.68
N SER C 201 33.23 2.67 1.50
CA SER C 201 34.63 2.63 1.09
C SER C 201 35.47 3.60 1.92
N CYS C 202 34.92 4.77 2.22
CA CYS C 202 35.55 5.74 3.13
C CYS C 202 35.77 5.11 4.51
N LYS C 203 34.73 4.44 5.02
CA LYS C 203 34.80 3.76 6.29
C LYS C 203 35.88 2.66 6.26
N ALA C 204 36.00 1.98 5.12
CA ALA C 204 37.00 0.95 4.91
C ALA C 204 38.43 1.50 4.99
N VAL C 205 38.63 2.70 4.45
CA VAL C 205 39.95 3.32 4.44
C VAL C 205 40.41 3.55 5.87
N ALA C 206 39.47 4.01 6.70
CA ALA C 206 39.70 4.32 8.12
C ALA C 206 39.95 3.07 8.98
N VAL C 207 39.19 2.01 8.72
CA VAL C 207 39.31 0.73 9.41
C VAL C 207 40.70 0.10 9.20
N LEU C 208 41.20 0.17 7.96
CA LEU C 208 42.58 -0.25 7.62
C LEU C 208 43.63 0.38 8.54
N THR C 209 43.46 1.66 8.85
CA THR C 209 44.46 2.45 9.61
C THR C 209 44.50 2.16 11.10
N GLY C 210 43.55 1.38 11.59
CA GLY C 210 43.53 1.01 13.01
C GLY C 210 43.18 2.17 13.94
N GLN C 211 42.43 3.10 13.39
CA GLN C 211 41.96 4.24 14.14
C GLN C 211 40.80 3.80 15.05
N THR C 212 40.32 4.69 15.91
CA THR C 212 39.14 4.40 16.75
C THR C 212 37.86 4.17 15.91
N ALA C 213 36.85 3.60 16.57
CA ALA C 213 35.53 3.42 15.96
C ALA C 213 34.88 4.75 15.54
N GLU C 214 34.97 5.76 16.40
CA GLU C 214 34.47 7.11 16.12
C GLU C 214 35.03 7.75 14.86
N VAL C 215 36.34 7.63 14.66
CA VAL C 215 37.01 8.14 13.48
C VAL C 215 36.47 7.45 12.24
N ALA C 216 36.20 6.15 12.37
CA ALA C 216 35.63 5.38 11.28
C ALA C 216 34.23 5.93 10.92
N VAL C 217 33.41 6.29 11.93
CA VAL C 217 32.09 6.84 11.64
C VAL C 217 32.17 8.23 11.03
N LEU C 218 33.19 8.99 11.43
CA LEU C 218 33.42 10.31 10.86
C LEU C 218 33.70 10.19 9.36
N ALA C 219 34.57 9.26 9.00
CA ALA C 219 34.89 8.98 7.59
C ALA C 219 33.66 8.52 6.83
N PHE C 220 32.91 7.60 7.45
CA PHE C 220 31.65 7.10 6.91
C PHE C 220 30.71 8.28 6.61
N GLU C 221 30.58 9.18 7.58
CA GLU C 221 29.64 10.29 7.51
C GLU C 221 30.06 11.33 6.49
N TYR C 222 31.36 11.55 6.35
CA TYR C 222 31.83 12.39 5.24
C TYR C 222 31.32 11.95 3.88
N GLY C 223 31.62 10.70 3.50
CA GLY C 223 31.21 10.13 2.23
C GLY C 223 29.71 10.05 2.04
N ARG C 224 28.98 9.77 3.12
CA ARG C 224 27.54 9.60 3.04
C ARG C 224 26.93 10.92 2.63
N ASN C 225 27.29 11.96 3.38
CA ASN C 225 26.78 13.28 3.15
C ASN C 225 27.33 13.98 1.92
N LEU C 226 28.60 13.74 1.56
CA LEU C 226 29.12 14.35 0.33
C LEU C 226 28.40 13.71 -0.85
N GLY C 227 28.29 12.38 -0.83
CA GLY C 227 27.51 11.64 -1.83
C GLY C 227 26.09 12.14 -2.03
N LEU C 228 25.35 12.34 -0.94
CA LEU C 228 23.99 12.82 -1.03
C LEU C 228 23.91 14.24 -1.58
N ALA C 229 24.83 15.11 -1.15
CA ALA C 229 24.84 16.48 -1.62
C ALA C 229 25.08 16.55 -3.13
N PHE C 230 26.07 15.82 -3.61
CA PHE C 230 26.37 15.75 -5.02
C PHE C 230 25.16 15.33 -5.85
N GLN C 231 24.57 14.20 -5.49
CA GLN C 231 23.41 13.68 -6.20
C GLN C 231 22.25 14.70 -6.27
N LEU C 232 22.02 15.42 -5.17
CA LEU C 232 20.99 16.43 -5.11
C LEU C 232 21.31 17.62 -6.03
N ILE C 233 22.57 18.02 -6.08
CA ILE C 233 22.95 19.14 -6.94
C ILE C 233 22.85 18.73 -8.40
N ASP C 234 23.22 17.50 -8.71
CA ASP C 234 23.08 16.94 -10.06
C ASP C 234 21.65 16.98 -10.56
N ASP C 235 20.70 16.57 -9.71
CA ASP C 235 19.28 16.72 -10.01
C ASP C 235 18.91 18.14 -10.44
N ILE C 236 19.32 19.11 -9.62
CA ILE C 236 19.06 20.52 -9.85
C ILE C 236 19.72 21.00 -11.14
N LEU C 237 20.94 20.56 -11.38
CA LEU C 237 21.68 20.95 -12.59
C LEU C 237 21.04 20.39 -13.85
N ASP C 238 20.36 19.25 -13.71
CA ASP C 238 19.58 18.69 -14.81
C ASP C 238 18.48 19.66 -15.26
N PHE C 239 17.87 20.34 -14.30
CA PHE C 239 16.86 21.36 -14.56
C PHE C 239 17.45 22.73 -14.90
N THR C 240 18.33 23.24 -14.05
CA THR C 240 18.86 24.60 -14.20
C THR C 240 19.88 24.74 -15.30
N GLY C 241 20.64 23.68 -15.54
CA GLY C 241 21.77 23.73 -16.45
C GLY C 241 22.88 24.67 -16.00
N THR C 242 23.92 24.74 -16.83
CA THR C 242 25.17 25.43 -16.53
C THR C 242 25.03 26.92 -16.14
N SER C 243 24.02 27.60 -16.70
CA SER C 243 23.74 29.02 -16.42
C SER C 243 23.23 29.29 -15.00
N ALA C 244 22.60 28.28 -14.39
CA ALA C 244 21.89 28.38 -13.09
C ALA C 244 20.51 29.05 -13.25
N SER C 245 19.95 28.95 -14.46
CA SER C 245 18.60 29.41 -14.76
C SER C 245 17.80 28.20 -15.27
N LEU C 246 16.62 27.98 -14.69
CA LEU C 246 15.74 26.89 -15.10
C LEU C 246 15.46 26.98 -16.62
N GLY C 247 15.81 25.92 -17.34
CA GLY C 247 15.66 25.88 -18.79
C GLY C 247 16.93 25.41 -19.50
N LYS C 248 18.04 26.09 -19.23
CA LYS C 248 19.33 25.81 -19.89
C LYS C 248 19.69 24.33 -20.01
N GLY C 249 19.45 23.57 -18.94
CA GLY C 249 19.91 22.18 -18.84
C GLY C 249 19.17 21.17 -19.69
N SER C 250 19.84 20.04 -19.95
CA SER C 250 19.35 18.98 -20.81
C SER C 250 18.02 18.33 -20.40
N LEU C 251 17.64 18.45 -19.13
CA LEU C 251 16.35 17.90 -18.63
C LEU C 251 16.15 16.40 -18.93
N SER C 252 17.27 15.69 -19.07
CA SER C 252 17.27 14.27 -19.39
C SER C 252 16.64 13.32 -18.35
N ASP C 253 16.48 13.76 -17.10
CA ASP C 253 15.82 12.93 -16.06
C ASP C 253 14.30 12.93 -16.24
N ILE C 254 13.72 14.12 -16.31
CA ILE C 254 12.29 14.27 -16.50
C ILE C 254 11.83 13.68 -17.83
N ARG C 255 12.72 13.69 -18.83
CA ARG C 255 12.41 13.24 -20.19
C ARG C 255 12.17 11.75 -20.27
N HIS C 256 12.84 11.00 -19.39
CA HIS C 256 12.66 9.57 -19.32
C HIS C 256 11.72 9.23 -18.16
N GLY C 257 11.06 10.26 -17.62
CA GLY C 257 10.25 10.13 -16.43
C GLY C 257 10.97 9.48 -15.25
N VAL C 258 12.09 10.09 -14.84
CA VAL C 258 12.75 9.76 -13.58
C VAL C 258 12.49 10.94 -12.63
N ILE C 259 11.93 10.67 -11.46
CA ILE C 259 11.42 11.73 -10.60
C ILE C 259 12.45 12.09 -9.51
N THR C 260 12.97 13.31 -9.59
CA THR C 260 14.05 13.76 -8.73
C THR C 260 13.55 14.81 -7.71
N ALA C 261 14.31 15.01 -6.63
CA ALA C 261 13.91 15.92 -5.54
C ALA C 261 13.21 17.24 -5.91
N PRO C 262 13.77 18.01 -6.88
CA PRO C 262 13.08 19.27 -7.12
C PRO C 262 11.60 19.07 -7.47
N ILE C 263 11.32 18.15 -8.37
CA ILE C 263 9.95 17.76 -8.72
C ILE C 263 9.16 17.24 -7.51
N LEU C 264 9.82 16.41 -6.69
CA LEU C 264 9.18 15.80 -5.52
C LEU C 264 8.76 16.83 -4.48
N PHE C 265 9.53 17.90 -4.35
CA PHE C 265 9.14 19.03 -3.49
C PHE C 265 7.99 19.84 -4.09
N ALA C 266 7.99 19.98 -5.42
CA ALA C 266 6.93 20.69 -6.11
C ALA C 266 5.56 20.05 -5.90
N MET C 267 5.52 18.71 -5.86
CA MET C 267 4.29 17.94 -5.59
C MET C 267 3.80 18.14 -4.16
N GLU C 268 4.68 18.58 -3.27
CA GLU C 268 4.30 18.87 -1.89
C GLU C 268 3.48 20.14 -1.80
N GLU C 269 3.75 21.12 -2.66
CA GLU C 269 2.91 22.30 -2.76
C GLU C 269 1.79 22.17 -3.77
N PHE C 270 2.04 21.40 -4.84
CA PHE C 270 1.03 21.19 -5.89
C PHE C 270 0.70 19.71 -6.05
N PRO C 271 -0.22 19.20 -5.20
CA PRO C 271 -0.65 17.80 -5.17
C PRO C 271 -1.03 17.23 -6.53
N GLN C 272 -1.64 18.04 -7.39
CA GLN C 272 -2.07 17.58 -8.72
C GLN C 272 -0.92 17.09 -9.61
N LEU C 273 0.30 17.60 -9.37
CA LEU C 273 1.45 17.26 -10.21
C LEU C 273 1.77 15.75 -10.30
N ARG C 274 1.34 14.99 -9.30
CA ARG C 274 1.39 13.53 -9.38
C ARG C 274 0.74 13.12 -10.71
N GLU C 275 -0.52 13.51 -10.85
CA GLU C 275 -1.33 13.22 -12.02
C GLU C 275 -0.65 13.64 -13.33
N VAL C 276 -0.02 14.82 -13.34
CA VAL C 276 0.65 15.33 -14.54
C VAL C 276 1.84 14.46 -14.93
N VAL C 277 2.56 13.99 -13.90
CA VAL C 277 3.81 13.27 -14.06
C VAL C 277 3.62 11.80 -14.46
N ASP C 278 2.45 11.23 -14.15
CA ASP C 278 2.11 9.86 -14.54
C ASP C 278 1.87 9.82 -16.04
N GLN C 279 1.08 10.78 -16.52
CA GLN C 279 0.72 10.92 -17.93
C GLN C 279 1.90 11.36 -18.80
N VAL C 280 3.04 11.68 -18.19
CA VAL C 280 4.26 11.99 -18.95
C VAL C 280 4.79 10.73 -19.66
N ALA C 281 4.28 9.56 -19.25
CA ALA C 281 4.60 8.29 -19.90
C ALA C 281 3.88 8.21 -21.24
N ALA C 282 2.74 8.88 -21.33
CA ALA C 282 2.00 8.98 -22.59
C ALA C 282 2.45 10.21 -23.37
N ASP C 283 2.12 11.39 -22.85
CA ASP C 283 2.34 12.68 -23.54
C ASP C 283 3.65 13.35 -23.09
N PRO C 284 4.42 13.90 -24.06
CA PRO C 284 5.60 14.71 -23.67
C PRO C 284 5.37 16.24 -23.74
N ARG C 285 4.15 16.67 -24.08
CA ARG C 285 3.74 18.06 -23.84
C ARG C 285 3.94 18.38 -22.34
N ASN C 286 3.72 17.36 -21.52
CA ASN C 286 3.80 17.42 -20.05
C ASN C 286 5.19 17.72 -19.44
N VAL C 287 6.24 17.59 -20.25
CA VAL C 287 7.58 18.06 -19.85
C VAL C 287 7.53 19.56 -19.58
N ASP C 288 6.96 20.32 -20.52
CA ASP C 288 6.82 21.77 -20.40
C ASP C 288 5.91 22.14 -19.23
N ILE C 289 4.81 21.41 -19.07
CA ILE C 289 3.82 21.70 -18.02
C ILE C 289 4.44 21.49 -16.65
N ALA C 290 5.22 20.41 -16.52
CA ALA C 290 5.92 20.11 -15.30
C ALA C 290 6.85 21.26 -14.90
N LEU C 291 7.62 21.75 -15.88
CA LEU C 291 8.52 22.88 -15.65
C LEU C 291 7.79 24.10 -15.16
N GLU C 292 6.64 24.35 -15.77
CA GLU C 292 5.75 25.45 -15.38
C GLU C 292 5.38 25.31 -13.90
N TYR C 293 5.08 24.08 -13.48
CA TYR C 293 4.78 23.76 -12.08
C TYR C 293 5.98 23.93 -11.16
N LEU C 294 7.14 23.46 -11.62
CA LEU C 294 8.37 23.55 -10.85
C LEU C 294 8.82 24.99 -10.71
N GLY C 295 8.69 25.77 -11.79
CA GLY C 295 8.98 27.19 -11.79
C GLY C 295 8.21 27.96 -10.75
N LYS C 296 6.93 27.61 -10.59
CA LYS C 296 6.05 28.28 -9.63
C LYS C 296 6.28 27.74 -8.23
N SER C 297 6.96 26.60 -8.15
CA SER C 297 7.25 25.98 -6.87
C SER C 297 8.58 26.47 -6.31
N LYS C 298 8.83 26.14 -5.04
CA LYS C 298 10.09 26.40 -4.38
C LYS C 298 10.96 25.10 -4.36
N GLY C 299 10.63 24.17 -5.26
CA GLY C 299 11.23 22.85 -5.29
C GLY C 299 12.73 22.79 -5.58
N ILE C 300 13.21 23.71 -6.42
CA ILE C 300 14.64 23.83 -6.69
C ILE C 300 15.37 24.35 -5.46
N GLN C 301 14.76 25.32 -4.79
CA GLN C 301 15.34 25.95 -3.62
C GLN C 301 15.35 24.99 -2.43
N ARG C 302 14.27 24.23 -2.28
CA ARG C 302 14.18 23.25 -1.21
C ARG C 302 15.20 22.12 -1.41
N ALA C 303 15.47 21.76 -2.67
CA ALA C 303 16.49 20.74 -2.96
C ALA C 303 17.91 21.26 -2.71
N ARG C 304 18.14 22.52 -3.02
CA ARG C 304 19.42 23.18 -2.78
C ARG C 304 19.72 23.32 -1.28
N GLU C 305 18.68 23.63 -0.49
CA GLU C 305 18.79 23.67 0.97
C GLU C 305 19.15 22.30 1.55
N LEU C 306 18.50 21.25 1.06
CA LEU C 306 18.78 19.89 1.50
C LEU C 306 20.19 19.43 1.10
N ALA C 307 20.64 19.81 -0.09
CA ALA C 307 22.02 19.55 -0.51
C ALA C 307 23.00 20.21 0.45
N MET C 308 22.71 21.45 0.87
CA MET C 308 23.59 22.23 1.72
C MET C 308 23.76 21.65 3.13
N GLU C 309 22.65 21.27 3.74
CA GLU C 309 22.64 20.56 5.01
C GLU C 309 23.54 19.33 4.98
N HIS C 310 23.57 18.64 3.84
CA HIS C 310 24.43 17.48 3.70
C HIS C 310 25.89 17.88 3.51
N ALA C 311 26.14 18.90 2.68
CA ALA C 311 27.48 19.44 2.50
C ALA C 311 28.09 19.83 3.86
N ASN C 312 27.27 20.45 4.70
CA ASN C 312 27.63 20.92 6.02
C ASN C 312 28.05 19.83 6.99
N LEU C 313 27.28 18.73 7.01
CA LEU C 313 27.58 17.56 7.84
C LEU C 313 28.87 16.93 7.39
N ALA C 314 29.12 16.95 6.10
CA ALA C 314 30.36 16.40 5.58
C ALA C 314 31.54 17.24 6.06
N ALA C 315 31.47 18.56 5.90
CA ALA C 315 32.51 19.46 6.39
C ALA C 315 32.78 19.31 7.91
N ALA C 316 31.70 19.16 8.68
CA ALA C 316 31.77 19.02 10.12
C ALA C 316 32.55 17.76 10.52
N ALA C 317 32.33 16.67 9.79
CA ALA C 317 33.00 15.40 10.07
C ALA C 317 34.52 15.51 9.91
N ILE C 318 34.97 16.15 8.84
CA ILE C 318 36.41 16.44 8.69
C ILE C 318 36.91 17.31 9.84
N GLY C 319 36.14 18.35 10.17
CA GLY C 319 36.49 19.25 11.27
C GLY C 319 36.56 18.56 12.63
N SER C 320 35.79 17.50 12.80
CA SER C 320 35.79 16.72 14.02
C SER C 320 36.92 15.68 14.11
N LEU C 321 37.82 15.67 13.13
CA LEU C 321 38.91 14.68 13.14
C LEU C 321 39.95 14.96 14.26
N PRO C 322 40.62 13.90 14.77
CA PRO C 322 41.67 14.04 15.80
C PRO C 322 42.73 15.05 15.38
N GLU C 323 43.14 15.95 16.28
CA GLU C 323 44.04 17.03 15.89
C GLU C 323 45.42 16.50 15.48
N THR C 324 45.94 17.05 14.39
CA THR C 324 47.26 16.66 13.88
C THR C 324 48.20 17.86 13.82
N ASP C 325 49.50 17.58 13.83
CA ASP C 325 50.53 18.62 13.72
C ASP C 325 51.33 18.48 12.42
N ASN C 326 50.82 17.63 11.53
CA ASN C 326 51.43 17.33 10.24
C ASN C 326 50.76 18.11 9.12
N GLU C 327 51.58 18.91 8.42
CA GLU C 327 51.10 19.84 7.39
C GLU C 327 50.46 19.17 6.16
N ASP C 328 50.88 17.96 5.85
CA ASP C 328 50.34 17.20 4.72
C ASP C 328 48.94 16.66 5.04
N VAL C 329 48.78 16.15 6.26
CA VAL C 329 47.48 15.68 6.76
C VAL C 329 46.51 16.87 6.85
N LYS C 330 47.01 18.01 7.30
CA LYS C 330 46.22 19.25 7.33
C LYS C 330 45.78 19.70 5.92
N ARG C 331 46.67 19.58 4.94
CA ARG C 331 46.37 19.94 3.55
C ARG C 331 45.24 19.09 2.96
N SER C 332 45.27 17.78 3.25
CA SER C 332 44.25 16.86 2.76
C SER C 332 42.90 17.12 3.43
N ARG C 333 42.93 17.50 4.71
CA ARG C 333 41.69 17.84 5.41
C ARG C 333 41.09 19.13 4.82
N ARG C 334 41.93 20.09 4.47
CA ARG C 334 41.46 21.29 3.78
C ARG C 334 40.81 20.93 2.44
N ALA C 335 41.41 20.00 1.71
CA ALA C 335 40.89 19.59 0.41
C ALA C 335 39.47 19.01 0.53
N LEU C 336 39.27 18.11 1.49
CA LEU C 336 37.98 17.46 1.70
C LEU C 336 36.89 18.46 2.13
N ILE C 337 37.28 19.42 2.95
CA ILE C 337 36.35 20.48 3.33
C ILE C 337 36.02 21.33 2.10
N ASP C 338 37.05 21.69 1.32
CA ASP C 338 36.87 22.41 0.05
C ASP C 338 35.88 21.70 -0.90
N LEU C 339 36.03 20.38 -1.05
CA LEU C 339 35.10 19.60 -1.88
C LEU C 339 33.65 19.77 -1.42
N THR C 340 33.50 20.01 -0.12
CA THR C 340 32.21 20.23 0.51
C THR C 340 31.54 21.51 0.00
N HIS C 341 32.35 22.49 -0.39
CA HIS C 341 31.86 23.77 -0.86
C HIS C 341 31.58 23.69 -2.37
N ARG C 342 32.48 23.02 -3.09
CA ARG C 342 32.39 22.88 -4.54
C ARG C 342 31.21 22.03 -4.98
N VAL C 343 30.85 21.02 -4.19
CA VAL C 343 29.72 20.16 -4.52
C VAL C 343 28.43 20.97 -4.71
N ILE C 344 28.35 22.12 -4.04
CA ILE C 344 27.19 22.98 -4.03
C ILE C 344 27.38 24.05 -5.09
N THR C 345 28.63 24.47 -5.21
CA THR C 345 29.09 25.62 -5.95
C THR C 345 29.20 25.36 -7.45
N ARG C 346 29.67 24.15 -7.82
CA ARG C 346 29.89 23.79 -9.22
C ARG C 346 28.66 24.07 -10.10
N ASN C 347 28.86 23.99 -11.41
CA ASN C 347 27.75 24.10 -12.36
C ASN C 347 28.01 23.33 -13.65
N LEU D 8 -0.50 11.82 -39.14
CA LEU D 8 -0.82 13.11 -38.47
C LEU D 8 -2.32 13.27 -38.26
N ASP D 9 -3.10 13.20 -39.34
CA ASP D 9 -4.53 13.58 -39.28
C ASP D 9 -5.52 12.44 -38.99
N PRO D 10 -5.52 11.35 -39.80
CA PRO D 10 -6.43 10.24 -39.50
C PRO D 10 -6.35 9.73 -38.05
N PHE D 11 -5.19 9.88 -37.42
CA PHE D 11 -5.03 9.54 -36.01
C PHE D 11 -5.69 10.55 -35.08
N SER D 12 -5.60 11.83 -35.43
CA SER D 12 -6.21 12.91 -34.66
C SER D 12 -7.73 12.92 -34.73
N LEU D 13 -8.27 12.27 -35.76
CA LEU D 13 -9.71 12.20 -35.97
C LEU D 13 -10.41 11.29 -34.96
N VAL D 14 -9.71 10.27 -34.48
CA VAL D 14 -10.27 9.28 -33.56
C VAL D 14 -9.41 9.10 -32.29
N ALA D 15 -8.61 10.13 -31.99
CA ALA D 15 -7.64 10.06 -30.88
C ALA D 15 -8.28 9.92 -29.50
N ASP D 16 -9.44 10.55 -29.32
CA ASP D 16 -10.19 10.49 -28.07
C ASP D 16 -10.61 9.08 -27.68
N GLU D 17 -11.10 8.32 -28.66
CA GLU D 17 -11.53 6.95 -28.44
C GLU D 17 -10.36 5.98 -28.36
N LEU D 18 -9.32 6.22 -29.16
CA LEU D 18 -8.08 5.43 -29.08
C LEU D 18 -7.52 5.51 -27.69
N SER D 19 -7.65 6.70 -27.09
CA SER D 19 -7.19 6.95 -25.74
C SER D 19 -7.99 6.12 -24.73
N LEU D 20 -9.31 6.11 -24.91
CA LEU D 20 -10.20 5.25 -24.12
C LEU D 20 -9.83 3.75 -24.25
N LEU D 21 -9.72 3.28 -25.49
CA LEU D 21 -9.26 1.92 -25.76
C LEU D 21 -8.00 1.54 -25.00
N SER D 22 -7.08 2.48 -24.84
CA SER D 22 -5.90 2.23 -24.00
C SER D 22 -6.24 2.23 -22.51
N ASN D 23 -7.49 1.91 -22.17
CA ASN D 23 -7.84 1.43 -20.82
C ASN D 23 -7.27 0.02 -20.62
N LYS D 24 -7.31 -0.77 -21.70
CA LYS D 24 -6.81 -2.15 -21.74
C LYS D 24 -5.52 -2.32 -20.95
N LEU D 25 -4.85 -1.19 -20.69
CA LEU D 25 -3.73 -1.13 -19.76
C LEU D 25 -4.19 -1.50 -18.35
N ARG D 26 -5.34 -0.95 -17.95
CA ARG D 26 -6.04 -1.37 -16.75
C ARG D 26 -6.18 -2.87 -16.67
N GLU D 27 -6.71 -3.50 -17.72
CA GLU D 27 -6.97 -4.94 -17.70
C GLU D 27 -5.71 -5.78 -17.49
N MET D 28 -4.67 -5.57 -18.30
CA MET D 28 -3.45 -6.39 -18.18
C MET D 28 -2.53 -5.87 -17.07
N VAL D 29 -2.75 -4.64 -16.59
CA VAL D 29 -2.00 -4.14 -15.41
C VAL D 29 -2.69 -4.64 -14.14
N LEU D 30 -3.98 -4.32 -14.02
CA LEU D 30 -4.88 -4.87 -13.01
C LEU D 30 -4.70 -6.37 -12.84
N ALA D 31 -5.50 -6.99 -11.97
CA ALA D 31 -5.37 -8.43 -11.73
C ALA D 31 -5.49 -9.26 -12.99
N GLU D 32 -4.41 -9.14 -13.73
CA GLU D 32 -3.62 -10.20 -14.23
C GLU D 32 -2.26 -9.53 -14.27
N VAL D 33 -1.79 -8.83 -13.23
CA VAL D 33 -0.32 -8.83 -13.06
C VAL D 33 0.08 -9.34 -11.67
N PRO D 34 -0.62 -8.87 -10.60
CA PRO D 34 -0.45 -9.47 -9.27
C PRO D 34 -0.51 -10.99 -9.34
N LYS D 35 -1.10 -11.54 -10.40
CA LYS D 35 -1.00 -12.95 -10.72
C LYS D 35 0.39 -13.26 -11.27
N LEU D 36 1.42 -12.93 -10.47
CA LEU D 36 2.80 -13.37 -10.68
C LEU D 36 3.30 -14.21 -9.49
N ALA D 37 2.37 -14.46 -8.56
CA ALA D 37 2.50 -15.56 -7.65
C ALA D 37 2.58 -16.81 -8.54
N SER D 38 2.04 -16.66 -9.75
CA SER D 38 2.23 -17.61 -10.85
C SER D 38 3.70 -17.93 -11.14
N ALA D 39 4.58 -16.93 -11.11
CA ALA D 39 6.03 -17.18 -11.30
C ALA D 39 6.70 -17.69 -10.02
N ALA D 40 6.18 -17.25 -8.88
CA ALA D 40 6.56 -17.77 -7.58
C ALA D 40 6.21 -19.25 -7.49
N GLU D 41 5.16 -19.65 -8.23
CA GLU D 41 4.68 -21.04 -8.28
C GLU D 41 5.66 -21.99 -8.98
N TYR D 42 6.29 -21.54 -10.07
CA TYR D 42 7.22 -22.38 -10.85
C TYR D 42 8.52 -22.66 -10.08
N PHE D 43 8.51 -22.24 -8.81
CA PHE D 43 9.45 -22.65 -7.77
C PHE D 43 9.06 -21.90 -6.47
N PHE D 44 8.33 -22.51 -5.53
CA PHE D 44 7.89 -23.94 -5.47
C PHE D 44 7.20 -24.52 -6.71
N LYS D 45 7.96 -25.22 -7.58
CA LYS D 45 7.43 -25.76 -8.85
C LYS D 45 6.02 -26.36 -8.79
N LYS D 51 17.27 -31.67 -7.39
CA LYS D 51 17.98 -32.86 -6.88
C LYS D 51 19.13 -32.50 -5.94
N GLN D 52 19.10 -31.27 -5.40
CA GLN D 52 20.11 -30.78 -4.45
C GLN D 52 21.46 -31.51 -4.56
N PHE D 53 22.03 -31.56 -5.77
CA PHE D 53 23.25 -32.33 -6.01
C PHE D 53 24.54 -31.67 -5.48
N ARG D 54 24.56 -30.34 -5.53
CA ARG D 54 25.68 -29.53 -5.07
C ARG D 54 25.67 -29.47 -3.56
N SER D 55 24.48 -29.24 -3.01
CA SER D 55 24.27 -29.11 -1.58
C SER D 55 24.59 -30.41 -0.84
N THR D 56 24.08 -31.51 -1.37
CA THR D 56 24.42 -32.83 -0.87
C THR D 56 25.94 -33.03 -0.77
N ILE D 57 26.68 -32.85 -1.86
CA ILE D 57 28.14 -33.02 -1.83
C ILE D 57 28.82 -32.25 -0.69
N LEU D 58 28.39 -31.01 -0.46
CA LEU D 58 29.04 -30.10 0.45
C LEU D 58 28.74 -30.42 1.91
N LEU D 59 27.52 -30.90 2.15
CA LEU D 59 27.07 -31.29 3.47
C LEU D 59 27.69 -32.63 3.89
N LEU D 60 27.81 -33.55 2.94
CA LEU D 60 28.55 -34.78 3.17
C LEU D 60 30.01 -34.45 3.42
N MET D 61 30.57 -33.54 2.62
CA MET D 61 31.97 -33.15 2.76
C MET D 61 32.26 -32.52 4.12
N ALA D 62 31.28 -31.82 4.67
CA ALA D 62 31.39 -31.25 6.02
C ALA D 62 31.65 -32.33 7.09
N THR D 63 30.85 -33.40 7.09
CA THR D 63 31.02 -34.48 8.04
C THR D 63 32.23 -35.34 7.72
N ALA D 64 32.51 -35.53 6.43
CA ALA D 64 33.61 -36.37 5.94
C ALA D 64 35.01 -35.86 6.27
N LEU D 65 35.09 -34.69 6.90
CA LEU D 65 36.35 -34.12 7.35
C LEU D 65 36.34 -33.92 8.88
N ASP D 66 37.30 -33.18 9.42
CA ASP D 66 37.50 -33.07 10.89
C ASP D 66 38.27 -34.29 11.35
N SER D 83 28.71 -27.36 15.83
CA SER D 83 27.38 -26.82 15.60
C SER D 83 27.41 -25.33 15.25
N GLU D 84 28.33 -24.59 15.86
CA GLU D 84 28.74 -23.26 15.38
C GLU D 84 29.40 -23.38 13.99
N LEU D 85 30.21 -24.42 13.81
CA LEU D 85 30.87 -24.73 12.55
C LEU D 85 29.90 -25.25 11.48
N ARG D 86 28.99 -26.14 11.89
CA ARG D 86 28.00 -26.73 10.98
C ARG D 86 27.00 -25.74 10.36
N VAL D 87 26.72 -24.65 11.07
CA VAL D 87 25.90 -23.55 10.54
C VAL D 87 26.66 -22.84 9.40
N ARG D 88 27.95 -22.60 9.64
CA ARG D 88 28.82 -21.92 8.68
C ARG D 88 29.21 -22.80 7.51
N GLN D 89 29.27 -24.11 7.76
CA GLN D 89 29.51 -25.10 6.73
C GLN D 89 28.27 -25.14 5.83
N ARG D 90 27.10 -25.16 6.47
CA ARG D 90 25.83 -25.10 5.77
C ARG D 90 25.64 -23.82 4.96
N GLY D 91 26.23 -22.71 5.44
CA GLY D 91 26.17 -21.42 4.75
C GLY D 91 26.81 -21.46 3.38
N ILE D 92 27.94 -22.17 3.29
CA ILE D 92 28.61 -22.40 2.01
C ILE D 92 27.70 -23.05 0.97
N ALA D 93 26.93 -24.05 1.39
CA ALA D 93 25.96 -24.68 0.50
C ALA D 93 24.91 -23.66 0.01
N GLU D 94 24.44 -22.83 0.94
CA GLU D 94 23.53 -21.73 0.64
C GLU D 94 24.15 -20.84 -0.45
N ILE D 95 25.37 -20.36 -0.20
CA ILE D 95 26.09 -19.45 -1.08
C ILE D 95 26.30 -20.05 -2.47
N THR D 96 26.78 -21.28 -2.51
CA THR D 96 26.95 -22.01 -3.76
C THR D 96 25.65 -22.11 -4.53
N GLU D 97 24.53 -22.34 -3.86
CA GLU D 97 23.27 -22.45 -4.57
C GLU D 97 22.85 -21.09 -5.12
N MET D 98 23.03 -20.04 -4.34
CA MET D 98 22.87 -18.69 -4.76
C MET D 98 23.71 -18.31 -6.00
N ILE D 99 24.99 -18.67 -6.00
CA ILE D 99 25.89 -18.37 -7.13
C ILE D 99 25.49 -19.17 -8.35
N HIS D 100 24.99 -20.37 -8.09
CA HIS D 100 24.62 -21.26 -9.17
C HIS D 100 23.45 -20.68 -9.96
N VAL D 101 22.40 -20.31 -9.22
CA VAL D 101 21.16 -19.84 -9.77
C VAL D 101 21.38 -18.47 -10.45
N ALA D 102 22.23 -17.64 -9.84
CA ALA D 102 22.64 -16.39 -10.41
C ALA D 102 23.29 -16.61 -11.79
N SER D 103 24.03 -17.71 -11.91
CA SER D 103 24.64 -18.13 -13.18
C SER D 103 23.60 -18.46 -14.25
N LEU D 104 22.58 -19.23 -13.87
CA LEU D 104 21.49 -19.63 -14.76
C LEU D 104 20.73 -18.41 -15.27
N LEU D 105 20.55 -17.42 -14.39
CA LEU D 105 19.84 -16.22 -14.72
C LEU D 105 20.60 -15.31 -15.69
N HIS D 106 21.90 -15.17 -15.46
CA HIS D 106 22.75 -14.33 -16.30
C HIS D 106 23.15 -14.99 -17.65
N ASP D 107 23.23 -16.32 -17.70
CA ASP D 107 23.44 -17.03 -18.97
C ASP D 107 22.18 -16.98 -19.87
N ASP D 108 21.04 -16.65 -19.28
CA ASP D 108 19.80 -16.54 -20.01
C ASP D 108 19.63 -15.21 -20.74
N VAL D 109 20.52 -14.26 -20.47
CA VAL D 109 20.43 -12.93 -21.05
C VAL D 109 20.57 -12.96 -22.57
N LEU D 110 19.60 -12.38 -23.24
CA LEU D 110 19.51 -12.45 -24.69
C LEU D 110 19.93 -11.18 -25.39
N ASP D 111 20.66 -11.37 -26.46
CA ASP D 111 20.88 -10.36 -27.47
C ASP D 111 19.73 -10.54 -28.46
N ASP D 112 19.50 -9.53 -29.29
CA ASP D 112 18.61 -9.66 -30.46
C ASP D 112 18.85 -10.99 -31.20
N ALA D 113 20.12 -11.38 -31.33
CA ALA D 113 20.48 -12.61 -32.03
C ALA D 113 20.33 -13.85 -31.14
N LEU D 122 8.30 -8.81 -27.18
CA LEU D 122 7.58 -8.63 -25.92
C LEU D 122 7.88 -9.74 -24.90
N ASN D 123 7.39 -9.53 -23.67
CA ASN D 123 7.53 -10.45 -22.56
C ASN D 123 8.99 -10.75 -22.23
N VAL D 124 9.58 -11.75 -22.89
CA VAL D 124 11.01 -12.02 -22.70
C VAL D 124 11.85 -10.93 -23.37
N VAL D 125 11.19 -9.98 -24.00
CA VAL D 125 11.83 -8.75 -24.43
C VAL D 125 12.62 -8.23 -23.23
N MET D 126 11.90 -7.97 -22.13
CA MET D 126 12.46 -7.72 -20.80
C MET D 126 12.29 -9.02 -20.01
N GLY D 127 12.01 -8.98 -18.72
CA GLY D 127 12.10 -10.22 -17.96
C GLY D 127 13.52 -10.74 -18.21
N ASN D 128 14.24 -9.96 -19.00
CA ASN D 128 15.62 -10.14 -19.40
C ASN D 128 16.35 -9.10 -18.55
N LYS D 129 15.69 -7.97 -18.36
CA LYS D 129 16.05 -7.04 -17.32
C LYS D 129 15.74 -7.70 -15.97
N MET D 130 14.76 -8.60 -16.01
CA MET D 130 14.31 -9.30 -14.83
C MET D 130 15.35 -10.33 -14.40
N SER D 131 15.95 -10.99 -15.39
CA SER D 131 16.97 -11.96 -15.14
C SER D 131 18.26 -11.29 -14.68
N VAL D 132 18.59 -10.15 -15.30
CA VAL D 132 19.80 -9.40 -14.91
C VAL D 132 19.69 -9.02 -13.45
N LEU D 133 18.51 -8.53 -13.09
CA LEU D 133 18.27 -8.00 -11.76
C LEU D 133 18.23 -9.05 -10.66
N ALA D 134 17.62 -10.19 -10.95
CA ALA D 134 17.45 -11.27 -9.98
C ALA D 134 18.77 -12.00 -9.81
N GLY D 135 19.52 -12.12 -10.91
CA GLY D 135 20.88 -12.61 -10.85
C GLY D 135 21.70 -11.75 -9.91
N ASP D 136 21.63 -10.43 -10.10
CA ASP D 136 22.38 -9.49 -9.25
C ASP D 136 21.95 -9.52 -7.78
N PHE D 137 20.66 -9.72 -7.54
CA PHE D 137 20.13 -9.83 -6.20
C PHE D 137 20.73 -11.06 -5.52
N LEU D 138 20.87 -12.16 -6.26
CA LEU D 138 21.46 -13.39 -5.74
C LEU D 138 22.97 -13.29 -5.56
N LEU D 139 23.66 -12.64 -6.49
CA LEU D 139 25.09 -12.39 -6.35
C LEU D 139 25.41 -11.46 -5.17
N SER D 140 24.58 -10.44 -4.97
CA SER D 140 24.82 -9.50 -3.87
C SER D 140 24.63 -10.19 -2.50
N ARG D 141 23.62 -11.07 -2.43
CA ARG D 141 23.33 -11.88 -1.25
C ARG D 141 24.44 -12.91 -0.95
N ALA D 142 25.07 -13.43 -2.01
CA ALA D 142 26.24 -14.32 -1.87
C ALA D 142 27.42 -13.57 -1.26
N CYS D 143 27.69 -12.36 -1.75
CA CYS D 143 28.67 -11.44 -1.14
C CYS D 143 28.45 -11.21 0.35
N GLY D 144 27.22 -10.82 0.73
CA GLY D 144 26.88 -10.55 2.12
C GLY D 144 27.06 -11.76 3.05
N ALA D 145 26.78 -12.95 2.50
CA ALA D 145 26.86 -14.18 3.22
C ALA D 145 28.32 -14.61 3.34
N LEU D 146 29.06 -14.51 2.24
CA LEU D 146 30.52 -14.70 2.27
C LEU D 146 31.17 -13.80 3.32
N ALA D 147 30.89 -12.49 3.25
CA ALA D 147 31.41 -11.53 4.21
C ALA D 147 31.09 -11.90 5.69
N ALA D 148 29.93 -12.49 5.93
CA ALA D 148 29.42 -12.78 7.27
C ALA D 148 30.10 -14.04 7.85
N LEU D 149 30.64 -14.86 6.97
CA LEU D 149 31.48 -15.98 7.34
C LEU D 149 32.77 -15.52 8.06
N LYS D 150 33.17 -14.26 7.85
CA LYS D 150 34.42 -13.74 8.42
C LYS D 150 35.63 -14.63 8.10
N ASN D 151 35.78 -15.01 6.83
CA ASN D 151 36.91 -15.78 6.39
C ASN D 151 37.32 -15.41 4.97
N THR D 152 38.36 -14.59 4.89
CA THR D 152 38.86 -14.08 3.63
C THR D 152 39.33 -15.17 2.66
N GLU D 153 39.79 -16.31 3.17
CA GLU D 153 40.23 -17.38 2.28
C GLU D 153 39.10 -18.06 1.51
N VAL D 154 37.91 -18.15 2.10
CA VAL D 154 36.77 -18.74 1.37
C VAL D 154 36.10 -17.74 0.42
N VAL D 155 36.10 -16.46 0.80
CA VAL D 155 35.72 -15.39 -0.11
C VAL D 155 36.52 -15.51 -1.41
N ALA D 156 37.85 -15.61 -1.27
CA ALA D 156 38.76 -15.78 -2.41
C ALA D 156 38.41 -16.98 -3.28
N LEU D 157 38.08 -18.09 -2.62
CA LEU D 157 37.68 -19.32 -3.30
C LEU D 157 36.41 -19.16 -4.12
N LEU D 158 35.39 -18.52 -3.55
CA LEU D 158 34.12 -18.37 -4.26
C LEU D 158 34.08 -17.28 -5.34
N ALA D 159 34.94 -16.28 -5.17
CA ALA D 159 35.14 -15.24 -6.15
C ALA D 159 35.81 -15.81 -7.41
N THR D 160 36.78 -16.70 -7.20
CA THR D 160 37.36 -17.51 -8.26
C THR D 160 36.29 -18.36 -8.94
N ALA D 161 35.41 -18.98 -8.16
CA ALA D 161 34.30 -19.73 -8.77
C ALA D 161 33.53 -18.84 -9.77
N VAL D 162 33.19 -17.62 -9.33
CA VAL D 162 32.35 -16.73 -10.09
C VAL D 162 33.02 -16.26 -11.38
N GLU D 163 34.32 -15.98 -11.32
CA GLU D 163 35.05 -15.57 -12.50
C GLU D 163 35.07 -16.69 -13.54
N HIS D 164 35.25 -17.91 -13.03
CA HIS D 164 35.35 -19.12 -13.84
C HIS D 164 34.04 -19.45 -14.50
N LEU D 165 32.94 -19.35 -13.75
CA LEU D 165 31.62 -19.51 -14.36
C LEU D 165 31.42 -18.57 -15.56
N VAL D 166 31.82 -17.32 -15.35
CA VAL D 166 31.82 -16.29 -16.35
C VAL D 166 32.76 -16.64 -17.52
N THR D 167 34.01 -16.90 -17.21
CA THR D 167 34.97 -17.29 -18.24
C THR D 167 34.49 -18.49 -19.07
N GLY D 168 33.80 -19.43 -18.43
CA GLY D 168 33.20 -20.59 -19.10
C GLY D 168 32.07 -20.20 -20.05
N GLU D 169 31.25 -19.24 -19.62
CA GLU D 169 30.13 -18.85 -20.42
C GLU D 169 30.57 -18.05 -21.66
N THR D 170 31.64 -17.26 -21.50
CA THR D 170 32.32 -16.55 -22.58
C THR D 170 32.96 -17.48 -23.62
N MET D 171 33.46 -18.62 -23.18
CA MET D 171 34.03 -19.62 -24.08
C MET D 171 32.95 -20.31 -24.91
N GLU D 172 31.80 -20.58 -24.30
CA GLU D 172 30.66 -21.18 -25.01
C GLU D 172 30.18 -20.23 -26.09
N ILE D 173 30.22 -18.95 -25.74
CA ILE D 173 29.82 -17.86 -26.60
C ILE D 173 30.83 -17.58 -27.72
N THR D 174 32.13 -17.62 -27.38
CA THR D 174 33.18 -17.25 -28.31
C THR D 174 33.34 -18.33 -29.36
N SER D 175 33.52 -17.91 -30.60
CA SER D 175 33.36 -18.83 -31.72
C SER D 175 34.58 -19.20 -32.53
N SER D 176 35.80 -19.11 -31.99
CA SER D 176 36.92 -19.68 -32.76
C SER D 176 36.45 -21.05 -33.25
N THR D 177 35.98 -21.13 -34.51
CA THR D 177 35.37 -22.38 -34.99
C THR D 177 36.32 -23.52 -34.66
N ALA D 178 37.59 -23.28 -34.95
CA ALA D 178 38.69 -24.19 -34.65
C ALA D 178 38.70 -24.68 -33.21
N ALA D 179 38.90 -23.75 -32.26
CA ALA D 179 38.95 -24.10 -30.84
C ALA D 179 37.75 -24.93 -30.44
N ARG D 180 36.57 -24.56 -30.93
CA ARG D 180 35.33 -25.30 -30.66
C ARG D 180 35.46 -26.82 -30.90
N TYR D 181 36.30 -27.21 -31.86
CA TYR D 181 36.54 -28.63 -32.15
C TYR D 181 37.67 -29.30 -31.36
N SER D 182 38.20 -28.60 -30.36
CA SER D 182 39.28 -29.09 -29.52
C SER D 182 38.77 -29.75 -28.22
N MET D 183 39.17 -30.99 -28.00
CA MET D 183 38.83 -31.66 -26.74
C MET D 183 39.50 -31.00 -25.54
N ASP D 184 40.69 -30.44 -25.74
CA ASP D 184 41.39 -29.72 -24.67
C ASP D 184 40.72 -28.43 -24.29
N TYR D 185 40.15 -27.75 -25.29
CA TYR D 185 39.35 -26.58 -25.11
C TYR D 185 38.03 -26.96 -24.49
N TYR D 186 37.40 -28.01 -25.02
CA TYR D 186 36.14 -28.50 -24.47
C TYR D 186 36.22 -28.78 -22.98
N MET D 187 37.34 -29.35 -22.54
CA MET D 187 37.49 -29.78 -21.15
C MET D 187 37.71 -28.61 -20.22
N GLN D 188 38.55 -27.68 -20.63
CA GLN D 188 38.73 -26.42 -19.91
C GLN D 188 37.44 -25.61 -19.74
N LYS D 189 36.64 -25.54 -20.80
CA LYS D 189 35.33 -24.88 -20.74
C LYS D 189 34.44 -25.59 -19.73
N THR D 190 34.27 -26.89 -19.91
CA THR D 190 33.53 -27.75 -18.99
C THR D 190 33.95 -27.57 -17.52
N TYR D 191 35.24 -27.52 -17.26
CA TYR D 191 35.71 -27.25 -15.90
C TYR D 191 35.18 -25.92 -15.35
N TYR D 192 35.28 -24.87 -16.16
CA TYR D 192 34.86 -23.52 -15.80
C TYR D 192 33.35 -23.41 -15.67
N LYS D 193 32.63 -24.16 -16.48
CA LYS D 193 31.18 -24.05 -16.52
C LYS D 193 30.51 -24.88 -15.45
N THR D 194 31.13 -26.00 -15.08
CA THR D 194 30.49 -26.96 -14.19
C THR D 194 31.32 -27.37 -12.98
N ALA D 195 32.58 -27.74 -13.21
CA ALA D 195 33.41 -28.34 -12.19
C ALA D 195 33.88 -27.33 -11.16
N SER D 196 34.13 -26.11 -11.60
CA SER D 196 34.79 -25.10 -10.77
C SER D 196 33.99 -24.69 -9.55
N LEU D 197 32.69 -24.60 -9.70
CA LEU D 197 31.85 -24.15 -8.61
C LEU D 197 31.80 -25.24 -7.54
N ILE D 198 31.56 -26.46 -7.96
CA ILE D 198 31.53 -27.55 -7.01
C ILE D 198 32.92 -27.86 -6.45
N SER D 199 33.98 -27.57 -7.21
CA SER D 199 35.33 -27.82 -6.71
C SER D 199 35.80 -26.82 -5.63
N ASN D 200 35.64 -25.52 -5.91
CA ASN D 200 36.01 -24.46 -4.94
C ASN D 200 35.10 -24.41 -3.72
N SER D 201 33.86 -24.83 -3.89
CA SER D 201 32.94 -25.03 -2.78
C SER D 201 33.50 -26.05 -1.80
N CYS D 202 33.87 -27.22 -2.31
CA CYS D 202 34.43 -28.30 -1.50
C CYS D 202 35.67 -27.83 -0.78
N LYS D 203 36.58 -27.18 -1.50
CA LYS D 203 37.76 -26.64 -0.86
C LYS D 203 37.42 -25.60 0.20
N ALA D 204 36.40 -24.78 -0.02
CA ALA D 204 35.97 -23.84 1.01
C ALA D 204 35.50 -24.55 2.29
N VAL D 205 34.92 -25.74 2.15
CA VAL D 205 34.47 -26.48 3.33
C VAL D 205 35.65 -26.92 4.22
N ALA D 206 36.65 -27.55 3.61
CA ALA D 206 37.91 -27.93 4.26
C ALA D 206 38.65 -26.75 4.88
N VAL D 207 38.55 -25.58 4.25
CA VAL D 207 39.24 -24.41 4.78
C VAL D 207 38.50 -23.89 6.02
N LEU D 208 37.18 -23.76 5.89
CA LEU D 208 36.35 -23.37 7.03
C LEU D 208 36.50 -24.33 8.22
N THR D 209 36.73 -25.61 7.93
CA THR D 209 36.90 -26.64 8.96
C THR D 209 38.28 -26.53 9.64
N GLY D 210 39.22 -25.89 8.98
CA GLY D 210 40.57 -25.68 9.52
C GLY D 210 41.50 -26.85 9.17
N GLN D 211 41.10 -27.63 8.19
CA GLN D 211 41.90 -28.77 7.74
C GLN D 211 43.25 -28.33 7.17
N THR D 212 44.09 -29.33 6.94
CA THR D 212 45.39 -29.12 6.33
C THR D 212 45.24 -28.65 4.91
N ALA D 213 46.21 -27.86 4.44
CA ALA D 213 46.35 -27.47 3.04
C ALA D 213 46.26 -28.68 2.11
N GLU D 214 46.84 -29.82 2.52
CA GLU D 214 46.84 -31.04 1.69
C GLU D 214 45.45 -31.69 1.56
N VAL D 215 44.70 -31.71 2.65
CA VAL D 215 43.33 -32.21 2.67
C VAL D 215 42.37 -31.30 1.88
N ALA D 216 42.66 -30.00 1.88
CA ALA D 216 41.89 -29.04 1.10
C ALA D 216 41.98 -29.29 -0.40
N VAL D 217 43.16 -29.65 -0.91
CA VAL D 217 43.28 -29.96 -2.33
C VAL D 217 42.63 -31.28 -2.65
N LEU D 218 42.55 -32.13 -1.65
CA LEU D 218 41.85 -33.40 -1.74
C LEU D 218 40.36 -33.16 -1.88
N ALA D 219 39.82 -32.21 -1.11
CA ALA D 219 38.43 -31.78 -1.25
C ALA D 219 38.19 -31.16 -2.64
N PHE D 220 39.09 -30.26 -3.02
CA PHE D 220 39.13 -29.65 -4.33
C PHE D 220 39.13 -30.69 -5.44
N GLU D 221 39.95 -31.72 -5.29
CA GLU D 221 40.08 -32.74 -6.34
C GLU D 221 38.80 -33.56 -6.50
N TYR D 222 38.13 -33.84 -5.39
CA TYR D 222 36.86 -34.53 -5.45
C TYR D 222 35.85 -33.73 -6.28
N GLY D 223 35.75 -32.43 -6.02
CA GLY D 223 34.78 -31.57 -6.70
C GLY D 223 35.09 -31.38 -8.17
N ARG D 224 36.38 -31.16 -8.46
CA ARG D 224 36.84 -30.96 -9.81
C ARG D 224 36.47 -32.17 -10.64
N ASN D 225 36.85 -33.34 -10.14
CA ASN D 225 36.72 -34.56 -10.92
C ASN D 225 35.28 -35.05 -11.08
N LEU D 226 34.51 -34.99 -9.98
CA LEU D 226 33.11 -35.37 -9.99
C LEU D 226 32.29 -34.45 -10.91
N GLY D 227 32.56 -33.15 -10.83
CA GLY D 227 32.01 -32.18 -11.75
C GLY D 227 32.29 -32.47 -13.22
N LEU D 228 33.53 -32.82 -13.54
CA LEU D 228 33.87 -33.19 -14.93
C LEU D 228 33.09 -34.39 -15.40
N ALA D 229 32.94 -35.40 -14.54
CA ALA D 229 32.22 -36.63 -14.86
C ALA D 229 30.74 -36.32 -15.07
N PHE D 230 30.19 -35.50 -14.17
CA PHE D 230 28.81 -35.04 -14.27
C PHE D 230 28.48 -34.44 -15.64
N GLN D 231 29.35 -33.55 -16.15
CA GLN D 231 29.09 -32.89 -17.42
C GLN D 231 29.21 -33.87 -18.58
N LEU D 232 30.19 -34.77 -18.51
CA LEU D 232 30.40 -35.74 -19.58
C LEU D 232 29.22 -36.69 -19.72
N ILE D 233 28.66 -37.12 -18.59
CA ILE D 233 27.50 -37.98 -18.58
C ILE D 233 26.29 -37.23 -19.14
N ASP D 234 26.20 -35.96 -18.80
CA ASP D 234 25.19 -35.07 -19.39
C ASP D 234 25.23 -35.04 -20.91
N ASP D 235 26.42 -34.82 -21.47
CA ASP D 235 26.54 -34.81 -22.93
C ASP D 235 26.24 -36.19 -23.51
N ILE D 236 26.50 -37.26 -22.78
CA ILE D 236 26.15 -38.57 -23.31
C ILE D 236 24.63 -38.73 -23.36
N LEU D 237 23.96 -38.38 -22.25
CA LEU D 237 22.52 -38.56 -22.12
C LEU D 237 21.73 -37.69 -23.11
N ASP D 238 22.32 -36.56 -23.51
CA ASP D 238 21.74 -35.74 -24.56
C ASP D 238 21.60 -36.52 -25.87
N PHE D 239 22.56 -37.39 -26.15
CA PHE D 239 22.53 -38.26 -27.32
C PHE D 239 21.76 -39.54 -27.09
N THR D 240 21.78 -40.04 -25.86
CA THR D 240 21.29 -41.41 -25.58
C THR D 240 19.91 -41.44 -24.93
N GLY D 241 19.66 -40.50 -24.02
CA GLY D 241 18.45 -40.51 -23.20
C GLY D 241 18.43 -41.61 -22.15
N THR D 242 17.28 -41.78 -21.51
CA THR D 242 17.08 -42.77 -20.45
C THR D 242 17.19 -44.22 -20.93
N SER D 243 16.74 -44.49 -22.16
CA SER D 243 16.76 -45.84 -22.74
C SER D 243 18.19 -46.30 -23.08
N ALA D 244 19.12 -45.34 -23.12
CA ALA D 244 20.56 -45.57 -23.36
C ALA D 244 20.96 -46.01 -24.79
N SER D 245 20.07 -45.85 -25.76
CA SER D 245 20.45 -46.04 -27.17
C SER D 245 20.57 -44.70 -27.90
N LEU D 246 21.37 -44.69 -28.98
CA LEU D 246 21.65 -43.50 -29.76
C LEU D 246 20.42 -42.94 -30.45
N GLY D 247 20.24 -41.62 -30.37
CA GLY D 247 19.13 -40.94 -31.03
C GLY D 247 17.95 -40.66 -30.12
N LYS D 248 17.77 -41.48 -29.08
CA LYS D 248 16.57 -41.40 -28.21
C LYS D 248 16.63 -40.30 -27.17
N GLY D 249 17.72 -39.53 -27.17
CA GLY D 249 17.82 -38.34 -26.33
C GLY D 249 17.21 -37.12 -27.01
N SER D 250 17.15 -36.02 -26.27
CA SER D 250 16.59 -34.76 -26.77
C SER D 250 17.38 -34.16 -27.93
N LEU D 251 18.66 -34.51 -27.99
CA LEU D 251 19.59 -34.07 -29.02
C LEU D 251 19.78 -32.55 -29.07
N SER D 252 19.48 -31.89 -27.96
CA SER D 252 19.53 -30.43 -27.87
C SER D 252 20.89 -29.87 -28.23
N ASP D 253 21.95 -30.43 -27.67
CA ASP D 253 23.28 -29.90 -27.95
C ASP D 253 23.63 -29.88 -29.45
N ILE D 254 23.32 -30.96 -30.16
CA ILE D 254 23.74 -31.09 -31.55
C ILE D 254 22.83 -30.31 -32.50
N ARG D 255 21.56 -30.17 -32.10
CA ARG D 255 20.58 -29.41 -32.88
C ARG D 255 20.97 -27.94 -32.98
N HIS D 256 21.65 -27.44 -31.95
CA HIS D 256 22.17 -26.08 -31.94
C HIS D 256 23.63 -26.01 -32.35
N GLY D 257 24.16 -27.13 -32.83
CA GLY D 257 25.56 -27.18 -33.24
C GLY D 257 26.52 -26.86 -32.11
N VAL D 258 26.10 -27.11 -30.87
CA VAL D 258 27.03 -27.16 -29.72
C VAL D 258 27.76 -28.49 -29.79
N ILE D 259 29.07 -28.48 -29.53
CA ILE D 259 29.88 -29.68 -29.70
C ILE D 259 30.32 -30.21 -28.37
N THR D 260 29.87 -31.43 -28.08
CA THR D 260 30.25 -32.13 -26.85
C THR D 260 31.20 -33.30 -27.12
N ALA D 261 31.71 -33.91 -26.03
CA ALA D 261 32.69 -34.99 -26.07
C ALA D 261 32.42 -36.11 -27.10
N PRO D 262 31.22 -36.72 -27.06
CA PRO D 262 30.98 -37.80 -28.03
C PRO D 262 31.30 -37.39 -29.47
N ILE D 263 30.84 -36.20 -29.85
CA ILE D 263 31.04 -35.67 -31.20
C ILE D 263 32.50 -35.35 -31.46
N LEU D 264 33.18 -34.75 -30.48
CA LEU D 264 34.60 -34.45 -30.63
C LEU D 264 35.50 -35.68 -30.72
N PHE D 265 35.14 -36.76 -30.03
CA PHE D 265 35.81 -38.05 -30.26
C PHE D 265 35.50 -38.54 -31.67
N ALA D 266 34.24 -38.58 -32.05
CA ALA D 266 33.85 -39.15 -33.33
C ALA D 266 34.55 -38.46 -34.53
N MET D 267 34.71 -37.15 -34.45
CA MET D 267 35.56 -36.36 -35.34
C MET D 267 37.01 -36.84 -35.52
N GLU D 268 37.63 -37.41 -34.48
CA GLU D 268 38.98 -37.97 -34.62
C GLU D 268 39.00 -39.18 -35.54
N GLU D 269 37.95 -40.00 -35.50
CA GLU D 269 37.81 -41.15 -36.40
C GLU D 269 37.30 -40.72 -37.79
N PHE D 270 36.39 -39.75 -37.80
CA PHE D 270 35.79 -39.24 -39.04
C PHE D 270 35.90 -37.73 -39.16
N PRO D 271 36.95 -37.22 -39.81
CA PRO D 271 37.16 -35.79 -39.99
C PRO D 271 36.03 -35.13 -40.79
N GLN D 272 35.33 -35.92 -41.60
CA GLN D 272 34.18 -35.45 -42.37
C GLN D 272 33.12 -34.79 -41.50
N LEU D 273 32.79 -35.42 -40.37
CA LEU D 273 31.85 -34.93 -39.35
C LEU D 273 32.03 -33.45 -39.01
N ARG D 274 33.27 -32.99 -39.09
CA ARG D 274 33.65 -31.61 -38.78
C ARG D 274 32.84 -30.66 -39.66
N GLU D 275 32.72 -30.99 -40.94
CA GLU D 275 31.88 -30.22 -41.84
C GLU D 275 30.39 -30.42 -41.58
N VAL D 276 29.93 -31.66 -41.56
CA VAL D 276 28.48 -31.92 -41.40
C VAL D 276 27.86 -31.29 -40.15
N VAL D 277 28.67 -31.11 -39.11
CA VAL D 277 28.22 -30.46 -37.88
C VAL D 277 28.01 -28.95 -38.08
N ASP D 278 28.79 -28.33 -38.94
CA ASP D 278 28.58 -26.91 -39.30
C ASP D 278 27.30 -26.75 -40.09
N GLN D 279 27.12 -27.62 -41.07
CA GLN D 279 25.93 -27.62 -41.93
C GLN D 279 24.65 -27.96 -41.22
N VAL D 280 24.70 -28.11 -39.91
CA VAL D 280 23.55 -28.61 -39.16
C VAL D 280 22.40 -27.57 -39.09
N ALA D 281 22.74 -26.32 -38.78
CA ALA D 281 21.79 -25.22 -38.76
C ALA D 281 21.26 -24.86 -40.16
N ALA D 282 22.13 -24.93 -41.17
CA ALA D 282 21.72 -24.63 -42.54
C ALA D 282 20.84 -25.72 -43.12
N ASP D 283 21.05 -26.95 -42.68
CA ASP D 283 20.29 -28.10 -43.14
C ASP D 283 20.22 -29.12 -42.00
N PRO D 284 19.07 -29.16 -41.30
CA PRO D 284 18.91 -30.01 -40.11
C PRO D 284 18.86 -31.50 -40.46
N ARG D 285 19.16 -31.82 -41.72
CA ARG D 285 19.35 -33.21 -42.13
C ARG D 285 20.70 -33.75 -41.67
N ASN D 286 21.61 -32.85 -41.38
CA ASN D 286 22.96 -33.21 -40.99
C ASN D 286 23.01 -33.84 -39.60
N VAL D 287 22.04 -33.52 -38.76
CA VAL D 287 21.83 -34.14 -37.44
C VAL D 287 21.81 -35.67 -37.54
N ASP D 288 20.94 -36.17 -38.42
CA ASP D 288 20.77 -37.62 -38.62
C ASP D 288 21.99 -38.23 -39.30
N ILE D 289 22.72 -37.42 -40.08
CA ILE D 289 23.97 -37.86 -40.71
C ILE D 289 25.10 -37.86 -39.68
N ALA D 290 25.03 -36.94 -38.72
CA ALA D 290 26.01 -36.84 -37.66
C ALA D 290 25.92 -38.07 -36.73
N LEU D 291 24.67 -38.47 -36.44
CA LEU D 291 24.36 -39.67 -35.66
C LEU D 291 24.81 -40.96 -36.32
N GLU D 292 24.73 -41.02 -37.66
CA GLU D 292 25.30 -42.16 -38.39
C GLU D 292 26.78 -42.26 -38.08
N TYR D 293 27.45 -41.10 -38.13
CA TYR D 293 28.88 -41.04 -37.89
C TYR D 293 29.24 -41.39 -36.45
N LEU D 294 28.44 -40.89 -35.51
CA LEU D 294 28.66 -41.13 -34.10
C LEU D 294 28.45 -42.60 -33.78
N GLY D 295 27.38 -43.17 -34.35
CA GLY D 295 27.07 -44.58 -34.21
C GLY D 295 28.18 -45.51 -34.69
N LYS D 296 28.86 -45.13 -35.77
CA LYS D 296 29.94 -45.94 -36.35
C LYS D 296 31.25 -45.71 -35.62
N SER D 297 31.27 -44.73 -34.73
CA SER D 297 32.49 -44.40 -34.00
C SER D 297 32.48 -44.91 -32.56
N LYS D 298 33.57 -44.65 -31.85
CA LYS D 298 33.71 -44.99 -30.46
C LYS D 298 33.49 -43.75 -29.59
N GLY D 299 32.89 -42.71 -30.15
CA GLY D 299 32.71 -41.44 -29.47
C GLY D 299 31.95 -41.48 -28.16
N ILE D 300 30.82 -42.17 -28.15
CA ILE D 300 30.03 -42.35 -26.93
C ILE D 300 30.83 -43.16 -25.91
N GLN D 301 31.36 -44.30 -26.35
CA GLN D 301 32.21 -45.16 -25.55
C GLN D 301 33.45 -44.44 -24.96
N ARG D 302 34.13 -43.64 -25.78
CA ARG D 302 35.28 -42.84 -25.33
C ARG D 302 34.92 -41.70 -24.40
N ALA D 303 33.71 -41.17 -24.56
CA ALA D 303 33.21 -40.13 -23.65
C ALA D 303 32.84 -40.74 -22.31
N ARG D 304 32.23 -41.92 -22.37
CA ARG D 304 31.92 -42.71 -21.17
C ARG D 304 33.17 -43.03 -20.34
N GLU D 305 34.22 -43.53 -21.00
CA GLU D 305 35.47 -43.90 -20.36
C GLU D 305 36.12 -42.72 -19.64
N LEU D 306 36.09 -41.56 -20.29
CA LEU D 306 36.67 -40.37 -19.70
C LEU D 306 35.89 -39.92 -18.45
N ALA D 307 34.56 -40.01 -18.51
CA ALA D 307 33.74 -39.74 -17.33
C ALA D 307 34.13 -40.69 -16.16
N MET D 308 34.34 -41.97 -16.47
CA MET D 308 34.72 -42.95 -15.47
C MET D 308 36.10 -42.75 -14.87
N GLU D 309 37.03 -42.30 -15.69
CA GLU D 309 38.36 -41.94 -15.22
C GLU D 309 38.26 -40.85 -14.16
N HIS D 310 37.41 -39.83 -14.42
CA HIS D 310 37.22 -38.70 -13.51
C HIS D 310 36.45 -39.06 -12.25
N ALA D 311 35.51 -40.00 -12.37
CA ALA D 311 34.78 -40.52 -11.23
C ALA D 311 35.71 -41.31 -10.29
N ASN D 312 36.61 -42.11 -10.88
CA ASN D 312 37.64 -42.84 -10.13
C ASN D 312 38.56 -41.91 -9.39
N LEU D 313 38.99 -40.85 -10.06
CA LEU D 313 39.86 -39.83 -9.47
C LEU D 313 39.19 -39.11 -8.31
N ALA D 314 37.87 -38.96 -8.38
CA ALA D 314 37.12 -38.34 -7.31
C ALA D 314 36.98 -39.29 -6.14
N ALA D 315 36.75 -40.56 -6.46
CA ALA D 315 36.71 -41.62 -5.45
C ALA D 315 38.08 -41.84 -4.81
N ALA D 316 39.15 -41.81 -5.62
CA ALA D 316 40.51 -41.94 -5.09
C ALA D 316 40.85 -40.82 -4.11
N ALA D 317 40.30 -39.63 -4.32
CA ALA D 317 40.58 -38.48 -3.44
C ALA D 317 40.02 -38.68 -2.03
N ILE D 318 38.82 -39.25 -1.92
CA ILE D 318 38.26 -39.61 -0.62
C ILE D 318 39.07 -40.77 -0.04
N GLY D 319 39.45 -41.72 -0.89
CA GLY D 319 40.38 -42.78 -0.51
C GLY D 319 41.64 -42.31 0.18
N SER D 320 42.13 -41.12 -0.16
CA SER D 320 43.38 -40.61 0.40
C SER D 320 43.21 -39.79 1.66
N LEU D 321 41.98 -39.72 2.18
CA LEU D 321 41.69 -38.91 3.35
C LEU D 321 42.31 -39.51 4.63
N PRO D 322 42.74 -38.63 5.56
CA PRO D 322 43.34 -39.16 6.81
C PRO D 322 42.45 -40.20 7.48
N GLU D 323 43.08 -41.22 8.07
CA GLU D 323 42.37 -42.26 8.82
C GLU D 323 41.39 -41.64 9.82
N THR D 324 40.27 -42.31 10.04
CA THR D 324 39.32 -41.89 11.09
C THR D 324 38.79 -43.07 11.91
N ASP D 325 38.20 -42.74 13.05
CA ASP D 325 37.52 -43.71 13.90
C ASP D 325 36.02 -43.43 14.00
N ASN D 326 35.66 -42.17 13.77
CA ASN D 326 34.27 -41.76 13.81
C ASN D 326 33.47 -42.48 12.72
N GLU D 327 32.53 -43.31 13.17
CA GLU D 327 31.70 -44.11 12.30
C GLU D 327 30.86 -43.27 11.29
N ASP D 328 30.43 -42.08 11.70
CA ASP D 328 29.65 -41.18 10.84
C ASP D 328 30.48 -40.47 9.78
N VAL D 329 31.72 -40.12 10.12
CA VAL D 329 32.69 -39.61 9.17
C VAL D 329 32.84 -40.63 8.04
N LYS D 330 33.04 -41.89 8.43
CA LYS D 330 33.20 -43.02 7.50
C LYS D 330 32.00 -43.23 6.61
N ARG D 331 30.82 -43.00 7.16
CA ARG D 331 29.56 -43.13 6.44
C ARG D 331 29.42 -42.03 5.36
N SER D 332 29.87 -40.82 5.68
CA SER D 332 29.90 -39.70 4.73
C SER D 332 30.86 -39.94 3.59
N ARG D 333 32.03 -40.49 3.90
CA ARG D 333 33.02 -40.81 2.89
C ARG D 333 32.48 -41.86 1.92
N ARG D 334 31.80 -42.87 2.47
CA ARG D 334 31.17 -43.92 1.67
C ARG D 334 30.05 -43.33 0.80
N ALA D 335 29.29 -42.39 1.36
CA ALA D 335 28.28 -41.69 0.59
C ALA D 335 28.91 -40.88 -0.55
N LEU D 336 29.98 -40.15 -0.27
CA LEU D 336 30.74 -39.41 -1.27
C LEU D 336 31.24 -40.25 -2.45
N ILE D 337 31.80 -41.41 -2.16
CA ILE D 337 32.30 -42.33 -3.17
C ILE D 337 31.14 -42.92 -3.96
N ASP D 338 30.03 -43.18 -3.28
CA ASP D 338 28.84 -43.70 -3.94
C ASP D 338 28.23 -42.70 -4.94
N LEU D 339 28.36 -41.42 -4.63
CA LEU D 339 27.92 -40.35 -5.51
C LEU D 339 28.67 -40.40 -6.85
N THR D 340 29.95 -40.73 -6.80
CA THR D 340 30.76 -40.91 -7.99
C THR D 340 30.31 -42.12 -8.80
N HIS D 341 29.58 -43.04 -8.19
CA HIS D 341 29.02 -44.14 -8.94
C HIS D 341 27.71 -43.71 -9.56
N ARG D 342 26.88 -43.04 -8.76
CA ARG D 342 25.55 -42.66 -9.17
C ARG D 342 25.54 -41.63 -10.31
N VAL D 343 26.56 -40.76 -10.31
CA VAL D 343 26.81 -39.83 -11.42
C VAL D 343 27.06 -40.58 -12.71
N ILE D 344 27.67 -41.75 -12.63
CA ILE D 344 27.99 -42.50 -13.83
C ILE D 344 26.78 -43.27 -14.34
N THR D 345 25.94 -43.75 -13.43
CA THR D 345 24.89 -44.70 -13.78
C THR D 345 23.50 -44.08 -13.98
N ARG D 346 23.34 -42.83 -13.59
CA ARG D 346 22.04 -42.15 -13.68
C ARG D 346 21.59 -42.09 -15.12
N ASN D 347 20.28 -41.93 -15.30
CA ASN D 347 19.69 -41.84 -16.63
C ASN D 347 19.08 -40.47 -16.92
N LYS D 348 18.95 -39.64 -15.88
CA LYS D 348 18.59 -38.23 -16.02
C LYS D 348 19.76 -37.34 -15.58
N LEU E 8 -41.77 -29.33 13.43
CA LEU E 8 -41.09 -29.92 12.23
C LEU E 8 -40.22 -28.85 11.55
N ASP E 9 -40.88 -27.77 11.11
CA ASP E 9 -40.24 -26.59 10.51
C ASP E 9 -39.20 -26.04 11.50
N PRO E 10 -37.97 -25.74 11.01
CA PRO E 10 -36.83 -25.47 11.87
C PRO E 10 -37.06 -24.39 12.93
N PHE E 11 -37.74 -23.31 12.55
CA PHE E 11 -38.00 -22.19 13.48
C PHE E 11 -39.03 -22.55 14.54
N SER E 12 -40.02 -23.37 14.16
CA SER E 12 -41.10 -23.80 15.06
C SER E 12 -40.60 -24.82 16.08
N LEU E 13 -39.65 -25.65 15.64
CA LEU E 13 -39.05 -26.69 16.48
C LEU E 13 -38.47 -26.10 17.77
N VAL E 14 -38.06 -24.84 17.67
CA VAL E 14 -37.27 -24.16 18.69
C VAL E 14 -37.95 -22.90 19.25
N ALA E 15 -39.13 -22.59 18.74
CA ALA E 15 -39.87 -21.36 19.08
C ALA E 15 -40.33 -21.25 20.53
N ASP E 16 -40.84 -22.34 21.11
CA ASP E 16 -41.27 -22.33 22.51
C ASP E 16 -40.09 -22.02 23.43
N GLU E 17 -38.95 -22.66 23.16
CA GLU E 17 -37.73 -22.48 23.93
C GLU E 17 -37.07 -21.10 23.71
N LEU E 18 -37.28 -20.53 22.51
CA LEU E 18 -36.81 -19.16 22.24
C LEU E 18 -37.50 -18.13 23.14
N SER E 19 -38.77 -18.36 23.43
CA SER E 19 -39.58 -17.50 24.29
C SER E 19 -39.08 -17.47 25.75
N LEU E 20 -38.55 -18.61 26.19
CA LEU E 20 -37.86 -18.71 27.48
C LEU E 20 -36.58 -17.86 27.48
N LEU E 21 -35.75 -18.03 26.45
CA LEU E 21 -34.51 -17.26 26.30
C LEU E 21 -34.76 -15.76 26.34
N SER E 22 -35.87 -15.34 25.75
CA SER E 22 -36.23 -13.92 25.69
C SER E 22 -36.56 -13.40 27.08
N ASN E 23 -37.30 -14.20 27.84
CA ASN E 23 -37.68 -13.87 29.23
C ASN E 23 -36.46 -13.78 30.12
N LYS E 24 -35.58 -14.77 30.03
CA LYS E 24 -34.31 -14.81 30.77
C LYS E 24 -33.44 -13.60 30.43
N LEU E 25 -33.34 -13.26 29.14
CA LEU E 25 -32.60 -12.10 28.68
C LEU E 25 -33.07 -10.81 29.35
N ARG E 26 -34.37 -10.71 29.60
CA ARG E 26 -34.89 -9.53 30.28
C ARG E 26 -34.45 -9.42 31.75
N GLU E 27 -34.35 -10.56 32.44
CA GLU E 27 -33.82 -10.56 33.81
C GLU E 27 -32.34 -10.15 33.84
N MET E 28 -31.58 -10.64 32.87
CA MET E 28 -30.13 -10.54 32.86
C MET E 28 -29.59 -9.14 32.57
N VAL E 29 -30.40 -8.36 31.88
CA VAL E 29 -30.00 -7.07 31.36
C VAL E 29 -30.42 -5.94 32.30
N LEU E 30 -31.20 -6.29 33.32
CA LEU E 30 -31.72 -5.31 34.26
C LEU E 30 -30.59 -4.59 34.99
N ALA E 31 -30.67 -3.26 34.99
CA ALA E 31 -29.65 -2.42 35.61
C ALA E 31 -30.31 -1.67 36.75
N GLU E 32 -29.50 -1.16 37.68
CA GLU E 32 -30.02 -0.49 38.88
C GLU E 32 -30.50 0.93 38.59
N VAL E 33 -29.84 1.57 37.63
CA VAL E 33 -30.19 2.94 37.27
C VAL E 33 -31.21 2.94 36.12
N PRO E 34 -32.36 3.59 36.32
CA PRO E 34 -33.45 3.64 35.35
C PRO E 34 -33.04 3.99 33.91
N LYS E 35 -32.14 4.96 33.75
CA LYS E 35 -31.73 5.42 32.43
C LYS E 35 -30.94 4.31 31.73
N LEU E 36 -30.03 3.70 32.46
CA LEU E 36 -29.29 2.55 31.96
C LEU E 36 -30.18 1.32 31.76
N ALA E 37 -31.12 1.10 32.66
CA ALA E 37 -32.08 0.02 32.51
C ALA E 37 -32.93 0.17 31.23
N SER E 38 -33.46 1.36 30.99
CA SER E 38 -34.24 1.65 29.76
C SER E 38 -33.44 1.37 28.49
N ALA E 39 -32.18 1.79 28.49
CA ALA E 39 -31.32 1.66 27.31
C ALA E 39 -30.88 0.22 27.08
N ALA E 40 -30.45 -0.45 28.14
CA ALA E 40 -30.00 -1.83 28.04
C ALA E 40 -31.14 -2.75 27.60
N GLU E 41 -32.36 -2.42 28.05
CA GLU E 41 -33.51 -3.26 27.84
C GLU E 41 -34.31 -2.86 26.60
N TYR E 42 -33.89 -1.79 25.94
CA TYR E 42 -34.64 -1.22 24.82
C TYR E 42 -34.93 -2.27 23.76
N PHE E 43 -33.88 -2.83 23.21
CA PHE E 43 -34.02 -4.06 22.46
C PHE E 43 -34.23 -5.14 23.54
N PHE E 44 -34.45 -6.41 23.19
CA PHE E 44 -34.94 -7.37 24.20
C PHE E 44 -36.44 -7.28 24.61
N LYS E 45 -37.12 -6.15 24.40
CA LYS E 45 -38.58 -6.09 24.68
C LYS E 45 -39.33 -6.94 23.68
N ARG E 46 -40.45 -7.51 24.10
CA ARG E 46 -41.32 -8.25 23.20
C ARG E 46 -41.67 -7.36 22.02
N GLY E 47 -41.41 -7.86 20.82
CA GLY E 47 -41.70 -7.10 19.59
C GLY E 47 -40.51 -6.31 19.06
N VAL E 48 -39.41 -6.30 19.82
CA VAL E 48 -38.19 -5.61 19.37
C VAL E 48 -36.91 -6.43 19.62
N GLN E 49 -37.06 -7.73 19.89
CA GLN E 49 -35.90 -8.60 20.13
C GLN E 49 -35.27 -8.97 18.82
N GLY E 50 -35.99 -8.70 17.72
CA GLY E 50 -35.51 -9.03 16.39
C GLY E 50 -35.64 -10.52 16.10
N LYS E 51 -35.11 -10.92 14.96
CA LYS E 51 -35.11 -12.31 14.55
C LYS E 51 -34.01 -12.98 15.36
N GLN E 52 -34.34 -14.03 16.07
CA GLN E 52 -33.35 -14.62 16.97
C GLN E 52 -32.60 -15.75 16.27
N PHE E 53 -32.09 -15.45 15.08
CA PHE E 53 -31.47 -16.44 14.19
C PHE E 53 -30.25 -17.09 14.84
N ARG E 54 -29.48 -16.30 15.56
CA ARG E 54 -28.32 -16.81 16.28
C ARG E 54 -28.74 -17.82 17.35
N SER E 55 -29.68 -17.43 18.21
CA SER E 55 -30.24 -18.30 19.26
C SER E 55 -30.82 -19.59 18.70
N THR E 56 -31.56 -19.47 17.59
CA THR E 56 -32.22 -20.60 16.93
C THR E 56 -31.17 -21.62 16.48
N ILE E 57 -30.13 -21.13 15.82
CA ILE E 57 -29.04 -21.98 15.33
C ILE E 57 -28.40 -22.69 16.52
N LEU E 58 -28.17 -21.94 17.60
CA LEU E 58 -27.56 -22.47 18.82
C LEU E 58 -28.41 -23.54 19.51
N LEU E 59 -29.71 -23.32 19.58
CA LEU E 59 -30.61 -24.26 20.23
C LEU E 59 -30.72 -25.57 19.47
N LEU E 60 -30.80 -25.49 18.14
CA LEU E 60 -30.81 -26.69 17.30
C LEU E 60 -29.46 -27.41 17.37
N MET E 61 -28.39 -26.63 17.46
CA MET E 61 -27.03 -27.18 17.59
C MET E 61 -26.87 -27.99 18.89
N ALA E 62 -27.36 -27.44 20.00
CA ALA E 62 -27.33 -28.11 21.29
C ALA E 62 -27.95 -29.50 21.24
N THR E 63 -29.08 -29.62 20.55
CA THR E 63 -29.78 -30.90 20.39
C THR E 63 -29.07 -31.78 19.36
N ALA E 64 -28.40 -31.17 18.40
CA ALA E 64 -27.66 -31.94 17.39
C ALA E 64 -26.43 -32.64 17.96
N LEU E 65 -25.92 -32.13 19.08
CA LEU E 65 -24.69 -32.66 19.72
C LEU E 65 -24.97 -33.54 20.95
N ASP E 66 -23.99 -33.90 21.78
CA ASP E 66 -24.36 -34.48 23.11
C ASP E 66 -23.21 -35.11 23.93
N THR E 82 -35.13 -29.63 32.92
CA THR E 82 -34.13 -30.04 31.94
C THR E 82 -32.73 -30.13 32.55
N SER E 83 -31.81 -30.77 31.82
CA SER E 83 -30.43 -30.97 32.27
C SER E 83 -29.65 -29.65 32.42
N GLU E 84 -28.58 -29.67 33.21
CA GLU E 84 -27.71 -28.50 33.38
C GLU E 84 -26.95 -28.11 32.11
N LEU E 85 -26.52 -29.11 31.34
CA LEU E 85 -25.90 -28.86 30.04
C LEU E 85 -26.82 -28.01 29.18
N ARG E 86 -28.10 -28.38 29.12
CA ARG E 86 -29.04 -27.60 28.32
C ARG E 86 -29.09 -26.17 28.83
N VAL E 87 -29.18 -26.01 30.16
CA VAL E 87 -29.14 -24.69 30.81
C VAL E 87 -27.89 -23.90 30.42
N ARG E 88 -26.74 -24.58 30.40
CA ARG E 88 -25.47 -23.95 30.06
C ARG E 88 -25.34 -23.62 28.57
N GLN E 89 -25.95 -24.46 27.73
CA GLN E 89 -25.98 -24.19 26.30
C GLN E 89 -26.89 -23.01 25.99
N ARG E 90 -28.04 -22.94 26.68
CA ARG E 90 -28.93 -21.78 26.58
C ARG E 90 -28.20 -20.50 27.00
N GLY E 91 -27.38 -20.61 28.04
CA GLY E 91 -26.52 -19.52 28.50
C GLY E 91 -25.68 -18.90 27.40
N ILE E 92 -25.11 -19.74 26.55
CA ILE E 92 -24.35 -19.26 25.39
C ILE E 92 -25.22 -18.47 24.42
N ALA E 93 -26.43 -18.96 24.18
CA ALA E 93 -27.36 -18.27 23.29
C ALA E 93 -27.67 -16.89 23.84
N GLU E 94 -27.87 -16.80 25.15
CA GLU E 94 -28.13 -15.53 25.84
C GLU E 94 -26.95 -14.55 25.73
N ILE E 95 -25.76 -15.04 26.03
CA ILE E 95 -24.51 -14.30 25.91
C ILE E 95 -24.32 -13.77 24.50
N THR E 96 -24.64 -14.60 23.50
CA THR E 96 -24.46 -14.24 22.10
C THR E 96 -25.36 -13.08 21.74
N GLU E 97 -26.60 -13.11 22.24
CA GLU E 97 -27.58 -12.07 21.93
C GLU E 97 -27.17 -10.75 22.57
N MET E 98 -26.74 -10.79 23.83
CA MET E 98 -26.27 -9.57 24.49
C MET E 98 -25.09 -8.95 23.73
N ILE E 99 -24.17 -9.78 23.24
CA ILE E 99 -23.02 -9.28 22.50
C ILE E 99 -23.52 -8.67 21.19
N HIS E 100 -24.53 -9.31 20.62
CA HIS E 100 -25.06 -8.89 19.35
C HIS E 100 -25.76 -7.56 19.48
N VAL E 101 -26.65 -7.43 20.47
CA VAL E 101 -27.36 -6.16 20.72
C VAL E 101 -26.35 -5.06 21.03
N ALA E 102 -25.31 -5.37 21.81
CA ALA E 102 -24.27 -4.39 22.14
C ALA E 102 -23.59 -3.86 20.90
N SER E 103 -23.26 -4.79 20.00
CA SER E 103 -22.84 -4.49 18.63
C SER E 103 -23.67 -3.40 17.99
N LEU E 104 -24.99 -3.59 18.00
CA LEU E 104 -25.93 -2.73 17.25
C LEU E 104 -26.03 -1.33 17.85
N LEU E 105 -25.93 -1.25 19.17
CA LEU E 105 -25.92 0.02 19.86
C LEU E 105 -24.76 0.86 19.37
N HIS E 106 -23.57 0.27 19.36
CA HIS E 106 -22.36 0.95 18.88
C HIS E 106 -22.44 1.23 17.37
N ASP E 107 -22.97 0.30 16.59
CA ASP E 107 -23.01 0.51 15.15
C ASP E 107 -23.96 1.63 14.75
N ASP E 108 -25.04 1.81 15.50
CA ASP E 108 -25.98 2.89 15.24
C ASP E 108 -25.40 4.25 15.54
N VAL E 109 -24.45 4.31 16.47
CA VAL E 109 -23.76 5.57 16.77
C VAL E 109 -22.80 5.85 15.62
N LEU E 110 -21.98 4.85 15.30
CA LEU E 110 -21.26 4.89 14.03
C LEU E 110 -22.42 4.92 13.04
N ASP E 111 -22.24 5.34 11.80
CA ASP E 111 -23.38 5.22 10.87
C ASP E 111 -24.64 6.06 11.17
N ASP E 112 -24.57 7.03 12.08
CA ASP E 112 -25.77 7.83 12.48
C ASP E 112 -27.09 7.27 11.95
N ALA E 113 -27.79 6.47 12.75
CA ALA E 113 -29.03 5.85 12.30
C ALA E 113 -30.28 6.57 12.79
N ASP E 114 -31.43 6.11 12.35
CA ASP E 114 -32.71 6.68 12.76
C ASP E 114 -33.68 5.60 13.20
N THR E 115 -33.57 4.42 12.58
CA THR E 115 -34.39 3.29 12.98
C THR E 115 -33.57 2.02 13.08
N ARG E 116 -34.00 1.16 13.99
CA ARG E 116 -33.49 -0.18 14.14
C ARG E 116 -34.65 -1.09 14.47
N ARG E 117 -34.65 -2.27 13.88
CA ARG E 117 -35.77 -3.19 13.98
C ARG E 117 -37.04 -2.39 13.64
N GLY E 118 -38.09 -2.44 14.45
CA GLY E 118 -39.33 -1.78 14.04
C GLY E 118 -39.50 -0.36 14.55
N VAL E 119 -38.43 0.20 15.11
CA VAL E 119 -38.54 1.34 16.01
C VAL E 119 -37.37 2.32 15.87
N GLY E 120 -37.49 3.49 16.51
CA GLY E 120 -36.40 4.47 16.55
C GLY E 120 -35.14 3.89 17.14
N SER E 121 -34.01 4.18 16.52
CA SER E 121 -32.73 3.71 17.00
C SER E 121 -32.36 4.45 18.30
N LEU E 122 -31.53 3.80 19.12
CA LEU E 122 -31.25 4.29 20.47
C LEU E 122 -30.46 5.60 20.46
N ASN E 123 -29.59 5.77 19.47
CA ASN E 123 -28.80 6.99 19.35
C ASN E 123 -29.65 8.23 19.14
N VAL E 124 -30.83 8.06 18.54
CA VAL E 124 -31.78 9.16 18.38
C VAL E 124 -32.73 9.25 19.58
N VAL E 125 -33.23 8.10 20.04
CA VAL E 125 -34.19 8.08 21.17
C VAL E 125 -33.54 8.51 22.50
N MET E 126 -32.39 7.91 22.84
CA MET E 126 -31.71 8.17 24.13
C MET E 126 -30.36 8.91 24.04
N GLY E 127 -29.77 8.93 22.85
CA GLY E 127 -28.54 9.69 22.64
C GLY E 127 -27.39 8.78 22.35
N ASN E 128 -26.30 9.38 21.85
CA ASN E 128 -25.09 8.67 21.52
C ASN E 128 -24.46 8.01 22.74
N LYS E 129 -24.30 8.80 23.82
CA LYS E 129 -23.61 8.32 25.00
C LYS E 129 -24.35 7.18 25.67
N MET E 130 -25.65 7.34 25.94
CA MET E 130 -26.40 6.24 26.53
C MET E 130 -26.28 4.98 25.68
N SER E 131 -26.27 5.17 24.36
CA SER E 131 -26.12 4.05 23.43
C SER E 131 -24.79 3.33 23.62
N VAL E 132 -23.73 4.13 23.75
CA VAL E 132 -22.40 3.61 23.94
C VAL E 132 -22.26 2.96 25.33
N LEU E 133 -22.80 3.64 26.35
CA LEU E 133 -22.79 3.10 27.71
C LEU E 133 -23.59 1.80 27.83
N ALA E 134 -24.77 1.77 27.22
CA ALA E 134 -25.59 0.56 27.20
C ALA E 134 -24.82 -0.63 26.61
N GLY E 135 -24.14 -0.39 25.49
CA GLY E 135 -23.35 -1.42 24.83
C GLY E 135 -22.28 -2.03 25.72
N ASP E 136 -21.53 -1.17 26.40
CA ASP E 136 -20.52 -1.58 27.39
C ASP E 136 -21.13 -2.38 28.56
N PHE E 137 -22.24 -1.88 29.06
CA PHE E 137 -23.00 -2.58 30.09
C PHE E 137 -23.36 -4.00 29.64
N LEU E 138 -23.91 -4.12 28.43
CA LEU E 138 -24.30 -5.42 27.88
C LEU E 138 -23.11 -6.34 27.67
N LEU E 139 -21.95 -5.75 27.36
CA LEU E 139 -20.74 -6.52 27.15
C LEU E 139 -20.23 -7.06 28.48
N SER E 140 -20.32 -6.21 29.50
CA SER E 140 -19.89 -6.55 30.84
C SER E 140 -20.75 -7.66 31.42
N ARG E 141 -22.08 -7.57 31.25
CA ARG E 141 -22.99 -8.62 31.66
C ARG E 141 -22.71 -9.92 30.89
N ALA E 142 -22.27 -9.79 29.64
CA ALA E 142 -21.93 -10.96 28.80
C ALA E 142 -20.68 -11.65 29.30
N CYS E 143 -19.68 -10.87 29.71
CA CYS E 143 -18.51 -11.43 30.37
C CYS E 143 -18.83 -12.10 31.70
N GLY E 144 -19.62 -11.43 32.54
CA GLY E 144 -20.07 -11.99 33.81
C GLY E 144 -20.74 -13.34 33.68
N ALA E 145 -21.68 -13.44 32.74
CA ALA E 145 -22.37 -14.70 32.46
C ALA E 145 -21.40 -15.76 31.97
N LEU E 146 -20.40 -15.36 31.20
CA LEU E 146 -19.39 -16.28 30.70
C LEU E 146 -18.53 -16.83 31.83
N ALA E 147 -18.17 -15.95 32.77
CA ALA E 147 -17.34 -16.34 33.89
C ALA E 147 -18.10 -17.28 34.82
N ALA E 148 -19.39 -17.03 35.00
CA ALA E 148 -20.24 -17.86 35.84
C ALA E 148 -20.38 -19.28 35.31
N LEU E 149 -20.13 -19.49 34.02
CA LEU E 149 -20.12 -20.82 33.44
C LEU E 149 -18.87 -21.63 33.79
N LYS E 150 -17.86 -20.95 34.33
CA LYS E 150 -16.63 -21.57 34.84
C LYS E 150 -15.89 -22.45 33.82
N ASN E 151 -16.00 -22.12 32.55
CA ASN E 151 -15.27 -22.82 31.51
C ASN E 151 -14.37 -21.86 30.74
N THR E 152 -13.06 -22.01 30.95
CA THR E 152 -12.06 -21.10 30.39
C THR E 152 -11.96 -21.11 28.85
N GLU E 153 -12.16 -22.27 28.22
CA GLU E 153 -12.12 -22.31 26.77
C GLU E 153 -13.29 -21.53 26.16
N VAL E 154 -14.45 -21.63 26.82
CA VAL E 154 -15.69 -20.97 26.37
C VAL E 154 -15.56 -19.45 26.52
N VAL E 155 -15.00 -19.00 27.63
CA VAL E 155 -14.67 -17.58 27.78
C VAL E 155 -13.79 -17.13 26.59
N ALA E 156 -12.75 -17.90 26.27
CA ALA E 156 -11.82 -17.54 25.22
C ALA E 156 -12.47 -17.45 23.82
N LEU E 157 -13.35 -18.39 23.51
CA LEU E 157 -14.04 -18.39 22.22
C LEU E 157 -14.91 -17.14 22.03
N LEU E 158 -15.63 -16.74 23.07
CA LEU E 158 -16.49 -15.55 22.96
C LEU E 158 -15.75 -14.24 23.09
N ALA E 159 -14.71 -14.20 23.90
CA ALA E 159 -13.81 -13.05 23.90
C ALA E 159 -13.21 -12.84 22.50
N THR E 160 -13.08 -13.93 21.74
CA THR E 160 -12.50 -13.90 20.41
C THR E 160 -13.50 -13.25 19.45
N ALA E 161 -14.74 -13.70 19.51
CA ALA E 161 -15.83 -13.09 18.77
C ALA E 161 -15.83 -11.58 18.98
N VAL E 162 -15.82 -11.17 20.24
CA VAL E 162 -15.85 -9.74 20.53
C VAL E 162 -14.71 -9.05 19.82
N GLU E 163 -13.51 -9.63 19.89
CA GLU E 163 -12.35 -9.01 19.25
C GLU E 163 -12.57 -8.92 17.74
N HIS E 164 -13.19 -9.96 17.19
CA HIS E 164 -13.50 -10.03 15.78
C HIS E 164 -14.58 -9.05 15.32
N LEU E 165 -15.58 -8.82 16.16
CA LEU E 165 -16.61 -7.81 15.85
C LEU E 165 -15.99 -6.44 15.60
N VAL E 166 -15.10 -6.03 16.51
CA VAL E 166 -14.40 -4.75 16.42
C VAL E 166 -13.54 -4.69 15.16
N THR E 167 -12.84 -5.78 14.86
CA THR E 167 -11.98 -5.88 13.70
C THR E 167 -12.78 -5.75 12.40
N GLY E 168 -13.96 -6.37 12.36
CA GLY E 168 -14.84 -6.35 11.20
C GLY E 168 -15.36 -4.96 10.91
N GLU E 169 -15.85 -4.31 11.96
CA GLU E 169 -16.31 -2.93 11.90
C GLU E 169 -15.21 -1.98 11.48
N THR E 170 -14.01 -2.22 11.98
CA THR E 170 -12.86 -1.37 11.66
C THR E 170 -12.44 -1.54 10.20
N MET E 171 -12.45 -2.78 9.70
CA MET E 171 -12.04 -3.09 8.32
C MET E 171 -12.92 -2.40 7.28
N GLU E 172 -14.21 -2.30 7.57
CA GLU E 172 -15.19 -1.63 6.73
C GLU E 172 -14.81 -0.16 6.56
N ILE E 173 -14.49 0.48 7.69
CA ILE E 173 -14.10 1.88 7.78
C ILE E 173 -12.63 2.12 7.43
N THR E 174 -11.81 1.08 7.53
CA THR E 174 -10.35 1.29 7.56
C THR E 174 -9.59 0.79 6.33
N SER E 175 -10.30 0.09 5.44
CA SER E 175 -9.71 -0.39 4.20
C SER E 175 -8.87 0.68 3.52
N SER E 176 -7.68 0.29 3.06
CA SER E 176 -6.93 1.11 2.14
C SER E 176 -7.81 1.15 0.91
N THR E 177 -7.76 2.26 0.18
CA THR E 177 -8.53 2.39 -1.06
C THR E 177 -8.36 1.14 -1.92
N ALA E 178 -7.10 0.77 -2.19
CA ALA E 178 -6.76 -0.36 -3.06
C ALA E 178 -7.39 -1.69 -2.64
N ALA E 179 -7.55 -1.90 -1.34
CA ALA E 179 -8.07 -3.17 -0.80
C ALA E 179 -9.58 -3.18 -0.55
N ARG E 180 -10.24 -2.02 -0.66
CA ARG E 180 -11.69 -1.97 -0.49
C ARG E 180 -12.33 -2.72 -1.64
N TYR E 181 -11.58 -2.93 -2.71
CA TYR E 181 -12.14 -3.58 -3.88
C TYR E 181 -11.70 -5.01 -4.12
N SER E 182 -11.08 -5.66 -3.14
CA SER E 182 -10.76 -7.07 -3.32
C SER E 182 -11.75 -7.98 -2.56
N MET E 183 -12.12 -9.07 -3.22
CA MET E 183 -13.03 -10.07 -2.64
C MET E 183 -12.44 -10.80 -1.44
N ASP E 184 -11.12 -11.00 -1.43
CA ASP E 184 -10.49 -11.68 -0.29
C ASP E 184 -10.62 -10.85 0.97
N TYR E 185 -10.47 -9.54 0.81
CA TYR E 185 -10.66 -8.59 1.89
C TYR E 185 -12.12 -8.56 2.32
N TYR E 186 -13.02 -8.52 1.33
CA TYR E 186 -14.45 -8.50 1.60
C TYR E 186 -14.91 -9.73 2.38
N MET E 187 -14.36 -10.89 2.03
CA MET E 187 -14.64 -12.14 2.77
C MET E 187 -14.01 -12.17 4.17
N GLN E 188 -12.84 -11.56 4.36
CA GLN E 188 -12.26 -11.45 5.70
C GLN E 188 -13.16 -10.64 6.62
N LYS E 189 -13.50 -9.43 6.18
CA LYS E 189 -14.39 -8.52 6.92
C LYS E 189 -15.73 -9.16 7.27
N THR E 190 -16.29 -9.90 6.34
CA THR E 190 -17.56 -10.57 6.55
C THR E 190 -17.44 -11.60 7.66
N TYR E 191 -16.36 -12.38 7.60
CA TYR E 191 -16.15 -13.34 8.68
C TYR E 191 -16.05 -12.61 10.04
N TYR E 192 -15.09 -11.71 10.17
CA TYR E 192 -14.93 -11.00 11.42
C TYR E 192 -16.24 -10.37 11.87
N LYS E 193 -16.88 -9.62 10.97
CA LYS E 193 -18.03 -8.82 11.33
C LYS E 193 -19.32 -9.59 11.58
N THR E 194 -19.50 -10.70 10.88
CA THR E 194 -20.76 -11.42 10.96
C THR E 194 -20.61 -12.89 11.38
N ALA E 195 -19.79 -13.65 10.66
CA ALA E 195 -19.76 -15.10 10.86
C ALA E 195 -19.08 -15.52 12.15
N SER E 196 -18.09 -14.72 12.58
CA SER E 196 -17.27 -15.13 13.72
C SER E 196 -18.07 -15.36 14.99
N LEU E 197 -19.00 -14.46 15.28
CA LEU E 197 -19.85 -14.56 16.46
C LEU E 197 -20.66 -15.85 16.43
N ILE E 198 -21.09 -16.26 15.25
CA ILE E 198 -21.89 -17.47 15.08
C ILE E 198 -21.00 -18.72 15.14
N SER E 199 -19.87 -18.67 14.45
CA SER E 199 -18.96 -19.81 14.43
C SER E 199 -18.45 -20.11 15.84
N ASN E 200 -17.99 -19.08 16.55
CA ASN E 200 -17.48 -19.23 17.92
C ASN E 200 -18.50 -19.61 18.98
N SER E 201 -19.71 -19.06 18.92
CA SER E 201 -20.76 -19.48 19.84
C SER E 201 -21.20 -20.94 19.60
N CYS E 202 -21.29 -21.32 18.33
CA CYS E 202 -21.56 -22.71 17.93
C CYS E 202 -20.48 -23.64 18.48
N LYS E 203 -19.22 -23.26 18.27
CA LYS E 203 -18.09 -23.98 18.86
C LYS E 203 -18.19 -24.12 20.39
N ALA E 204 -18.66 -23.05 21.03
CA ALA E 204 -18.80 -23.00 22.49
C ALA E 204 -19.85 -23.99 22.98
N VAL E 205 -20.93 -24.14 22.22
CA VAL E 205 -22.00 -25.07 22.55
C VAL E 205 -21.46 -26.50 22.59
N ALA E 206 -20.64 -26.84 21.61
CA ALA E 206 -20.02 -28.16 21.51
C ALA E 206 -18.99 -28.42 22.62
N VAL E 207 -18.15 -27.43 22.89
CA VAL E 207 -17.13 -27.52 23.95
C VAL E 207 -17.74 -27.85 25.32
N LEU E 208 -18.85 -27.18 25.62
CA LEU E 208 -19.66 -27.49 26.80
C LEU E 208 -19.99 -28.97 26.95
N THR E 209 -20.37 -29.61 25.85
CA THR E 209 -20.85 -31.01 25.88
C THR E 209 -19.77 -32.06 26.09
N GLY E 210 -18.51 -31.63 26.05
CA GLY E 210 -17.36 -32.52 26.22
C GLY E 210 -17.18 -33.51 25.08
N GLN E 211 -17.62 -33.16 23.87
CA GLN E 211 -17.31 -34.00 22.69
C GLN E 211 -15.83 -33.90 22.36
N THR E 212 -15.44 -34.60 21.31
CA THR E 212 -14.11 -34.53 20.74
C THR E 212 -13.82 -33.15 20.16
N ALA E 213 -12.54 -32.87 19.91
CA ALA E 213 -12.13 -31.63 19.25
C ALA E 213 -12.69 -31.52 17.83
N GLU E 214 -12.70 -32.62 17.09
CA GLU E 214 -13.26 -32.68 15.73
C GLU E 214 -14.73 -32.26 15.67
N VAL E 215 -15.51 -32.72 16.64
CA VAL E 215 -16.92 -32.37 16.71
C VAL E 215 -17.09 -30.88 16.94
N ALA E 216 -16.20 -30.31 17.76
CA ALA E 216 -16.15 -28.88 18.02
C ALA E 216 -15.91 -28.11 16.72
N VAL E 217 -14.99 -28.62 15.90
CA VAL E 217 -14.63 -27.95 14.65
C VAL E 217 -15.75 -28.09 13.61
N LEU E 218 -16.46 -29.21 13.64
CA LEU E 218 -17.64 -29.36 12.80
C LEU E 218 -18.70 -28.32 13.13
N ALA E 219 -18.96 -28.11 14.42
CA ALA E 219 -19.91 -27.07 14.87
C ALA E 219 -19.48 -25.67 14.46
N PHE E 220 -18.19 -25.39 14.64
CA PHE E 220 -17.58 -24.13 14.26
C PHE E 220 -17.82 -23.86 12.78
N GLU E 221 -17.49 -24.85 11.95
CA GLU E 221 -17.60 -24.76 10.51
C GLU E 221 -19.04 -24.62 10.04
N TYR E 222 -20.00 -25.22 10.75
CA TYR E 222 -21.38 -24.97 10.41
C TYR E 222 -21.74 -23.49 10.48
N GLY E 223 -21.46 -22.88 11.63
CA GLY E 223 -21.83 -21.49 11.89
C GLY E 223 -21.06 -20.53 11.01
N ARG E 224 -19.79 -20.83 10.80
CA ARG E 224 -18.95 -20.03 9.94
C ARG E 224 -19.54 -19.95 8.55
N ASN E 225 -19.87 -21.11 8.00
CA ASN E 225 -20.33 -21.18 6.63
C ASN E 225 -21.77 -20.78 6.43
N LEU E 226 -22.63 -21.07 7.41
CA LEU E 226 -24.01 -20.62 7.33
C LEU E 226 -24.06 -19.08 7.41
N GLY E 227 -23.29 -18.51 8.34
CA GLY E 227 -23.16 -17.07 8.46
C GLY E 227 -22.71 -16.40 7.17
N LEU E 228 -21.65 -16.93 6.56
CA LEU E 228 -21.14 -16.36 5.31
C LEU E 228 -22.16 -16.44 4.17
N ALA E 229 -22.84 -17.58 4.05
CA ALA E 229 -23.87 -17.75 3.02
C ALA E 229 -25.02 -16.75 3.18
N PHE E 230 -25.49 -16.61 4.42
CA PHE E 230 -26.55 -15.65 4.73
C PHE E 230 -26.21 -14.23 4.30
N GLN E 231 -25.08 -13.72 4.79
CA GLN E 231 -24.61 -12.38 4.44
C GLN E 231 -24.49 -12.18 2.93
N LEU E 232 -23.98 -13.19 2.24
CA LEU E 232 -23.86 -13.12 0.80
C LEU E 232 -25.21 -13.04 0.09
N ILE E 233 -26.21 -13.79 0.58
CA ILE E 233 -27.55 -13.73 0.00
C ILE E 233 -28.22 -12.39 0.29
N ASP E 234 -28.05 -11.89 1.52
CA ASP E 234 -28.54 -10.55 1.89
C ASP E 234 -28.06 -9.45 0.95
N ASP E 235 -26.77 -9.46 0.61
CA ASP E 235 -26.20 -8.56 -0.38
C ASP E 235 -26.97 -8.60 -1.70
N ILE E 236 -27.19 -9.82 -2.20
CA ILE E 236 -27.91 -10.04 -3.46
C ILE E 236 -29.37 -9.56 -3.36
N LEU E 237 -30.01 -9.86 -2.24
CA LEU E 237 -31.39 -9.47 -2.01
C LEU E 237 -31.55 -7.96 -1.94
N ASP E 238 -30.50 -7.26 -1.49
CA ASP E 238 -30.48 -5.81 -1.52
C ASP E 238 -30.63 -5.30 -2.96
N PHE E 239 -29.98 -5.98 -3.90
CA PHE E 239 -30.07 -5.63 -5.31
C PHE E 239 -31.32 -6.20 -5.98
N THR E 240 -31.55 -7.50 -5.85
CA THR E 240 -32.64 -8.18 -6.57
C THR E 240 -34.02 -7.92 -5.99
N GLY E 241 -34.06 -7.74 -4.66
CA GLY E 241 -35.34 -7.64 -3.96
C GLY E 241 -36.13 -8.94 -3.93
N THR E 242 -37.32 -8.85 -3.34
CA THR E 242 -38.19 -10.00 -3.09
C THR E 242 -38.64 -10.79 -4.34
N SER E 243 -38.71 -10.10 -5.49
CA SER E 243 -39.11 -10.72 -6.77
C SER E 243 -38.04 -11.64 -7.37
N ALA E 244 -36.77 -11.38 -7.04
CA ALA E 244 -35.59 -12.07 -7.63
C ALA E 244 -35.20 -11.49 -9.00
N SER E 245 -35.66 -10.26 -9.25
CA SER E 245 -35.31 -9.47 -10.42
C SER E 245 -34.56 -8.21 -9.99
N LEU E 246 -33.40 -7.97 -10.58
CA LEU E 246 -32.59 -6.77 -10.29
C LEU E 246 -33.45 -5.51 -10.45
N GLY E 247 -33.57 -4.74 -9.37
CA GLY E 247 -34.40 -3.52 -9.37
C GLY E 247 -35.37 -3.42 -8.20
N LYS E 248 -36.17 -4.48 -8.01
CA LYS E 248 -37.21 -4.55 -6.97
C LYS E 248 -36.75 -4.08 -5.58
N GLY E 249 -35.54 -4.48 -5.19
CA GLY E 249 -35.02 -4.25 -3.84
C GLY E 249 -34.65 -2.83 -3.48
N SER E 250 -34.56 -2.56 -2.18
CA SER E 250 -34.34 -1.22 -1.63
C SER E 250 -32.99 -0.58 -2.01
N LEU E 251 -32.00 -1.39 -2.36
CA LEU E 251 -30.67 -0.91 -2.80
C LEU E 251 -29.99 0.00 -1.76
N SER E 252 -30.30 -0.22 -0.49
CA SER E 252 -29.83 0.63 0.60
C SER E 252 -28.31 0.54 0.87
N ASP E 253 -27.66 -0.52 0.40
CA ASP E 253 -26.22 -0.68 0.58
C ASP E 253 -25.44 0.24 -0.36
N ILE E 254 -25.74 0.13 -1.65
CA ILE E 254 -25.12 0.96 -2.68
C ILE E 254 -25.41 2.46 -2.47
N ARG E 255 -26.60 2.75 -1.93
CA ARG E 255 -27.05 4.13 -1.69
C ARG E 255 -26.19 4.88 -0.69
N HIS E 256 -25.66 4.15 0.29
CA HIS E 256 -24.78 4.73 1.31
C HIS E 256 -23.33 4.44 0.93
N GLY E 257 -23.13 3.96 -0.29
CA GLY E 257 -21.82 3.54 -0.77
C GLY E 257 -21.14 2.53 0.13
N VAL E 258 -21.82 1.41 0.37
CA VAL E 258 -21.22 0.24 1.01
C VAL E 258 -21.07 -0.83 -0.09
N ILE E 259 -19.86 -1.33 -0.29
CA ILE E 259 -19.56 -2.13 -1.47
C ILE E 259 -19.61 -3.62 -1.17
N THR E 260 -20.60 -4.29 -1.77
CA THR E 260 -20.90 -5.68 -1.47
C THR E 260 -20.49 -6.60 -2.65
N ALA E 261 -20.37 -7.90 -2.37
CA ALA E 261 -19.85 -8.88 -3.35
C ALA E 261 -20.36 -8.80 -4.81
N PRO E 262 -21.68 -8.61 -5.03
CA PRO E 262 -22.10 -8.55 -6.44
C PRO E 262 -21.35 -7.44 -7.19
N ILE E 263 -21.26 -6.26 -6.59
CA ILE E 263 -20.52 -5.14 -7.17
C ILE E 263 -19.03 -5.46 -7.30
N LEU E 264 -18.46 -6.07 -6.27
CA LEU E 264 -17.04 -6.41 -6.25
C LEU E 264 -16.67 -7.36 -7.39
N PHE E 265 -17.56 -8.31 -7.70
CA PHE E 265 -17.37 -9.21 -8.85
C PHE E 265 -17.49 -8.47 -10.19
N ALA E 266 -18.40 -7.51 -10.25
CA ALA E 266 -18.61 -6.71 -11.44
C ALA E 266 -17.35 -5.93 -11.82
N MET E 267 -16.66 -5.41 -10.80
CA MET E 267 -15.39 -4.69 -10.98
C MET E 267 -14.29 -5.60 -11.53
N GLU E 268 -14.42 -6.90 -11.29
CA GLU E 268 -13.47 -7.88 -11.84
C GLU E 268 -13.59 -8.03 -13.36
N GLU E 269 -14.80 -7.87 -13.90
CA GLU E 269 -14.98 -7.82 -15.36
C GLU E 269 -14.88 -6.40 -15.90
N PHE E 270 -15.34 -5.42 -15.12
CA PHE E 270 -15.34 -4.03 -15.54
C PHE E 270 -14.49 -3.16 -14.61
N PRO E 271 -13.15 -3.15 -14.84
CA PRO E 271 -12.17 -2.40 -14.04
C PRO E 271 -12.55 -0.95 -13.78
N GLN E 272 -13.17 -0.30 -14.77
CA GLN E 272 -13.53 1.11 -14.65
C GLN E 272 -14.51 1.38 -13.51
N LEU E 273 -15.32 0.38 -13.14
CA LEU E 273 -16.36 0.57 -12.13
C LEU E 273 -15.84 1.14 -10.81
N ARG E 274 -14.58 0.84 -10.47
CA ARG E 274 -13.91 1.46 -9.33
C ARG E 274 -14.18 2.95 -9.36
N GLU E 275 -13.74 3.55 -10.46
CA GLU E 275 -13.88 4.98 -10.71
C GLU E 275 -15.33 5.48 -10.57
N VAL E 276 -16.29 4.71 -11.07
CA VAL E 276 -17.71 5.07 -10.97
C VAL E 276 -18.19 5.08 -9.52
N VAL E 277 -17.69 4.13 -8.74
CA VAL E 277 -18.17 3.86 -7.40
C VAL E 277 -17.58 4.82 -6.34
N ASP E 278 -16.42 5.40 -6.65
CA ASP E 278 -15.80 6.40 -5.78
C ASP E 278 -16.60 7.70 -5.85
N GLN E 279 -16.92 8.11 -7.08
CA GLN E 279 -17.69 9.31 -7.36
C GLN E 279 -19.16 9.21 -6.92
N VAL E 280 -19.57 8.03 -6.45
CA VAL E 280 -20.93 7.85 -5.92
C VAL E 280 -21.07 8.61 -4.60
N ALA E 281 -19.93 8.99 -4.01
CA ALA E 281 -19.88 9.84 -2.82
C ALA E 281 -20.30 11.27 -3.16
N ALA E 282 -20.02 11.69 -4.39
CA ALA E 282 -20.45 13.00 -4.90
C ALA E 282 -21.84 12.91 -5.56
N ASP E 283 -21.93 12.17 -6.66
CA ASP E 283 -23.13 12.06 -7.48
C ASP E 283 -23.93 10.78 -7.20
N PRO E 284 -25.28 10.89 -7.07
CA PRO E 284 -26.13 9.72 -6.99
C PRO E 284 -26.82 9.32 -8.32
N ARG E 285 -26.51 10.02 -9.42
CA ARG E 285 -26.86 9.52 -10.76
C ARG E 285 -26.16 8.15 -10.94
N ASN E 286 -24.99 8.03 -10.29
CA ASN E 286 -24.14 6.84 -10.36
C ASN E 286 -24.70 5.56 -9.74
N VAL E 287 -25.77 5.69 -8.95
CA VAL E 287 -26.53 4.52 -8.47
C VAL E 287 -27.06 3.74 -9.67
N ASP E 288 -27.72 4.44 -10.60
CA ASP E 288 -28.29 3.85 -11.81
C ASP E 288 -27.22 3.29 -12.74
N ILE E 289 -26.10 4.02 -12.86
CA ILE E 289 -24.99 3.60 -13.72
C ILE E 289 -24.36 2.30 -13.19
N ALA E 290 -24.18 2.23 -11.88
CA ALA E 290 -23.64 1.03 -11.25
C ALA E 290 -24.51 -0.19 -11.55
N LEU E 291 -25.83 -0.04 -11.43
CA LEU E 291 -26.76 -1.12 -11.74
C LEU E 291 -26.65 -1.56 -13.19
N GLU E 292 -26.50 -0.58 -14.09
CA GLU E 292 -26.30 -0.84 -15.50
C GLU E 292 -25.06 -1.72 -15.70
N TYR E 293 -24.00 -1.41 -14.94
CA TYR E 293 -22.77 -2.21 -14.93
C TYR E 293 -22.97 -3.60 -14.34
N LEU E 294 -23.66 -3.68 -13.21
CA LEU E 294 -23.93 -4.94 -12.54
C LEU E 294 -24.80 -5.85 -13.40
N GLY E 295 -25.82 -5.25 -14.04
CA GLY E 295 -26.73 -5.99 -14.92
C GLY E 295 -26.01 -6.68 -16.05
N LYS E 296 -25.02 -6.00 -16.64
CA LYS E 296 -24.20 -6.54 -17.72
C LYS E 296 -23.17 -7.53 -17.18
N SER E 297 -22.92 -7.47 -15.88
CA SER E 297 -21.95 -8.35 -15.26
C SER E 297 -22.60 -9.64 -14.78
N LYS E 298 -21.75 -10.61 -14.44
CA LYS E 298 -22.18 -11.87 -13.86
C LYS E 298 -22.01 -11.82 -12.34
N GLY E 299 -21.98 -10.60 -11.79
CA GLY E 299 -21.68 -10.37 -10.37
C GLY E 299 -22.67 -10.93 -9.38
N ILE E 300 -23.95 -10.86 -9.74
CA ILE E 300 -25.01 -11.46 -8.94
C ILE E 300 -24.92 -12.99 -8.93
N GLN E 301 -24.65 -13.60 -10.09
CA GLN E 301 -24.56 -15.06 -10.09
C GLN E 301 -23.25 -15.57 -9.51
N ARG E 302 -22.17 -14.82 -9.66
CA ARG E 302 -20.92 -15.15 -8.99
C ARG E 302 -21.05 -15.10 -7.47
N ALA E 303 -21.85 -14.17 -6.95
CA ALA E 303 -22.10 -14.05 -5.51
C ALA E 303 -23.01 -15.17 -5.03
N ARG E 304 -24.00 -15.52 -5.83
CA ARG E 304 -24.90 -16.63 -5.54
C ARG E 304 -24.15 -17.98 -5.52
N GLU E 305 -23.23 -18.17 -6.48
CA GLU E 305 -22.38 -19.36 -6.49
C GLU E 305 -21.56 -19.49 -5.20
N LEU E 306 -20.98 -18.37 -4.75
CA LEU E 306 -20.14 -18.34 -3.55
C LEU E 306 -20.94 -18.57 -2.27
N ALA E 307 -22.18 -18.09 -2.23
CA ALA E 307 -23.10 -18.35 -1.13
C ALA E 307 -23.41 -19.85 -1.03
N MET E 308 -23.63 -20.48 -2.19
CA MET E 308 -23.94 -21.92 -2.27
C MET E 308 -22.80 -22.81 -1.79
N GLU E 309 -21.57 -22.49 -2.18
CA GLU E 309 -20.39 -23.22 -1.72
C GLU E 309 -20.29 -23.23 -0.18
N HIS E 310 -20.75 -22.15 0.43
CA HIS E 310 -20.72 -22.02 1.86
C HIS E 310 -21.88 -22.75 2.49
N ALA E 311 -23.05 -22.69 1.85
CA ALA E 311 -24.21 -23.43 2.31
C ALA E 311 -23.89 -24.91 2.34
N ASN E 312 -23.25 -25.38 1.27
CA ASN E 312 -22.84 -26.79 1.11
C ASN E 312 -21.91 -27.25 2.23
N LEU E 313 -20.88 -26.46 2.53
CA LEU E 313 -19.92 -26.80 3.57
C LEU E 313 -20.59 -26.87 4.93
N ALA E 314 -21.59 -26.02 5.14
CA ALA E 314 -22.39 -26.06 6.34
C ALA E 314 -23.17 -27.38 6.43
N ALA E 315 -23.89 -27.73 5.37
CA ALA E 315 -24.62 -29.00 5.31
C ALA E 315 -23.72 -30.21 5.56
N ALA E 316 -22.56 -30.21 4.91
CA ALA E 316 -21.59 -31.29 5.03
C ALA E 316 -21.15 -31.51 6.48
N ALA E 317 -20.94 -30.41 7.21
CA ALA E 317 -20.50 -30.48 8.60
C ALA E 317 -21.53 -31.19 9.49
N ILE E 318 -22.80 -30.84 9.32
CA ILE E 318 -23.88 -31.54 10.01
C ILE E 318 -23.84 -33.03 9.63
N GLY E 319 -23.73 -33.31 8.34
CA GLY E 319 -23.68 -34.68 7.83
C GLY E 319 -22.49 -35.49 8.34
N SER E 320 -21.41 -34.79 8.67
CA SER E 320 -20.23 -35.44 9.23
C SER E 320 -20.30 -35.69 10.75
N LEU E 321 -21.43 -35.40 11.38
CA LEU E 321 -21.57 -35.61 12.82
C LEU E 321 -21.59 -37.10 13.20
N PRO E 322 -21.13 -37.42 14.43
CA PRO E 322 -21.14 -38.79 14.95
C PRO E 322 -22.53 -39.40 14.86
N GLU E 323 -22.63 -40.65 14.40
CA GLU E 323 -23.93 -41.26 14.15
C GLU E 323 -24.71 -41.44 15.45
N THR E 324 -26.00 -41.09 15.40
CA THR E 324 -26.89 -41.23 16.54
C THR E 324 -28.07 -42.16 16.23
N ASP E 325 -28.67 -42.72 17.28
CA ASP E 325 -29.86 -43.55 17.14
C ASP E 325 -31.06 -42.90 17.82
N ASN E 326 -30.91 -41.63 18.18
CA ASN E 326 -31.94 -40.84 18.84
C ASN E 326 -32.68 -39.94 17.84
N GLU E 327 -34.00 -40.12 17.78
CA GLU E 327 -34.85 -39.44 16.79
C GLU E 327 -34.94 -37.93 16.95
N ASP E 328 -34.77 -37.44 18.17
CA ASP E 328 -34.81 -36.00 18.46
C ASP E 328 -33.52 -35.32 18.00
N VAL E 329 -32.40 -35.99 18.23
CA VAL E 329 -31.09 -35.53 17.74
C VAL E 329 -31.09 -35.54 16.20
N LYS E 330 -31.70 -36.58 15.61
CA LYS E 330 -31.84 -36.69 14.15
C LYS E 330 -32.72 -35.59 13.57
N ARG E 331 -33.79 -35.23 14.28
CA ARG E 331 -34.70 -34.15 13.87
C ARG E 331 -34.00 -32.79 13.83
N SER E 332 -33.19 -32.51 14.84
CA SER E 332 -32.43 -31.26 14.90
C SER E 332 -31.36 -31.18 13.83
N ARG E 333 -30.74 -32.31 13.51
CA ARG E 333 -29.75 -32.35 12.44
C ARG E 333 -30.40 -32.05 11.09
N ARG E 334 -31.60 -32.61 10.89
CA ARG E 334 -32.39 -32.31 9.69
C ARG E 334 -32.71 -30.81 9.59
N ALA E 335 -33.07 -30.20 10.72
CA ALA E 335 -33.38 -28.78 10.73
C ALA E 335 -32.19 -27.91 10.31
N LEU E 336 -31.00 -28.19 10.85
CA LEU E 336 -29.78 -27.44 10.53
C LEU E 336 -29.37 -27.55 9.07
N ILE E 337 -29.53 -28.75 8.50
CA ILE E 337 -29.31 -28.97 7.07
C ILE E 337 -30.35 -28.18 6.29
N ASP E 338 -31.63 -28.31 6.65
CA ASP E 338 -32.70 -27.52 6.06
C ASP E 338 -32.40 -26.00 6.02
N LEU E 339 -31.95 -25.43 7.13
CA LEU E 339 -31.54 -24.03 7.15
C LEU E 339 -30.48 -23.73 6.09
N THR E 340 -29.68 -24.74 5.76
CA THR E 340 -28.63 -24.66 4.77
C THR E 340 -29.21 -24.41 3.39
N HIS E 341 -30.41 -24.94 3.16
CA HIS E 341 -31.10 -24.80 1.88
C HIS E 341 -31.90 -23.50 1.83
N ARG E 342 -32.48 -23.10 2.96
CA ARG E 342 -33.32 -21.91 3.03
C ARG E 342 -32.53 -20.62 2.95
N VAL E 343 -31.29 -20.65 3.43
CA VAL E 343 -30.42 -19.46 3.40
C VAL E 343 -30.19 -18.99 1.97
N ILE E 344 -30.24 -19.93 1.03
CA ILE E 344 -30.07 -19.68 -0.39
C ILE E 344 -31.39 -19.26 -1.04
N THR E 345 -32.49 -19.81 -0.54
CA THR E 345 -33.77 -19.72 -1.24
C THR E 345 -34.78 -18.76 -0.58
N ARG E 346 -34.38 -18.08 0.49
CA ARG E 346 -35.27 -17.11 1.12
C ARG E 346 -35.68 -15.99 0.15
N ASN E 347 -36.72 -15.25 0.51
CA ASN E 347 -37.21 -14.15 -0.31
C ASN E 347 -37.62 -12.92 0.51
N ASP F 9 -30.49 25.96 -11.84
CA ASP F 9 -29.61 26.48 -12.94
C ASP F 9 -28.30 27.04 -12.39
N PRO F 10 -28.37 28.06 -11.50
CA PRO F 10 -27.12 28.73 -11.12
C PRO F 10 -26.00 27.77 -10.68
N PHE F 11 -26.34 26.62 -10.11
CA PHE F 11 -25.34 25.60 -9.77
C PHE F 11 -24.85 24.81 -10.97
N SER F 12 -25.75 24.55 -11.93
CA SER F 12 -25.44 23.78 -13.13
C SER F 12 -24.59 24.62 -14.06
N LEU F 13 -24.63 25.94 -13.85
CA LEU F 13 -23.94 26.90 -14.71
C LEU F 13 -22.43 26.86 -14.51
N VAL F 14 -22.02 26.52 -13.30
CA VAL F 14 -20.60 26.53 -12.92
C VAL F 14 -20.18 25.21 -12.23
N ALA F 15 -20.94 24.15 -12.49
CA ALA F 15 -20.73 22.84 -11.88
C ALA F 15 -19.37 22.22 -12.21
N ASP F 16 -18.92 22.39 -13.46
CA ASP F 16 -17.63 21.86 -13.92
C ASP F 16 -16.46 22.38 -13.09
N GLU F 17 -16.44 23.68 -12.84
CA GLU F 17 -15.37 24.29 -12.05
C GLU F 17 -15.50 24.04 -10.56
N LEU F 18 -16.73 24.01 -10.08
CA LEU F 18 -17.02 23.61 -8.69
C LEU F 18 -16.47 22.23 -8.41
N SER F 19 -16.61 21.33 -9.39
CA SER F 19 -16.10 19.97 -9.33
C SER F 19 -14.57 20.02 -9.21
N LEU F 20 -13.93 20.84 -10.04
CA LEU F 20 -12.49 21.03 -9.98
C LEU F 20 -12.03 21.53 -8.62
N LEU F 21 -12.74 22.54 -8.09
CA LEU F 21 -12.46 23.11 -6.78
C LEU F 21 -12.48 22.08 -5.65
N SER F 22 -13.36 21.10 -5.77
CA SER F 22 -13.37 19.99 -4.83
C SER F 22 -12.18 19.01 -5.07
N ASN F 23 -11.10 19.51 -5.68
CA ASN F 23 -9.80 18.85 -5.62
C ASN F 23 -9.28 18.98 -4.20
N LYS F 24 -9.57 20.12 -3.57
CA LYS F 24 -9.19 20.46 -2.21
C LYS F 24 -9.32 19.27 -1.24
N LEU F 25 -10.14 18.30 -1.66
CA LEU F 25 -10.19 17.00 -1.02
C LEU F 25 -8.82 16.35 -1.07
N ARG F 26 -8.16 16.44 -2.24
CA ARG F 26 -6.78 16.01 -2.40
C ARG F 26 -5.91 16.64 -1.33
N GLU F 27 -5.96 17.96 -1.19
CA GLU F 27 -5.12 18.67 -0.23
C GLU F 27 -5.25 18.19 1.22
N MET F 28 -6.48 18.18 1.75
CA MET F 28 -6.70 17.77 3.15
C MET F 28 -6.78 16.24 3.30
N VAL F 29 -6.93 15.50 2.20
CA VAL F 29 -6.85 14.03 2.29
C VAL F 29 -5.36 13.63 2.21
N LEU F 30 -4.72 14.01 1.11
CA LEU F 30 -3.26 13.97 0.96
C LEU F 30 -2.59 14.39 2.25
N ALA F 31 -1.27 14.41 2.32
CA ALA F 31 -0.58 14.78 3.56
C ALA F 31 -0.80 16.29 3.92
N GLU F 32 -1.61 16.73 4.91
CA GLU F 32 -2.19 16.11 6.12
C GLU F 32 -3.31 15.32 5.61
N VAL F 33 -3.47 14.01 5.73
CA VAL F 33 -3.93 13.33 6.93
C VAL F 33 -2.98 12.27 7.51
N PRO F 34 -2.14 11.62 6.66
CA PRO F 34 -1.09 10.76 7.21
C PRO F 34 -0.35 11.43 8.36
N LYS F 35 -0.42 12.76 8.42
CA LYS F 35 0.01 13.52 9.58
C LYS F 35 -0.99 13.35 10.74
N LEU F 36 -1.23 12.09 11.11
CA LEU F 36 -1.94 11.69 12.34
C LEU F 36 -1.04 10.89 13.27
N ALA F 37 0.22 10.73 12.85
CA ALA F 37 1.30 10.47 13.77
C ALA F 37 1.28 11.61 14.79
N SER F 38 0.72 12.75 14.36
CA SER F 38 0.35 13.86 15.24
C SER F 38 -0.52 13.46 16.43
N ALA F 39 -1.49 12.56 16.24
CA ALA F 39 -2.32 12.04 17.35
C ALA F 39 -1.62 10.96 18.15
N ALA F 40 -0.79 10.16 17.47
CA ALA F 40 0.09 9.22 18.11
C ALA F 40 1.09 9.95 19.02
N GLU F 41 1.35 11.22 18.69
CA GLU F 41 2.34 12.04 19.40
C GLU F 41 1.91 12.42 20.79
N TYR F 42 0.69 12.92 20.94
CA TYR F 42 0.17 13.11 22.28
C TYR F 42 -0.12 11.68 22.72
N PHE F 43 0.34 11.33 23.92
CA PHE F 43 0.39 9.94 24.43
C PHE F 43 1.15 8.98 23.49
N PHE F 44 2.48 8.91 23.56
CA PHE F 44 3.38 9.59 24.51
C PHE F 44 3.14 11.10 24.68
N LYS F 45 2.68 11.50 25.87
CA LYS F 45 2.22 12.87 26.20
C LYS F 45 0.70 12.95 26.25
N GLY F 50 5.00 8.82 32.74
CA GLY F 50 3.89 9.63 33.26
C GLY F 50 3.44 9.18 34.64
N LYS F 51 2.12 9.24 34.86
CA LYS F 51 1.51 8.69 36.07
C LYS F 51 0.79 7.39 35.73
N GLN F 52 1.12 6.35 36.49
CA GLN F 52 0.47 5.05 36.38
C GLN F 52 0.11 4.57 37.79
N PHE F 53 -0.57 5.42 38.54
CA PHE F 53 -0.99 5.15 39.92
C PHE F 53 -1.69 3.81 40.11
N ARG F 54 -2.67 3.52 39.25
CA ARG F 54 -3.45 2.30 39.29
C ARG F 54 -2.51 1.09 39.17
N SER F 55 -1.57 1.20 38.25
CA SER F 55 -0.58 0.15 37.96
C SER F 55 0.41 -0.06 39.13
N THR F 56 0.89 1.05 39.68
CA THR F 56 1.68 1.04 40.89
C THR F 56 0.98 0.26 42.01
N ILE F 57 -0.24 0.65 42.37
CA ILE F 57 -1.00 -0.07 43.42
C ILE F 57 -1.03 -1.57 43.22
N LEU F 58 -1.26 -2.00 41.98
CA LEU F 58 -1.49 -3.42 41.68
C LEU F 58 -0.21 -4.22 41.75
N LEU F 59 0.87 -3.61 41.29
CA LEU F 59 2.20 -4.20 41.31
C LEU F 59 2.76 -4.30 42.73
N LEU F 60 2.52 -3.27 43.53
CA LEU F 60 2.84 -3.31 44.95
C LEU F 60 2.04 -4.41 45.66
N MET F 61 0.72 -4.45 45.39
CA MET F 61 -0.15 -5.45 45.98
C MET F 61 0.30 -6.87 45.64
N ALA F 62 0.81 -7.06 44.42
CA ALA F 62 1.36 -8.35 44.02
C ALA F 62 2.45 -8.84 44.99
N THR F 63 3.47 -8.03 45.23
CA THR F 63 4.53 -8.38 46.18
C THR F 63 4.04 -8.38 47.63
N ALA F 64 3.08 -7.52 47.96
CA ALA F 64 2.58 -7.40 49.34
C ALA F 64 1.72 -8.57 49.83
N LEU F 65 1.54 -9.57 49.00
CA LEU F 65 0.79 -10.79 49.36
C LEU F 65 1.63 -12.04 49.10
N SER F 83 7.62 -16.90 38.84
CA SER F 83 7.89 -16.14 37.63
C SER F 83 6.72 -16.16 36.66
N GLU F 84 5.97 -17.26 36.65
CA GLU F 84 4.77 -17.39 35.85
C GLU F 84 3.66 -16.56 36.49
N LEU F 85 3.75 -16.42 37.80
CA LEU F 85 2.75 -15.67 38.54
C LEU F 85 2.87 -14.15 38.33
N ARG F 86 4.11 -13.64 38.39
CA ARG F 86 4.37 -12.20 38.23
C ARG F 86 4.01 -11.65 36.86
N VAL F 87 4.15 -12.47 35.82
CA VAL F 87 3.72 -12.09 34.46
C VAL F 87 2.19 -11.90 34.42
N ARG F 88 1.48 -12.83 35.06
CA ARG F 88 0.02 -12.83 35.09
C ARG F 88 -0.54 -11.78 36.05
N GLN F 89 0.21 -11.50 37.12
CA GLN F 89 -0.13 -10.40 38.03
C GLN F 89 0.03 -9.10 37.26
N ARG F 90 1.12 -9.00 36.51
CA ARG F 90 1.40 -7.81 35.68
C ARG F 90 0.34 -7.62 34.60
N GLY F 91 -0.21 -8.73 34.11
CA GLY F 91 -1.27 -8.70 33.10
C GLY F 91 -2.51 -7.98 33.58
N ILE F 92 -2.86 -8.21 34.85
CA ILE F 92 -3.99 -7.53 35.44
C ILE F 92 -3.84 -6.00 35.39
N ALA F 93 -2.63 -5.52 35.67
CA ALA F 93 -2.37 -4.09 35.58
C ALA F 93 -2.59 -3.60 34.13
N GLU F 94 -2.09 -4.38 33.18
CA GLU F 94 -2.33 -4.14 31.74
C GLU F 94 -3.83 -4.00 31.46
N ILE F 95 -4.59 -5.02 31.81
CA ILE F 95 -6.03 -5.05 31.62
C ILE F 95 -6.74 -3.86 32.30
N THR F 96 -6.40 -3.59 33.55
CA THR F 96 -6.98 -2.44 34.26
C THR F 96 -6.72 -1.13 33.51
N GLU F 97 -5.51 -0.95 33.00
CA GLU F 97 -5.21 0.26 32.24
C GLU F 97 -5.98 0.33 30.90
N MET F 98 -6.13 -0.80 30.22
CA MET F 98 -7.01 -0.90 29.06
C MET F 98 -8.46 -0.53 29.38
N ILE F 99 -9.01 -1.11 30.44
CA ILE F 99 -10.41 -0.83 30.81
C ILE F 99 -10.57 0.64 31.21
N HIS F 100 -9.56 1.17 31.87
CA HIS F 100 -9.61 2.56 32.32
C HIS F 100 -9.67 3.53 31.14
N VAL F 101 -8.75 3.39 30.21
CA VAL F 101 -8.67 4.21 29.01
C VAL F 101 -9.92 4.05 28.13
N ALA F 102 -10.46 2.84 28.04
CA ALA F 102 -11.72 2.60 27.33
C ALA F 102 -12.85 3.45 27.96
N SER F 103 -12.84 3.55 29.29
CA SER F 103 -13.79 4.40 30.02
C SER F 103 -13.70 5.88 29.64
N LEU F 104 -12.48 6.39 29.51
CA LEU F 104 -12.26 7.77 29.14
C LEU F 104 -12.75 8.03 27.74
N LEU F 105 -12.53 7.07 26.85
CA LEU F 105 -12.97 7.22 25.46
C LEU F 105 -14.49 7.22 25.35
N HIS F 106 -15.16 6.29 26.02
CA HIS F 106 -16.61 6.14 25.88
C HIS F 106 -17.40 7.22 26.65
N ASP F 107 -16.84 7.72 27.75
CA ASP F 107 -17.41 8.85 28.48
C ASP F 107 -17.28 10.15 27.66
N ASP F 108 -16.43 10.14 26.64
CA ASP F 108 -16.26 11.30 25.76
C ASP F 108 -17.31 11.41 24.64
N VAL F 109 -18.08 10.36 24.45
CA VAL F 109 -19.07 10.31 23.38
C VAL F 109 -20.13 11.40 23.58
N LEU F 110 -20.37 12.18 22.53
CA LEU F 110 -21.23 13.37 22.56
C LEU F 110 -22.51 13.23 21.73
N ASP F 111 -23.51 14.04 22.05
CA ASP F 111 -24.83 13.98 21.39
C ASP F 111 -25.08 15.06 20.33
N ASP F 112 -26.24 14.95 19.68
CA ASP F 112 -26.83 15.99 18.83
C ASP F 112 -26.37 17.43 19.14
N ALA F 113 -26.36 17.77 20.43
CA ALA F 113 -26.14 19.13 20.90
C ALA F 113 -25.69 19.18 22.36
N ASN F 123 -15.15 19.22 13.73
CA ASN F 123 -14.06 18.26 13.78
C ASN F 123 -14.47 17.13 14.70
N VAL F 124 -15.33 17.38 15.66
CA VAL F 124 -15.75 16.24 16.46
C VAL F 124 -17.00 15.63 15.82
N VAL F 125 -16.71 14.75 14.87
CA VAL F 125 -17.67 13.82 14.30
C VAL F 125 -17.02 12.48 14.65
N MET F 126 -15.69 12.56 14.65
CA MET F 126 -14.76 11.55 15.14
C MET F 126 -13.51 12.36 15.47
N GLY F 127 -13.24 12.70 16.72
CA GLY F 127 -13.61 12.02 17.96
C GLY F 127 -14.83 11.19 18.23
N ASN F 128 -16.02 11.65 17.83
CA ASN F 128 -17.20 10.95 18.29
C ASN F 128 -17.19 9.46 17.91
N LYS F 129 -17.05 9.20 16.62
CA LYS F 129 -17.09 7.84 16.09
C LYS F 129 -15.76 7.10 16.30
N MET F 130 -14.69 7.87 16.35
CA MET F 130 -13.34 7.39 16.58
C MET F 130 -13.14 6.93 18.02
N SER F 131 -13.81 7.58 18.96
CA SER F 131 -13.70 7.23 20.37
C SER F 131 -14.47 5.97 20.69
N VAL F 132 -15.63 5.83 20.06
CA VAL F 132 -16.45 4.62 20.23
C VAL F 132 -15.60 3.43 19.81
N LEU F 133 -14.98 3.55 18.65
CA LEU F 133 -14.26 2.46 18.04
C LEU F 133 -12.99 2.09 18.82
N ALA F 134 -12.29 3.09 19.32
CA ALA F 134 -11.01 2.90 20.00
C ALA F 134 -11.23 2.38 21.42
N GLY F 135 -12.35 2.76 22.02
CA GLY F 135 -12.75 2.21 23.32
C GLY F 135 -13.08 0.75 23.18
N ASP F 136 -13.85 0.42 22.13
CA ASP F 136 -14.18 -0.95 21.78
C ASP F 136 -12.98 -1.83 21.47
N PHE F 137 -11.99 -1.28 20.77
CA PHE F 137 -10.74 -1.96 20.54
C PHE F 137 -10.02 -2.28 21.87
N LEU F 138 -10.05 -1.34 22.81
CA LEU F 138 -9.44 -1.55 24.13
C LEU F 138 -10.22 -2.53 25.01
N LEU F 139 -11.54 -2.44 24.97
CA LEU F 139 -12.40 -3.39 25.66
C LEU F 139 -12.28 -4.82 25.14
N SER F 140 -12.18 -4.96 23.83
CA SER F 140 -12.08 -6.29 23.22
C SER F 140 -10.73 -6.93 23.59
N ARG F 141 -9.69 -6.11 23.65
CA ARG F 141 -8.35 -6.50 24.07
C ARG F 141 -8.28 -6.90 25.55
N ALA F 142 -9.10 -6.25 26.37
CA ALA F 142 -9.19 -6.60 27.79
C ALA F 142 -9.84 -7.95 27.97
N CYS F 143 -10.87 -8.23 27.17
CA CYS F 143 -11.51 -9.55 27.12
C CYS F 143 -10.54 -10.66 26.75
N GLY F 144 -9.81 -10.47 25.66
CA GLY F 144 -8.81 -11.46 25.21
C GLY F 144 -7.71 -11.72 26.22
N ALA F 145 -7.33 -10.67 26.97
CA ALA F 145 -6.30 -10.77 27.99
C ALA F 145 -6.80 -11.46 29.25
N LEU F 146 -8.03 -11.13 29.64
CA LEU F 146 -8.71 -11.81 30.74
C LEU F 146 -8.85 -13.30 30.44
N ALA F 147 -9.37 -13.63 29.26
CA ALA F 147 -9.51 -15.00 28.82
C ALA F 147 -8.18 -15.79 28.83
N ALA F 148 -7.08 -15.13 28.49
CA ALA F 148 -5.77 -15.76 28.43
C ALA F 148 -5.18 -16.04 29.84
N LEU F 149 -5.68 -15.31 30.84
CA LEU F 149 -5.37 -15.56 32.22
C LEU F 149 -5.86 -16.94 32.70
N LYS F 150 -6.86 -17.48 32.00
CA LYS F 150 -7.44 -18.79 32.33
C LYS F 150 -7.90 -18.85 33.78
N ASN F 151 -8.62 -17.81 34.21
CA ASN F 151 -9.15 -17.75 35.57
C ASN F 151 -10.50 -17.06 35.59
N THR F 152 -11.56 -17.87 35.60
CA THR F 152 -12.92 -17.38 35.53
C THR F 152 -13.31 -16.44 36.69
N GLU F 153 -12.70 -16.60 37.87
CA GLU F 153 -13.00 -15.71 38.98
C GLU F 153 -12.55 -14.26 38.78
N VAL F 154 -11.41 -14.06 38.11
CA VAL F 154 -10.94 -12.69 37.88
C VAL F 154 -11.67 -12.05 36.70
N VAL F 155 -12.05 -12.86 35.72
CA VAL F 155 -12.90 -12.38 34.64
C VAL F 155 -14.14 -11.77 35.28
N ALA F 156 -14.77 -12.50 36.18
CA ALA F 156 -15.97 -12.03 36.88
C ALA F 156 -15.71 -10.73 37.62
N LEU F 157 -14.53 -10.59 38.21
CA LEU F 157 -14.20 -9.38 38.98
C LEU F 157 -14.10 -8.15 38.08
N LEU F 158 -13.46 -8.31 36.94
CA LEU F 158 -13.23 -7.18 36.03
C LEU F 158 -14.45 -6.80 35.18
N ALA F 159 -15.30 -7.79 34.91
CA ALA F 159 -16.60 -7.59 34.29
C ALA F 159 -17.50 -6.73 35.19
N THR F 160 -17.50 -7.03 36.48
CA THR F 160 -18.16 -6.22 37.48
C THR F 160 -17.61 -4.79 37.45
N ALA F 161 -16.28 -4.65 37.42
CA ALA F 161 -15.67 -3.35 37.30
C ALA F 161 -16.29 -2.57 36.12
N VAL F 162 -16.44 -3.23 34.98
CA VAL F 162 -16.88 -2.56 33.78
C VAL F 162 -18.31 -2.07 33.90
N GLU F 163 -19.18 -2.91 34.45
CA GLU F 163 -20.58 -2.54 34.62
C GLU F 163 -20.71 -1.34 35.55
N HIS F 164 -19.88 -1.33 36.61
CA HIS F 164 -19.86 -0.25 37.60
C HIS F 164 -19.35 1.06 37.05
N LEU F 165 -18.31 1.03 36.24
CA LEU F 165 -17.90 2.22 35.50
C LEU F 165 -19.06 2.78 34.63
N VAL F 166 -19.75 1.88 33.96
CA VAL F 166 -20.89 2.26 33.16
C VAL F 166 -22.03 2.80 34.05
N THR F 167 -22.37 2.05 35.09
CA THR F 167 -23.42 2.45 36.01
C THR F 167 -23.10 3.82 36.63
N GLY F 168 -21.81 4.06 36.84
CA GLY F 168 -21.34 5.30 37.43
C GLY F 168 -21.44 6.48 36.49
N GLU F 169 -21.17 6.24 35.22
CA GLU F 169 -21.30 7.29 34.21
C GLU F 169 -22.77 7.61 33.97
N THR F 170 -23.62 6.59 33.99
CA THR F 170 -25.07 6.77 33.85
C THR F 170 -25.65 7.64 34.98
N MET F 171 -25.09 7.50 36.18
CA MET F 171 -25.54 8.28 37.32
C MET F 171 -25.12 9.74 37.20
N GLU F 172 -23.94 9.97 36.64
CA GLU F 172 -23.45 11.33 36.41
C GLU F 172 -24.33 12.02 35.38
N ILE F 173 -24.80 11.21 34.42
CA ILE F 173 -25.66 11.65 33.35
C ILE F 173 -27.10 11.86 33.81
N THR F 174 -27.61 10.95 34.64
CA THR F 174 -29.02 10.95 35.04
C THR F 174 -29.29 12.12 35.96
N SER F 175 -30.44 12.76 35.78
CA SER F 175 -30.64 14.06 36.38
C SER F 175 -31.51 14.17 37.62
N SER F 176 -32.14 13.10 38.13
CA SER F 176 -32.94 13.32 39.35
C SER F 176 -32.30 14.48 40.12
N THR F 177 -32.81 15.70 39.94
CA THR F 177 -32.15 16.90 40.50
C THR F 177 -31.91 16.68 41.98
N ALA F 178 -32.95 16.14 42.62
CA ALA F 178 -32.94 15.69 43.99
C ALA F 178 -31.74 14.81 44.35
N ALA F 179 -31.69 13.63 43.73
CA ALA F 179 -30.64 12.64 44.00
C ALA F 179 -29.27 13.27 43.91
N ARG F 180 -29.09 14.12 42.89
CA ARG F 180 -27.84 14.88 42.68
C ARG F 180 -27.33 15.58 43.96
N TYR F 181 -28.25 16.03 44.81
CA TYR F 181 -27.89 16.71 46.06
C TYR F 181 -27.78 15.80 47.28
N SER F 182 -27.76 14.48 47.05
CA SER F 182 -27.55 13.51 48.13
C SER F 182 -26.09 13.07 48.25
N MET F 183 -25.56 13.14 49.46
CA MET F 183 -24.20 12.68 49.75
C MET F 183 -24.10 11.15 49.64
N ASP F 184 -25.19 10.46 49.95
CA ASP F 184 -25.22 9.00 49.81
C ASP F 184 -25.22 8.57 48.35
N TYR F 185 -25.89 9.37 47.53
CA TYR F 185 -25.89 9.16 46.08
C TYR F 185 -24.53 9.52 45.50
N TYR F 186 -23.97 10.63 45.98
CA TYR F 186 -22.65 11.08 45.54
C TYR F 186 -21.58 10.04 45.77
N MET F 187 -21.66 9.36 46.91
CA MET F 187 -20.65 8.40 47.32
C MET F 187 -20.73 7.09 46.55
N GLN F 188 -21.94 6.61 46.31
CA GLN F 188 -22.18 5.43 45.49
C GLN F 188 -21.73 5.66 44.04
N LYS F 189 -22.01 6.85 43.51
CA LYS F 189 -21.56 7.24 42.18
C LYS F 189 -20.03 7.20 42.10
N THR F 190 -19.41 7.88 43.05
CA THR F 190 -17.98 8.00 43.16
C THR F 190 -17.31 6.65 43.28
N TYR F 191 -17.93 5.72 44.01
CA TYR F 191 -17.41 4.36 44.10
C TYR F 191 -17.36 3.71 42.72
N TYR F 192 -18.50 3.80 42.01
CA TYR F 192 -18.70 3.19 40.71
C TYR F 192 -17.78 3.80 39.67
N LYS F 193 -17.53 5.09 39.81
CA LYS F 193 -16.83 5.83 38.79
C LYS F 193 -15.32 5.71 38.96
N THR F 194 -14.88 5.58 40.21
CA THR F 194 -13.44 5.60 40.53
C THR F 194 -12.96 4.41 41.38
N ALA F 195 -13.64 4.14 42.49
CA ALA F 195 -13.12 3.16 43.43
C ALA F 195 -13.25 1.72 42.92
N SER F 196 -14.30 1.45 42.15
CA SER F 196 -14.65 0.10 41.75
C SER F 196 -13.57 -0.59 40.92
N LEU F 197 -12.95 0.15 40.00
CA LEU F 197 -11.96 -0.44 39.09
C LEU F 197 -10.69 -0.79 39.85
N ILE F 198 -10.21 0.14 40.66
CA ILE F 198 -9.05 -0.11 41.47
C ILE F 198 -9.33 -1.16 42.57
N SER F 199 -10.54 -1.20 43.12
CA SER F 199 -10.88 -2.21 44.14
C SER F 199 -10.94 -3.64 43.61
N ASN F 200 -11.68 -3.86 42.52
CA ASN F 200 -11.79 -5.19 41.91
C ASN F 200 -10.49 -5.70 41.28
N SER F 201 -9.66 -4.78 40.81
CA SER F 201 -8.31 -5.10 40.34
C SER F 201 -7.48 -5.67 41.46
N CYS F 202 -7.49 -4.99 42.61
CA CYS F 202 -6.76 -5.42 43.79
C CYS F 202 -7.20 -6.81 44.22
N LYS F 203 -8.52 -7.01 44.28
CA LYS F 203 -9.07 -8.32 44.60
C LYS F 203 -8.65 -9.37 43.58
N ALA F 204 -8.62 -8.99 42.30
CA ALA F 204 -8.15 -9.90 41.24
C ALA F 204 -6.71 -10.35 41.43
N VAL F 205 -5.89 -9.53 42.09
CA VAL F 205 -4.49 -9.89 42.34
C VAL F 205 -4.41 -10.99 43.38
N ALA F 206 -5.09 -10.75 44.52
CA ALA F 206 -5.16 -11.71 45.62
C ALA F 206 -5.74 -13.06 45.19
N VAL F 207 -6.65 -13.04 44.22
CA VAL F 207 -7.28 -14.27 43.74
C VAL F 207 -6.31 -15.03 42.86
N LEU F 208 -5.67 -14.30 41.94
CA LEU F 208 -4.66 -14.88 41.06
C LEU F 208 -3.50 -15.50 41.84
N THR F 209 -3.17 -14.88 42.99
CA THR F 209 -2.10 -15.32 43.87
C THR F 209 -2.49 -16.58 44.69
N GLY F 210 -3.80 -16.84 44.79
CA GLY F 210 -4.30 -18.02 45.48
C GLY F 210 -4.55 -17.74 46.95
N GLN F 211 -4.56 -16.47 47.32
CA GLN F 211 -4.74 -16.08 48.71
C GLN F 211 -6.09 -16.50 49.23
N THR F 212 -6.24 -16.41 50.56
CA THR F 212 -7.49 -16.69 51.24
C THR F 212 -8.58 -15.70 50.82
N ALA F 213 -9.83 -16.15 50.90
CA ALA F 213 -10.98 -15.31 50.67
C ALA F 213 -10.96 -14.07 51.57
N GLU F 214 -10.46 -14.23 52.79
CA GLU F 214 -10.42 -13.13 53.73
C GLU F 214 -9.39 -12.05 53.33
N VAL F 215 -8.22 -12.51 52.86
CA VAL F 215 -7.15 -11.62 52.39
C VAL F 215 -7.56 -10.88 51.12
N ALA F 216 -8.39 -11.55 50.31
CA ALA F 216 -8.91 -10.95 49.08
C ALA F 216 -9.79 -9.74 49.36
N VAL F 217 -10.70 -9.83 50.34
CA VAL F 217 -11.56 -8.68 50.67
C VAL F 217 -10.70 -7.60 51.33
N LEU F 218 -9.59 -8.00 51.95
CA LEU F 218 -8.64 -7.03 52.47
C LEU F 218 -8.00 -6.24 51.34
N ALA F 219 -7.65 -6.94 50.27
CA ALA F 219 -7.15 -6.28 49.05
C ALA F 219 -8.23 -5.36 48.47
N PHE F 220 -9.42 -5.91 48.30
CA PHE F 220 -10.60 -5.19 47.89
C PHE F 220 -10.83 -3.93 48.74
N GLU F 221 -10.74 -4.06 50.06
CA GLU F 221 -10.99 -2.92 50.93
C GLU F 221 -9.93 -1.81 50.78
N TYR F 222 -8.70 -2.20 50.50
CA TYR F 222 -7.64 -1.23 50.25
C TYR F 222 -7.98 -0.37 49.03
N GLY F 223 -8.42 -1.02 47.96
CA GLY F 223 -8.70 -0.35 46.70
C GLY F 223 -9.95 0.50 46.76
N ARG F 224 -11.00 -0.04 47.37
CA ARG F 224 -12.24 0.68 47.55
C ARG F 224 -11.90 1.97 48.27
N ASN F 225 -11.20 1.86 49.39
CA ASN F 225 -11.06 3.01 50.26
C ASN F 225 -10.09 4.07 49.74
N LEU F 226 -9.03 3.61 49.09
CA LEU F 226 -8.04 4.50 48.50
C LEU F 226 -8.66 5.25 47.31
N GLY F 227 -9.43 4.52 46.49
CA GLY F 227 -10.21 5.09 45.40
C GLY F 227 -11.15 6.18 45.84
N LEU F 228 -11.88 5.93 46.93
CA LEU F 228 -12.81 6.94 47.48
C LEU F 228 -12.07 8.18 47.94
N ALA F 229 -10.91 7.98 48.57
CA ALA F 229 -10.11 9.09 49.08
C ALA F 229 -9.54 9.90 47.91
N PHE F 230 -9.08 9.17 46.89
CA PHE F 230 -8.57 9.77 45.66
C PHE F 230 -9.54 10.73 44.98
N GLN F 231 -10.80 10.32 44.82
CA GLN F 231 -11.83 11.17 44.23
C GLN F 231 -12.18 12.37 45.12
N LEU F 232 -12.20 12.18 46.43
CA LEU F 232 -12.58 13.25 47.34
C LEU F 232 -11.57 14.37 47.30
N ILE F 233 -10.30 14.00 47.31
CA ILE F 233 -9.21 14.96 47.21
C ILE F 233 -9.31 15.70 45.86
N ASP F 234 -9.66 14.97 44.81
CA ASP F 234 -9.87 15.55 43.48
C ASP F 234 -10.91 16.66 43.47
N ASP F 235 -12.08 16.40 44.05
CA ASP F 235 -13.11 17.42 44.17
C ASP F 235 -12.66 18.58 45.05
N ILE F 236 -11.83 18.32 46.06
CA ILE F 236 -11.31 19.43 46.86
C ILE F 236 -10.39 20.32 46.01
N LEU F 237 -9.46 19.71 45.28
CA LEU F 237 -8.43 20.43 44.52
C LEU F 237 -9.03 21.27 43.38
N ASP F 238 -10.19 20.81 42.89
CA ASP F 238 -10.93 21.54 41.91
C ASP F 238 -11.39 22.89 42.45
N PHE F 239 -11.67 22.95 43.75
CA PHE F 239 -11.98 24.21 44.43
C PHE F 239 -10.75 24.94 44.95
N THR F 240 -9.71 24.17 45.34
CA THR F 240 -8.56 24.75 46.02
C THR F 240 -7.33 25.01 45.14
N GLY F 241 -7.09 24.10 44.18
CA GLY F 241 -5.84 24.09 43.41
C GLY F 241 -4.60 23.79 44.25
N THR F 242 -3.42 23.98 43.64
CA THR F 242 -2.13 23.68 44.27
C THR F 242 -1.78 24.58 45.46
N SER F 243 -2.23 25.84 45.41
CA SER F 243 -1.96 26.81 46.46
C SER F 243 -2.74 26.51 47.76
N ALA F 244 -3.77 25.67 47.62
CA ALA F 244 -4.64 25.20 48.73
C ALA F 244 -5.56 26.25 49.38
N SER F 245 -5.81 27.36 48.68
CA SER F 245 -6.85 28.32 49.08
C SER F 245 -8.07 28.27 48.14
N LEU F 246 -9.22 28.70 48.65
CA LEU F 246 -10.49 28.65 47.94
C LEU F 246 -10.50 29.57 46.74
N GLY F 247 -10.99 29.08 45.61
CA GLY F 247 -11.12 29.88 44.39
C GLY F 247 -10.00 29.67 43.38
N LYS F 248 -8.80 29.36 43.88
CA LYS F 248 -7.60 29.26 43.02
C LYS F 248 -7.51 28.00 42.15
N GLY F 249 -8.48 27.10 42.30
CA GLY F 249 -8.58 25.91 41.46
C GLY F 249 -9.31 26.20 40.18
N SER F 250 -9.32 25.23 39.27
CA SER F 250 -9.93 25.40 37.95
C SER F 250 -11.44 25.62 38.02
N LEU F 251 -12.03 25.17 39.12
CA LEU F 251 -13.47 25.30 39.39
C LEU F 251 -14.35 24.61 38.34
N SER F 252 -13.76 23.63 37.63
CA SER F 252 -14.42 22.96 36.53
C SER F 252 -15.75 22.36 36.96
N ASP F 253 -15.75 21.64 38.08
CA ASP F 253 -16.96 20.92 38.50
C ASP F 253 -18.16 21.85 38.72
N ILE F 254 -17.92 22.98 39.38
CA ILE F 254 -19.00 23.85 39.79
C ILE F 254 -19.45 24.76 38.65
N ARG F 255 -18.53 25.09 37.74
CA ARG F 255 -18.85 25.84 36.52
C ARG F 255 -19.87 25.10 35.65
N HIS F 256 -19.82 23.77 35.67
CA HIS F 256 -20.76 22.91 34.94
C HIS F 256 -21.88 22.40 35.82
N GLY F 257 -21.99 22.96 37.03
CA GLY F 257 -23.03 22.55 37.99
C GLY F 257 -22.98 21.08 38.36
N VAL F 258 -21.80 20.46 38.25
CA VAL F 258 -21.54 19.13 38.82
C VAL F 258 -21.33 19.31 40.34
N ILE F 259 -21.94 18.45 41.14
CA ILE F 259 -21.98 18.71 42.58
C ILE F 259 -21.11 17.72 43.34
N THR F 260 -20.08 18.25 43.99
CA THR F 260 -19.12 17.41 44.70
C THR F 260 -19.25 17.59 46.21
N ALA F 261 -18.52 16.77 46.96
CA ALA F 261 -18.60 16.74 48.43
C ALA F 261 -18.57 18.11 49.12
N PRO F 262 -17.53 18.92 48.84
CA PRO F 262 -17.48 20.20 49.57
C PRO F 262 -18.79 20.94 49.49
N ILE F 263 -19.39 21.01 48.28
CA ILE F 263 -20.62 21.72 48.04
C ILE F 263 -21.76 21.01 48.76
N LEU F 264 -21.81 19.68 48.67
CA LEU F 264 -22.86 18.90 49.32
C LEU F 264 -22.81 18.99 50.85
N PHE F 265 -21.62 19.11 51.43
CA PHE F 265 -21.54 19.46 52.84
C PHE F 265 -22.03 20.87 53.12
N ALA F 266 -21.49 21.85 52.41
CA ALA F 266 -21.93 23.24 52.58
C ALA F 266 -23.47 23.43 52.50
N MET F 267 -24.14 22.68 51.63
CA MET F 267 -25.61 22.70 51.53
C MET F 267 -26.32 22.33 52.84
N GLU F 268 -25.70 21.48 53.65
CA GLU F 268 -26.29 21.10 54.94
C GLU F 268 -26.31 22.27 55.92
N GLU F 269 -25.26 23.09 55.88
CA GLU F 269 -25.22 24.33 56.65
C GLU F 269 -26.06 25.45 56.02
N PHE F 270 -26.02 25.56 54.69
CA PHE F 270 -26.76 26.58 53.94
C PHE F 270 -27.60 25.94 52.87
N PRO F 271 -28.90 25.72 53.16
CA PRO F 271 -29.85 25.17 52.19
C PRO F 271 -30.07 26.08 50.99
N GLN F 272 -29.83 27.37 51.15
CA GLN F 272 -29.91 28.35 50.05
C GLN F 272 -29.04 27.95 48.84
N LEU F 273 -27.80 27.53 49.13
CA LEU F 273 -26.83 27.07 48.10
C LEU F 273 -27.47 26.16 47.07
N ARG F 274 -28.46 25.37 47.52
CA ARG F 274 -29.15 24.40 46.69
C ARG F 274 -29.67 25.07 45.43
N GLU F 275 -30.30 26.22 45.63
CA GLU F 275 -30.79 27.01 44.52
C GLU F 275 -29.65 27.62 43.73
N VAL F 276 -28.77 28.37 44.40
CA VAL F 276 -27.70 29.11 43.71
C VAL F 276 -26.81 28.23 42.81
N VAL F 277 -26.75 26.94 43.14
CA VAL F 277 -26.01 25.99 42.33
C VAL F 277 -26.73 25.65 41.01
N ASP F 278 -28.05 25.67 41.03
CA ASP F 278 -28.85 25.50 39.82
C ASP F 278 -28.75 26.70 38.89
N GLN F 279 -28.82 27.88 39.50
CA GLN F 279 -28.73 29.14 38.76
C GLN F 279 -27.34 29.40 38.16
N VAL F 280 -26.44 28.44 38.28
CA VAL F 280 -25.05 28.67 37.91
C VAL F 280 -24.87 28.77 36.39
N ALA F 281 -25.51 27.86 35.65
CA ALA F 281 -25.48 27.88 34.20
C ALA F 281 -26.28 29.05 33.59
N ALA F 282 -27.39 29.42 34.23
CA ALA F 282 -28.21 30.55 33.76
C ALA F 282 -27.55 31.89 34.05
N ASP F 283 -26.78 31.93 35.14
CA ASP F 283 -26.08 33.13 35.55
C ASP F 283 -24.77 32.73 36.23
N PRO F 284 -23.64 32.79 35.48
CA PRO F 284 -22.34 32.33 36.00
C PRO F 284 -21.82 33.19 37.17
N ARG F 285 -22.64 34.17 37.59
CA ARG F 285 -22.35 34.94 38.80
C ARG F 285 -22.56 34.12 40.05
N ASN F 286 -23.34 33.06 39.95
CA ASN F 286 -23.66 32.21 41.10
C ASN F 286 -22.47 31.38 41.59
N VAL F 287 -21.51 31.11 40.70
CA VAL F 287 -20.23 30.49 41.02
C VAL F 287 -19.55 31.23 42.17
N ASP F 288 -19.37 32.55 42.01
CA ASP F 288 -18.71 33.38 43.03
C ASP F 288 -19.56 33.53 44.29
N ILE F 289 -20.88 33.42 44.13
CA ILE F 289 -21.81 33.41 45.28
C ILE F 289 -21.80 32.05 45.98
N ALA F 290 -21.56 30.98 45.24
CA ALA F 290 -21.48 29.64 45.80
C ALA F 290 -20.21 29.51 46.63
N LEU F 291 -19.09 30.04 46.12
CA LEU F 291 -17.80 30.10 46.82
C LEU F 291 -17.83 30.85 48.14
N GLU F 292 -18.65 31.90 48.19
CA GLU F 292 -18.90 32.73 49.36
C GLU F 292 -19.56 31.84 50.40
N TYR F 293 -20.53 31.04 49.94
CA TYR F 293 -21.20 30.08 50.80
C TYR F 293 -20.27 28.96 51.29
N LEU F 294 -19.44 28.44 50.39
CA LEU F 294 -18.53 27.35 50.70
C LEU F 294 -17.48 27.82 51.69
N GLY F 295 -16.97 29.03 51.45
CA GLY F 295 -15.98 29.64 52.33
C GLY F 295 -16.47 29.86 53.75
N LYS F 296 -17.76 30.13 53.92
CA LYS F 296 -18.35 30.32 55.25
C LYS F 296 -18.69 28.99 55.93
N SER F 297 -18.65 27.90 55.18
CA SER F 297 -19.06 26.61 55.71
C SER F 297 -17.87 25.74 56.12
N LYS F 298 -18.17 24.53 56.55
CA LYS F 298 -17.14 23.56 56.86
C LYS F 298 -16.99 22.53 55.75
N GLY F 299 -17.66 22.76 54.62
CA GLY F 299 -17.66 21.84 53.48
C GLY F 299 -16.34 21.27 53.02
N ILE F 300 -15.35 22.14 52.79
CA ILE F 300 -14.01 21.72 52.38
C ILE F 300 -13.38 20.85 53.49
N GLN F 301 -13.41 21.41 54.71
CA GLN F 301 -12.90 20.72 55.88
C GLN F 301 -13.57 19.35 56.08
N ARG F 302 -14.89 19.28 55.89
CA ARG F 302 -15.64 18.03 56.08
C ARG F 302 -15.43 17.05 54.93
N ALA F 303 -15.09 17.57 53.75
CA ALA F 303 -14.76 16.72 52.63
C ALA F 303 -13.36 16.12 52.83
N ARG F 304 -12.45 16.95 53.33
CA ARG F 304 -11.11 16.53 53.70
C ARG F 304 -11.11 15.41 54.73
N GLU F 305 -11.86 15.60 55.81
CA GLU F 305 -11.93 14.60 56.88
C GLU F 305 -12.45 13.26 56.33
N LEU F 306 -13.45 13.34 55.45
CA LEU F 306 -14.03 12.13 54.86
C LEU F 306 -13.00 11.40 53.98
N ALA F 307 -12.22 12.16 53.21
CA ALA F 307 -11.11 11.58 52.47
C ALA F 307 -10.09 10.88 53.41
N MET F 308 -9.84 11.49 54.56
CA MET F 308 -8.88 10.94 55.50
C MET F 308 -9.35 9.67 56.19
N GLU F 309 -10.63 9.64 56.56
CA GLU F 309 -11.25 8.45 57.10
C GLU F 309 -11.03 7.27 56.17
N HIS F 310 -11.22 7.51 54.87
CA HIS F 310 -11.08 6.44 53.86
C HIS F 310 -9.63 6.04 53.61
N ALA F 311 -8.72 6.99 53.75
CA ALA F 311 -7.30 6.70 53.60
C ALA F 311 -6.81 5.86 54.80
N ASN F 312 -7.32 6.17 55.99
CA ASN F 312 -7.09 5.38 57.19
C ASN F 312 -7.58 3.95 57.04
N LEU F 313 -8.79 3.80 56.48
CA LEU F 313 -9.41 2.49 56.32
C LEU F 313 -8.65 1.63 55.32
N ALA F 314 -8.02 2.28 54.34
CA ALA F 314 -7.16 1.60 53.39
C ALA F 314 -5.84 1.17 54.05
N ALA F 315 -5.30 2.06 54.86
CA ALA F 315 -4.08 1.76 55.58
C ALA F 315 -4.35 0.67 56.63
N ALA F 316 -5.52 0.70 57.27
CA ALA F 316 -5.92 -0.33 58.22
C ALA F 316 -5.97 -1.71 57.58
N ALA F 317 -6.46 -1.76 56.34
CA ALA F 317 -6.54 -3.00 55.59
C ALA F 317 -5.17 -3.70 55.39
N ILE F 318 -4.13 -2.93 55.09
CA ILE F 318 -2.78 -3.51 54.96
C ILE F 318 -2.29 -3.90 56.35
N GLY F 319 -2.66 -3.09 57.34
CA GLY F 319 -2.38 -3.38 58.73
C GLY F 319 -2.88 -4.73 59.20
N SER F 320 -3.93 -5.24 58.56
CA SER F 320 -4.56 -6.51 58.93
C SER F 320 -4.01 -7.71 58.16
N LEU F 321 -3.06 -7.45 57.26
CA LEU F 321 -2.52 -8.54 56.46
C LEU F 321 -1.75 -9.54 57.32
N PRO F 322 -1.78 -10.85 56.97
CA PRO F 322 -1.08 -11.89 57.74
C PRO F 322 0.38 -11.54 57.93
N GLU F 323 0.93 -11.87 59.10
CA GLU F 323 2.35 -11.67 59.41
C GLU F 323 3.25 -12.17 58.27
N THR F 324 4.40 -11.54 58.13
CA THR F 324 5.40 -12.00 57.16
C THR F 324 6.82 -11.86 57.70
N ASP F 325 7.76 -12.50 57.01
CA ASP F 325 9.18 -12.38 57.31
C ASP F 325 9.95 -11.82 56.13
N ASN F 326 9.37 -11.94 54.94
CA ASN F 326 10.01 -11.45 53.73
C ASN F 326 10.11 -9.93 53.80
N GLU F 327 11.36 -9.45 53.81
CA GLU F 327 11.65 -8.01 53.93
C GLU F 327 11.07 -7.18 52.80
N ASP F 328 11.02 -7.74 51.59
CA ASP F 328 10.44 -7.06 50.43
C ASP F 328 8.92 -6.96 50.45
N VAL F 329 8.27 -8.02 50.92
CA VAL F 329 6.83 -8.00 51.18
C VAL F 329 6.50 -6.84 52.10
N LYS F 330 7.27 -6.72 53.19
CA LYS F 330 7.12 -5.65 54.18
C LYS F 330 7.30 -4.27 53.58
N ARG F 331 8.22 -4.17 52.63
CA ARG F 331 8.56 -2.92 51.97
C ARG F 331 7.40 -2.46 51.06
N SER F 332 6.74 -3.43 50.42
CA SER F 332 5.57 -3.18 49.60
C SER F 332 4.41 -2.69 50.42
N ARG F 333 4.20 -3.30 51.58
CA ARG F 333 3.11 -2.93 52.46
C ARG F 333 3.32 -1.50 52.96
N ARG F 334 4.55 -1.17 53.30
CA ARG F 334 4.91 0.18 53.71
C ARG F 334 4.70 1.18 52.56
N ALA F 335 5.04 0.74 51.35
CA ALA F 335 4.78 1.52 50.16
C ALA F 335 3.28 1.76 49.96
N LEU F 336 2.48 0.70 50.10
CA LEU F 336 1.02 0.78 50.00
C LEU F 336 0.37 1.74 50.98
N ILE F 337 0.77 1.69 52.26
CA ILE F 337 0.26 2.59 53.29
C ILE F 337 0.70 4.03 53.00
N ASP F 338 1.90 4.19 52.45
CA ASP F 338 2.44 5.51 52.11
C ASP F 338 1.66 6.18 50.99
N LEU F 339 1.19 5.37 50.05
CA LEU F 339 0.29 5.82 48.99
C LEU F 339 -0.98 6.45 49.56
N THR F 340 -1.50 5.87 50.65
CA THR F 340 -2.69 6.41 51.31
C THR F 340 -2.39 7.78 51.91
N HIS F 341 -1.12 8.06 52.20
CA HIS F 341 -0.72 9.36 52.69
C HIS F 341 -0.56 10.33 51.53
N ARG F 342 0.11 9.87 50.49
CA ARG F 342 0.39 10.70 49.34
C ARG F 342 -0.87 11.12 48.58
N VAL F 343 -1.89 10.26 48.59
CA VAL F 343 -3.20 10.62 48.05
C VAL F 343 -3.83 11.79 48.79
N ILE F 344 -3.55 11.88 50.08
CA ILE F 344 -4.11 12.94 50.90
C ILE F 344 -3.38 14.27 50.74
N THR F 345 -2.06 14.22 50.55
CA THR F 345 -1.24 15.43 50.58
C THR F 345 -0.91 15.99 49.20
N ARG F 346 -1.33 15.28 48.15
CA ARG F 346 -1.01 15.67 46.79
C ARG F 346 -1.76 16.93 46.43
N ASN F 347 -1.01 17.88 45.88
CA ASN F 347 -1.57 19.12 45.39
C ASN F 347 -1.64 19.08 43.86
N LYS F 348 -1.98 17.90 43.33
CA LYS F 348 -2.01 17.62 41.90
C LYS F 348 -2.77 16.33 41.55
N LEU G 8 23.85 -47.05 1.10
CA LEU G 8 22.80 -46.30 0.35
C LEU G 8 21.62 -45.95 1.29
N ASP G 9 20.86 -44.88 1.01
CA ASP G 9 21.05 -43.98 -0.16
C ASP G 9 21.59 -42.59 0.25
N PRO G 10 22.50 -42.03 -0.57
CA PRO G 10 23.13 -40.76 -0.23
C PRO G 10 22.17 -39.62 0.10
N PHE G 11 21.12 -39.48 -0.71
CA PHE G 11 20.12 -38.43 -0.54
C PHE G 11 19.32 -38.61 0.76
N SER G 12 19.00 -39.86 1.08
CA SER G 12 18.29 -40.21 2.31
C SER G 12 19.09 -39.86 3.57
N LEU G 13 20.40 -39.84 3.45
CA LEU G 13 21.32 -39.64 4.57
C LEU G 13 21.39 -38.19 5.05
N VAL G 14 20.99 -37.25 4.20
CA VAL G 14 21.06 -35.83 4.56
C VAL G 14 19.75 -35.06 4.31
N ALA G 15 18.63 -35.79 4.35
CA ALA G 15 17.31 -35.20 4.18
C ALA G 15 17.08 -34.03 5.14
N ASP G 16 17.37 -34.24 6.41
CA ASP G 16 17.22 -33.18 7.42
C ASP G 16 17.73 -31.81 6.92
N GLU G 17 19.02 -31.76 6.58
CA GLU G 17 19.65 -30.49 6.19
C GLU G 17 19.20 -29.98 4.84
N LEU G 18 18.90 -30.89 3.92
CA LEU G 18 18.34 -30.52 2.61
C LEU G 18 17.11 -29.65 2.74
N SER G 19 16.18 -30.06 3.60
CA SER G 19 14.94 -29.34 3.82
C SER G 19 15.13 -28.00 4.52
N LEU G 20 16.05 -27.92 5.47
CA LEU G 20 16.42 -26.64 6.09
C LEU G 20 16.84 -25.67 4.99
N LEU G 21 17.66 -26.16 4.05
CA LEU G 21 18.14 -25.37 2.91
C LEU G 21 17.06 -25.03 1.90
N SER G 22 16.37 -26.06 1.40
CA SER G 22 15.27 -25.89 0.47
C SER G 22 14.23 -24.92 1.02
N ASN G 23 13.96 -25.03 2.33
CA ASN G 23 13.10 -24.07 3.03
C ASN G 23 13.65 -22.66 3.02
N LYS G 24 14.87 -22.51 3.53
CA LYS G 24 15.56 -21.21 3.52
C LYS G 24 15.54 -20.59 2.12
N LEU G 25 15.90 -21.38 1.11
CA LEU G 25 15.97 -20.91 -0.27
C LEU G 25 14.60 -20.70 -0.92
N ARG G 26 13.57 -20.65 -0.08
CA ARG G 26 12.29 -20.05 -0.48
C ARG G 26 12.26 -18.62 0.11
N GLU G 27 13.37 -17.92 -0.14
CA GLU G 27 13.52 -16.50 0.12
C GLU G 27 13.18 -15.76 -1.18
N MET G 28 13.25 -16.48 -2.31
CA MET G 28 12.92 -15.93 -3.62
C MET G 28 11.41 -15.88 -3.82
N VAL G 29 10.72 -16.89 -3.32
CA VAL G 29 9.29 -16.79 -3.09
C VAL G 29 9.13 -15.91 -1.85
N LEU G 30 7.88 -15.56 -1.51
CA LEU G 30 7.59 -14.83 -0.28
C LEU G 30 8.19 -13.45 -0.47
N ALA G 31 9.19 -13.11 0.34
CA ALA G 31 10.04 -11.98 0.01
C ALA G 31 10.27 -12.06 -1.51
N GLU G 32 10.00 -10.98 -2.23
CA GLU G 32 10.15 -10.92 -3.70
C GLU G 32 8.95 -11.46 -4.50
N VAL G 33 7.82 -11.72 -3.84
CA VAL G 33 6.53 -12.02 -4.52
C VAL G 33 5.99 -10.71 -5.06
N PRO G 34 5.90 -9.66 -4.20
CA PRO G 34 5.85 -8.32 -4.80
C PRO G 34 7.21 -8.12 -5.46
N LYS G 35 7.51 -6.94 -5.98
CA LYS G 35 8.69 -6.81 -6.84
C LYS G 35 8.47 -7.73 -8.06
N LEU G 36 7.19 -8.10 -8.24
CA LEU G 36 6.57 -8.26 -9.54
C LEU G 36 6.43 -6.83 -10.02
N ALA G 37 6.39 -5.90 -9.06
CA ALA G 37 6.21 -4.47 -9.31
C ALA G 37 7.09 -3.98 -10.46
N SER G 38 8.23 -4.64 -10.64
CA SER G 38 9.06 -4.51 -11.82
C SER G 38 8.20 -4.73 -13.05
N ALA G 39 7.39 -5.77 -12.99
CA ALA G 39 6.47 -6.11 -14.07
C ALA G 39 5.57 -4.92 -14.40
N ALA G 40 5.01 -4.30 -13.39
CA ALA G 40 4.28 -3.08 -13.65
C ALA G 40 5.18 -1.95 -14.15
N GLU G 41 6.33 -1.73 -13.56
CA GLU G 41 7.16 -0.63 -14.00
C GLU G 41 7.64 -0.78 -15.39
N TYR G 42 8.09 -1.95 -15.73
CA TYR G 42 8.55 -2.21 -17.05
C TYR G 42 7.43 -2.15 -18.01
N PHE G 43 6.27 -2.58 -17.57
CA PHE G 43 5.16 -2.55 -18.47
C PHE G 43 4.80 -1.15 -18.91
N PHE G 44 4.66 -0.20 -18.02
CA PHE G 44 4.36 1.09 -18.55
C PHE G 44 5.55 1.95 -18.87
N LYS G 45 6.75 1.52 -18.60
CA LYS G 45 7.86 2.33 -19.04
C LYS G 45 8.12 1.73 -20.36
N ARG G 46 7.33 0.70 -20.66
CA ARG G 46 7.49 -0.14 -21.83
C ARG G 46 8.19 0.50 -23.01
N GLY G 47 7.47 0.60 -24.12
CA GLY G 47 7.91 1.31 -25.31
C GLY G 47 6.77 1.74 -26.22
N VAL G 48 6.34 3.00 -26.14
CA VAL G 48 5.32 3.47 -27.06
C VAL G 48 4.34 2.33 -27.02
N GLN G 49 3.78 2.14 -25.85
CA GLN G 49 3.16 0.91 -25.53
C GLN G 49 2.15 0.54 -26.59
N GLY G 50 1.41 1.48 -27.13
CA GLY G 50 0.55 1.07 -28.20
C GLY G 50 0.45 2.05 -29.32
N LYS G 51 0.83 1.64 -30.52
CA LYS G 51 0.64 2.47 -31.70
C LYS G 51 -0.83 2.64 -32.07
N GLN G 52 -1.60 1.62 -31.84
CA GLN G 52 -3.00 1.69 -32.11
C GLN G 52 -3.35 1.85 -33.56
N PHE G 53 -2.54 1.34 -34.45
CA PHE G 53 -2.86 1.39 -35.86
C PHE G 53 -4.09 0.61 -36.27
N ARG G 54 -4.31 -0.57 -35.71
CA ARG G 54 -5.54 -1.33 -35.95
C ARG G 54 -6.75 -0.62 -35.37
N SER G 55 -6.55 0.03 -34.22
CA SER G 55 -7.65 0.71 -33.53
C SER G 55 -8.07 1.95 -34.28
N THR G 56 -7.08 2.73 -34.73
CA THR G 56 -7.30 3.91 -35.53
C THR G 56 -8.12 3.56 -36.77
N ILE G 57 -7.73 2.53 -37.51
CA ILE G 57 -8.50 2.11 -38.69
C ILE G 57 -9.93 1.76 -38.36
N LEU G 58 -10.13 0.99 -37.30
CA LEU G 58 -11.44 0.49 -36.93
C LEU G 58 -12.38 1.59 -36.45
N LEU G 59 -11.83 2.59 -35.76
CA LEU G 59 -12.64 3.69 -35.26
C LEU G 59 -13.06 4.59 -36.41
N LEU G 60 -12.12 4.84 -37.32
CA LEU G 60 -12.39 5.58 -38.56
C LEU G 60 -13.43 4.88 -39.42
N MET G 61 -13.33 3.56 -39.53
CA MET G 61 -14.28 2.78 -40.32
C MET G 61 -15.69 2.91 -39.75
N ALA G 62 -15.81 2.81 -38.43
CA ALA G 62 -17.10 2.99 -37.74
C ALA G 62 -17.75 4.32 -38.10
N THR G 63 -16.94 5.37 -38.20
CA THR G 63 -17.42 6.68 -38.60
C THR G 63 -17.71 6.72 -40.11
N ALA G 64 -16.88 6.02 -40.89
CA ALA G 64 -16.94 6.10 -42.35
C ALA G 64 -18.18 5.43 -42.98
N LEU G 65 -19.06 4.92 -42.13
CA LEU G 65 -20.25 4.23 -42.60
C LEU G 65 -21.49 4.83 -41.97
N ASP G 66 -22.44 5.20 -42.82
CA ASP G 66 -23.73 5.76 -42.41
C ASP G 66 -24.38 4.88 -41.34
N VAL G 67 -24.75 5.53 -40.24
CA VAL G 67 -25.20 4.86 -39.01
C VAL G 67 -26.72 4.97 -38.85
N THR G 82 -24.69 6.51 -29.95
CA THR G 82 -23.27 6.38 -29.62
C THR G 82 -23.09 5.45 -28.42
N SER G 83 -23.61 5.85 -27.26
CA SER G 83 -23.58 5.01 -26.06
C SER G 83 -24.03 3.58 -26.40
N GLU G 84 -24.82 3.47 -27.46
CA GLU G 84 -25.47 2.23 -27.83
C GLU G 84 -24.75 1.49 -28.95
N LEU G 85 -24.18 2.24 -29.90
CA LEU G 85 -23.52 1.65 -31.06
C LEU G 85 -22.03 1.98 -31.11
N ARG G 86 -21.68 3.20 -30.72
CA ARG G 86 -20.28 3.62 -30.69
C ARG G 86 -19.52 2.86 -29.61
N VAL G 87 -20.24 2.51 -28.53
CA VAL G 87 -19.69 1.69 -27.46
C VAL G 87 -19.40 0.26 -27.95
N ARG G 88 -20.31 -0.31 -28.73
CA ARG G 88 -20.11 -1.65 -29.28
C ARG G 88 -19.06 -1.67 -30.40
N GLN G 89 -19.05 -0.64 -31.25
CA GLN G 89 -18.06 -0.56 -32.32
C GLN G 89 -16.66 -0.52 -31.73
N ARG G 90 -16.46 0.32 -30.72
CA ARG G 90 -15.21 0.37 -29.93
C ARG G 90 -14.91 -0.98 -29.31
N GLY G 91 -15.96 -1.70 -28.90
CA GLY G 91 -15.85 -3.07 -28.43
C GLY G 91 -15.06 -3.96 -29.38
N ILE G 92 -15.30 -3.78 -30.67
CA ILE G 92 -14.56 -4.54 -31.67
C ILE G 92 -13.07 -4.16 -31.79
N ALA G 93 -12.76 -2.89 -31.53
CA ALA G 93 -11.37 -2.45 -31.53
C ALA G 93 -10.66 -3.03 -30.32
N GLU G 94 -11.37 -3.06 -29.21
CA GLU G 94 -10.90 -3.66 -27.99
C GLU G 94 -10.63 -5.17 -28.21
N ILE G 95 -11.66 -5.90 -28.66
CA ILE G 95 -11.53 -7.34 -28.95
C ILE G 95 -10.34 -7.60 -29.85
N THR G 96 -10.22 -6.80 -30.91
CA THR G 96 -9.12 -6.94 -31.86
C THR G 96 -7.72 -6.78 -31.26
N GLU G 97 -7.59 -5.86 -30.30
CA GLU G 97 -6.34 -5.67 -29.60
C GLU G 97 -6.01 -6.83 -28.67
N MET G 98 -7.03 -7.30 -27.96
CA MET G 98 -6.90 -8.47 -27.09
C MET G 98 -6.46 -9.69 -27.90
N ILE G 99 -7.01 -9.86 -29.09
CA ILE G 99 -6.72 -11.05 -29.91
C ILE G 99 -5.30 -10.94 -30.45
N HIS G 100 -4.90 -9.71 -30.79
CA HIS G 100 -3.57 -9.41 -31.34
C HIS G 100 -2.45 -9.68 -30.35
N VAL G 101 -2.66 -9.26 -29.10
CA VAL G 101 -1.68 -9.51 -28.07
C VAL G 101 -1.60 -11.00 -27.69
N ALA G 102 -2.76 -11.66 -27.63
CA ALA G 102 -2.82 -13.08 -27.33
C ALA G 102 -2.01 -13.84 -28.36
N SER G 103 -2.17 -13.49 -29.63
CA SER G 103 -1.44 -14.19 -30.69
C SER G 103 0.05 -13.87 -30.61
N LEU G 104 0.39 -12.63 -30.24
CA LEU G 104 1.79 -12.28 -29.98
C LEU G 104 2.41 -13.18 -28.93
N LEU G 105 1.73 -13.32 -27.81
CA LEU G 105 2.22 -14.09 -26.66
C LEU G 105 2.40 -15.56 -26.99
N HIS G 106 1.38 -16.18 -27.56
CA HIS G 106 1.45 -17.57 -27.95
C HIS G 106 2.51 -17.82 -29.01
N ASP G 107 2.84 -16.78 -29.78
CA ASP G 107 3.89 -16.87 -30.80
C ASP G 107 5.29 -16.83 -30.18
N ASP G 108 5.43 -16.18 -29.03
CA ASP G 108 6.69 -16.26 -28.26
C ASP G 108 7.05 -17.67 -27.80
N VAL G 109 6.06 -18.52 -27.57
CA VAL G 109 6.21 -19.86 -26.94
C VAL G 109 7.31 -20.76 -27.52
N LEU G 110 8.05 -21.41 -26.63
CA LEU G 110 9.13 -22.34 -27.03
C LEU G 110 8.86 -23.80 -26.62
N VAL G 124 15.26 -22.40 -17.08
CA VAL G 124 14.76 -21.18 -17.73
C VAL G 124 15.46 -20.97 -19.08
N VAL G 125 15.00 -20.01 -19.91
CA VAL G 125 13.83 -19.17 -19.61
C VAL G 125 12.49 -19.80 -20.04
N MET G 126 11.77 -20.33 -19.05
CA MET G 126 10.36 -20.65 -19.17
C MET G 126 9.60 -19.48 -18.57
N GLY G 127 9.59 -18.40 -19.34
CA GLY G 127 8.60 -17.35 -19.21
C GLY G 127 7.74 -17.48 -20.45
N ASN G 128 7.78 -18.68 -21.03
CA ASN G 128 6.83 -19.05 -22.09
C ASN G 128 5.66 -19.88 -21.54
N LYS G 129 5.63 -20.05 -20.21
CA LYS G 129 4.44 -20.55 -19.51
C LYS G 129 3.58 -19.36 -19.10
N MET G 130 4.24 -18.23 -18.85
CA MET G 130 3.60 -16.94 -18.61
C MET G 130 2.84 -16.45 -19.85
N SER G 131 3.45 -16.66 -21.01
CA SER G 131 2.84 -16.34 -22.28
C SER G 131 1.60 -17.17 -22.55
N VAL G 132 1.58 -18.42 -22.06
CA VAL G 132 0.42 -19.28 -22.29
C VAL G 132 -0.74 -18.80 -21.44
N LEU G 133 -0.46 -18.51 -20.19
CA LEU G 133 -1.51 -18.12 -19.27
C LEU G 133 -2.06 -16.75 -19.62
N ALA G 134 -1.18 -15.79 -19.90
CA ALA G 134 -1.60 -14.43 -20.27
C ALA G 134 -2.27 -14.35 -21.64
N GLY G 135 -1.87 -15.24 -22.54
CA GLY G 135 -2.53 -15.35 -23.83
C GLY G 135 -3.95 -15.86 -23.64
N ASP G 136 -4.12 -16.84 -22.74
CA ASP G 136 -5.43 -17.45 -22.51
C ASP G 136 -6.37 -16.53 -21.77
N PHE G 137 -5.83 -15.72 -20.87
CA PHE G 137 -6.63 -14.70 -20.22
C PHE G 137 -7.19 -13.69 -21.23
N LEU G 138 -6.35 -13.21 -22.15
CA LEU G 138 -6.81 -12.30 -23.21
C LEU G 138 -7.81 -12.91 -24.18
N LEU G 139 -7.58 -14.14 -24.63
CA LEU G 139 -8.54 -14.85 -25.48
C LEU G 139 -9.86 -15.12 -24.80
N SER G 140 -9.81 -15.50 -23.52
CA SER G 140 -11.01 -15.76 -22.75
C SER G 140 -11.77 -14.47 -22.53
N ARG G 141 -11.04 -13.38 -22.22
CA ARG G 141 -11.64 -12.03 -22.20
C ARG G 141 -12.25 -11.60 -23.54
N ALA G 142 -11.61 -11.98 -24.64
CA ALA G 142 -12.12 -11.70 -25.98
C ALA G 142 -13.45 -12.40 -26.24
N CYS G 143 -13.52 -13.69 -25.85
CA CYS G 143 -14.74 -14.47 -25.93
C CYS G 143 -15.82 -13.83 -25.11
N GLY G 144 -15.46 -13.40 -23.90
CA GLY G 144 -16.40 -12.76 -23.00
C GLY G 144 -17.00 -11.52 -23.64
N ALA G 145 -16.13 -10.74 -24.28
CA ALA G 145 -16.53 -9.49 -24.90
C ALA G 145 -17.26 -9.69 -26.24
N LEU G 146 -16.87 -10.70 -27.00
CA LEU G 146 -17.62 -11.11 -28.19
C LEU G 146 -19.05 -11.53 -27.85
N ALA G 147 -19.19 -12.31 -26.78
CA ALA G 147 -20.50 -12.72 -26.28
C ALA G 147 -21.36 -11.52 -25.89
N ALA G 148 -20.72 -10.48 -25.36
CA ALA G 148 -21.44 -9.31 -24.84
C ALA G 148 -21.98 -8.44 -25.96
N LEU G 149 -21.37 -8.51 -27.15
CA LEU G 149 -21.86 -7.84 -28.36
C LEU G 149 -23.25 -8.35 -28.80
N LYS G 150 -23.63 -9.59 -28.45
CA LYS G 150 -24.89 -10.18 -28.89
C LYS G 150 -25.08 -10.11 -30.42
N ASN G 151 -24.04 -10.52 -31.13
CA ASN G 151 -24.08 -10.62 -32.56
C ASN G 151 -23.22 -11.81 -32.96
N THR G 152 -23.88 -12.89 -33.36
CA THR G 152 -23.20 -14.15 -33.66
C THR G 152 -22.42 -14.05 -34.96
N GLU G 153 -22.86 -13.17 -35.86
CA GLU G 153 -22.16 -13.00 -37.13
C GLU G 153 -20.76 -12.44 -36.87
N VAL G 154 -20.65 -11.48 -35.95
CA VAL G 154 -19.32 -10.91 -35.66
C VAL G 154 -18.46 -11.90 -34.87
N VAL G 155 -19.11 -12.73 -34.03
CA VAL G 155 -18.42 -13.83 -33.38
C VAL G 155 -17.76 -14.72 -34.43
N ALA G 156 -18.49 -15.07 -35.49
CA ALA G 156 -17.96 -15.90 -36.56
C ALA G 156 -16.76 -15.26 -37.26
N LEU G 157 -16.80 -13.93 -37.40
CA LEU G 157 -15.73 -13.20 -38.10
C LEU G 157 -14.44 -13.18 -37.28
N LEU G 158 -14.58 -12.96 -35.98
CA LEU G 158 -13.40 -12.98 -35.13
C LEU G 158 -12.90 -14.38 -34.79
N ALA G 159 -13.80 -15.36 -34.77
CA ALA G 159 -13.40 -16.75 -34.65
C ALA G 159 -12.51 -17.10 -35.83
N THR G 160 -12.97 -16.81 -37.05
CA THR G 160 -12.19 -17.04 -38.26
C THR G 160 -10.81 -16.35 -38.13
N ALA G 161 -10.83 -15.09 -37.72
CA ALA G 161 -9.60 -14.33 -37.51
C ALA G 161 -8.61 -15.09 -36.61
N VAL G 162 -9.12 -15.67 -35.53
CA VAL G 162 -8.24 -16.43 -34.65
C VAL G 162 -7.67 -17.66 -35.37
N GLU G 163 -8.52 -18.38 -36.10
CA GLU G 163 -8.08 -19.57 -36.81
C GLU G 163 -6.98 -19.28 -37.83
N HIS G 164 -7.11 -18.13 -38.53
CA HIS G 164 -6.14 -17.74 -39.56
C HIS G 164 -4.79 -17.38 -38.93
N LEU G 165 -4.82 -16.63 -37.84
CA LEU G 165 -3.60 -16.29 -37.10
C LEU G 165 -2.86 -17.55 -36.63
N VAL G 166 -3.60 -18.52 -36.14
CA VAL G 166 -3.01 -19.80 -35.80
C VAL G 166 -2.49 -20.51 -37.07
N THR G 167 -3.27 -20.49 -38.14
CA THR G 167 -2.87 -21.13 -39.40
C THR G 167 -1.58 -20.50 -39.94
N GLY G 168 -1.56 -19.17 -40.04
CA GLY G 168 -0.40 -18.45 -40.50
C GLY G 168 0.88 -18.74 -39.74
N GLU G 169 0.77 -18.89 -38.42
CA GLU G 169 1.94 -19.16 -37.56
C GLU G 169 2.50 -20.57 -37.80
N THR G 170 1.62 -21.56 -37.92
CA THR G 170 2.03 -22.89 -38.29
C THR G 170 2.82 -22.85 -39.60
N MET G 171 2.23 -22.23 -40.61
CA MET G 171 2.91 -21.99 -41.88
C MET G 171 4.29 -21.34 -41.73
N GLU G 172 4.42 -20.40 -40.80
CA GLU G 172 5.69 -19.69 -40.59
C GLU G 172 6.76 -20.64 -40.07
N ILE G 173 6.34 -21.52 -39.17
CA ILE G 173 7.27 -22.36 -38.46
C ILE G 173 7.61 -23.63 -39.25
N THR G 174 6.60 -24.45 -39.53
CA THR G 174 6.80 -25.64 -40.36
C THR G 174 6.75 -25.18 -41.79
N SER G 175 7.59 -25.77 -42.63
CA SER G 175 7.56 -25.44 -44.06
C SER G 175 8.57 -26.20 -44.91
N SER G 176 8.06 -26.78 -45.99
CA SER G 176 8.92 -27.31 -47.04
C SER G 176 9.93 -26.21 -47.36
N THR G 177 11.21 -26.59 -47.47
CA THR G 177 12.24 -25.62 -47.83
C THR G 177 11.81 -24.93 -49.13
N ALA G 178 11.26 -25.72 -50.05
CA ALA G 178 10.70 -25.20 -51.32
C ALA G 178 9.64 -24.11 -51.06
N ALA G 179 8.77 -24.36 -50.09
CA ALA G 179 7.69 -23.43 -49.75
C ALA G 179 8.21 -22.05 -49.36
N ARG G 180 9.21 -22.03 -48.50
CA ARG G 180 9.81 -20.78 -48.01
C ARG G 180 10.23 -19.88 -49.15
N TYR G 181 10.44 -20.46 -50.33
CA TYR G 181 10.94 -19.69 -51.44
C TYR G 181 9.90 -19.27 -52.46
N SER G 182 8.61 -19.50 -52.13
CA SER G 182 7.51 -19.14 -53.02
C SER G 182 6.78 -17.84 -52.66
N MET G 183 6.77 -16.90 -53.59
CA MET G 183 6.11 -15.61 -53.35
C MET G 183 4.60 -15.77 -53.07
N ASP G 184 3.95 -16.72 -53.75
CA ASP G 184 2.53 -16.98 -53.53
C ASP G 184 2.28 -17.50 -52.10
N TYR G 185 3.16 -18.41 -51.66
CA TYR G 185 3.11 -18.96 -50.33
C TYR G 185 3.34 -17.87 -49.29
N TYR G 186 4.29 -16.99 -49.58
CA TYR G 186 4.62 -15.93 -48.65
C TYR G 186 3.41 -15.02 -48.44
N MET G 187 2.69 -14.76 -49.52
CA MET G 187 1.52 -13.88 -49.49
C MET G 187 0.29 -14.50 -48.82
N GLN G 188 0.13 -15.82 -48.94
CA GLN G 188 -0.91 -16.51 -48.17
C GLN G 188 -0.63 -16.39 -46.69
N LYS G 189 0.60 -16.74 -46.34
CA LYS G 189 1.07 -16.69 -44.97
C LYS G 189 0.90 -15.31 -44.42
N THR G 190 1.34 -14.31 -45.19
CA THR G 190 1.21 -12.89 -44.85
C THR G 190 -0.23 -12.48 -44.63
N TYR G 191 -1.14 -13.00 -45.47
CA TYR G 191 -2.56 -12.77 -45.25
C TYR G 191 -3.05 -13.32 -43.91
N TYR G 192 -2.79 -14.60 -43.64
CA TYR G 192 -3.21 -15.20 -42.36
C TYR G 192 -2.61 -14.48 -41.17
N LYS G 193 -1.30 -14.27 -41.18
CA LYS G 193 -0.60 -13.63 -40.08
C LYS G 193 -0.92 -12.13 -39.88
N THR G 194 -1.02 -11.38 -40.96
CA THR G 194 -1.13 -9.94 -40.80
C THR G 194 -2.45 -9.30 -41.23
N ALA G 195 -3.09 -9.84 -42.25
CA ALA G 195 -4.22 -9.12 -42.86
C ALA G 195 -5.60 -9.64 -42.47
N SER G 196 -5.67 -10.90 -42.08
CA SER G 196 -6.94 -11.51 -41.76
C SER G 196 -7.59 -10.92 -40.53
N LEU G 197 -6.79 -10.60 -39.51
CA LEU G 197 -7.36 -10.05 -38.30
C LEU G 197 -8.04 -8.72 -38.61
N ILE G 198 -7.33 -7.87 -39.33
CA ILE G 198 -7.80 -6.52 -39.64
C ILE G 198 -8.96 -6.48 -40.68
N SER G 199 -8.92 -7.36 -41.65
CA SER G 199 -10.01 -7.46 -42.63
C SER G 199 -11.32 -7.87 -41.97
N ASN G 200 -11.26 -8.94 -41.17
CA ASN G 200 -12.41 -9.46 -40.43
C ASN G 200 -12.99 -8.52 -39.39
N SER G 201 -12.12 -7.73 -38.75
CA SER G 201 -12.55 -6.68 -37.83
C SER G 201 -13.27 -5.54 -38.56
N CYS G 202 -12.70 -5.12 -39.69
CA CYS G 202 -13.31 -4.11 -40.52
C CYS G 202 -14.70 -4.57 -40.96
N LYS G 203 -14.79 -5.83 -41.36
CA LYS G 203 -16.07 -6.41 -41.71
C LYS G 203 -17.02 -6.50 -40.51
N ALA G 204 -16.47 -6.85 -39.34
CA ALA G 204 -17.28 -6.93 -38.13
C ALA G 204 -17.92 -5.57 -37.79
N VAL G 205 -17.19 -4.49 -38.04
CA VAL G 205 -17.66 -3.13 -37.79
C VAL G 205 -18.82 -2.87 -38.75
N ALA G 206 -18.61 -3.25 -40.01
CA ALA G 206 -19.63 -3.16 -41.04
C ALA G 206 -20.90 -3.88 -40.62
N VAL G 207 -20.75 -5.12 -40.18
CA VAL G 207 -21.90 -5.92 -39.79
C VAL G 207 -22.62 -5.36 -38.57
N LEU G 208 -21.87 -4.92 -37.57
CA LEU G 208 -22.49 -4.35 -36.37
C LEU G 208 -23.30 -3.10 -36.73
N THR G 209 -22.73 -2.27 -37.60
CA THR G 209 -23.36 -1.02 -38.03
C THR G 209 -24.58 -1.28 -38.92
N GLY G 210 -24.82 -2.55 -39.24
CA GLY G 210 -26.03 -2.95 -39.98
C GLY G 210 -25.94 -2.68 -41.47
N GLN G 211 -24.72 -2.59 -41.97
CA GLN G 211 -24.49 -2.36 -43.39
C GLN G 211 -24.90 -3.58 -44.23
N THR G 212 -25.04 -3.37 -45.54
CA THR G 212 -25.36 -4.46 -46.47
C THR G 212 -24.20 -5.46 -46.58
N ALA G 213 -24.50 -6.63 -47.11
CA ALA G 213 -23.46 -7.61 -47.43
C ALA G 213 -22.41 -7.02 -48.38
N GLU G 214 -22.85 -6.19 -49.34
CA GLU G 214 -21.95 -5.61 -50.35
C GLU G 214 -21.09 -4.46 -49.85
N VAL G 215 -21.53 -3.76 -48.80
CA VAL G 215 -20.69 -2.76 -48.16
C VAL G 215 -19.69 -3.48 -47.24
N ALA G 216 -20.17 -4.50 -46.53
CA ALA G 216 -19.36 -5.33 -45.66
C ALA G 216 -18.18 -5.94 -46.40
N VAL G 217 -18.39 -6.41 -47.63
CA VAL G 217 -17.27 -6.92 -48.44
C VAL G 217 -16.30 -5.80 -48.82
N LEU G 218 -16.77 -4.57 -48.90
CA LEU G 218 -15.88 -3.42 -49.10
C LEU G 218 -14.95 -3.17 -47.92
N ALA G 219 -15.50 -3.14 -46.70
CA ALA G 219 -14.73 -2.89 -45.49
C ALA G 219 -13.68 -3.99 -45.28
N PHE G 220 -14.09 -5.24 -45.51
CA PHE G 220 -13.18 -6.37 -45.52
C PHE G 220 -12.00 -6.15 -46.48
N GLU G 221 -12.32 -5.69 -47.70
CA GLU G 221 -11.31 -5.50 -48.73
C GLU G 221 -10.39 -4.34 -48.42
N TYR G 222 -10.86 -3.35 -47.67
CA TYR G 222 -10.01 -2.25 -47.24
C TYR G 222 -8.95 -2.79 -46.28
N GLY G 223 -9.41 -3.48 -45.24
CA GLY G 223 -8.54 -4.08 -44.24
C GLY G 223 -7.58 -5.10 -44.80
N ARG G 224 -8.10 -6.01 -45.60
CA ARG G 224 -7.24 -7.02 -46.21
C ARG G 224 -6.11 -6.36 -46.97
N ASN G 225 -6.45 -5.39 -47.82
CA ASN G 225 -5.43 -4.80 -48.69
C ASN G 225 -4.51 -3.82 -47.98
N LEU G 226 -5.04 -3.06 -47.03
CA LEU G 226 -4.17 -2.19 -46.30
C LEU G 226 -3.18 -3.02 -45.46
N GLY G 227 -3.65 -4.15 -44.91
CA GLY G 227 -2.83 -5.01 -44.08
C GLY G 227 -1.66 -5.63 -44.84
N LEU G 228 -1.96 -6.18 -46.03
CA LEU G 228 -0.91 -6.72 -46.87
C LEU G 228 0.13 -5.64 -47.17
N ALA G 229 -0.33 -4.42 -47.41
CA ALA G 229 0.55 -3.30 -47.75
C ALA G 229 1.37 -2.88 -46.55
N PHE G 230 0.77 -2.97 -45.37
CA PHE G 230 1.50 -2.67 -44.15
C PHE G 230 2.66 -3.63 -43.90
N GLN G 231 2.39 -4.93 -43.98
CA GLN G 231 3.42 -5.96 -43.85
C GLN G 231 4.56 -5.87 -44.87
N LEU G 232 4.22 -5.54 -46.13
CA LEU G 232 5.23 -5.46 -47.20
C LEU G 232 6.13 -4.29 -46.97
N ILE G 233 5.57 -3.20 -46.43
CA ILE G 233 6.40 -2.05 -46.11
C ILE G 233 7.30 -2.37 -44.92
N ASP G 234 6.73 -3.06 -43.93
CA ASP G 234 7.51 -3.58 -42.82
C ASP G 234 8.69 -4.45 -43.24
N ASP G 235 8.49 -5.32 -44.22
CA ASP G 235 9.59 -6.09 -44.79
C ASP G 235 10.67 -5.22 -45.42
N ILE G 236 10.29 -4.17 -46.13
CA ILE G 236 11.28 -3.32 -46.75
C ILE G 236 12.08 -2.57 -45.69
N LEU G 237 11.38 -2.05 -44.68
CA LEU G 237 12.00 -1.19 -43.67
C LEU G 237 13.11 -1.88 -42.90
N ASP G 238 12.98 -3.20 -42.73
CA ASP G 238 14.00 -4.04 -42.13
C ASP G 238 15.35 -4.01 -42.81
N PHE G 239 15.33 -3.78 -44.14
CA PHE G 239 16.52 -3.65 -44.95
C PHE G 239 16.97 -2.23 -45.13
N THR G 240 16.05 -1.27 -45.20
CA THR G 240 16.46 0.12 -45.49
C THR G 240 16.95 0.78 -44.22
N GLY G 241 16.29 0.45 -43.13
CA GLY G 241 16.48 1.23 -41.93
C GLY G 241 15.54 2.39 -41.84
N THR G 242 15.82 3.21 -40.84
CA THR G 242 14.92 4.20 -40.32
C THR G 242 15.76 5.43 -39.99
N SER G 243 15.09 6.59 -39.92
CA SER G 243 15.75 7.81 -39.43
C SER G 243 16.37 7.56 -38.06
N ALA G 244 15.57 7.01 -37.15
CA ALA G 244 16.03 6.55 -35.83
C ALA G 244 17.07 5.47 -35.95
N SER G 245 16.86 4.56 -36.91
CA SER G 245 17.87 3.55 -37.22
C SER G 245 19.14 4.29 -37.66
N LEU G 246 20.18 3.52 -37.93
CA LEU G 246 21.48 4.12 -38.03
C LEU G 246 21.73 5.41 -38.88
N GLY G 247 21.24 5.53 -40.13
CA GLY G 247 20.13 4.80 -40.72
C GLY G 247 20.49 3.64 -41.63
N LYS G 248 20.52 2.45 -41.05
CA LYS G 248 21.01 1.28 -41.73
C LYS G 248 20.23 -0.03 -41.59
N GLY G 249 19.03 -0.15 -41.09
CA GLY G 249 18.42 -1.46 -41.33
C GLY G 249 18.88 -2.51 -40.35
N SER G 250 17.93 -2.92 -39.52
CA SER G 250 18.24 -3.80 -38.45
C SER G 250 18.56 -5.21 -38.96
N LEU G 251 17.98 -5.59 -40.10
CA LEU G 251 18.28 -6.86 -40.78
C LEU G 251 17.75 -8.07 -39.99
N SER G 252 16.81 -7.77 -39.12
CA SER G 252 16.23 -8.74 -38.21
C SER G 252 15.69 -10.01 -38.87
N ASP G 253 14.88 -9.85 -39.92
CA ASP G 253 14.30 -11.01 -40.64
C ASP G 253 15.38 -11.94 -41.21
N ILE G 254 16.37 -11.36 -41.87
CA ILE G 254 17.36 -12.12 -42.62
C ILE G 254 18.35 -12.82 -41.66
N ARG G 255 18.68 -12.15 -40.56
CA ARG G 255 19.51 -12.75 -39.49
C ARG G 255 18.90 -14.02 -38.94
N HIS G 256 17.57 -14.04 -38.89
CA HIS G 256 16.83 -15.11 -38.24
C HIS G 256 16.24 -16.10 -39.25
N GLY G 257 16.78 -16.07 -40.47
CA GLY G 257 16.33 -16.95 -41.56
C GLY G 257 14.85 -16.85 -41.85
N VAL G 258 14.26 -15.70 -41.51
CA VAL G 258 12.92 -15.33 -42.00
C VAL G 258 13.08 -14.65 -43.35
N ILE G 259 12.42 -15.19 -44.37
CA ILE G 259 12.66 -14.76 -45.75
C ILE G 259 11.49 -13.94 -46.23
N THR G 260 11.75 -12.68 -46.56
CA THR G 260 10.66 -11.77 -46.91
C THR G 260 10.61 -11.38 -48.40
N ALA G 261 9.59 -10.59 -48.77
CA ALA G 261 9.33 -10.24 -50.18
C ALA G 261 10.51 -9.68 -50.95
N PRO G 262 11.21 -8.67 -50.41
CA PRO G 262 12.34 -8.20 -51.21
C PRO G 262 13.34 -9.34 -51.58
N ILE G 263 13.70 -10.19 -50.63
CA ILE G 263 14.67 -11.26 -50.89
C ILE G 263 14.08 -12.30 -51.83
N LEU G 264 12.79 -12.54 -51.70
CA LEU G 264 12.09 -13.49 -52.55
C LEU G 264 12.00 -12.98 -53.98
N PHE G 265 11.79 -11.69 -54.14
CA PHE G 265 11.83 -11.11 -55.46
C PHE G 265 13.25 -11.13 -56.00
N ALA G 266 14.23 -10.87 -55.13
CA ALA G 266 15.62 -10.90 -55.57
C ALA G 266 16.11 -12.28 -56.05
N MET G 267 15.45 -13.35 -55.58
CA MET G 267 15.83 -14.73 -55.96
C MET G 267 15.35 -15.10 -57.35
N GLU G 268 14.20 -14.54 -57.76
CA GLU G 268 13.76 -14.65 -59.15
C GLU G 268 14.84 -14.13 -60.11
N GLU G 269 15.44 -12.97 -59.80
CA GLU G 269 16.56 -12.46 -60.62
C GLU G 269 17.86 -13.23 -60.43
N PHE G 270 18.24 -13.48 -59.18
CA PHE G 270 19.52 -14.10 -58.91
C PHE G 270 19.33 -15.44 -58.20
N PRO G 271 19.19 -16.53 -58.98
CA PRO G 271 18.97 -17.83 -58.38
C PRO G 271 20.10 -18.22 -57.43
N GLN G 272 21.33 -17.79 -57.72
CA GLN G 272 22.49 -18.04 -56.85
C GLN G 272 22.25 -17.61 -55.39
N LEU G 273 21.29 -16.70 -55.18
CA LEU G 273 21.02 -16.12 -53.85
C LEU G 273 20.39 -17.11 -52.89
N ARG G 274 19.68 -18.10 -53.44
CA ARG G 274 19.11 -19.19 -52.64
C ARG G 274 20.17 -19.87 -51.77
N GLU G 275 21.36 -20.04 -52.33
CA GLU G 275 22.48 -20.62 -51.58
C GLU G 275 23.02 -19.68 -50.51
N VAL G 276 23.08 -18.38 -50.81
CA VAL G 276 23.63 -17.41 -49.85
C VAL G 276 22.76 -17.36 -48.59
N VAL G 277 21.46 -17.23 -48.79
CA VAL G 277 20.48 -17.11 -47.71
C VAL G 277 20.45 -18.37 -46.82
N ASP G 278 20.58 -19.54 -47.44
CA ASP G 278 20.65 -20.81 -46.69
C ASP G 278 21.80 -20.84 -45.70
N GLN G 279 22.95 -20.37 -46.14
CA GLN G 279 24.16 -20.40 -45.34
C GLN G 279 24.25 -19.26 -44.34
N VAL G 280 23.16 -18.56 -44.07
CA VAL G 280 23.23 -17.37 -43.22
C VAL G 280 23.53 -17.70 -41.73
N ALA G 281 22.98 -18.80 -41.25
CA ALA G 281 23.28 -19.28 -39.90
C ALA G 281 24.69 -19.91 -39.80
N ALA G 282 25.00 -20.80 -40.73
CA ALA G 282 26.32 -21.41 -40.81
C ALA G 282 27.43 -20.35 -40.87
N ASP G 283 27.30 -19.40 -41.80
CA ASP G 283 28.27 -18.29 -41.92
C ASP G 283 27.52 -16.95 -41.99
N PRO G 284 27.68 -16.11 -40.94
CA PRO G 284 26.85 -14.90 -40.79
C PRO G 284 27.22 -13.76 -41.71
N ARG G 285 28.36 -13.85 -42.40
CA ARG G 285 28.73 -12.85 -43.42
C ARG G 285 27.86 -12.95 -44.68
N ASN G 286 27.05 -14.01 -44.77
CA ASN G 286 26.14 -14.24 -45.89
C ASN G 286 24.94 -13.33 -45.84
N VAL G 287 24.78 -12.64 -44.71
CA VAL G 287 23.83 -11.53 -44.60
C VAL G 287 24.24 -10.36 -45.51
N ASP G 288 25.45 -9.84 -45.28
CA ASP G 288 26.04 -8.76 -46.06
C ASP G 288 26.07 -9.06 -47.54
N ILE G 289 26.41 -10.31 -47.88
CA ILE G 289 26.40 -10.76 -49.28
C ILE G 289 24.97 -10.76 -49.86
N ALA G 290 24.01 -11.24 -49.07
CA ALA G 290 22.60 -11.20 -49.45
C ALA G 290 22.13 -9.77 -49.69
N LEU G 291 22.66 -8.86 -48.87
CA LEU G 291 22.36 -7.44 -48.96
C LEU G 291 22.84 -6.84 -50.27
N GLU G 292 23.99 -7.31 -50.75
CA GLU G 292 24.58 -6.86 -52.02
C GLU G 292 23.79 -7.33 -53.23
N TYR G 293 23.34 -8.59 -53.18
CA TYR G 293 22.43 -9.14 -54.18
C TYR G 293 21.16 -8.35 -54.29
N LEU G 294 20.62 -7.98 -53.14
CA LEU G 294 19.35 -7.27 -53.09
C LEU G 294 19.50 -5.87 -53.68
N GLY G 295 20.63 -5.23 -53.35
CA GLY G 295 20.97 -3.90 -53.87
C GLY G 295 21.27 -3.84 -55.36
N LYS G 296 21.52 -4.99 -55.98
CA LYS G 296 21.72 -5.09 -57.41
C LYS G 296 20.51 -5.68 -58.11
N SER G 297 19.40 -5.80 -57.38
CA SER G 297 18.18 -6.36 -57.91
C SER G 297 17.04 -5.37 -57.75
N LYS G 298 15.87 -5.76 -58.23
CA LYS G 298 14.67 -4.92 -58.20
C LYS G 298 13.77 -5.38 -57.07
N GLY G 299 14.35 -6.11 -56.10
CA GLY G 299 13.64 -6.75 -55.00
C GLY G 299 12.89 -5.83 -54.05
N ILE G 300 13.53 -4.76 -53.59
CA ILE G 300 12.86 -3.70 -52.82
C ILE G 300 11.73 -3.02 -53.62
N GLN G 301 12.08 -2.51 -54.82
CA GLN G 301 11.16 -1.85 -55.72
C GLN G 301 9.93 -2.70 -55.95
N ARG G 302 10.12 -4.01 -56.14
CA ARG G 302 9.02 -4.87 -56.57
C ARG G 302 8.08 -5.15 -55.40
N ALA G 303 8.65 -5.14 -54.19
CA ALA G 303 7.90 -5.33 -52.97
C ALA G 303 7.08 -4.09 -52.70
N ARG G 304 7.70 -2.91 -52.87
CA ARG G 304 6.98 -1.64 -52.70
C ARG G 304 5.92 -1.41 -53.77
N GLU G 305 6.20 -1.77 -55.01
CA GLU G 305 5.20 -1.66 -56.09
C GLU G 305 3.98 -2.53 -55.80
N LEU G 306 4.23 -3.74 -55.30
CA LEU G 306 3.17 -4.61 -54.76
C LEU G 306 2.44 -3.98 -53.57
N ALA G 307 3.17 -3.33 -52.67
CA ALA G 307 2.50 -2.65 -51.55
C ALA G 307 1.54 -1.57 -52.03
N MET G 308 2.02 -0.72 -52.94
CA MET G 308 1.21 0.35 -53.52
C MET G 308 -0.03 -0.16 -54.28
N GLU G 309 0.13 -1.21 -55.07
CA GLU G 309 -0.98 -1.84 -55.72
C GLU G 309 -2.04 -2.15 -54.69
N HIS G 310 -1.66 -2.77 -53.58
CA HIS G 310 -2.57 -3.12 -52.47
C HIS G 310 -3.19 -1.92 -51.77
N ALA G 311 -2.37 -0.92 -51.46
CA ALA G 311 -2.87 0.33 -50.87
C ALA G 311 -3.86 1.07 -51.79
N ASN G 312 -3.57 1.10 -53.10
CA ASN G 312 -4.50 1.67 -54.10
C ASN G 312 -5.86 0.99 -54.05
N LEU G 313 -5.84 -0.34 -53.93
CA LEU G 313 -7.08 -1.13 -53.90
C LEU G 313 -7.88 -0.80 -52.64
N ALA G 314 -7.17 -0.54 -51.54
CA ALA G 314 -7.81 -0.22 -50.28
C ALA G 314 -8.54 1.11 -50.42
N ALA G 315 -7.88 2.09 -51.04
CA ALA G 315 -8.50 3.38 -51.35
C ALA G 315 -9.69 3.27 -52.32
N ALA G 316 -9.59 2.38 -53.30
CA ALA G 316 -10.75 2.07 -54.16
C ALA G 316 -11.94 1.63 -53.32
N ALA G 317 -11.71 0.68 -52.41
CA ALA G 317 -12.77 0.19 -51.51
C ALA G 317 -13.51 1.30 -50.79
N ILE G 318 -12.79 2.31 -50.31
CA ILE G 318 -13.42 3.50 -49.73
C ILE G 318 -14.18 4.32 -50.80
N GLY G 319 -13.55 4.50 -51.96
CA GLY G 319 -14.18 5.20 -53.08
C GLY G 319 -15.50 4.58 -53.48
N SER G 320 -15.58 3.26 -53.46
CA SER G 320 -16.81 2.56 -53.79
C SER G 320 -17.92 2.59 -52.71
N LEU G 321 -17.64 3.20 -51.56
CA LEU G 321 -18.64 3.25 -50.48
C LEU G 321 -19.85 4.07 -50.88
N PRO G 322 -21.06 3.72 -50.38
CA PRO G 322 -22.27 4.42 -50.82
C PRO G 322 -22.17 5.92 -50.55
N GLU G 323 -22.65 6.73 -51.49
CA GLU G 323 -22.55 8.19 -51.39
C GLU G 323 -23.27 8.70 -50.15
N THR G 324 -22.70 9.74 -49.53
CA THR G 324 -23.23 10.30 -48.30
C THR G 324 -23.29 11.82 -48.42
N ASP G 325 -23.98 12.45 -47.49
CA ASP G 325 -23.96 13.90 -47.39
C ASP G 325 -23.34 14.35 -46.07
N ASN G 326 -23.10 13.38 -45.18
CA ASN G 326 -22.61 13.69 -43.84
C ASN G 326 -21.13 14.07 -43.80
N GLU G 327 -20.86 15.20 -43.16
CA GLU G 327 -19.53 15.80 -43.13
C GLU G 327 -18.52 14.98 -42.34
N ASP G 328 -18.92 14.48 -41.18
CA ASP G 328 -18.06 13.62 -40.36
C ASP G 328 -17.71 12.33 -41.10
N VAL G 329 -18.72 11.71 -41.70
CA VAL G 329 -18.55 10.51 -42.52
C VAL G 329 -17.53 10.74 -43.64
N LYS G 330 -17.66 11.86 -44.36
CA LYS G 330 -16.75 12.16 -45.47
C LYS G 330 -15.35 12.49 -44.95
N ARG G 331 -15.26 13.01 -43.74
CA ARG G 331 -13.97 13.32 -43.11
C ARG G 331 -13.20 12.04 -42.85
N SER G 332 -13.91 11.04 -42.31
CA SER G 332 -13.35 9.73 -42.02
C SER G 332 -12.85 9.00 -43.24
N ARG G 333 -13.64 9.05 -44.32
CA ARG G 333 -13.31 8.37 -45.57
C ARG G 333 -12.05 8.94 -46.20
N ARG G 334 -11.87 10.26 -46.06
CA ARG G 334 -10.66 10.94 -46.50
C ARG G 334 -9.46 10.49 -45.70
N ALA G 335 -9.67 10.34 -44.40
CA ALA G 335 -8.65 9.82 -43.48
C ALA G 335 -8.25 8.40 -43.84
N LEU G 336 -9.23 7.52 -44.00
CA LEU G 336 -8.94 6.16 -44.41
C LEU G 336 -8.12 6.14 -45.68
N ILE G 337 -8.47 6.97 -46.67
CA ILE G 337 -7.72 7.06 -47.93
C ILE G 337 -6.33 7.61 -47.70
N ASP G 338 -6.23 8.58 -46.80
CA ASP G 338 -4.97 9.17 -46.39
C ASP G 338 -4.05 8.09 -45.78
N LEU G 339 -4.63 7.22 -44.96
CA LEU G 339 -3.89 6.10 -44.37
C LEU G 339 -3.29 5.16 -45.39
N THR G 340 -3.96 4.97 -46.51
CA THR G 340 -3.40 4.18 -47.61
C THR G 340 -2.23 4.90 -48.33
N HIS G 341 -2.01 6.19 -48.05
CA HIS G 341 -0.81 6.84 -48.63
C HIS G 341 0.34 6.83 -47.65
N ARG G 342 0.03 7.13 -46.41
CA ARG G 342 0.99 7.18 -45.33
C ARG G 342 1.61 5.80 -45.04
N VAL G 343 0.87 4.72 -45.30
CA VAL G 343 1.38 3.40 -45.04
C VAL G 343 2.57 3.12 -45.95
N ILE G 344 2.58 3.75 -47.12
CA ILE G 344 3.61 3.48 -48.11
C ILE G 344 4.90 4.26 -47.77
N THR G 345 4.73 5.50 -47.31
CA THR G 345 5.84 6.43 -47.15
C THR G 345 6.46 6.46 -45.76
N ARG G 346 6.02 5.58 -44.85
CA ARG G 346 6.53 5.62 -43.48
C ARG G 346 7.98 5.16 -43.30
N ASN G 347 8.68 5.84 -42.38
CA ASN G 347 10.04 5.49 -42.06
C ASN G 347 10.10 4.90 -40.65
N LYS G 348 8.94 4.78 -40.02
CA LYS G 348 8.80 4.17 -38.70
C LYS G 348 7.81 3.03 -38.84
N LEU H 8 -28.92 -51.96 -18.89
CA LEU H 8 -29.54 -50.69 -19.40
C LEU H 8 -28.78 -49.43 -18.94
N ASP H 9 -27.58 -49.61 -18.41
CA ASP H 9 -26.83 -48.52 -17.74
C ASP H 9 -26.50 -47.31 -18.65
N PRO H 10 -26.22 -46.15 -18.03
CA PRO H 10 -26.10 -44.83 -18.67
C PRO H 10 -24.97 -44.64 -19.69
N PHE H 11 -23.89 -45.39 -19.55
CA PHE H 11 -22.76 -45.28 -20.49
C PHE H 11 -23.10 -46.01 -21.79
N SER H 12 -23.60 -47.23 -21.65
CA SER H 12 -24.10 -48.03 -22.76
C SER H 12 -25.30 -47.41 -23.46
N LEU H 13 -26.17 -46.77 -22.67
CA LEU H 13 -27.40 -46.14 -23.20
C LEU H 13 -27.11 -44.96 -24.14
N VAL H 14 -25.86 -44.53 -24.19
CA VAL H 14 -25.51 -43.34 -24.94
C VAL H 14 -24.26 -43.57 -25.81
N ALA H 15 -23.64 -44.73 -25.64
CA ALA H 15 -22.39 -45.13 -26.30
C ALA H 15 -22.28 -44.88 -27.81
N ASP H 16 -23.34 -45.13 -28.55
CA ASP H 16 -23.26 -45.07 -30.01
C ASP H 16 -23.27 -43.65 -30.58
N GLU H 17 -24.06 -42.78 -29.96
CA GLU H 17 -24.07 -41.35 -30.23
C GLU H 17 -22.74 -40.71 -29.87
N LEU H 18 -22.03 -41.32 -28.92
CA LEU H 18 -20.72 -40.87 -28.48
C LEU H 18 -19.67 -41.11 -29.57
N SER H 19 -19.79 -42.24 -30.24
CA SER H 19 -18.94 -42.57 -31.39
C SER H 19 -19.28 -41.71 -32.61
N LEU H 20 -20.56 -41.42 -32.80
CA LEU H 20 -21.00 -40.51 -33.85
C LEU H 20 -20.39 -39.12 -33.62
N LEU H 21 -20.54 -38.61 -32.39
CA LEU H 21 -19.92 -37.37 -31.96
C LEU H 21 -18.42 -37.40 -32.16
N SER H 22 -17.81 -38.50 -31.75
CA SER H 22 -16.37 -38.72 -31.86
C SER H 22 -15.88 -38.49 -33.29
N ASN H 23 -16.58 -39.07 -34.25
CA ASN H 23 -16.23 -38.96 -35.65
C ASN H 23 -16.55 -37.57 -36.20
N LYS H 24 -17.62 -36.97 -35.69
CA LYS H 24 -17.97 -35.61 -36.05
C LYS H 24 -16.87 -34.64 -35.63
N LEU H 25 -16.44 -34.75 -34.37
CA LEU H 25 -15.29 -34.00 -33.88
C LEU H 25 -14.11 -34.04 -34.85
N ARG H 26 -13.85 -35.19 -35.47
CA ARG H 26 -12.69 -35.35 -36.35
C ARG H 26 -12.68 -34.45 -37.58
N GLU H 27 -13.81 -34.37 -38.30
CA GLU H 27 -13.89 -33.40 -39.41
C GLU H 27 -13.95 -31.96 -38.91
N MET H 28 -14.72 -31.75 -37.84
CA MET H 28 -14.86 -30.45 -37.19
C MET H 28 -13.52 -29.81 -36.81
N VAL H 29 -12.53 -30.65 -36.56
CA VAL H 29 -11.21 -30.24 -36.07
C VAL H 29 -10.17 -30.34 -37.20
N LEU H 30 -10.63 -30.70 -38.40
CA LEU H 30 -9.73 -30.92 -39.53
C LEU H 30 -9.29 -29.59 -40.07
N ALA H 31 -8.02 -29.52 -40.48
CA ALA H 31 -7.42 -28.31 -41.01
C ALA H 31 -6.22 -28.64 -41.90
N GLU H 32 -6.11 -27.97 -43.03
CA GLU H 32 -4.83 -27.79 -43.70
C GLU H 32 -4.44 -26.39 -43.22
N VAL H 33 -3.18 -26.12 -42.84
CA VAL H 33 -1.96 -26.94 -42.89
C VAL H 33 -1.99 -28.30 -42.20
N PRO H 34 -1.28 -29.31 -42.77
CA PRO H 34 -1.24 -30.67 -42.22
C PRO H 34 -0.61 -30.80 -40.83
N LYS H 35 0.37 -29.95 -40.50
CA LYS H 35 1.02 -30.02 -39.18
C LYS H 35 0.10 -29.49 -38.09
N LEU H 36 -0.74 -28.53 -38.46
CA LEU H 36 -1.75 -28.03 -37.56
C LEU H 36 -2.80 -29.11 -37.35
N ALA H 37 -3.07 -29.87 -38.42
CA ALA H 37 -4.06 -30.93 -38.40
C ALA H 37 -3.65 -32.06 -37.47
N SER H 38 -2.39 -32.49 -37.58
CA SER H 38 -1.81 -33.52 -36.73
C SER H 38 -1.98 -33.19 -35.25
N ALA H 39 -1.71 -31.93 -34.90
CA ALA H 39 -1.77 -31.45 -33.51
C ALA H 39 -3.19 -31.39 -32.99
N ALA H 40 -4.07 -30.77 -33.77
CA ALA H 40 -5.46 -30.59 -33.39
C ALA H 40 -6.20 -31.92 -33.28
N GLU H 41 -5.88 -32.86 -34.18
CA GLU H 41 -6.60 -34.12 -34.23
C GLU H 41 -6.13 -35.08 -33.13
N TYR H 42 -4.90 -34.88 -32.68
CA TYR H 42 -4.18 -35.80 -31.79
C TYR H 42 -4.99 -36.49 -30.68
N PHE H 43 -5.86 -35.74 -30.02
CA PHE H 43 -6.70 -36.25 -28.94
C PHE H 43 -8.16 -36.44 -29.36
N PHE H 44 -8.38 -36.71 -30.64
CA PHE H 44 -9.72 -36.98 -31.10
C PHE H 44 -9.89 -38.31 -31.84
N LYS H 45 -8.81 -39.07 -32.01
CA LYS H 45 -8.91 -40.34 -32.71
C LYS H 45 -9.46 -41.47 -31.84
N ARG H 46 -9.84 -42.57 -32.50
CA ARG H 46 -10.33 -43.77 -31.82
C ARG H 46 -9.28 -44.22 -30.81
N GLY H 47 -9.69 -44.32 -29.55
CA GLY H 47 -8.83 -44.85 -28.49
C GLY H 47 -8.21 -43.81 -27.59
N VAL H 48 -8.09 -42.58 -28.11
CA VAL H 48 -7.40 -41.50 -27.39
C VAL H 48 -8.32 -40.29 -27.15
N GLN H 49 -9.64 -40.52 -27.26
CA GLN H 49 -10.63 -39.47 -27.02
C GLN H 49 -10.86 -39.20 -25.52
N GLY H 50 -10.30 -40.06 -24.67
CA GLY H 50 -10.63 -40.07 -23.24
C GLY H 50 -11.96 -40.75 -22.94
N LYS H 51 -12.26 -40.90 -21.65
CA LYS H 51 -13.62 -41.24 -21.23
C LYS H 51 -14.42 -39.99 -21.54
N GLN H 52 -15.53 -40.10 -22.26
CA GLN H 52 -16.18 -38.86 -22.71
C GLN H 52 -17.39 -38.42 -21.86
N PHE H 53 -17.10 -38.18 -20.57
CA PHE H 53 -18.13 -38.02 -19.54
C PHE H 53 -18.99 -36.78 -19.72
N ARG H 54 -18.36 -35.70 -20.15
CA ARG H 54 -19.10 -34.46 -20.41
C ARG H 54 -20.13 -34.70 -21.52
N SER H 55 -19.70 -35.31 -22.62
CA SER H 55 -20.59 -35.64 -23.72
C SER H 55 -21.71 -36.55 -23.27
N THR H 56 -21.34 -37.61 -22.55
CA THR H 56 -22.29 -38.56 -21.97
C THR H 56 -23.43 -37.84 -21.22
N ILE H 57 -23.05 -36.97 -20.29
CA ILE H 57 -24.01 -36.17 -19.52
C ILE H 57 -24.88 -35.28 -20.41
N LEU H 58 -24.25 -34.69 -21.44
CA LEU H 58 -24.95 -33.79 -22.34
C LEU H 58 -25.98 -34.49 -23.22
N LEU H 59 -25.63 -35.64 -23.78
CA LEU H 59 -26.57 -36.40 -24.60
C LEU H 59 -27.73 -36.93 -23.76
N LEU H 60 -27.44 -37.43 -22.56
CA LEU H 60 -28.48 -37.92 -21.64
C LEU H 60 -29.39 -36.77 -21.16
N MET H 61 -28.78 -35.60 -20.93
CA MET H 61 -29.51 -34.39 -20.54
C MET H 61 -30.40 -33.93 -21.69
N ALA H 62 -29.83 -33.94 -22.90
CA ALA H 62 -30.58 -33.63 -24.12
C ALA H 62 -31.89 -34.40 -24.17
N THR H 63 -31.83 -35.70 -23.88
CA THR H 63 -33.02 -36.55 -23.91
C THR H 63 -33.92 -36.25 -22.72
N ALA H 64 -33.29 -36.05 -21.55
CA ALA H 64 -34.00 -35.78 -20.28
C ALA H 64 -34.95 -34.59 -20.37
N LEU H 65 -34.49 -33.52 -21.00
CA LEU H 65 -35.36 -32.39 -21.36
C LEU H 65 -36.09 -32.74 -22.65
N ASP H 66 -37.40 -32.49 -22.64
CA ASP H 66 -38.36 -32.99 -23.66
C ASP H 66 -37.78 -33.92 -24.73
N SER H 83 -36.36 -32.42 -34.76
CA SER H 83 -35.22 -33.32 -34.76
C SER H 83 -33.91 -32.56 -34.88
N GLU H 84 -33.89 -31.55 -35.75
CA GLU H 84 -32.68 -30.80 -36.04
C GLU H 84 -32.13 -30.11 -34.78
N LEU H 85 -32.92 -30.10 -33.71
CA LEU H 85 -32.48 -29.53 -32.46
C LEU H 85 -31.55 -30.49 -31.73
N ARG H 86 -31.75 -31.79 -31.95
CA ARG H 86 -30.88 -32.83 -31.42
C ARG H 86 -29.46 -32.75 -32.01
N VAL H 87 -29.34 -32.47 -33.31
CA VAL H 87 -28.03 -32.22 -33.90
C VAL H 87 -27.42 -30.92 -33.37
N ARG H 88 -28.28 -29.95 -33.06
CA ARG H 88 -27.85 -28.71 -32.41
C ARG H 88 -27.32 -29.01 -31.00
N GLN H 89 -28.05 -29.88 -30.28
CA GLN H 89 -27.68 -30.28 -28.94
C GLN H 89 -26.35 -31.05 -28.95
N ARG H 90 -26.20 -31.95 -29.92
CA ARG H 90 -24.92 -32.61 -30.16
C ARG H 90 -23.79 -31.61 -30.39
N GLY H 91 -24.10 -30.51 -31.06
CA GLY H 91 -23.15 -29.42 -31.27
C GLY H 91 -22.52 -28.99 -29.96
N ILE H 92 -23.37 -28.78 -28.95
CA ILE H 92 -22.96 -28.38 -27.61
C ILE H 92 -21.94 -29.37 -27.00
N ALA H 93 -22.18 -30.67 -27.18
CA ALA H 93 -21.24 -31.68 -26.71
C ALA H 93 -19.90 -31.60 -27.43
N GLU H 94 -19.96 -31.32 -28.73
CA GLU H 94 -18.76 -31.20 -29.57
C GLU H 94 -17.96 -29.97 -29.16
N ILE H 95 -18.65 -28.83 -29.05
CA ILE H 95 -18.03 -27.59 -28.62
C ILE H 95 -17.39 -27.79 -27.23
N THR H 96 -18.18 -28.30 -26.29
CA THR H 96 -17.70 -28.65 -24.96
C THR H 96 -16.45 -29.53 -24.98
N GLU H 97 -16.46 -30.57 -25.82
CA GLU H 97 -15.31 -31.46 -25.91
C GLU H 97 -14.10 -30.74 -26.50
N MET H 98 -14.32 -29.95 -27.55
CA MET H 98 -13.28 -29.10 -28.13
C MET H 98 -12.67 -28.16 -27.10
N ILE H 99 -13.52 -27.40 -26.41
CA ILE H 99 -13.07 -26.54 -25.31
C ILE H 99 -12.28 -27.35 -24.29
N HIS H 100 -12.84 -28.50 -23.90
CA HIS H 100 -12.17 -29.41 -22.97
C HIS H 100 -10.75 -29.77 -23.39
N VAL H 101 -10.61 -30.33 -24.60
CA VAL H 101 -9.29 -30.75 -25.13
C VAL H 101 -8.34 -29.57 -25.26
N ALA H 102 -8.89 -28.41 -25.60
CA ALA H 102 -8.10 -27.18 -25.66
C ALA H 102 -7.42 -26.89 -24.31
N SER H 103 -8.18 -26.96 -23.22
CA SER H 103 -7.58 -26.81 -21.87
C SER H 103 -6.45 -27.80 -21.56
N LEU H 104 -6.65 -29.06 -21.90
CA LEU H 104 -5.66 -30.11 -21.69
C LEU H 104 -4.34 -29.83 -22.40
N LEU H 105 -4.43 -29.45 -23.67
CA LEU H 105 -3.26 -29.11 -24.47
C LEU H 105 -2.46 -28.02 -23.79
N HIS H 106 -3.14 -26.93 -23.43
CA HIS H 106 -2.51 -25.83 -22.71
C HIS H 106 -2.08 -26.29 -21.33
N ASP H 107 -2.91 -27.11 -20.70
CA ASP H 107 -2.60 -27.62 -19.36
C ASP H 107 -1.28 -28.35 -19.34
N ASP H 108 -1.02 -29.17 -20.36
CA ASP H 108 0.18 -30.00 -20.45
C ASP H 108 1.47 -29.22 -20.70
N VAL H 109 1.36 -28.05 -21.34
CA VAL H 109 2.51 -27.16 -21.48
C VAL H 109 2.87 -26.56 -20.13
N LEU H 110 1.86 -26.10 -19.41
CA LEU H 110 1.97 -25.83 -17.99
C LEU H 110 1.86 -27.22 -17.39
N ASP H 111 2.01 -27.39 -16.08
CA ASP H 111 1.98 -28.75 -15.50
C ASP H 111 2.98 -29.69 -16.23
N ASP H 112 3.74 -29.11 -17.16
CA ASP H 112 4.93 -29.70 -17.80
C ASP H 112 4.95 -31.23 -18.01
N ALA H 113 3.86 -31.76 -18.56
CA ALA H 113 3.63 -33.21 -18.65
C ALA H 113 4.48 -33.91 -19.70
N ASP H 114 4.57 -35.24 -19.59
CA ASP H 114 5.03 -36.07 -20.70
C ASP H 114 4.01 -37.15 -21.08
N THR H 115 2.97 -37.28 -20.25
CA THR H 115 1.94 -38.29 -20.48
C THR H 115 0.52 -37.75 -20.41
N ARG H 116 -0.31 -38.17 -21.36
CA ARG H 116 -1.74 -37.93 -21.30
C ARG H 116 -2.47 -39.07 -21.95
N ARG H 117 -3.56 -39.51 -21.33
CA ARG H 117 -4.43 -40.56 -21.89
C ARG H 117 -3.66 -41.82 -22.31
N GLY H 118 -2.75 -42.26 -21.43
CA GLY H 118 -1.90 -43.43 -21.70
C GLY H 118 -0.97 -43.28 -22.90
N VAL H 119 -0.80 -42.05 -23.36
CA VAL H 119 0.03 -41.77 -24.54
C VAL H 119 0.91 -40.54 -24.29
N GLY H 120 1.99 -40.43 -25.06
CA GLY H 120 2.80 -39.21 -25.05
C GLY H 120 1.93 -37.97 -25.14
N SER H 121 2.19 -36.99 -24.29
CA SER H 121 1.49 -35.74 -24.32
C SER H 121 2.01 -34.90 -25.49
N LEU H 122 1.23 -33.93 -25.92
CA LEU H 122 1.58 -33.19 -27.12
C LEU H 122 2.81 -32.31 -26.97
N ASN H 123 3.00 -31.74 -25.79
CA ASN H 123 4.17 -30.91 -25.50
C ASN H 123 5.52 -31.66 -25.63
N VAL H 124 5.47 -32.97 -25.42
CA VAL H 124 6.63 -33.83 -25.69
C VAL H 124 6.69 -34.24 -27.17
N VAL H 125 5.57 -34.74 -27.70
CA VAL H 125 5.51 -35.24 -29.09
C VAL H 125 5.73 -34.15 -30.12
N MET H 126 4.92 -33.10 -30.07
CA MET H 126 4.92 -32.07 -31.12
C MET H 126 5.59 -30.76 -30.75
N GLY H 127 5.81 -30.55 -29.45
CA GLY H 127 6.47 -29.36 -28.95
C GLY H 127 5.47 -28.45 -28.29
N ASN H 128 5.97 -27.47 -27.54
CA ASN H 128 5.11 -26.52 -26.85
C ASN H 128 4.34 -25.66 -27.84
N LYS H 129 5.03 -25.15 -28.86
CA LYS H 129 4.41 -24.27 -29.82
C LYS H 129 3.17 -24.84 -30.48
N MET H 130 3.29 -26.05 -31.00
CA MET H 130 2.17 -26.71 -31.68
C MET H 130 1.02 -26.97 -30.72
N SER H 131 1.34 -27.27 -29.47
CA SER H 131 0.31 -27.59 -28.50
C SER H 131 -0.56 -26.39 -28.25
N VAL H 132 0.10 -25.24 -28.03
CA VAL H 132 -0.57 -23.99 -27.72
C VAL H 132 -1.34 -23.49 -28.94
N LEU H 133 -0.77 -23.63 -30.14
CA LEU H 133 -1.50 -23.27 -31.36
C LEU H 133 -2.73 -24.14 -31.62
N ALA H 134 -2.61 -25.43 -31.32
CA ALA H 134 -3.71 -26.39 -31.47
C ALA H 134 -4.85 -26.05 -30.55
N GLY H 135 -4.51 -25.57 -29.35
CA GLY H 135 -5.49 -25.18 -28.36
C GLY H 135 -6.28 -23.97 -28.79
N ASP H 136 -5.56 -22.94 -29.26
CA ASP H 136 -6.17 -21.73 -29.82
C ASP H 136 -7.04 -22.09 -30.99
N PHE H 137 -6.55 -23.02 -31.82
CA PHE H 137 -7.27 -23.48 -32.99
C PHE H 137 -8.60 -24.08 -32.58
N LEU H 138 -8.56 -25.00 -31.63
CA LEU H 138 -9.77 -25.65 -31.13
C LEU H 138 -10.73 -24.65 -30.50
N LEU H 139 -10.22 -23.73 -29.70
CA LEU H 139 -11.06 -22.67 -29.12
C LEU H 139 -11.81 -21.89 -30.23
N SER H 140 -11.10 -21.49 -31.28
CA SER H 140 -11.69 -20.75 -32.38
C SER H 140 -12.70 -21.55 -33.18
N ARG H 141 -12.44 -22.84 -33.39
CA ARG H 141 -13.43 -23.73 -33.99
C ARG H 141 -14.67 -23.86 -33.10
N ALA H 142 -14.47 -23.82 -31.79
CA ALA H 142 -15.57 -23.89 -30.84
C ALA H 142 -16.44 -22.64 -30.92
N CYS H 143 -15.80 -21.48 -30.99
CA CYS H 143 -16.51 -20.19 -31.18
C CYS H 143 -17.25 -20.16 -32.52
N GLY H 144 -16.57 -20.63 -33.57
CA GLY H 144 -17.16 -20.81 -34.90
C GLY H 144 -18.46 -21.59 -34.87
N ALA H 145 -18.44 -22.74 -34.19
CA ALA H 145 -19.62 -23.58 -34.07
C ALA H 145 -20.70 -22.95 -33.18
N LEU H 146 -20.28 -22.25 -32.13
CA LEU H 146 -21.21 -21.50 -31.27
C LEU H 146 -21.93 -20.42 -32.10
N ALA H 147 -21.17 -19.72 -32.93
CA ALA H 147 -21.71 -18.71 -33.81
C ALA H 147 -22.72 -19.30 -34.80
N ALA H 148 -22.39 -20.46 -35.38
CA ALA H 148 -23.25 -21.08 -36.36
C ALA H 148 -24.62 -21.51 -35.80
N LEU H 149 -24.68 -21.74 -34.48
CA LEU H 149 -25.93 -22.07 -33.78
C LEU H 149 -26.84 -20.85 -33.66
N LYS H 150 -26.28 -19.65 -33.81
CA LYS H 150 -27.04 -18.38 -33.87
C LYS H 150 -27.90 -18.08 -32.65
N ASN H 151 -27.49 -18.58 -31.48
CA ASN H 151 -28.13 -18.27 -30.22
C ASN H 151 -27.16 -17.51 -29.33
N THR H 152 -27.51 -16.25 -29.03
CA THR H 152 -26.62 -15.39 -28.27
C THR H 152 -26.45 -15.78 -26.80
N GLU H 153 -27.48 -16.37 -26.19
CA GLU H 153 -27.37 -16.76 -24.80
C GLU H 153 -26.44 -17.98 -24.64
N VAL H 154 -26.44 -18.85 -25.66
CA VAL H 154 -25.58 -20.02 -25.71
C VAL H 154 -24.10 -19.62 -25.91
N VAL H 155 -23.85 -18.60 -26.72
CA VAL H 155 -22.51 -18.06 -26.87
C VAL H 155 -21.99 -17.54 -25.52
N ALA H 156 -22.80 -16.74 -24.85
CA ALA H 156 -22.48 -16.20 -23.55
C ALA H 156 -22.27 -17.31 -22.50
N LEU H 157 -23.05 -18.38 -22.58
CA LEU H 157 -22.93 -19.47 -21.63
C LEU H 157 -21.61 -20.20 -21.77
N LEU H 158 -21.20 -20.50 -23.00
CA LEU H 158 -19.89 -21.13 -23.19
C LEU H 158 -18.70 -20.20 -23.08
N ALA H 159 -18.89 -18.90 -23.30
CA ALA H 159 -17.82 -17.93 -23.07
C ALA H 159 -17.50 -17.85 -21.58
N THR H 160 -18.55 -17.76 -20.76
CA THR H 160 -18.40 -17.84 -19.33
C THR H 160 -17.57 -19.10 -18.93
N ALA H 161 -17.94 -20.26 -19.46
CA ALA H 161 -17.16 -21.47 -19.20
C ALA H 161 -15.68 -21.29 -19.50
N VAL H 162 -15.35 -20.64 -20.61
CA VAL H 162 -13.96 -20.48 -21.02
C VAL H 162 -13.23 -19.51 -20.08
N GLU H 163 -13.93 -18.44 -19.70
CA GLU H 163 -13.42 -17.53 -18.68
C GLU H 163 -13.16 -18.23 -17.34
N HIS H 164 -14.04 -19.14 -16.97
CA HIS H 164 -13.91 -19.83 -15.72
C HIS H 164 -12.74 -20.81 -15.70
N LEU H 165 -12.55 -21.53 -16.80
CA LEU H 165 -11.40 -22.38 -16.98
C LEU H 165 -10.08 -21.66 -16.73
N VAL H 166 -9.95 -20.45 -17.29
CA VAL H 166 -8.73 -19.65 -17.15
C VAL H 166 -8.57 -19.09 -15.72
N THR H 167 -9.68 -18.65 -15.12
CA THR H 167 -9.68 -18.22 -13.73
C THR H 167 -9.31 -19.40 -12.77
N GLY H 168 -9.88 -20.58 -13.03
CA GLY H 168 -9.60 -21.75 -12.24
C GLY H 168 -8.18 -22.27 -12.36
N GLU H 169 -7.65 -22.29 -13.58
CA GLU H 169 -6.27 -22.73 -13.77
C GLU H 169 -5.31 -21.74 -13.11
N THR H 170 -5.71 -20.47 -13.11
CA THR H 170 -4.91 -19.41 -12.54
C THR H 170 -4.86 -19.52 -11.01
N MET H 171 -5.99 -19.81 -10.40
CA MET H 171 -6.07 -20.03 -8.95
C MET H 171 -5.19 -21.18 -8.43
N GLU H 172 -5.14 -22.27 -9.20
CA GLU H 172 -4.32 -23.43 -8.85
C GLU H 172 -2.83 -23.08 -8.85
N ILE H 173 -2.45 -22.12 -9.68
CA ILE H 173 -1.08 -21.69 -9.73
C ILE H 173 -0.88 -20.59 -8.69
N THR H 174 -1.59 -19.48 -8.91
CA THR H 174 -1.24 -18.17 -8.40
C THR H 174 -1.43 -17.88 -6.91
N SER H 175 -2.55 -18.31 -6.33
CA SER H 175 -2.84 -17.91 -4.95
C SER H 175 -1.64 -18.02 -4.02
N SER H 176 -1.61 -17.14 -3.01
CA SER H 176 -0.63 -17.23 -1.91
C SER H 176 -0.85 -18.52 -1.12
N THR H 177 0.03 -18.80 -0.16
CA THR H 177 -0.04 -20.08 0.57
C THR H 177 -1.28 -20.17 1.49
N ALA H 178 -1.56 -19.08 2.20
CA ALA H 178 -2.66 -19.03 3.19
C ALA H 178 -4.02 -19.19 2.53
N ALA H 179 -4.13 -18.67 1.31
CA ALA H 179 -5.35 -18.74 0.53
C ALA H 179 -5.64 -20.18 0.15
N ARG H 180 -4.70 -20.79 -0.57
CA ARG H 180 -4.87 -22.16 -1.06
C ARG H 180 -5.35 -23.18 -0.03
N TYR H 181 -4.96 -23.00 1.24
CA TYR H 181 -5.25 -24.01 2.28
C TYR H 181 -6.56 -23.82 3.02
N SER H 182 -7.62 -23.47 2.30
CA SER H 182 -8.95 -23.48 2.88
C SER H 182 -9.91 -24.16 1.93
N MET H 183 -10.99 -24.70 2.48
CA MET H 183 -12.03 -25.34 1.69
C MET H 183 -12.82 -24.36 0.82
N ASP H 184 -12.81 -23.08 1.20
CA ASP H 184 -13.45 -22.01 0.44
C ASP H 184 -12.79 -21.86 -0.90
N TYR H 185 -11.45 -21.81 -0.85
CA TYR H 185 -10.60 -21.66 -2.02
C TYR H 185 -10.76 -22.86 -2.92
N TYR H 186 -10.65 -24.03 -2.33
CA TYR H 186 -10.79 -25.28 -3.05
C TYR H 186 -12.13 -25.33 -3.76
N MET H 187 -13.17 -24.91 -3.04
CA MET H 187 -14.54 -24.91 -3.55
C MET H 187 -14.69 -24.05 -4.80
N GLN H 188 -14.07 -22.87 -4.77
CA GLN H 188 -14.13 -21.93 -5.87
C GLN H 188 -13.30 -22.40 -7.06
N LYS H 189 -12.06 -22.80 -6.79
CA LYS H 189 -11.17 -23.26 -7.83
C LYS H 189 -11.84 -24.43 -8.55
N THR H 190 -12.40 -25.36 -7.79
CA THR H 190 -13.02 -26.55 -8.36
C THR H 190 -14.17 -26.17 -9.25
N TYR H 191 -14.99 -25.23 -8.80
CA TYR H 191 -16.11 -24.82 -9.61
C TYR H 191 -15.65 -24.22 -10.94
N TYR H 192 -14.68 -23.32 -10.88
CA TYR H 192 -14.24 -22.65 -12.07
C TYR H 192 -13.53 -23.62 -12.97
N LYS H 193 -12.66 -24.43 -12.38
CA LYS H 193 -11.78 -25.28 -13.18
C LYS H 193 -12.44 -26.52 -13.76
N THR H 194 -13.50 -26.99 -13.12
CA THR H 194 -14.09 -28.28 -13.44
C THR H 194 -15.59 -28.20 -13.71
N ALA H 195 -16.35 -27.63 -12.78
CA ALA H 195 -17.81 -27.78 -12.83
C ALA H 195 -18.50 -26.74 -13.70
N SER H 196 -17.82 -25.63 -13.97
CA SER H 196 -18.41 -24.55 -14.76
C SER H 196 -18.69 -24.98 -16.21
N LEU H 197 -17.77 -25.78 -16.77
CA LEU H 197 -17.92 -26.26 -18.14
C LEU H 197 -19.11 -27.21 -18.25
N ILE H 198 -19.30 -28.04 -17.23
CA ILE H 198 -20.42 -28.99 -17.17
C ILE H 198 -21.75 -28.28 -16.93
N SER H 199 -21.79 -27.34 -15.99
CA SER H 199 -23.02 -26.61 -15.69
C SER H 199 -23.49 -25.72 -16.83
N ASN H 200 -22.59 -24.91 -17.38
CA ASN H 200 -22.98 -24.00 -18.48
C ASN H 200 -23.37 -24.71 -19.76
N SER H 201 -22.68 -25.79 -20.10
CA SER H 201 -23.04 -26.57 -21.28
C SER H 201 -24.38 -27.31 -21.06
N CYS H 202 -24.58 -27.83 -19.83
CA CYS H 202 -25.87 -28.38 -19.43
C CYS H 202 -26.96 -27.33 -19.57
N LYS H 203 -26.66 -26.09 -19.17
CA LYS H 203 -27.62 -25.01 -19.32
C LYS H 203 -27.85 -24.69 -20.81
N ALA H 204 -26.79 -24.71 -21.59
CA ALA H 204 -26.86 -24.43 -23.03
C ALA H 204 -27.79 -25.39 -23.77
N VAL H 205 -27.63 -26.69 -23.53
CA VAL H 205 -28.53 -27.74 -24.03
C VAL H 205 -29.99 -27.38 -23.76
N ALA H 206 -30.27 -26.98 -22.53
CA ALA H 206 -31.63 -26.61 -22.12
C ALA H 206 -32.14 -25.38 -22.85
N VAL H 207 -31.29 -24.36 -22.96
CA VAL H 207 -31.64 -23.10 -23.60
C VAL H 207 -31.99 -23.30 -25.07
N LEU H 208 -31.18 -24.12 -25.75
CA LEU H 208 -31.37 -24.51 -27.14
C LEU H 208 -32.75 -25.12 -27.42
N THR H 209 -33.35 -25.72 -26.40
CA THR H 209 -34.67 -26.33 -26.53
C THR H 209 -35.79 -25.34 -26.24
N GLY H 210 -35.42 -24.10 -25.91
CA GLY H 210 -36.38 -23.05 -25.60
C GLY H 210 -37.24 -23.35 -24.39
N GLN H 211 -36.71 -24.15 -23.46
CA GLN H 211 -37.41 -24.42 -22.19
C GLN H 211 -37.46 -23.13 -21.40
N THR H 212 -38.36 -23.05 -20.41
CA THR H 212 -38.43 -21.87 -19.55
C THR H 212 -37.07 -21.60 -18.90
N ALA H 213 -36.88 -20.36 -18.45
CA ALA H 213 -35.66 -19.97 -17.75
C ALA H 213 -35.41 -20.85 -16.53
N GLU H 214 -36.47 -21.26 -15.83
CA GLU H 214 -36.38 -22.08 -14.62
C GLU H 214 -35.84 -23.48 -14.90
N VAL H 215 -36.26 -24.06 -16.02
CA VAL H 215 -35.81 -25.42 -16.38
C VAL H 215 -34.33 -25.40 -16.72
N ALA H 216 -33.89 -24.33 -17.37
CA ALA H 216 -32.48 -24.12 -17.67
C ALA H 216 -31.64 -24.17 -16.39
N VAL H 217 -32.15 -23.55 -15.33
CA VAL H 217 -31.50 -23.54 -14.02
C VAL H 217 -31.40 -24.95 -13.43
N LEU H 218 -32.45 -25.76 -13.60
CA LEU H 218 -32.41 -27.14 -13.12
C LEU H 218 -31.32 -27.93 -13.84
N ALA H 219 -31.20 -27.74 -15.15
CA ALA H 219 -30.12 -28.34 -15.94
C ALA H 219 -28.76 -27.86 -15.47
N PHE H 220 -28.69 -26.59 -15.06
CA PHE H 220 -27.46 -25.99 -14.57
C PHE H 220 -27.04 -26.51 -13.20
N GLU H 221 -28.00 -26.61 -12.27
CA GLU H 221 -27.72 -27.14 -10.93
C GLU H 221 -27.26 -28.59 -11.02
N TYR H 222 -27.82 -29.34 -11.98
CA TYR H 222 -27.44 -30.73 -12.14
C TYR H 222 -25.97 -30.81 -12.51
N GLY H 223 -25.61 -30.10 -13.58
CA GLY H 223 -24.24 -30.12 -14.07
C GLY H 223 -23.26 -29.70 -13.00
N ARG H 224 -23.59 -28.61 -12.32
CA ARG H 224 -22.74 -28.02 -11.30
C ARG H 224 -22.46 -29.01 -10.17
N ASN H 225 -23.53 -29.58 -9.63
CA ASN H 225 -23.40 -30.47 -8.48
C ASN H 225 -22.74 -31.79 -8.82
N LEU H 226 -23.10 -32.37 -9.96
CA LEU H 226 -22.50 -33.63 -10.37
C LEU H 226 -21.00 -33.44 -10.58
N GLY H 227 -20.61 -32.33 -11.20
CA GLY H 227 -19.20 -32.00 -11.42
C GLY H 227 -18.40 -31.83 -10.12
N LEU H 228 -18.95 -31.06 -9.18
CA LEU H 228 -18.34 -30.89 -7.87
C LEU H 228 -18.23 -32.21 -7.11
N ALA H 229 -19.26 -33.04 -7.17
CA ALA H 229 -19.25 -34.36 -6.56
C ALA H 229 -18.21 -35.29 -7.19
N PHE H 230 -18.03 -35.19 -8.51
CA PHE H 230 -17.12 -36.08 -9.22
C PHE H 230 -15.68 -35.82 -8.80
N GLN H 231 -15.36 -34.54 -8.66
CA GLN H 231 -14.02 -34.10 -8.29
C GLN H 231 -13.67 -34.47 -6.84
N LEU H 232 -14.63 -34.36 -5.93
CA LEU H 232 -14.38 -34.73 -4.55
C LEU H 232 -14.06 -36.23 -4.41
N ILE H 233 -14.79 -37.06 -5.14
CA ILE H 233 -14.54 -38.48 -5.09
C ILE H 233 -13.20 -38.82 -5.75
N ASP H 234 -12.86 -38.09 -6.81
CA ASP H 234 -11.61 -38.29 -7.52
C ASP H 234 -10.42 -37.97 -6.64
N ASP H 235 -10.57 -36.89 -5.85
CA ASP H 235 -9.54 -36.51 -4.90
C ASP H 235 -9.33 -37.55 -3.78
N ILE H 236 -10.42 -38.20 -3.34
CA ILE H 236 -10.36 -39.27 -2.34
C ILE H 236 -9.67 -40.53 -2.87
N LEU H 237 -9.91 -40.86 -4.13
CA LEU H 237 -9.34 -42.06 -4.75
C LEU H 237 -7.83 -41.98 -5.00
N ASP H 238 -7.31 -40.75 -5.05
CA ASP H 238 -5.86 -40.55 -5.08
C ASP H 238 -5.26 -41.09 -3.80
N PHE H 239 -6.02 -41.00 -2.69
CA PHE H 239 -5.57 -41.46 -1.37
C PHE H 239 -5.90 -42.93 -1.09
N THR H 240 -7.13 -43.34 -1.37
CA THR H 240 -7.58 -44.70 -1.07
C THR H 240 -7.20 -45.69 -2.17
N GLY H 241 -7.42 -45.30 -3.43
CA GLY H 241 -7.21 -46.18 -4.58
C GLY H 241 -8.43 -47.06 -4.88
N THR H 242 -8.27 -47.95 -5.87
CA THR H 242 -9.28 -48.97 -6.20
C THR H 242 -9.97 -49.58 -4.97
N SER H 243 -9.17 -50.18 -4.08
CA SER H 243 -9.67 -50.70 -2.80
C SER H 243 -10.02 -49.56 -1.83
N ALA H 244 -10.82 -49.88 -0.81
CA ALA H 244 -11.41 -48.86 0.07
C ALA H 244 -10.42 -48.14 0.99
N SER H 245 -9.42 -48.87 1.51
CA SER H 245 -8.52 -48.35 2.55
C SER H 245 -7.37 -47.47 2.05
N LEU H 246 -6.68 -46.83 3.00
CA LEU H 246 -5.65 -45.82 2.74
C LEU H 246 -4.32 -46.43 2.31
N GLY H 247 -3.66 -45.78 1.36
CA GLY H 247 -2.31 -46.15 0.96
C GLY H 247 -2.20 -46.91 -0.35
N LYS H 248 -3.30 -47.48 -0.82
CA LYS H 248 -3.34 -48.18 -2.10
C LYS H 248 -3.21 -47.19 -3.24
N GLY H 249 -3.80 -46.02 -3.06
CA GLY H 249 -3.84 -44.98 -4.10
C GLY H 249 -2.49 -44.43 -4.53
N SER H 250 -2.45 -43.84 -5.71
CA SER H 250 -1.20 -43.33 -6.29
C SER H 250 -0.62 -42.17 -5.47
N LEU H 251 -1.52 -41.38 -4.86
CA LEU H 251 -1.14 -40.20 -4.08
C LEU H 251 -0.45 -39.14 -4.93
N SER H 252 -0.79 -39.14 -6.22
CA SER H 252 -0.14 -38.28 -7.20
C SER H 252 -0.31 -36.80 -6.88
N ASP H 253 -1.50 -36.41 -6.41
CA ASP H 253 -1.78 -35.01 -6.09
C ASP H 253 -0.87 -34.49 -4.99
N ILE H 254 -0.86 -35.19 -3.87
CA ILE H 254 -0.11 -34.76 -2.69
C ILE H 254 1.41 -34.88 -2.87
N ARG H 255 1.85 -35.83 -3.69
CA ARG H 255 3.25 -36.00 -4.03
C ARG H 255 3.82 -34.75 -4.72
N HIS H 256 2.98 -34.13 -5.54
CA HIS H 256 3.32 -32.99 -6.37
C HIS H 256 3.01 -31.66 -5.68
N GLY H 257 2.33 -31.74 -4.55
CA GLY H 257 1.92 -30.53 -3.83
C GLY H 257 0.60 -29.96 -4.31
N VAL H 258 -0.29 -30.83 -4.77
CA VAL H 258 -1.70 -30.44 -4.99
C VAL H 258 -2.50 -30.88 -3.75
N ILE H 259 -3.19 -29.92 -3.14
CA ILE H 259 -3.82 -30.10 -1.85
C ILE H 259 -5.32 -30.20 -2.00
N THR H 260 -5.80 -31.44 -2.06
CA THR H 260 -7.20 -31.73 -2.36
C THR H 260 -7.99 -31.80 -1.07
N ALA H 261 -9.32 -31.91 -1.21
CA ALA H 261 -10.25 -31.74 -0.07
C ALA H 261 -9.98 -32.59 1.20
N PRO H 262 -9.65 -33.89 1.04
CA PRO H 262 -9.31 -34.66 2.26
C PRO H 262 -8.24 -33.99 3.15
N ILE H 263 -7.10 -33.63 2.57
CA ILE H 263 -6.04 -32.94 3.30
C ILE H 263 -6.49 -31.58 3.89
N LEU H 264 -7.29 -30.83 3.12
CA LEU H 264 -7.77 -29.52 3.59
C LEU H 264 -8.65 -29.63 4.81
N PHE H 265 -9.60 -30.57 4.79
CA PHE H 265 -10.41 -30.90 5.99
C PHE H 265 -9.53 -31.29 7.18
N ALA H 266 -8.52 -32.13 6.94
CA ALA H 266 -7.59 -32.55 8.01
C ALA H 266 -6.91 -31.37 8.70
N MET H 267 -6.54 -30.36 7.90
CA MET H 267 -5.94 -29.11 8.39
C MET H 267 -6.85 -28.34 9.35
N GLU H 268 -8.15 -28.46 9.16
CA GLU H 268 -9.12 -27.90 10.10
C GLU H 268 -8.96 -28.52 11.48
N GLU H 269 -8.65 -29.82 11.53
CA GLU H 269 -8.39 -30.52 12.80
C GLU H 269 -6.97 -30.32 13.31
N PHE H 270 -5.99 -30.34 12.41
CA PHE H 270 -4.58 -30.27 12.80
C PHE H 270 -3.86 -29.15 12.07
N PRO H 271 -3.87 -27.94 12.64
CA PRO H 271 -3.19 -26.77 12.08
C PRO H 271 -1.73 -27.00 11.71
N GLN H 272 -0.98 -27.70 12.58
CA GLN H 272 0.45 -27.98 12.34
C GLN H 272 0.71 -28.72 11.02
N LEU H 273 -0.34 -29.27 10.43
CA LEU H 273 -0.27 -29.98 9.16
C LEU H 273 0.09 -29.03 8.02
N ARG H 274 -0.18 -27.74 8.20
CA ARG H 274 0.00 -26.75 7.14
C ARG H 274 1.46 -26.65 6.72
N GLU H 275 2.36 -26.53 7.69
CA GLU H 275 3.79 -26.45 7.36
C GLU H 275 4.34 -27.79 6.87
N VAL H 276 3.65 -28.89 7.21
CA VAL H 276 4.00 -30.22 6.72
C VAL H 276 3.73 -30.31 5.21
N VAL H 277 2.51 -29.96 4.84
CA VAL H 277 2.06 -29.99 3.45
C VAL H 277 2.72 -28.90 2.58
N ASP H 278 3.07 -27.78 3.21
CA ASP H 278 3.74 -26.69 2.50
C ASP H 278 5.19 -27.10 2.15
N GLN H 279 5.76 -27.96 2.99
CA GLN H 279 7.15 -28.44 2.83
C GLN H 279 7.29 -29.81 2.16
N VAL H 280 6.26 -30.24 1.43
CA VAL H 280 6.27 -31.57 0.80
C VAL H 280 7.31 -31.70 -0.32
N ALA H 281 7.31 -30.75 -1.26
CA ALA H 281 8.25 -30.71 -2.38
C ALA H 281 9.71 -30.83 -1.92
N ALA H 282 10.07 -30.05 -0.91
CA ALA H 282 11.41 -30.08 -0.30
C ALA H 282 11.78 -31.44 0.30
N ASP H 283 10.91 -31.94 1.18
CA ASP H 283 11.14 -33.23 1.87
C ASP H 283 10.01 -34.21 1.60
N PRO H 284 10.24 -35.18 0.68
CA PRO H 284 9.26 -36.21 0.32
C PRO H 284 8.92 -37.17 1.46
N ARG H 285 9.61 -37.05 2.58
CA ARG H 285 9.24 -37.77 3.80
C ARG H 285 8.04 -37.09 4.49
N ASN H 286 7.80 -35.83 4.13
CA ASN H 286 6.62 -35.09 4.63
C ASN H 286 5.30 -35.59 4.02
N VAL H 287 5.40 -36.39 2.97
CA VAL H 287 4.24 -37.09 2.41
C VAL H 287 3.70 -38.05 3.46
N ASP H 288 4.59 -38.84 4.05
CA ASP H 288 4.26 -39.81 5.11
C ASP H 288 3.68 -39.17 6.37
N ILE H 289 4.27 -38.05 6.81
CA ILE H 289 3.77 -37.33 7.98
C ILE H 289 2.34 -36.83 7.72
N ALA H 290 2.09 -36.34 6.50
CA ALA H 290 0.77 -35.82 6.13
C ALA H 290 -0.29 -36.91 6.13
N LEU H 291 0.08 -38.12 5.70
CA LEU H 291 -0.83 -39.27 5.72
C LEU H 291 -1.16 -39.71 7.14
N GLU H 292 -0.21 -39.57 8.07
CA GLU H 292 -0.45 -39.87 9.48
C GLU H 292 -1.46 -38.89 10.06
N TYR H 293 -1.37 -37.61 9.67
CA TYR H 293 -2.32 -36.58 10.07
C TYR H 293 -3.68 -36.80 9.46
N LEU H 294 -3.69 -37.17 8.17
CA LEU H 294 -4.91 -37.52 7.47
C LEU H 294 -5.60 -38.69 8.14
N GLY H 295 -4.82 -39.71 8.49
CA GLY H 295 -5.28 -40.91 9.19
C GLY H 295 -6.04 -40.65 10.48
N LYS H 296 -5.47 -39.80 11.33
CA LYS H 296 -6.11 -39.43 12.60
C LYS H 296 -7.32 -38.52 12.39
N SER H 297 -7.34 -37.78 11.28
CA SER H 297 -8.40 -36.82 10.99
C SER H 297 -9.67 -37.49 10.44
N LYS H 298 -10.72 -36.68 10.29
CA LYS H 298 -11.94 -37.11 9.62
C LYS H 298 -12.02 -36.56 8.20
N GLY H 299 -10.84 -36.30 7.63
CA GLY H 299 -10.72 -35.64 6.33
C GLY H 299 -11.37 -36.36 5.15
N ILE H 300 -10.97 -37.62 4.94
CA ILE H 300 -11.53 -38.46 3.89
C ILE H 300 -13.05 -38.54 4.05
N GLN H 301 -13.49 -38.69 5.31
CA GLN H 301 -14.91 -38.84 5.64
C GLN H 301 -15.73 -37.59 5.31
N ARG H 302 -15.23 -36.43 5.69
CA ARG H 302 -15.95 -35.18 5.46
C ARG H 302 -16.01 -34.85 3.97
N ALA H 303 -14.93 -35.13 3.26
CA ALA H 303 -14.87 -34.94 1.83
C ALA H 303 -15.96 -35.78 1.14
N ARG H 304 -16.07 -37.05 1.52
CA ARG H 304 -17.11 -37.95 1.03
C ARG H 304 -18.50 -37.44 1.36
N GLU H 305 -18.69 -37.00 2.60
CA GLU H 305 -19.91 -36.33 3.06
C GLU H 305 -20.27 -35.10 2.18
N LEU H 306 -19.28 -34.28 1.86
CA LEU H 306 -19.51 -33.12 1.01
C LEU H 306 -19.93 -33.53 -0.40
N ALA H 307 -19.25 -34.54 -0.94
CA ALA H 307 -19.57 -35.10 -2.26
C ALA H 307 -21.00 -35.66 -2.30
N MET H 308 -21.35 -36.45 -1.28
CA MET H 308 -22.69 -37.02 -1.13
C MET H 308 -23.76 -35.93 -1.13
N GLU H 309 -23.41 -34.75 -0.61
CA GLU H 309 -24.36 -33.64 -0.52
C GLU H 309 -24.60 -32.99 -1.89
N HIS H 310 -23.51 -32.78 -2.65
CA HIS H 310 -23.63 -32.33 -4.03
C HIS H 310 -24.43 -33.33 -4.88
N ALA H 311 -24.05 -34.61 -4.79
CA ALA H 311 -24.72 -35.68 -5.52
C ALA H 311 -26.23 -35.68 -5.31
N ASN H 312 -26.64 -35.40 -4.07
CA ASN H 312 -28.05 -35.23 -3.72
C ASN H 312 -28.73 -34.08 -4.47
N LEU H 313 -28.09 -32.90 -4.47
CA LEU H 313 -28.65 -31.73 -5.12
C LEU H 313 -28.81 -31.92 -6.62
N ALA H 314 -27.89 -32.67 -7.22
CA ALA H 314 -28.00 -33.03 -8.64
C ALA H 314 -29.24 -33.88 -8.90
N ALA H 315 -29.39 -34.97 -8.16
CA ALA H 315 -30.57 -35.81 -8.27
C ALA H 315 -31.84 -34.99 -8.02
N ALA H 316 -31.80 -34.14 -6.99
CA ALA H 316 -32.92 -33.27 -6.62
C ALA H 316 -33.36 -32.35 -7.76
N ALA H 317 -32.38 -31.82 -8.51
CA ALA H 317 -32.65 -31.00 -9.69
C ALA H 317 -33.43 -31.75 -10.78
N ILE H 318 -32.97 -32.95 -11.09
CA ILE H 318 -33.63 -33.83 -12.07
C ILE H 318 -35.06 -34.14 -11.64
N GLY H 319 -35.24 -34.29 -10.33
CA GLY H 319 -36.56 -34.59 -9.76
C GLY H 319 -37.55 -33.45 -9.94
N SER H 320 -37.05 -32.22 -9.99
CA SER H 320 -37.90 -31.03 -10.10
C SER H 320 -38.31 -30.74 -11.56
N LEU H 321 -37.73 -31.46 -12.51
CA LEU H 321 -38.09 -31.33 -13.93
C LEU H 321 -39.58 -31.58 -14.16
N PRO H 322 -40.17 -30.95 -15.20
CA PRO H 322 -41.61 -31.12 -15.44
C PRO H 322 -41.94 -32.55 -15.85
N GLU H 323 -43.06 -33.07 -15.33
CA GLU H 323 -43.49 -34.44 -15.62
C GLU H 323 -43.64 -34.67 -17.12
N THR H 324 -43.25 -35.87 -17.57
CA THR H 324 -43.39 -36.25 -18.97
C THR H 324 -43.95 -37.67 -19.09
N ASP H 325 -44.54 -37.95 -20.25
CA ASP H 325 -45.07 -39.27 -20.54
C ASP H 325 -43.99 -40.16 -21.14
N ASN H 326 -43.21 -39.59 -22.06
CA ASN H 326 -42.23 -40.34 -22.85
C ASN H 326 -41.38 -41.32 -22.04
N GLU H 327 -41.35 -42.57 -22.48
CA GLU H 327 -40.61 -43.66 -21.84
C GLU H 327 -39.10 -43.48 -21.98
N ASP H 328 -38.67 -43.12 -23.19
CA ASP H 328 -37.28 -42.86 -23.52
C ASP H 328 -36.71 -41.71 -22.69
N VAL H 329 -37.59 -40.76 -22.33
CA VAL H 329 -37.19 -39.61 -21.52
C VAL H 329 -36.97 -40.07 -20.08
N LYS H 330 -37.93 -40.83 -19.56
CA LYS H 330 -37.83 -41.40 -18.21
C LYS H 330 -36.55 -42.22 -18.04
N ARG H 331 -36.30 -43.11 -19.00
CA ARG H 331 -35.09 -43.94 -19.03
C ARG H 331 -33.82 -43.10 -18.93
N SER H 332 -33.85 -41.91 -19.53
CA SER H 332 -32.70 -40.99 -19.57
C SER H 332 -32.58 -40.14 -18.31
N ARG H 333 -33.73 -39.71 -17.78
CA ARG H 333 -33.77 -39.05 -16.47
C ARG H 333 -33.29 -39.98 -15.38
N ARG H 334 -33.70 -41.25 -15.45
CA ARG H 334 -33.29 -42.26 -14.45
C ARG H 334 -31.78 -42.49 -14.47
N ALA H 335 -31.17 -42.44 -15.65
CA ALA H 335 -29.72 -42.60 -15.78
C ALA H 335 -28.89 -41.40 -15.26
N LEU H 336 -29.44 -40.19 -15.37
CA LEU H 336 -28.74 -39.03 -14.83
C LEU H 336 -28.72 -39.14 -13.31
N ILE H 337 -29.83 -39.61 -12.76
CA ILE H 337 -29.90 -39.95 -11.35
C ILE H 337 -28.92 -41.09 -11.04
N ASP H 338 -28.95 -42.17 -11.84
CA ASP H 338 -28.00 -43.28 -11.68
C ASP H 338 -26.53 -42.82 -11.56
N LEU H 339 -26.15 -41.83 -12.36
CA LEU H 339 -24.81 -41.23 -12.25
C LEU H 339 -24.61 -40.48 -10.93
N THR H 340 -25.71 -40.01 -10.34
CA THR H 340 -25.69 -39.39 -9.01
C THR H 340 -25.17 -40.36 -7.95
N HIS H 341 -25.65 -41.60 -8.00
CA HIS H 341 -25.21 -42.63 -7.07
C HIS H 341 -23.84 -43.16 -7.49
N ARG H 342 -23.67 -43.39 -8.79
CA ARG H 342 -22.45 -43.97 -9.35
C ARG H 342 -21.21 -43.10 -9.10
N VAL H 343 -21.41 -41.79 -9.06
CA VAL H 343 -20.33 -40.84 -8.85
C VAL H 343 -19.73 -40.97 -7.45
N ILE H 344 -20.58 -41.40 -6.49
CA ILE H 344 -20.16 -41.61 -5.11
C ILE H 344 -19.60 -43.02 -4.96
N THR H 345 -20.26 -43.95 -5.64
CA THR H 345 -19.98 -45.38 -5.58
C THR H 345 -18.65 -45.78 -6.26
N ARG H 346 -18.22 -44.99 -7.25
CA ARG H 346 -17.05 -45.32 -8.10
C ARG H 346 -15.87 -45.97 -7.36
N ASN H 347 -15.19 -46.86 -8.09
CA ASN H 347 -13.90 -47.38 -7.67
C ASN H 347 -12.82 -46.93 -8.64
MG MG I . 7.02 24.88 23.64
MG MG J . 7.81 22.74 19.92
C1 FPP K . 9.91 26.87 19.24
O1 FPP K . 9.31 26.41 20.45
C2 FPP K . 9.07 26.75 18.13
C3 FPP K . 8.67 27.77 17.27
C4 FPP K . 9.18 29.19 17.55
C5 FPP K . 7.80 27.53 16.04
C6 FPP K . 6.38 27.06 16.37
C7 FPP K . 5.53 27.03 15.26
C8 FPP K . 4.16 26.77 15.25
C10 FPP K . 3.39 26.45 16.53
C9 FPP K . 3.41 26.79 13.91
C11 FPP K . 2.28 27.83 13.92
C12 FPP K . 2.61 28.96 13.17
C13 FPP K . 2.11 30.25 13.26
C14 FPP K . 2.65 31.34 12.32
C15 FPP K . 1.00 30.62 14.25
PA FPP K . 9.99 25.24 21.37
O1A FPP K . 10.90 24.37 20.38
O2A FPP K . 8.98 24.45 22.13
O3A FPP K . 11.00 25.97 22.34
PB FPP K . 10.48 27.19 23.23
O1B FPP K . 11.30 27.45 24.43
O2B FPP K . 10.52 28.41 22.17
O3B FPP K . 8.95 26.80 23.57
P1 ISY L . 12.40 35.03 22.96
O2 ISY L . 13.74 34.24 22.59
P3 ISY L . 13.79 32.86 21.80
O4 ISY L . 12.95 35.88 24.18
O5 ISY L . 11.91 35.89 21.86
O6 ISY L . 11.33 34.03 23.65
O7 ISY L . 12.50 32.16 21.79
O8 ISY L . 15.01 32.15 22.25
S9 ISY L . 14.08 33.44 20.24
C10 ISY L . 15.91 33.19 20.02
C11 ISY L . 16.13 32.50 18.81
C12 ISY L . 17.02 32.79 17.77
C13 ISY L . 18.00 33.98 17.78
C14 ISY L . 17.03 31.88 16.57
O11 PPV M . -21.92 27.25 5.37
P1 PPV M . -20.56 26.77 5.71
O21 PPV M . -20.18 27.01 7.29
O31 PPV M . -19.45 27.53 4.83
OPP PPV M . -20.35 25.19 5.50
P2 PPV M . -19.53 24.57 4.29
O12 PPV M . -18.59 25.47 3.59
O22 PPV M . -20.71 23.99 3.36
O32 PPV M . -18.76 23.28 4.92
C1 FPP N . -31.11 26.48 -2.05
O1 FPP N . -32.13 26.06 -1.11
C2 FPP N . -30.21 27.43 -1.53
C3 FPP N . -29.52 28.39 -2.27
C4 FPP N . -29.70 28.46 -3.79
C5 FPP N . -28.53 29.37 -1.61
C6 FPP N . -27.36 29.58 -2.57
C7 FPP N . -26.25 30.26 -2.04
C8 FPP N . -26.12 31.63 -1.82
C10 FPP N . -27.28 32.59 -2.07
C9 FPP N . -24.82 32.19 -1.28
C11 FPP N . -24.98 32.64 0.16
C12 FPP N . -24.13 33.71 0.42
C13 FPP N . -23.15 33.85 1.40
C14 FPP N . -22.37 35.16 1.42
C15 FPP N . -22.84 32.77 2.45
PA FPP N . -33.65 25.73 -1.62
O1A FPP N . -34.22 27.14 -2.18
O2A FPP N . -34.49 25.22 -0.51
O3A FPP N . -33.57 24.73 -2.89
PB FPP N . -34.28 25.05 -4.33
O1B FPP N . -33.77 24.17 -5.40
O2B FPP N . -35.89 24.90 -4.13
O3B FPP N . -34.00 26.62 -4.63
C1 PEG O . -7.90 4.04 15.91
O1 PEG O . -8.57 5.02 15.11
C2 PEG O . -8.97 3.26 16.65
O2 PEG O . -9.35 2.11 15.89
C3 PEG O . -8.81 0.96 16.56
C4 PEG O . -9.59 -0.25 16.11
O4 PEG O . -8.73 -1.12 15.38
MG MG P . 19.10 2.95 -13.94
MG MG Q . 22.10 4.02 -17.80
C1 FPP R . 22.69 4.96 -11.52
O1 FPP R . 22.83 5.32 -12.87
C2 FPP R . 22.94 3.61 -11.27
C3 FPP R . 24.10 3.10 -10.70
C4 FPP R . 25.25 4.07 -10.38
C5 FPP R . 24.31 1.61 -10.40
C6 FPP R . 23.11 0.69 -10.73
C7 FPP R . 23.13 -0.46 -9.92
C8 FPP R . 22.96 -1.81 -10.28
C10 FPP R . 22.73 -2.20 -11.75
C9 FPP R . 22.95 -2.90 -9.17
C11 FPP R . 23.92 -4.04 -9.45
C12 FPP R . 25.18 -3.72 -8.96
C13 FPP R . 26.39 -4.37 -9.12
C14 FPP R . 27.63 -3.76 -8.53
C15 FPP R . 26.53 -5.65 -9.93
PA FPP R . 21.60 6.10 -13.66
O1A FPP R . 20.69 6.82 -12.53
O2A FPP R . 20.79 5.21 -14.54
O3A FPP R . 22.41 7.26 -14.38
PB FPP R . 23.52 6.96 -15.48
O1B FPP R . 23.64 8.01 -16.52
O2B FPP R . 24.84 6.82 -14.57
O3B FPP R . 22.99 5.56 -16.15
O11 PPV S . 28.12 9.56 -12.38
P1 PPV S . 29.49 9.05 -12.23
O21 PPV S . 29.44 7.75 -11.39
O31 PPV S . 30.42 10.09 -11.38
OPP PPV S . 30.18 8.70 -13.63
P2 PPV S . 31.73 8.33 -13.94
O12 PPV S . 31.89 7.84 -15.33
O22 PPV S . 32.24 7.20 -12.89
O32 PPV S . 32.54 9.61 -13.56
O11 PPV T . 21.32 -28.36 -11.14
P1 PPV T . 20.29 -27.37 -11.56
O21 PPV T . 18.93 -28.06 -12.09
O31 PPV T . 20.78 -26.43 -12.79
OPP PPV T . 19.92 -26.38 -10.36
P2 PPV T . 18.41 -25.86 -10.20
O12 PPV T . 17.51 -26.90 -9.68
O22 PPV T . 17.98 -25.33 -11.68
O32 PPV T . 18.52 -24.55 -9.25
C1 PEG U . 16.35 -6.44 -4.03
O1 PEG U . 15.69 -7.14 -5.11
C2 PEG U . 15.38 -6.25 -2.87
O2 PEG U . 16.02 -5.53 -1.80
C3 PEG U . 16.03 -6.28 -0.51
C4 PEG U . 14.84 -7.23 -0.27
O4 PEG U . 14.82 -7.58 1.11
MG MG V . -22.16 -0.58 9.80
MG MG W . -25.93 0.53 10.80
C1 FPP X . -24.19 -3.82 11.90
O1 FPP X . -23.87 -3.92 10.51
C2 FPP X . -23.09 -4.11 12.71
C3 FPP X . -22.54 -5.36 12.99
C4 FPP X . -23.12 -6.66 12.38
C5 FPP X . -21.32 -5.47 13.91
C6 FPP X . -21.14 -4.21 14.76
C7 FPP X . -19.95 -4.23 15.46
C8 FPP X . -19.41 -3.17 16.19
C10 FPP X . -20.15 -1.82 16.25
C9 FPP X . -18.09 -3.37 16.93
C11 FPP X . -18.24 -3.08 18.42
C12 FPP X . -18.85 -4.17 19.05
C13 FPP X . -18.64 -4.62 20.35
C14 FPP X . -19.39 -5.86 20.84
C15 FPP X . -17.65 -3.92 21.29
PA FPP X . -24.42 -2.79 9.49
O1A FPP X . -23.54 -3.03 8.15
O2A FPP X . -24.28 -1.39 9.96
O3A FPP X . -25.93 -3.24 9.10
PB FPP X . -27.27 -2.90 9.97
O1B FPP X . -28.52 -2.84 9.20
O2B FPP X . -27.26 -4.11 11.03
O3B FPP X . -26.99 -1.47 10.67
O11 PPV Y . -29.57 -7.84 11.60
P1 PPV Y . -29.77 -9.21 12.12
O21 PPV Y . -28.34 -9.95 12.26
O31 PPV Y . -30.64 -10.17 11.16
OPP PPV Y . -30.31 -9.24 13.62
P2 PPV Y . -31.80 -8.88 14.06
O12 PPV Y . -32.24 -7.50 13.73
O22 PPV Y . -31.75 -9.14 15.64
O32 PPV Y . -32.73 -10.03 13.42
O11 PPV Z . -6.07 11.00 36.01
P1 PPV Z . -6.20 9.54 35.81
O21 PPV Z . -7.50 9.18 34.92
O31 PPV Z . -6.40 8.76 37.22
OPP PPV Z . -4.94 8.87 35.06
P2 PPV Z . -4.61 9.16 33.50
O12 PPV Z . -5.07 8.07 32.61
O22 PPV Z . -3.02 9.39 33.45
O32 PPV Z . -5.29 10.58 33.12
O11 PPV AA . 3.53 -3.30 -33.27
P1 PPV AA . 2.56 -4.38 -32.97
O21 PPV AA . 3.19 -5.83 -33.33
O31 PPV AA . 1.20 -4.32 -33.84
OPP PPV AA . 2.08 -4.34 -31.43
P2 PPV AA . 1.43 -3.00 -30.77
O12 PPV AA . 1.19 -3.18 -29.31
O22 PPV AA . 0.08 -2.65 -31.59
O32 PPV AA . 2.44 -1.77 -31.10
C1 FPP BA . 3.64 7.32 -40.83
O1 FPP BA . 4.74 7.38 -39.91
C2 FPP BA . 2.95 6.12 -40.77
C3 FPP BA . 1.98 5.80 -39.84
C4 FPP BA . 1.64 6.82 -38.74
C5 FPP BA . 1.29 4.42 -39.90
C6 FPP BA . -0.14 4.49 -40.46
C7 FPP BA . -0.92 3.44 -39.96
C8 FPP BA . -1.62 2.51 -40.73
C10 FPP BA . -1.54 2.59 -42.25
C9 FPP BA . -2.42 1.38 -40.11
C11 FPP BA . -1.87 0.08 -40.69
C12 FPP BA . -2.72 -1.00 -40.70
C13 FPP BA . -2.49 -2.20 -40.02
C14 FPP BA . -3.51 -3.32 -40.14
C15 FPP BA . -1.27 -2.38 -39.10
PA FPP BA . 6.06 8.21 -40.32
O1A FPP BA . 5.60 8.94 -41.74
O2A FPP BA . 7.25 7.35 -40.50
O3A FPP BA . 6.28 9.39 -39.24
PB FPP BA . 5.54 10.79 -39.50
O1B FPP BA . 5.62 11.75 -38.37
O2B FPP BA . 6.16 11.41 -40.85
O3B FPP BA . 4.02 10.32 -39.85
MG MG CA . -3.29 -28.34 -13.69
MG MG DA . -1.83 -31.65 -16.02
C1 FPP EA . -7.15 -30.22 -15.81
O1 FPP EA . -5.81 -30.64 -15.49
C2 FPP EA . -7.22 -28.84 -16.03
C3 FPP EA . -8.31 -28.16 -16.60
C4 FPP EA . -9.57 -28.91 -17.06
C5 FPP EA . -8.29 -26.64 -16.76
C6 FPP EA . -7.19 -26.18 -17.70
C7 FPP EA . -7.43 -24.88 -18.12
C8 FPP EA . -6.53 -23.99 -18.70
C10 FPP EA . -5.07 -24.40 -18.94
C9 FPP EA . -7.04 -22.61 -19.13
C11 FPP EA . -6.96 -22.43 -20.68
C12 FPP EA . -8.20 -22.54 -21.29
C13 FPP EA . -8.51 -22.88 -22.62
C14 FPP EA . -9.97 -22.93 -23.06
C15 FPP EA . -7.41 -23.22 -23.65
PA FPP EA . -5.35 -31.19 -14.00
O1A FPP EA . -6.41 -30.58 -12.97
O2A FPP EA . -3.93 -30.83 -13.76
O3A FPP EA . -5.62 -32.74 -13.99
PB FPP EA . -5.10 -33.62 -15.24
O1B FPP EA . -4.77 -35.01 -14.82
O2B FPP EA . -6.31 -33.48 -16.33
O3B FPP EA . -3.82 -32.84 -15.85
P1 ISY FA . -10.50 -37.10 -20.06
O2 ISY FA . -11.07 -37.39 -18.58
P3 ISY FA . -11.16 -36.35 -17.36
O4 ISY FA . -10.35 -38.59 -20.64
O5 ISY FA . -11.37 -36.26 -20.91
O6 ISY FA . -8.97 -36.64 -19.88
O7 ISY FA . -10.10 -35.33 -17.41
O8 ISY FA . -11.35 -37.17 -16.13
S9 ISY FA . -12.72 -35.55 -17.74
C10 ISY FA . -13.90 -36.16 -16.46
C11 ISY FA . -14.32 -35.09 -15.64
C12 ISY FA . -15.60 -34.75 -15.17
C13 ISY FA . -16.87 -35.56 -15.46
C14 ISY FA . -15.72 -33.52 -14.29
#